data_2QUY
#
_entry.id   2QUY
#
_cell.length_a   47.286
_cell.length_b   379.383
_cell.length_c   102.013
_cell.angle_alpha   90.00
_cell.angle_beta   93.51
_cell.angle_gamma   90.00
#
_symmetry.space_group_name_H-M   'P 1 21 1'
#
loop_
_entity.id
_entity.type
_entity.pdbx_description
1 polymer 'Penicillin acylase'
2 non-polymer 'CHLORIDE ION'
3 water water
#
_entity_poly.entity_id   1
_entity_poly.type   'polypeptide(L)'
_entity_poly.pdbx_seq_one_letter_code
;CSSLSIRTTDDKSLFARTMDFTMEPDSKVIIVPRNYGIRLLEKENVVINNSYAFVGMGSTDITSPVLYDGVNEKGLMGAM
LYYATFATYADEPKKGTRGINPVYVISQVLGNCVTVDDVIEKLTSYTLLNEANIILGFAPPLHYTFTDASGESIVIEPDK
TGITIHRKTIGVMTASPGYEWHQTNLRAYIGVTPNPPQDIMMGDLDLTPFGQGAGGLGLPGDFTPSARFLRVAYWKKYTE
KAKNETEGVTNLFHILSSVNIPKGVVLTNEGKTDYTIYTSAMCAQSKNYYFKLYDNSRISAVSLMAENLNSQDLITFEWD
RKQDIKQLNQVNVMS
;
_entity_poly.pdbx_strand_id   A,B,C,D,E,F,G,H
#
loop_
_chem_comp.id
_chem_comp.type
_chem_comp.name
_chem_comp.formula
CL non-polymer 'CHLORIDE ION' 'Cl -1'
#
# COMPACT_ATOMS: atom_id res chain seq x y z
N CYS A 1 -22.54 -22.49 -12.32
CA CYS A 1 -21.32 -21.75 -11.94
C CYS A 1 -20.65 -22.34 -10.69
N SER A 2 -19.39 -21.98 -10.49
CA SER A 2 -18.61 -22.45 -9.33
C SER A 2 -17.74 -21.32 -8.85
N SER A 3 -17.43 -21.32 -7.55
CA SER A 3 -16.65 -20.21 -6.96
C SER A 3 -15.93 -20.62 -5.69
N LEU A 4 -14.84 -19.90 -5.40
CA LEU A 4 -14.10 -20.13 -4.16
C LEU A 4 -13.27 -18.87 -3.85
N SER A 5 -12.85 -18.79 -2.60
CA SER A 5 -11.83 -17.84 -2.19
C SER A 5 -10.62 -18.57 -1.63
N ILE A 6 -9.47 -17.91 -1.67
CA ILE A 6 -8.29 -18.43 -1.00
C ILE A 6 -7.58 -17.29 -0.36
N ARG A 7 -6.68 -17.65 0.53
CA ARG A 7 -5.79 -16.67 1.18
C ARG A 7 -4.37 -17.05 0.87
N THR A 8 -3.53 -16.05 0.59
CA THR A 8 -2.15 -16.31 0.23
C THR A 8 -1.29 -16.22 1.53
N THR A 9 -0.05 -16.67 1.45
CA THR A 9 0.82 -16.56 2.64
C THR A 9 1.41 -15.16 2.79
N ASP A 10 1.21 -14.29 1.80
CA ASP A 10 1.51 -12.85 1.98
C ASP A 10 0.25 -12.01 2.32
N ASP A 11 -0.74 -12.67 2.93
CA ASP A 11 -1.87 -11.97 3.54
C ASP A 11 -2.78 -11.30 2.53
N LYS A 12 -2.97 -11.91 1.36
CA LYS A 12 -3.91 -11.37 0.44
C LYS A 12 -5.09 -12.35 0.32
N SER A 13 -6.25 -11.81 0.04
CA SER A 13 -7.43 -12.64 -0.14
C SER A 13 -7.84 -12.50 -1.60
N LEU A 14 -8.17 -13.62 -2.24
CA LEU A 14 -8.62 -13.59 -3.62
C LEU A 14 -9.88 -14.42 -3.73
N PHE A 15 -10.66 -14.17 -4.77
CA PHE A 15 -11.91 -14.88 -4.98
C PHE A 15 -12.01 -15.15 -6.47
N ALA A 16 -12.57 -16.29 -6.88
CA ALA A 16 -12.72 -16.53 -8.32
C ALA A 16 -14.01 -17.30 -8.64
N ARG A 17 -14.48 -17.18 -9.89
CA ARG A 17 -15.68 -17.95 -10.26
C ARG A 17 -15.63 -18.34 -11.71
N THR A 18 -16.36 -19.41 -12.04
CA THR A 18 -16.66 -19.71 -13.44
C THR A 18 -18.03 -19.15 -13.69
N MET A 19 -18.28 -18.74 -14.93
CA MET A 19 -19.66 -18.40 -15.33
C MET A 19 -20.16 -19.40 -16.34
N ASP A 20 -21.15 -20.23 -15.98
CA ASP A 20 -21.61 -21.31 -16.87
C ASP A 20 -23.00 -20.95 -17.29
N PHE A 21 -23.22 -20.86 -18.61
CA PHE A 21 -24.54 -20.55 -19.12
C PHE A 21 -24.72 -21.11 -20.54
N THR A 22 -25.92 -20.89 -21.12
CA THR A 22 -26.23 -21.42 -22.46
C THR A 22 -26.12 -20.39 -23.57
N MET A 23 -25.90 -19.14 -23.21
CA MET A 23 -25.71 -18.09 -24.23
C MET A 23 -24.89 -16.96 -23.62
N GLU A 24 -24.36 -16.10 -24.48
CA GLU A 24 -23.52 -15.03 -23.99
C GLU A 24 -24.20 -13.71 -24.30
N PRO A 25 -24.95 -13.16 -23.33
CA PRO A 25 -25.45 -11.80 -23.51
C PRO A 25 -24.24 -10.88 -23.52
N ASP A 26 -24.39 -9.71 -24.12
CA ASP A 26 -23.30 -8.75 -24.23
C ASP A 26 -22.74 -8.49 -22.82
N SER A 27 -21.53 -8.99 -22.61
CA SER A 27 -20.82 -8.83 -21.34
C SER A 27 -19.40 -8.29 -21.53
N LYS A 28 -18.90 -7.62 -20.49
CA LYS A 28 -17.62 -6.93 -20.56
C LYS A 28 -17.16 -6.63 -19.15
N VAL A 29 -15.90 -6.19 -19.05
CA VAL A 29 -15.40 -5.73 -17.75
C VAL A 29 -15.89 -4.28 -17.56
N ILE A 30 -16.55 -4.01 -16.43
CA ILE A 30 -17.09 -2.68 -16.10
C ILE A 30 -16.47 -2.13 -14.84
N ILE A 31 -15.96 -0.91 -14.96
CA ILE A 31 -15.62 -0.12 -13.80
C ILE A 31 -16.72 0.90 -13.56
N VAL A 32 -17.36 0.79 -12.41
CA VAL A 32 -18.36 1.77 -11.93
C VAL A 32 -17.65 2.72 -11.00
N PRO A 33 -17.62 4.00 -11.37
CA PRO A 33 -16.89 4.96 -10.51
C PRO A 33 -17.74 5.37 -9.30
N ARG A 34 -17.13 6.07 -8.34
CA ARG A 34 -17.91 6.58 -7.21
C ARG A 34 -19.04 7.48 -7.71
N ASN A 35 -20.13 7.54 -6.95
CA ASN A 35 -21.20 8.51 -7.22
C ASN A 35 -21.81 8.42 -8.60
N TYR A 36 -21.78 7.21 -9.17
CA TYR A 36 -22.39 6.97 -10.47
C TYR A 36 -23.91 6.76 -10.31
N GLY A 37 -24.28 5.94 -9.34
CA GLY A 37 -25.68 5.71 -9.02
C GLY A 37 -26.22 4.42 -9.64
N ILE A 38 -26.98 3.67 -8.86
CA ILE A 38 -27.51 2.38 -9.33
C ILE A 38 -28.97 2.23 -8.95
N ARG A 39 -29.81 1.83 -9.89
CA ARG A 39 -31.22 1.58 -9.60
C ARG A 39 -31.37 0.41 -8.62
N LEU A 40 -32.43 0.44 -7.81
CA LEU A 40 -32.84 -0.74 -7.08
C LEU A 40 -33.80 -1.60 -7.91
N LEU A 41 -34.68 -0.95 -8.68
CA LEU A 41 -35.68 -1.64 -9.52
C LEU A 41 -35.75 -1.02 -10.91
N GLU A 42 -35.99 -1.82 -11.94
CA GLU A 42 -36.11 -1.31 -13.31
C GLU A 42 -37.38 -0.47 -13.49
N LYS A 43 -38.43 -0.82 -12.75
CA LYS A 43 -39.73 -0.16 -12.94
C LYS A 43 -39.92 1.09 -12.09
N GLU A 44 -38.95 1.39 -11.20
CA GLU A 44 -39.00 2.60 -10.37
C GLU A 44 -37.82 3.55 -10.54
N ASN A 45 -38.04 4.84 -10.30
CA ASN A 45 -36.97 5.80 -10.58
C ASN A 45 -35.87 5.96 -9.53
N VAL A 46 -35.99 5.30 -8.39
CA VAL A 46 -35.04 5.52 -7.30
C VAL A 46 -33.63 5.03 -7.71
N VAL A 47 -32.63 5.90 -7.54
CA VAL A 47 -31.24 5.57 -7.82
C VAL A 47 -30.48 5.77 -6.50
N ILE A 48 -29.77 4.75 -6.06
CA ILE A 48 -28.97 4.85 -4.84
C ILE A 48 -27.58 5.31 -5.26
N ASN A 49 -27.09 6.41 -4.67
CA ASN A 49 -25.71 6.83 -4.95
C ASN A 49 -24.71 5.84 -4.36
N ASN A 50 -23.73 5.39 -5.14
CA ASN A 50 -22.72 4.49 -4.56
C ASN A 50 -21.52 5.22 -4.01
N SER A 51 -21.15 4.89 -2.77
CA SER A 51 -19.99 5.52 -2.15
C SER A 51 -18.67 5.10 -2.81
N TYR A 52 -18.60 3.85 -3.28
CA TYR A 52 -17.35 3.21 -3.69
C TYR A 52 -17.34 2.84 -5.16
N ALA A 53 -16.17 2.97 -5.78
CA ALA A 53 -15.92 2.48 -7.12
C ALA A 53 -15.73 0.97 -7.07
N PHE A 54 -16.07 0.29 -8.17
CA PHE A 54 -15.82 -1.17 -8.24
C PHE A 54 -15.62 -1.64 -9.66
N VAL A 55 -14.98 -2.80 -9.79
CA VAL A 55 -14.76 -3.38 -11.10
C VAL A 55 -15.21 -4.84 -11.11
N GLY A 56 -15.72 -5.31 -12.23
CA GLY A 56 -16.09 -6.73 -12.32
C GLY A 56 -16.65 -7.02 -13.71
N MET A 57 -17.12 -8.23 -13.94
CA MET A 57 -17.73 -8.58 -15.25
C MET A 57 -19.19 -8.25 -15.18
N GLY A 58 -19.76 -7.74 -16.28
CA GLY A 58 -21.18 -7.47 -16.18
C GLY A 58 -21.81 -7.02 -17.48
N SER A 59 -23.01 -6.50 -17.35
CA SER A 59 -23.75 -6.04 -18.52
C SER A 59 -24.14 -4.58 -18.37
N THR A 60 -24.18 -3.87 -19.51
CA THR A 60 -24.68 -2.49 -19.55
C THR A 60 -26.01 -2.38 -20.26
N ASP A 61 -26.70 -3.49 -20.43
CA ASP A 61 -27.89 -3.56 -21.28
C ASP A 61 -29.13 -3.00 -20.57
N ILE A 62 -29.11 -2.86 -19.24
CA ILE A 62 -30.25 -2.24 -18.59
C ILE A 62 -29.90 -0.85 -17.98
N THR A 63 -30.79 -0.27 -17.20
CA THR A 63 -30.62 1.15 -16.80
C THR A 63 -29.31 1.43 -16.08
N SER A 64 -28.94 0.55 -15.15
CA SER A 64 -27.68 0.71 -14.41
C SER A 64 -26.83 -0.53 -14.67
N PRO A 65 -25.51 -0.46 -14.53
CA PRO A 65 -24.66 -1.66 -14.73
C PRO A 65 -25.06 -2.81 -13.78
N VAL A 66 -25.12 -4.02 -14.35
CA VAL A 66 -25.38 -5.23 -13.59
C VAL A 66 -24.06 -5.95 -13.52
N LEU A 67 -23.50 -6.07 -12.31
CA LEU A 67 -22.25 -6.79 -12.16
C LEU A 67 -22.52 -8.23 -11.70
N TYR A 68 -21.87 -9.17 -12.38
CA TYR A 68 -22.01 -10.61 -12.14
C TYR A 68 -21.09 -10.98 -10.99
N ASP A 69 -20.00 -10.24 -10.86
CA ASP A 69 -19.02 -10.45 -9.78
C ASP A 69 -18.11 -9.25 -9.81
N GLY A 70 -17.31 -9.06 -8.78
CA GLY A 70 -16.34 -7.97 -8.84
C GLY A 70 -15.71 -7.67 -7.50
N VAL A 71 -14.91 -6.61 -7.49
CA VAL A 71 -14.23 -6.20 -6.27
C VAL A 71 -14.30 -4.68 -6.22
N ASN A 72 -14.49 -4.16 -5.03
CA ASN A 72 -14.52 -2.72 -4.86
C ASN A 72 -13.21 -2.12 -4.32
N GLU A 73 -13.21 -0.82 -4.20
CA GLU A 73 -11.99 -0.11 -3.85
C GLU A 73 -11.66 -0.31 -2.39
N LYS A 74 -12.56 -0.94 -1.60
CA LYS A 74 -12.31 -1.27 -0.19
C LYS A 74 -12.04 -2.76 0.02
N GLY A 75 -11.88 -3.48 -1.10
CA GLY A 75 -11.47 -4.88 -1.07
C GLY A 75 -12.59 -5.86 -0.86
N LEU A 76 -13.83 -5.40 -0.96
CA LEU A 76 -14.99 -6.31 -0.84
C LEU A 76 -15.15 -7.00 -2.20
N MET A 77 -15.24 -8.34 -2.19
CA MET A 77 -15.47 -9.15 -3.41
C MET A 77 -16.80 -9.91 -3.33
N GLY A 78 -17.42 -10.20 -4.48
CA GLY A 78 -18.64 -10.96 -4.41
C GLY A 78 -19.08 -11.43 -5.76
N ALA A 79 -20.08 -12.29 -5.79
CA ALA A 79 -20.61 -12.79 -7.08
C ALA A 79 -22.01 -13.27 -6.87
N MET A 80 -22.82 -13.15 -7.93
CA MET A 80 -24.11 -13.81 -7.98
C MET A 80 -23.98 -15.08 -8.83
N LEU A 81 -24.50 -16.20 -8.30
CA LEU A 81 -24.48 -17.50 -9.00
C LEU A 81 -25.89 -18.08 -9.06
N TYR A 82 -26.13 -18.97 -10.05
CA TYR A 82 -27.41 -19.70 -10.11
C TYR A 82 -27.82 -20.49 -8.88
N TYR A 83 -29.12 -20.57 -8.65
CA TYR A 83 -29.71 -21.25 -7.48
C TYR A 83 -31.07 -21.88 -7.82
N ALA A 84 -31.08 -22.68 -8.87
CA ALA A 84 -32.34 -23.15 -9.46
C ALA A 84 -33.11 -24.02 -8.51
N THR A 85 -34.44 -23.84 -8.51
CA THR A 85 -35.43 -24.55 -7.65
C THR A 85 -35.46 -24.16 -6.18
N PHE A 86 -34.52 -23.31 -5.78
CA PHE A 86 -34.44 -22.86 -4.39
C PHE A 86 -34.73 -21.36 -4.23
N ALA A 87 -34.19 -20.52 -5.11
CA ALA A 87 -34.37 -19.07 -4.97
C ALA A 87 -35.84 -18.70 -5.00
N THR A 88 -36.26 -17.85 -4.07
CA THR A 88 -37.65 -17.40 -4.10
C THR A 88 -37.69 -15.97 -3.62
N TYR A 89 -38.47 -15.18 -4.37
CA TYR A 89 -38.53 -13.73 -4.20
C TYR A 89 -39.97 -13.32 -3.95
N ALA A 90 -40.16 -12.13 -3.41
CA ALA A 90 -41.52 -11.64 -3.06
C ALA A 90 -42.14 -10.77 -4.18
N ASP A 91 -43.46 -10.63 -4.17
CA ASP A 91 -44.12 -9.67 -5.06
C ASP A 91 -44.01 -8.24 -4.57
N GLU A 92 -43.98 -8.05 -3.25
CA GLU A 92 -43.95 -6.71 -2.69
C GLU A 92 -42.93 -6.69 -1.58
N PRO A 93 -42.38 -5.52 -1.28
CA PRO A 93 -41.38 -5.42 -0.19
C PRO A 93 -42.02 -5.61 1.17
N LYS A 94 -41.26 -6.23 2.06
CA LYS A 94 -41.63 -6.39 3.46
C LYS A 94 -41.60 -5.03 4.16
N LYS A 95 -42.50 -4.88 5.13
CA LYS A 95 -42.55 -3.74 6.04
C LYS A 95 -41.16 -3.17 6.39
N GLY A 96 -40.93 -1.89 6.04
CA GLY A 96 -39.70 -1.20 6.41
C GLY A 96 -38.47 -1.48 5.53
N THR A 97 -38.70 -2.14 4.40
CA THR A 97 -37.62 -2.38 3.44
C THR A 97 -37.94 -1.77 2.08
N ARG A 98 -36.93 -1.71 1.22
CA ARG A 98 -37.13 -1.29 -0.17
C ARG A 98 -37.01 -2.52 -1.05
N GLY A 99 -37.78 -2.57 -2.13
CA GLY A 99 -37.61 -3.68 -3.06
C GLY A 99 -36.33 -3.57 -3.87
N ILE A 100 -35.76 -4.72 -4.25
CA ILE A 100 -34.56 -4.72 -5.10
C ILE A 100 -34.65 -5.83 -6.11
N ASN A 101 -34.26 -5.54 -7.36
CA ASN A 101 -34.20 -6.57 -8.40
C ASN A 101 -33.02 -7.48 -8.09
N PRO A 102 -33.21 -8.80 -8.12
CA PRO A 102 -32.12 -9.75 -7.81
C PRO A 102 -30.79 -9.50 -8.54
N VAL A 103 -30.86 -8.98 -9.77
CA VAL A 103 -29.66 -8.79 -10.57
C VAL A 103 -28.90 -7.52 -10.20
N TYR A 104 -29.50 -6.68 -9.35
CA TYR A 104 -28.81 -5.44 -8.95
C TYR A 104 -28.10 -5.61 -7.60
N VAL A 105 -28.18 -6.81 -7.02
CA VAL A 105 -27.62 -7.01 -5.65
C VAL A 105 -26.11 -6.81 -5.62
N ILE A 106 -25.38 -7.36 -6.60
CA ILE A 106 -23.91 -7.23 -6.53
C ILE A 106 -23.49 -5.77 -6.74
N SER A 107 -24.12 -5.11 -7.72
CA SER A 107 -23.83 -3.68 -7.96
C SER A 107 -24.10 -2.85 -6.68
N GLN A 108 -25.22 -3.09 -6.00
CA GLN A 108 -25.53 -2.31 -4.80
C GLN A 108 -24.57 -2.58 -3.66
N VAL A 109 -24.28 -3.86 -3.44
CA VAL A 109 -23.37 -4.23 -2.36
C VAL A 109 -21.95 -3.75 -2.57
N LEU A 110 -21.36 -4.00 -3.75
CA LEU A 110 -19.99 -3.51 -4.04
C LEU A 110 -19.90 -1.98 -3.95
N GLY A 111 -21.00 -1.32 -4.30
CA GLY A 111 -21.00 0.14 -4.33
C GLY A 111 -21.04 0.79 -2.97
N ASN A 112 -21.41 0.01 -1.95
CA ASN A 112 -21.78 0.62 -0.66
C ASN A 112 -21.34 -0.08 0.60
N CYS A 113 -20.57 -1.18 0.50
CA CYS A 113 -20.23 -2.03 1.66
C CYS A 113 -18.75 -2.31 1.70
N VAL A 114 -18.19 -2.51 2.89
CA VAL A 114 -16.76 -2.86 3.02
C VAL A 114 -16.56 -4.26 3.57
N THR A 115 -17.21 -4.58 4.69
CA THR A 115 -17.05 -5.90 5.32
C THR A 115 -18.25 -6.82 5.10
N VAL A 116 -18.07 -8.11 5.40
CA VAL A 116 -19.23 -9.01 5.31
C VAL A 116 -20.37 -8.62 6.31
N ASP A 117 -20.02 -8.12 7.50
CA ASP A 117 -21.07 -7.58 8.39
C ASP A 117 -21.87 -6.42 7.76
N ASP A 118 -21.18 -5.54 7.02
CA ASP A 118 -21.83 -4.45 6.29
C ASP A 118 -22.84 -4.99 5.28
N VAL A 119 -22.46 -6.09 4.62
CA VAL A 119 -23.31 -6.72 3.61
C VAL A 119 -24.59 -7.23 4.27
N ILE A 120 -24.41 -7.97 5.36
CA ILE A 120 -25.56 -8.47 6.14
C ILE A 120 -26.46 -7.32 6.55
N GLU A 121 -25.89 -6.20 7.03
CA GLU A 121 -26.76 -5.06 7.42
C GLU A 121 -27.44 -4.44 6.22
N LYS A 122 -26.70 -4.30 5.12
CA LYS A 122 -27.24 -3.68 3.90
C LYS A 122 -28.45 -4.47 3.39
N LEU A 123 -28.35 -5.80 3.41
CA LEU A 123 -29.43 -6.66 2.90
C LEU A 123 -30.73 -6.62 3.74
N THR A 124 -30.61 -6.41 5.07
CA THR A 124 -31.80 -6.26 5.92
C THR A 124 -32.66 -5.08 5.46
N SER A 125 -32.03 -4.10 4.81
CA SER A 125 -32.77 -2.95 4.32
C SER A 125 -33.62 -3.24 3.07
N TYR A 126 -33.45 -4.42 2.47
CA TYR A 126 -34.10 -4.71 1.17
C TYR A 126 -34.98 -5.96 1.15
N THR A 127 -35.94 -6.03 0.23
CA THR A 127 -36.60 -7.28 -0.10
C THR A 127 -36.36 -7.59 -1.57
N LEU A 128 -35.81 -8.77 -1.87
CA LEU A 128 -35.65 -9.19 -3.25
C LEU A 128 -37.04 -9.42 -3.87
N LEU A 129 -37.30 -8.77 -4.99
CA LEU A 129 -38.60 -8.89 -5.67
C LEU A 129 -38.57 -9.67 -6.95
N ASN A 130 -39.73 -10.22 -7.32
CA ASN A 130 -39.89 -10.94 -8.57
C ASN A 130 -40.01 -10.01 -9.73
N GLU A 131 -39.03 -9.12 -9.93
CA GLU A 131 -39.06 -8.25 -11.11
C GLU A 131 -38.14 -8.82 -12.16
N ALA A 132 -38.64 -8.91 -13.38
CA ALA A 132 -37.86 -9.40 -14.51
C ALA A 132 -36.87 -8.36 -15.03
N ASN A 133 -36.17 -8.75 -16.09
CA ASN A 133 -35.19 -7.91 -16.76
C ASN A 133 -35.11 -8.37 -18.20
N ILE A 134 -34.69 -7.44 -19.05
CA ILE A 134 -34.54 -7.60 -20.50
C ILE A 134 -33.37 -8.51 -20.97
N ILE A 135 -32.29 -8.63 -20.17
CA ILE A 135 -31.15 -9.49 -20.52
C ILE A 135 -31.57 -10.97 -20.65
N LEU A 136 -32.42 -11.43 -19.73
CA LEU A 136 -32.87 -12.83 -19.68
C LEU A 136 -34.35 -13.01 -19.98
N GLY A 137 -35.17 -12.02 -19.65
CA GLY A 137 -36.62 -12.13 -19.83
C GLY A 137 -37.40 -12.54 -18.59
N PHE A 138 -36.71 -12.77 -17.47
CA PHE A 138 -37.31 -13.27 -16.22
C PHE A 138 -36.36 -12.92 -15.08
N ALA A 139 -36.83 -12.99 -13.85
CA ALA A 139 -35.91 -12.86 -12.71
C ALA A 139 -35.18 -14.21 -12.50
N PRO A 140 -33.85 -14.28 -12.67
CA PRO A 140 -33.17 -15.57 -12.56
C PRO A 140 -33.10 -15.96 -11.09
N PRO A 141 -33.05 -17.27 -10.84
CA PRO A 141 -32.91 -17.75 -9.47
C PRO A 141 -31.43 -17.66 -9.06
N LEU A 142 -31.13 -16.86 -8.03
CA LEU A 142 -29.73 -16.57 -7.67
C LEU A 142 -29.45 -16.80 -6.20
N HIS A 143 -28.17 -17.02 -5.86
CA HIS A 143 -27.70 -16.84 -4.49
C HIS A 143 -26.38 -16.11 -4.55
N TYR A 144 -25.89 -15.66 -3.39
CA TYR A 144 -24.82 -14.70 -3.41
C TYR A 144 -23.72 -15.02 -2.47
N THR A 145 -22.50 -14.71 -2.91
CA THR A 145 -21.33 -14.93 -2.04
C THR A 145 -20.51 -13.66 -1.97
N PHE A 146 -19.98 -13.38 -0.76
CA PHE A 146 -19.10 -12.25 -0.57
C PHE A 146 -17.92 -12.61 0.28
N THR A 147 -16.80 -11.97 0.00
CA THR A 147 -15.56 -12.25 0.74
C THR A 147 -14.93 -10.90 0.92
N ASP A 148 -14.68 -10.50 2.17
CA ASP A 148 -14.03 -9.19 2.38
C ASP A 148 -12.49 -9.25 2.46
N ALA A 149 -11.81 -8.12 2.66
CA ALA A 149 -10.36 -8.15 2.59
C ALA A 149 -9.68 -9.03 3.66
N SER A 150 -10.40 -9.30 4.75
CA SER A 150 -9.92 -10.12 5.84
C SER A 150 -9.98 -11.61 5.46
N GLY A 151 -10.70 -11.92 4.39
CA GLY A 151 -10.83 -13.30 3.94
C GLY A 151 -12.04 -13.98 4.53
N GLU A 152 -12.87 -13.27 5.30
CA GLU A 152 -14.12 -13.89 5.78
C GLU A 152 -15.13 -13.98 4.63
N SER A 153 -15.78 -15.12 4.49
CA SER A 153 -16.80 -15.31 3.43
C SER A 153 -18.17 -15.57 3.99
N ILE A 154 -19.19 -15.09 3.28
CA ILE A 154 -20.56 -15.36 3.65
C ILE A 154 -21.33 -15.84 2.44
N VAL A 155 -22.40 -16.57 2.71
CA VAL A 155 -23.32 -16.94 1.64
C VAL A 155 -24.72 -16.38 1.96
N ILE A 156 -25.41 -15.79 0.99
CA ILE A 156 -26.77 -15.27 1.23
C ILE A 156 -27.70 -15.98 0.25
N GLU A 157 -28.69 -16.70 0.76
CA GLU A 157 -29.57 -17.50 -0.09
C GLU A 157 -31.03 -17.09 0.08
N PRO A 158 -31.70 -16.68 -1.00
CA PRO A 158 -33.11 -16.26 -0.87
C PRO A 158 -34.00 -17.50 -0.86
N ASP A 159 -34.17 -18.12 0.32
CA ASP A 159 -34.93 -19.37 0.41
C ASP A 159 -36.41 -19.11 0.55
N LYS A 160 -37.20 -20.18 0.48
CA LYS A 160 -38.65 -20.09 0.55
C LYS A 160 -39.10 -19.47 1.88
N THR A 161 -38.34 -19.76 2.94
CA THR A 161 -38.62 -19.27 4.30
C THR A 161 -38.12 -17.84 4.54
N GLY A 162 -37.47 -17.24 3.54
CA GLY A 162 -36.76 -15.99 3.74
C GLY A 162 -35.25 -16.08 3.52
N ILE A 163 -34.60 -14.92 3.61
CA ILE A 163 -33.17 -14.80 3.40
C ILE A 163 -32.42 -15.63 4.46
N THR A 164 -31.55 -16.53 3.99
CA THR A 164 -30.75 -17.37 4.88
C THR A 164 -29.33 -16.88 4.74
N ILE A 165 -28.74 -16.55 5.87
CA ILE A 165 -27.38 -16.06 5.88
C ILE A 165 -26.49 -17.10 6.46
N HIS A 166 -25.39 -17.43 5.77
CA HIS A 166 -24.39 -18.30 6.37
C HIS A 166 -23.09 -17.54 6.59
N ARG A 167 -22.67 -17.42 7.84
CA ARG A 167 -21.43 -16.69 8.19
C ARG A 167 -20.19 -17.55 8.32
N LYS A 168 -19.03 -16.95 8.09
CA LYS A 168 -17.72 -17.66 8.16
C LYS A 168 -17.71 -19.05 7.50
N THR A 169 -18.18 -19.13 6.26
CA THR A 169 -18.21 -20.39 5.51
C THR A 169 -16.81 -20.88 5.08
N ILE A 170 -16.77 -22.07 4.45
CA ILE A 170 -15.51 -22.57 3.89
C ILE A 170 -15.00 -21.83 2.64
N GLY A 171 -15.75 -20.83 2.11
CA GLY A 171 -15.27 -20.08 0.96
C GLY A 171 -15.35 -20.87 -0.35
N VAL A 172 -16.44 -21.60 -0.51
CA VAL A 172 -16.76 -22.32 -1.73
C VAL A 172 -18.27 -22.15 -1.95
N MET A 173 -18.70 -21.99 -3.20
CA MET A 173 -20.13 -21.94 -3.48
C MET A 173 -20.37 -22.29 -4.92
N THR A 174 -21.39 -23.11 -5.19
CA THR A 174 -21.72 -23.46 -6.59
C THR A 174 -23.17 -23.07 -6.83
N ALA A 175 -24.06 -24.03 -7.10
CA ALA A 175 -25.47 -23.77 -7.21
C ALA A 175 -26.24 -24.61 -6.18
N SER A 176 -27.50 -24.94 -6.46
CA SER A 176 -28.38 -25.64 -5.52
C SER A 176 -27.84 -27.02 -5.13
N PRO A 177 -28.21 -27.56 -3.98
CA PRO A 177 -29.12 -26.95 -2.97
C PRO A 177 -28.44 -25.91 -2.06
N GLY A 178 -28.99 -25.72 -0.86
CA GLY A 178 -28.52 -24.70 0.08
C GLY A 178 -27.11 -24.99 0.61
N TYR A 179 -26.46 -23.95 1.15
CA TYR A 179 -25.06 -24.07 1.55
C TYR A 179 -24.95 -25.10 2.63
N GLU A 180 -25.90 -25.14 3.59
CA GLU A 180 -25.79 -26.13 4.68
C GLU A 180 -25.78 -27.58 4.13
N TRP A 181 -26.60 -27.82 3.10
CA TRP A 181 -26.65 -29.16 2.49
C TRP A 181 -25.25 -29.55 1.99
N HIS A 182 -24.60 -28.64 1.25
CA HIS A 182 -23.34 -28.99 0.60
C HIS A 182 -22.29 -29.16 1.70
N GLN A 183 -22.39 -28.30 2.72
CA GLN A 183 -21.34 -28.32 3.78
C GLN A 183 -21.41 -29.63 4.57
N THR A 184 -22.64 -30.16 4.73
CA THR A 184 -22.86 -31.51 5.32
C THR A 184 -22.35 -32.58 4.38
N ASN A 185 -22.65 -32.41 3.09
CA ASN A 185 -22.21 -33.40 2.07
C ASN A 185 -20.69 -33.57 2.05
N LEU A 186 -19.93 -32.49 2.33
CA LEU A 186 -18.47 -32.61 2.47
C LEU A 186 -18.03 -33.78 3.36
N ARG A 187 -18.86 -34.07 4.36
CA ARG A 187 -18.43 -35.10 5.32
C ARG A 187 -18.37 -36.51 4.70
N ALA A 188 -19.13 -36.75 3.64
CA ALA A 188 -19.19 -38.07 3.03
C ALA A 188 -17.93 -38.38 2.20
N TYR A 189 -17.13 -37.34 2.02
CA TYR A 189 -15.99 -37.43 1.13
C TYR A 189 -14.65 -37.14 1.81
N ILE A 190 -14.59 -37.22 3.15
CA ILE A 190 -13.33 -36.90 3.80
C ILE A 190 -12.21 -37.90 3.49
N GLY A 191 -12.57 -39.08 2.96
CA GLY A 191 -11.60 -40.04 2.44
C GLY A 191 -10.93 -39.69 1.11
N VAL A 192 -11.39 -38.61 0.45
CA VAL A 192 -10.78 -38.12 -0.83
C VAL A 192 -9.52 -37.33 -0.43
N THR A 193 -8.34 -37.92 -0.65
CA THR A 193 -7.10 -37.26 -0.25
C THR A 193 -6.09 -37.44 -1.35
N PRO A 194 -4.97 -36.72 -1.26
CA PRO A 194 -3.88 -36.87 -2.24
C PRO A 194 -3.14 -38.21 -2.09
N ASN A 195 -3.30 -38.89 -0.96
CA ASN A 195 -2.39 -40.03 -0.63
C ASN A 195 -2.88 -41.37 -1.20
N PRO A 196 -2.02 -42.18 -1.82
CA PRO A 196 -2.51 -43.48 -2.33
C PRO A 196 -2.86 -44.47 -1.22
N PRO A 197 -3.78 -45.37 -1.50
CA PRO A 197 -4.12 -46.46 -0.60
C PRO A 197 -2.95 -47.48 -0.57
N GLN A 198 -2.78 -48.15 0.54
CA GLN A 198 -1.77 -49.20 0.59
C GLN A 198 -2.14 -50.41 -0.27
N ASP A 199 -1.10 -51.08 -0.77
CA ASP A 199 -1.25 -52.34 -1.46
C ASP A 199 -1.99 -53.37 -0.58
N ILE A 200 -2.75 -54.25 -1.23
CA ILE A 200 -3.41 -55.35 -0.56
C ILE A 200 -3.10 -56.65 -1.31
N MET A 201 -3.36 -57.79 -0.64
CA MET A 201 -3.44 -59.10 -1.29
C MET A 201 -4.86 -59.62 -1.34
N MET A 202 -5.19 -60.37 -2.38
CA MET A 202 -6.33 -61.30 -2.36
C MET A 202 -5.80 -62.69 -2.61
N GLY A 203 -5.70 -63.49 -1.55
CA GLY A 203 -4.99 -64.77 -1.62
C GLY A 203 -3.56 -64.45 -2.01
N ASP A 204 -3.10 -65.06 -3.09
CA ASP A 204 -1.71 -64.96 -3.53
C ASP A 204 -1.50 -63.78 -4.44
N LEU A 205 -2.58 -63.05 -4.73
CA LEU A 205 -2.52 -61.98 -5.73
C LEU A 205 -2.15 -60.63 -5.07
N ASP A 206 -1.08 -59.99 -5.53
CA ASP A 206 -0.74 -58.68 -4.94
C ASP A 206 -1.43 -57.64 -5.81
N LEU A 207 -2.09 -56.68 -5.16
CA LEU A 207 -2.84 -55.66 -5.86
C LEU A 207 -2.30 -54.30 -5.51
N THR A 208 -1.94 -53.56 -6.55
CA THR A 208 -1.35 -52.24 -6.35
C THR A 208 -2.02 -51.26 -7.32
N PRO A 209 -2.01 -49.96 -7.07
CA PRO A 209 -2.77 -49.09 -7.99
C PRO A 209 -2.19 -49.11 -9.40
N PHE A 210 -2.98 -48.59 -10.35
CA PHE A 210 -2.50 -48.53 -11.74
C PHE A 210 -1.34 -47.53 -11.94
N GLY A 211 -1.32 -46.48 -11.12
CA GLY A 211 -0.39 -45.37 -11.34
C GLY A 211 -0.41 -44.52 -10.11
N GLN A 212 -0.88 -43.29 -10.24
CA GLN A 212 -1.06 -42.40 -9.08
C GLN A 212 -2.53 -42.00 -9.01
N GLY A 213 -2.86 -41.20 -7.99
CA GLY A 213 -4.16 -40.55 -7.88
C GLY A 213 -5.25 -41.37 -7.20
N ALA A 214 -4.97 -42.57 -6.70
CA ALA A 214 -6.07 -43.38 -6.15
C ALA A 214 -6.63 -42.90 -4.83
N GLY A 215 -5.92 -41.97 -4.15
CA GLY A 215 -6.46 -41.39 -2.93
C GLY A 215 -7.74 -40.63 -3.18
N GLY A 216 -7.98 -40.25 -4.44
CA GLY A 216 -9.21 -39.50 -4.77
C GLY A 216 -10.42 -40.38 -5.08
N LEU A 217 -10.28 -41.71 -4.97
CA LEU A 217 -11.41 -42.63 -5.26
C LEU A 217 -12.68 -42.21 -4.49
N GLY A 218 -13.82 -42.08 -5.18
CA GLY A 218 -15.04 -41.68 -4.51
C GLY A 218 -15.51 -40.30 -4.94
N LEU A 219 -14.57 -39.49 -5.38
CA LEU A 219 -14.90 -38.12 -5.81
C LEU A 219 -15.62 -38.21 -7.18
N PRO A 220 -16.77 -37.58 -7.31
CA PRO A 220 -17.53 -37.66 -8.60
C PRO A 220 -16.94 -36.71 -9.65
N GLY A 221 -17.01 -37.07 -10.94
CA GLY A 221 -16.46 -36.26 -12.02
C GLY A 221 -17.50 -35.54 -12.86
N ASP A 222 -18.77 -35.66 -12.51
CA ASP A 222 -19.83 -35.03 -13.34
C ASP A 222 -19.90 -33.55 -13.02
N PHE A 223 -20.71 -32.84 -13.78
CA PHE A 223 -20.81 -31.39 -13.63
C PHE A 223 -22.07 -30.93 -12.88
N THR A 224 -22.66 -31.80 -12.05
CA THR A 224 -23.74 -31.34 -11.17
C THR A 224 -23.21 -30.36 -10.12
N PRO A 225 -24.08 -29.50 -9.63
CA PRO A 225 -23.65 -28.54 -8.63
C PRO A 225 -23.18 -29.18 -7.34
N SER A 226 -23.69 -30.33 -6.95
CA SER A 226 -23.09 -30.96 -5.77
C SER A 226 -21.67 -31.50 -6.07
N ALA A 227 -21.48 -32.12 -7.23
CA ALA A 227 -20.20 -32.69 -7.64
C ALA A 227 -19.20 -31.54 -7.80
N ARG A 228 -19.65 -30.43 -8.38
CA ARG A 228 -18.76 -29.30 -8.57
C ARG A 228 -18.30 -28.74 -7.20
N PHE A 229 -19.23 -28.64 -6.26
CA PHE A 229 -18.93 -28.18 -4.90
C PHE A 229 -17.86 -29.05 -4.28
N LEU A 230 -17.98 -30.38 -4.38
CA LEU A 230 -17.01 -31.29 -3.75
C LEU A 230 -15.64 -31.10 -4.37
N ARG A 231 -15.59 -31.02 -5.70
CA ARG A 231 -14.29 -30.90 -6.35
C ARG A 231 -13.62 -29.56 -6.03
N VAL A 232 -14.39 -28.47 -6.05
CA VAL A 232 -13.80 -27.17 -5.69
C VAL A 232 -13.34 -27.18 -4.23
N ALA A 233 -14.16 -27.75 -3.34
CA ALA A 233 -13.79 -27.75 -1.94
C ALA A 233 -12.57 -28.65 -1.62
N TYR A 234 -12.54 -29.87 -2.19
CA TYR A 234 -11.43 -30.79 -1.89
C TYR A 234 -10.14 -30.29 -2.54
N TRP A 235 -10.26 -29.75 -3.75
CA TRP A 235 -9.06 -29.27 -4.43
C TRP A 235 -8.61 -27.94 -3.83
N LYS A 236 -9.54 -27.15 -3.27
CA LYS A 236 -9.12 -25.98 -2.50
C LYS A 236 -8.31 -26.47 -1.32
N LYS A 237 -8.81 -27.50 -0.62
CA LYS A 237 -8.12 -28.02 0.58
C LYS A 237 -6.67 -28.47 0.30
N TYR A 238 -6.43 -29.23 -0.78
CA TYR A 238 -5.14 -29.85 -1.03
C TYR A 238 -4.21 -29.17 -2.00
N THR A 239 -4.71 -28.22 -2.79
CA THR A 239 -3.81 -27.44 -3.64
C THR A 239 -2.86 -26.62 -2.76
N GLU A 240 -1.58 -26.65 -3.12
CA GLU A 240 -0.52 -25.89 -2.40
C GLU A 240 -0.95 -24.44 -2.16
N LYS A 241 -0.63 -23.92 -0.97
CA LYS A 241 -1.01 -22.55 -0.64
C LYS A 241 -0.29 -21.55 -1.57
N ALA A 242 -1.03 -20.55 -2.06
CA ALA A 242 -0.39 -19.52 -2.88
C ALA A 242 0.50 -18.60 -2.03
N LYS A 243 1.67 -18.28 -2.58
CA LYS A 243 2.64 -17.43 -1.83
C LYS A 243 2.51 -15.97 -2.16
N ASN A 244 1.78 -15.66 -3.25
CA ASN A 244 1.59 -14.27 -3.69
C ASN A 244 0.35 -14.18 -4.56
N GLU A 245 0.01 -12.96 -4.96
CA GLU A 245 -1.17 -12.72 -5.77
C GLU A 245 -1.14 -13.49 -7.10
N THR A 246 -0.02 -13.47 -7.82
CA THR A 246 0.01 -14.16 -9.12
C THR A 246 -0.19 -15.68 -8.94
N GLU A 247 0.46 -16.29 -7.96
CA GLU A 247 0.20 -17.70 -7.64
C GLU A 247 -1.23 -17.96 -7.22
N GLY A 248 -1.81 -16.98 -6.54
CA GLY A 248 -3.21 -17.03 -6.14
C GLY A 248 -4.16 -17.13 -7.33
N VAL A 249 -3.94 -16.26 -8.33
CA VAL A 249 -4.70 -16.34 -9.57
C VAL A 249 -4.49 -17.68 -10.29
N THR A 250 -3.22 -18.05 -10.45
CA THR A 250 -2.86 -19.32 -11.10
C THR A 250 -3.57 -20.51 -10.43
N ASN A 251 -3.48 -20.60 -9.09
CA ASN A 251 -4.09 -21.68 -8.29
C ASN A 251 -5.58 -21.71 -8.39
N LEU A 252 -6.23 -20.53 -8.27
CA LEU A 252 -7.68 -20.45 -8.47
C LEU A 252 -8.08 -21.01 -9.80
N PHE A 253 -7.33 -20.69 -10.84
CA PHE A 253 -7.74 -21.16 -12.17
C PHE A 253 -7.45 -22.66 -12.34
N HIS A 254 -6.42 -23.18 -11.68
CA HIS A 254 -6.22 -24.64 -11.67
C HIS A 254 -7.33 -25.37 -10.92
N ILE A 255 -7.74 -24.83 -9.77
CA ILE A 255 -8.79 -25.53 -9.02
C ILE A 255 -10.06 -25.49 -9.87
N LEU A 256 -10.30 -24.34 -10.47
CA LEU A 256 -11.56 -24.27 -11.27
C LEU A 256 -11.49 -25.02 -12.60
N SER A 257 -10.29 -25.43 -12.98
CA SER A 257 -10.17 -26.24 -14.19
C SER A 257 -10.95 -27.54 -14.04
N SER A 258 -11.07 -28.04 -12.81
CA SER A 258 -11.81 -29.30 -12.53
C SER A 258 -13.33 -29.16 -12.69
N VAL A 259 -13.82 -27.93 -12.84
CA VAL A 259 -15.27 -27.64 -13.07
C VAL A 259 -15.44 -26.74 -14.31
N ASN A 260 -14.45 -26.75 -15.20
CA ASN A 260 -14.56 -26.03 -16.44
C ASN A 260 -15.32 -26.90 -17.45
N ILE A 261 -16.43 -26.40 -17.99
CA ILE A 261 -17.31 -27.27 -18.80
C ILE A 261 -17.14 -27.02 -20.31
N PRO A 262 -16.65 -28.00 -21.08
CA PRO A 262 -16.44 -27.80 -22.52
C PRO A 262 -17.84 -27.75 -23.17
N LYS A 263 -17.96 -27.08 -24.30
CA LYS A 263 -19.23 -27.02 -24.99
C LYS A 263 -19.60 -28.42 -25.45
N GLY A 264 -20.84 -28.82 -25.21
CA GLY A 264 -21.44 -30.03 -25.77
C GLY A 264 -21.56 -31.13 -24.71
N VAL A 265 -20.76 -30.95 -23.65
CA VAL A 265 -20.64 -31.95 -22.56
C VAL A 265 -21.85 -31.94 -21.58
N VAL A 266 -22.48 -30.77 -21.42
CA VAL A 266 -23.70 -30.66 -20.60
C VAL A 266 -24.77 -29.97 -21.41
N LEU A 267 -25.87 -30.66 -21.66
CA LEU A 267 -27.02 -30.05 -22.36
C LEU A 267 -28.22 -29.86 -21.41
N THR A 268 -28.99 -28.81 -21.64
CA THR A 268 -30.22 -28.68 -20.86
C THR A 268 -31.26 -29.63 -21.46
N ASN A 269 -32.45 -29.67 -20.88
CA ASN A 269 -33.47 -30.54 -21.48
C ASN A 269 -34.05 -30.02 -22.81
N GLU A 270 -33.62 -28.83 -23.26
CA GLU A 270 -33.87 -28.31 -24.62
C GLU A 270 -32.71 -28.61 -25.58
N GLY A 271 -31.67 -29.26 -25.06
CA GLY A 271 -30.49 -29.59 -25.84
C GLY A 271 -29.47 -28.47 -26.03
N LYS A 272 -29.67 -27.37 -25.30
CA LYS A 272 -28.69 -26.27 -25.32
C LYS A 272 -27.45 -26.53 -24.51
N THR A 273 -26.32 -26.19 -25.10
CA THR A 273 -25.04 -26.36 -24.43
C THR A 273 -24.91 -25.39 -23.25
N ASP A 274 -24.63 -25.93 -22.08
CA ASP A 274 -24.36 -25.13 -20.90
C ASP A 274 -22.82 -25.29 -20.68
N TYR A 275 -22.07 -24.20 -20.83
CA TYR A 275 -20.60 -24.29 -20.86
C TYR A 275 -19.97 -23.16 -20.08
N THR A 276 -18.69 -23.27 -19.76
CA THR A 276 -18.03 -22.21 -19.03
C THR A 276 -17.59 -21.03 -19.98
N ILE A 277 -18.37 -19.97 -19.93
CA ILE A 277 -18.21 -18.81 -20.81
C ILE A 277 -16.93 -18.01 -20.43
N TYR A 278 -16.76 -17.79 -19.14
CA TYR A 278 -15.50 -17.16 -18.62
C TYR A 278 -15.15 -17.65 -17.21
N THR A 279 -13.91 -17.37 -16.80
CA THR A 279 -13.44 -17.66 -15.47
C THR A 279 -12.76 -16.40 -15.02
N SER A 280 -13.13 -15.93 -13.85
CA SER A 280 -12.55 -14.66 -13.34
C SER A 280 -11.94 -14.86 -11.95
N ALA A 281 -10.97 -14.02 -11.61
CA ALA A 281 -10.39 -13.98 -10.26
C ALA A 281 -10.23 -12.51 -9.89
N MET A 282 -10.18 -12.24 -8.58
CA MET A 282 -10.00 -10.84 -8.18
C MET A 282 -9.31 -10.82 -6.82
N CYS A 283 -8.68 -9.69 -6.50
CA CYS A 283 -7.85 -9.69 -5.26
C CYS A 283 -8.21 -8.46 -4.42
N ALA A 284 -8.52 -8.69 -3.15
CA ALA A 284 -9.07 -7.63 -2.30
C ALA A 284 -8.06 -6.51 -2.11
N GLN A 285 -6.81 -6.90 -1.90
CA GLN A 285 -5.75 -5.95 -1.54
C GLN A 285 -5.25 -5.08 -2.70
N SER A 286 -5.24 -5.65 -3.92
CA SER A 286 -4.70 -4.96 -5.08
C SER A 286 -5.82 -4.31 -5.89
N LYS A 287 -7.05 -4.77 -5.67
CA LYS A 287 -8.19 -4.35 -6.50
C LYS A 287 -7.95 -4.64 -7.97
N ASN A 288 -7.32 -5.77 -8.26
CA ASN A 288 -7.13 -6.22 -9.63
C ASN A 288 -8.19 -7.26 -9.97
N TYR A 289 -8.64 -7.20 -11.22
CA TYR A 289 -9.66 -8.12 -11.76
C TYR A 289 -9.05 -8.85 -12.94
N TYR A 290 -9.11 -10.19 -12.92
CA TYR A 290 -8.45 -11.03 -13.91
C TYR A 290 -9.50 -11.94 -14.56
N PHE A 291 -9.31 -12.27 -15.83
CA PHE A 291 -10.26 -13.18 -16.50
C PHE A 291 -9.67 -13.85 -17.71
N LYS A 292 -10.18 -15.05 -17.99
CA LYS A 292 -9.89 -15.71 -19.24
C LYS A 292 -11.25 -16.16 -19.78
N LEU A 293 -11.31 -16.54 -21.04
CA LEU A 293 -12.60 -16.77 -21.70
C LEU A 293 -12.58 -18.16 -22.27
N TYR A 294 -13.73 -18.67 -22.69
CA TYR A 294 -13.76 -20.00 -23.30
C TYR A 294 -12.78 -20.07 -24.48
N ASP A 295 -12.76 -19.05 -25.32
CA ASP A 295 -11.92 -19.09 -26.50
C ASP A 295 -10.54 -18.44 -26.31
N ASN A 296 -10.20 -18.00 -25.10
CA ASN A 296 -8.90 -17.36 -24.92
C ASN A 296 -8.37 -17.68 -23.51
N SER A 297 -7.34 -18.54 -23.46
CA SER A 297 -6.69 -19.04 -22.29
C SER A 297 -5.79 -17.97 -21.65
N ARG A 298 -5.43 -16.94 -22.43
CA ARG A 298 -4.56 -15.90 -21.83
C ARG A 298 -5.33 -15.02 -20.86
N ILE A 299 -4.78 -14.87 -19.65
CA ILE A 299 -5.44 -14.10 -18.61
C ILE A 299 -5.23 -12.60 -18.89
N SER A 300 -6.33 -11.84 -18.83
CA SER A 300 -6.28 -10.39 -18.97
C SER A 300 -6.55 -9.80 -17.61
N ALA A 301 -6.01 -8.61 -17.35
CA ALA A 301 -6.20 -7.97 -16.06
C ALA A 301 -6.61 -6.50 -16.21
N VAL A 302 -7.42 -6.06 -15.28
CA VAL A 302 -7.84 -4.65 -15.20
C VAL A 302 -7.64 -4.22 -13.78
N SER A 303 -6.97 -3.08 -13.59
CA SER A 303 -6.74 -2.53 -12.28
C SER A 303 -7.85 -1.50 -12.08
N LEU A 304 -8.56 -1.60 -10.97
CA LEU A 304 -9.54 -0.61 -10.61
C LEU A 304 -8.85 0.74 -10.37
N MET A 305 -7.78 0.71 -9.60
CA MET A 305 -7.28 1.97 -9.01
C MET A 305 -6.57 2.81 -10.07
N ALA A 306 -6.13 2.18 -11.14
CA ALA A 306 -5.42 2.88 -12.20
C ALA A 306 -6.36 3.90 -12.87
N GLU A 307 -7.66 3.69 -12.72
CA GLU A 307 -8.60 4.57 -13.45
C GLU A 307 -9.06 5.70 -12.56
N ASN A 308 -9.76 6.64 -13.16
CA ASN A 308 -10.32 7.76 -12.39
C ASN A 308 -11.52 7.29 -11.58
N LEU A 309 -11.35 7.18 -10.27
CA LEU A 309 -12.40 6.67 -9.42
C LEU A 309 -13.54 7.66 -9.28
N ASN A 310 -13.29 8.90 -9.72
CA ASN A 310 -14.33 9.94 -9.71
C ASN A 310 -14.84 10.25 -11.14
N SER A 311 -14.55 9.33 -12.04
CA SER A 311 -15.03 9.41 -13.42
C SER A 311 -16.54 9.69 -13.49
N GLN A 312 -16.97 10.46 -14.50
CA GLN A 312 -18.38 10.77 -14.63
C GLN A 312 -19.09 9.82 -15.62
N ASP A 313 -18.35 8.82 -16.12
CA ASP A 313 -18.91 7.77 -16.98
C ASP A 313 -18.32 6.40 -16.56
N LEU A 314 -18.96 5.32 -17.00
CA LEU A 314 -18.38 3.99 -16.84
C LEU A 314 -17.12 3.86 -17.67
N ILE A 315 -16.26 2.94 -17.28
CA ILE A 315 -15.11 2.64 -18.08
C ILE A 315 -15.24 1.14 -18.35
N THR A 316 -15.27 0.76 -19.62
CA THR A 316 -15.46 -0.66 -19.95
C THR A 316 -14.33 -1.20 -20.80
N PHE A 317 -14.12 -2.51 -20.69
CA PHE A 317 -13.15 -3.21 -21.50
C PHE A 317 -13.79 -4.43 -22.16
N GLU A 318 -13.64 -4.55 -23.47
CA GLU A 318 -14.35 -5.56 -24.24
C GLU A 318 -13.61 -6.89 -24.22
N TRP A 319 -14.35 -8.00 -24.31
CA TRP A 319 -13.76 -9.32 -24.48
C TRP A 319 -12.99 -9.45 -25.78
N ASP A 320 -11.88 -10.17 -25.70
CA ASP A 320 -11.16 -10.63 -26.88
C ASP A 320 -11.30 -12.12 -26.98
N ARG A 321 -12.18 -12.55 -27.88
CA ARG A 321 -12.58 -13.95 -27.96
C ARG A 321 -11.70 -14.71 -28.94
N LYS A 322 -10.53 -14.16 -29.26
CA LYS A 322 -9.58 -14.87 -30.10
C LYS A 322 -8.50 -15.48 -29.21
N GLN A 323 -8.15 -16.76 -29.44
CA GLN A 323 -7.14 -17.43 -28.64
C GLN A 323 -5.83 -16.70 -28.79
N ASP A 324 -5.29 -16.16 -27.69
CA ASP A 324 -4.12 -15.24 -27.82
C ASP A 324 -2.77 -15.98 -27.70
N ILE A 325 -2.36 -16.52 -28.86
CA ILE A 325 -1.26 -17.43 -28.99
C ILE A 325 -0.01 -16.61 -29.28
N LYS A 326 1.00 -16.80 -28.45
CA LYS A 326 2.24 -16.11 -28.63
C LYS A 326 3.09 -16.87 -29.67
N GLN A 327 3.42 -16.20 -30.77
CA GLN A 327 4.23 -16.83 -31.82
C GLN A 327 5.70 -16.74 -31.47
N LEU A 328 6.33 -17.90 -31.33
CA LEU A 328 7.72 -17.90 -30.90
C LEU A 328 8.67 -17.83 -32.07
N ASN A 329 8.16 -18.10 -33.27
CA ASN A 329 8.91 -17.94 -34.50
C ASN A 329 7.84 -17.62 -35.55
N GLN A 330 8.36 -17.39 -36.78
CA GLN A 330 7.58 -16.67 -37.77
C GLN A 330 6.37 -17.51 -38.17
N CYS B 1 0.03 -38.80 -17.20
CA CYS B 1 -0.21 -38.02 -18.40
C CYS B 1 -1.50 -38.48 -19.04
N SER B 2 -2.04 -37.61 -19.88
CA SER B 2 -3.28 -37.97 -20.57
C SER B 2 -3.17 -37.47 -21.99
N SER B 3 -3.79 -38.13 -22.95
CA SER B 3 -3.63 -37.68 -24.35
C SER B 3 -4.84 -38.06 -25.18
N LEU B 4 -5.03 -37.30 -26.27
CA LEU B 4 -6.08 -37.57 -27.25
C LEU B 4 -5.74 -36.92 -28.58
N SER B 5 -6.35 -37.45 -29.64
CA SER B 5 -6.40 -36.73 -30.93
C SER B 5 -7.83 -36.34 -31.29
N ILE B 6 -7.97 -35.31 -32.13
CA ILE B 6 -9.28 -34.97 -32.73
C ILE B 6 -9.08 -34.60 -34.18
N ARG B 7 -10.19 -34.57 -34.90
CA ARG B 7 -10.19 -34.16 -36.28
C ARG B 7 -11.11 -32.96 -36.35
N THR B 8 -10.63 -31.90 -36.97
CA THR B 8 -11.45 -30.68 -37.17
C THR B 8 -12.45 -30.82 -38.33
N THR B 9 -13.37 -29.86 -38.39
CA THR B 9 -14.37 -29.77 -39.51
C THR B 9 -13.69 -29.50 -40.86
N ASP B 10 -12.57 -28.78 -40.80
CA ASP B 10 -11.74 -28.52 -41.99
C ASP B 10 -10.63 -29.54 -42.22
N ASP B 11 -10.82 -30.75 -41.66
CA ASP B 11 -10.07 -31.93 -42.03
C ASP B 11 -8.61 -31.85 -41.62
N LYS B 12 -8.39 -31.34 -40.43
CA LYS B 12 -7.06 -31.37 -39.85
C LYS B 12 -7.02 -32.28 -38.65
N SER B 13 -5.89 -32.95 -38.46
CA SER B 13 -5.70 -33.84 -37.33
C SER B 13 -4.83 -33.12 -36.30
N LEU B 14 -5.26 -33.13 -35.05
CA LEU B 14 -4.43 -32.59 -33.97
C LEU B 14 -4.33 -33.60 -32.84
N PHE B 15 -3.25 -33.49 -32.07
CA PHE B 15 -3.01 -34.43 -30.99
C PHE B 15 -2.57 -33.58 -29.81
N ALA B 16 -2.97 -33.94 -28.60
CA ALA B 16 -2.56 -33.18 -27.40
C ALA B 16 -2.26 -34.09 -26.19
N ARG B 17 -1.45 -33.60 -25.27
CA ARG B 17 -1.15 -34.36 -24.09
C ARG B 17 -0.92 -33.42 -22.94
N THR B 18 -1.23 -33.93 -21.75
CA THR B 18 -0.64 -33.37 -20.53
C THR B 18 0.58 -34.15 -20.14
N MET B 19 1.52 -33.46 -19.52
CA MET B 19 2.68 -34.15 -18.89
C MET B 19 2.53 -34.01 -17.39
N ASP B 20 2.35 -35.13 -16.69
CA ASP B 20 2.17 -35.11 -15.25
C ASP B 20 3.42 -35.77 -14.65
N PHE B 21 4.12 -35.09 -13.75
CA PHE B 21 5.31 -35.70 -13.19
C PHE B 21 5.60 -35.05 -11.86
N THR B 22 6.61 -35.57 -11.18
CA THR B 22 6.94 -35.13 -9.82
C THR B 22 8.15 -34.23 -9.81
N MET B 23 8.71 -33.97 -10.97
CA MET B 23 9.90 -33.12 -11.02
C MET B 23 9.96 -32.58 -12.42
N GLU B 24 10.71 -31.50 -12.57
CA GLU B 24 10.81 -30.88 -13.85
C GLU B 24 12.29 -30.78 -14.30
N PRO B 25 12.79 -31.85 -14.92
CA PRO B 25 14.13 -31.79 -15.51
C PRO B 25 14.03 -30.74 -16.59
N ASP B 26 15.15 -30.08 -16.86
CA ASP B 26 15.22 -29.02 -17.85
C ASP B 26 14.67 -29.58 -19.18
N SER B 27 13.61 -28.93 -19.65
CA SER B 27 12.81 -29.34 -20.82
C SER B 27 12.55 -28.06 -21.58
N LYS B 28 12.35 -28.17 -22.88
CA LYS B 28 12.09 -27.00 -23.72
C LYS B 28 11.48 -27.54 -25.00
N VAL B 29 11.11 -26.63 -25.91
CA VAL B 29 10.69 -27.05 -27.25
C VAL B 29 11.94 -27.22 -28.07
N ILE B 30 12.03 -28.37 -28.77
CA ILE B 30 13.19 -28.69 -29.62
C ILE B 30 12.75 -28.94 -31.06
N ILE B 31 13.40 -28.28 -32.02
CA ILE B 31 13.32 -28.66 -33.41
C ILE B 31 14.60 -29.43 -33.70
N VAL B 32 14.44 -30.68 -34.09
CA VAL B 32 15.55 -31.52 -34.53
C VAL B 32 15.55 -31.45 -36.07
N PRO B 33 16.62 -30.91 -36.65
CA PRO B 33 16.67 -30.77 -38.12
C PRO B 33 16.92 -32.11 -38.79
N ARG B 34 16.70 -32.18 -40.11
CA ARG B 34 17.02 -33.41 -40.84
C ARG B 34 18.51 -33.74 -40.66
N ASN B 35 18.82 -35.03 -40.66
CA ASN B 35 20.21 -35.53 -40.66
C ASN B 35 21.01 -35.13 -39.44
N TYR B 36 20.30 -34.83 -38.37
CA TYR B 36 20.95 -34.53 -37.13
C TYR B 36 21.57 -35.79 -36.51
N GLY B 37 20.80 -36.89 -36.49
CA GLY B 37 21.24 -38.16 -35.96
C GLY B 37 20.75 -38.37 -34.53
N ILE B 38 20.25 -39.56 -34.27
CA ILE B 38 19.73 -39.92 -32.95
C ILE B 38 20.35 -41.27 -32.52
N ARG B 39 20.92 -41.32 -31.31
CA ARG B 39 21.35 -42.57 -30.72
C ARG B 39 20.18 -43.58 -30.57
N LEU B 40 20.46 -44.88 -30.63
CA LEU B 40 19.49 -45.89 -30.20
C LEU B 40 19.68 -46.14 -28.71
N LEU B 41 20.94 -46.20 -28.28
CA LEU B 41 21.31 -46.52 -26.90
C LEU B 41 22.38 -45.53 -26.38
N GLU B 42 22.34 -45.27 -25.07
CA GLU B 42 23.34 -44.41 -24.45
C GLU B 42 24.70 -45.09 -24.30
N LYS B 43 24.71 -46.41 -24.05
CA LYS B 43 25.92 -47.19 -23.84
C LYS B 43 26.53 -47.84 -25.10
N GLU B 44 25.94 -47.56 -26.27
CA GLU B 44 26.48 -48.03 -27.53
C GLU B 44 26.52 -46.83 -28.49
N ASN B 45 27.52 -46.81 -29.37
CA ASN B 45 27.85 -45.64 -30.19
C ASN B 45 26.99 -45.37 -31.44
N VAL B 46 26.23 -46.34 -31.91
CA VAL B 46 25.48 -46.19 -33.16
C VAL B 46 24.53 -44.99 -33.09
N VAL B 47 24.62 -44.13 -34.09
CA VAL B 47 23.67 -43.05 -34.29
C VAL B 47 22.90 -43.28 -35.61
N ILE B 48 21.59 -43.15 -35.56
CA ILE B 48 20.83 -43.39 -36.76
C ILE B 48 20.50 -42.03 -37.37
N ASN B 49 20.92 -41.80 -38.61
CA ASN B 49 20.54 -40.60 -39.33
C ASN B 49 19.00 -40.47 -39.47
N ASN B 50 18.45 -39.32 -39.07
CA ASN B 50 17.01 -39.10 -39.21
C ASN B 50 16.67 -38.43 -40.54
N SER B 51 15.86 -39.09 -41.34
CA SER B 51 15.36 -38.51 -42.60
C SER B 51 14.59 -37.22 -42.43
N TYR B 52 13.79 -37.09 -41.37
CA TYR B 52 12.84 -36.00 -41.24
C TYR B 52 13.13 -35.09 -40.07
N ALA B 53 12.88 -33.80 -40.22
CA ALA B 53 12.87 -32.86 -39.08
C ALA B 53 11.58 -33.02 -38.28
N PHE B 54 11.66 -32.67 -37.02
CA PHE B 54 10.51 -32.73 -36.13
C PHE B 54 10.65 -31.68 -35.04
N VAL B 55 9.50 -31.36 -34.41
CA VAL B 55 9.42 -30.37 -33.33
C VAL B 55 8.61 -30.97 -32.18
N GLY B 56 9.04 -30.75 -30.94
CA GLY B 56 8.19 -31.11 -29.82
C GLY B 56 8.85 -30.77 -28.51
N MET B 57 8.27 -31.23 -27.40
CA MET B 57 8.87 -30.92 -26.11
C MET B 57 9.87 -31.96 -25.76
N GLY B 58 11.00 -31.55 -25.15
CA GLY B 58 11.88 -32.62 -24.72
C GLY B 58 13.09 -32.12 -23.97
N SER B 59 14.05 -33.00 -23.89
CA SER B 59 15.29 -32.77 -23.13
C SER B 59 16.54 -32.86 -24.01
N THR B 60 17.51 -31.97 -23.73
CA THR B 60 18.82 -32.04 -24.39
C THR B 60 19.91 -32.52 -23.44
N ASP B 61 19.53 -33.11 -22.31
CA ASP B 61 20.51 -33.47 -21.27
C ASP B 61 21.31 -34.72 -21.56
N ILE B 62 20.84 -35.59 -22.47
CA ILE B 62 21.65 -36.78 -22.81
C ILE B 62 22.18 -36.69 -24.27
N THR B 63 22.68 -37.78 -24.84
CA THR B 63 23.50 -37.68 -26.02
C THR B 63 22.75 -37.11 -27.20
N SER B 64 21.53 -37.60 -27.38
CA SER B 64 20.70 -37.14 -28.47
C SER B 64 19.46 -36.55 -27.80
N PRO B 65 18.78 -35.68 -28.52
CA PRO B 65 17.53 -35.09 -28.02
C PRO B 65 16.52 -36.21 -27.73
N VAL B 66 15.85 -36.06 -26.60
CA VAL B 66 14.82 -36.99 -26.15
C VAL B 66 13.52 -36.21 -26.28
N LEU B 67 12.63 -36.68 -27.14
CA LEU B 67 11.41 -35.91 -27.32
C LEU B 67 10.29 -36.68 -26.61
N TYR B 68 9.48 -35.92 -25.88
CA TYR B 68 8.39 -36.48 -25.08
C TYR B 68 7.16 -36.63 -25.94
N ASP B 69 7.08 -35.76 -26.95
CA ASP B 69 5.94 -35.75 -27.91
C ASP B 69 6.35 -34.84 -29.03
N GLY B 70 5.65 -34.84 -30.15
CA GLY B 70 6.02 -33.89 -31.19
C GLY B 70 5.36 -34.27 -32.49
N VAL B 71 5.66 -33.48 -33.52
CA VAL B 71 5.16 -33.68 -34.89
C VAL B 71 6.33 -33.53 -35.83
N ASN B 72 6.38 -34.35 -36.86
CA ASN B 72 7.46 -34.27 -37.86
C ASN B 72 6.98 -33.57 -39.14
N GLU B 73 7.93 -33.32 -40.04
CA GLU B 73 7.59 -32.57 -41.26
C GLU B 73 6.67 -33.29 -42.23
N LYS B 74 6.33 -34.54 -41.95
CA LYS B 74 5.41 -35.30 -42.77
C LYS B 74 4.07 -35.53 -42.02
N GLY B 75 3.89 -34.84 -40.90
CA GLY B 75 2.62 -34.85 -40.18
C GLY B 75 2.39 -36.00 -39.24
N LEU B 76 3.41 -36.82 -38.98
CA LEU B 76 3.29 -37.85 -37.95
C LEU B 76 3.41 -37.20 -36.58
N MET B 77 2.49 -37.53 -35.68
CA MET B 77 2.45 -37.02 -34.32
C MET B 77 2.56 -38.18 -33.36
N GLY B 78 3.13 -37.94 -32.18
CA GLY B 78 3.20 -39.05 -31.19
C GLY B 78 3.62 -38.60 -29.80
N ALA B 79 3.59 -39.48 -28.83
CA ALA B 79 4.02 -39.15 -27.48
C ALA B 79 4.33 -40.43 -26.73
N MET B 80 5.24 -40.29 -25.77
CA MET B 80 5.40 -41.35 -24.80
C MET B 80 4.81 -40.92 -23.47
N LEU B 81 4.02 -41.79 -22.91
CA LEU B 81 3.35 -41.60 -21.62
C LEU B 81 3.73 -42.74 -20.65
N TYR B 82 3.48 -42.51 -19.35
CA TYR B 82 3.86 -43.51 -18.33
C TYR B 82 3.01 -44.77 -18.45
N TYR B 83 3.56 -45.91 -17.99
CA TYR B 83 2.91 -47.22 -18.17
C TYR B 83 3.33 -48.10 -17.00
N ALA B 84 3.15 -47.57 -15.79
CA ALA B 84 3.70 -48.21 -14.59
C ALA B 84 3.13 -49.59 -14.34
N THR B 85 4.00 -50.50 -13.84
CA THR B 85 3.69 -51.90 -13.56
C THR B 85 3.34 -52.76 -14.75
N PHE B 86 3.23 -52.19 -15.97
CA PHE B 86 2.98 -53.00 -17.16
C PHE B 86 4.16 -53.03 -18.14
N ALA B 87 4.96 -51.96 -18.18
CA ALA B 87 6.03 -51.89 -19.20
C ALA B 87 7.12 -52.88 -18.84
N THR B 88 7.58 -53.62 -19.84
CA THR B 88 8.54 -54.71 -19.66
C THR B 88 9.57 -54.58 -20.79
N TYR B 89 10.86 -54.50 -20.44
CA TYR B 89 11.95 -54.33 -21.41
C TYR B 89 12.89 -55.52 -21.29
N ALA B 90 13.69 -55.76 -22.33
CA ALA B 90 14.56 -56.94 -22.35
C ALA B 90 15.96 -56.54 -21.98
N ASP B 91 16.78 -57.53 -21.63
CA ASP B 91 18.19 -57.23 -21.32
C ASP B 91 19.05 -57.19 -22.59
N GLU B 92 18.67 -57.96 -23.59
CA GLU B 92 19.38 -58.05 -24.87
C GLU B 92 18.34 -58.00 -26.00
N PRO B 93 18.73 -57.49 -27.17
CA PRO B 93 17.80 -57.45 -28.29
C PRO B 93 17.47 -58.85 -28.75
N LYS B 94 16.27 -59.03 -29.27
CA LYS B 94 15.91 -60.30 -29.92
C LYS B 94 16.69 -60.38 -31.23
N LYS B 95 17.03 -61.61 -31.64
CA LYS B 95 17.65 -61.86 -32.96
C LYS B 95 16.97 -61.08 -34.08
N GLY B 96 17.76 -60.37 -34.86
CA GLY B 96 17.23 -59.65 -36.00
C GLY B 96 16.75 -58.22 -35.73
N THR B 97 16.91 -57.76 -34.49
CA THR B 97 16.48 -56.40 -34.11
C THR B 97 17.66 -55.64 -33.56
N ARG B 98 17.55 -54.31 -33.48
CA ARG B 98 18.49 -53.51 -32.71
C ARG B 98 17.91 -53.09 -31.36
N GLY B 99 18.76 -53.05 -30.34
CA GLY B 99 18.31 -52.53 -29.06
C GLY B 99 18.02 -51.03 -29.12
N ILE B 100 17.02 -50.58 -28.36
CA ILE B 100 16.74 -49.17 -28.25
C ILE B 100 16.35 -48.81 -26.82
N ASN B 101 16.85 -47.67 -26.37
CA ASN B 101 16.43 -47.13 -25.07
C ASN B 101 14.99 -46.65 -25.14
N PRO B 102 14.12 -47.02 -24.19
CA PRO B 102 12.71 -46.57 -24.27
C PRO B 102 12.54 -45.06 -24.45
N VAL B 103 13.47 -44.25 -23.92
CA VAL B 103 13.31 -42.80 -24.03
C VAL B 103 13.64 -42.23 -25.42
N TYR B 104 14.21 -43.06 -26.29
CA TYR B 104 14.58 -42.58 -27.61
C TYR B 104 13.53 -42.97 -28.66
N VAL B 105 12.48 -43.66 -28.25
CA VAL B 105 11.54 -44.22 -29.24
C VAL B 105 10.85 -43.08 -30.02
N ILE B 106 10.39 -42.04 -29.33
CA ILE B 106 9.72 -40.94 -30.02
C ILE B 106 10.66 -40.23 -30.98
N SER B 107 11.87 -39.93 -30.53
CA SER B 107 12.80 -39.25 -31.46
C SER B 107 13.07 -40.11 -32.69
N GLN B 108 13.33 -41.41 -32.50
CA GLN B 108 13.60 -42.27 -33.64
C GLN B 108 12.40 -42.39 -34.59
N VAL B 109 11.21 -42.51 -34.02
CA VAL B 109 10.03 -42.66 -34.91
C VAL B 109 9.65 -41.38 -35.64
N LEU B 110 9.58 -40.27 -34.93
CA LEU B 110 9.36 -38.98 -35.59
C LEU B 110 10.45 -38.68 -36.62
N GLY B 111 11.68 -39.14 -36.38
CA GLY B 111 12.77 -38.84 -37.31
C GLY B 111 12.67 -39.64 -38.60
N ASN B 112 11.91 -40.73 -38.63
CA ASN B 112 12.06 -41.70 -39.75
C ASN B 112 10.76 -42.31 -40.34
N CYS B 113 9.60 -41.98 -39.75
CA CYS B 113 8.34 -42.61 -40.13
C CYS B 113 7.36 -41.58 -40.63
N VAL B 114 6.46 -41.96 -41.55
CA VAL B 114 5.37 -41.09 -41.97
C VAL B 114 3.97 -41.56 -41.48
N THR B 115 3.64 -42.82 -41.75
CA THR B 115 2.29 -43.34 -41.47
C THR B 115 2.33 -44.23 -40.24
N VAL B 116 1.17 -44.53 -39.65
CA VAL B 116 1.18 -45.54 -38.57
C VAL B 116 1.66 -46.92 -39.02
N ASP B 117 1.38 -47.33 -40.26
CA ASP B 117 2.01 -48.53 -40.88
C ASP B 117 3.57 -48.52 -40.69
N ASP B 118 4.18 -47.38 -41.03
CA ASP B 118 5.63 -47.20 -40.96
C ASP B 118 6.10 -47.37 -39.53
N VAL B 119 5.33 -46.77 -38.61
CA VAL B 119 5.69 -46.86 -37.18
C VAL B 119 5.69 -48.32 -36.74
N ILE B 120 4.62 -49.05 -37.11
CA ILE B 120 4.59 -50.46 -36.80
C ILE B 120 5.80 -51.22 -37.38
N GLU B 121 6.09 -51.02 -38.67
CA GLU B 121 7.25 -51.69 -39.28
C GLU B 121 8.55 -51.35 -38.54
N LYS B 122 8.71 -50.06 -38.20
CA LYS B 122 9.86 -49.58 -37.43
C LYS B 122 10.02 -50.21 -36.07
N LEU B 123 8.92 -50.29 -35.29
CA LEU B 123 9.01 -50.93 -33.98
C LEU B 123 9.33 -52.43 -34.05
N THR B 124 8.87 -53.14 -35.09
CA THR B 124 9.28 -54.55 -35.24
C THR B 124 10.80 -54.73 -35.45
N SER B 125 11.49 -53.67 -35.90
CA SER B 125 12.96 -53.74 -36.06
C SER B 125 13.77 -53.54 -34.76
N TYR B 126 13.09 -53.17 -33.68
CA TYR B 126 13.75 -52.92 -32.41
C TYR B 126 13.34 -53.90 -31.33
N THR B 127 14.18 -53.97 -30.29
CA THR B 127 13.78 -54.47 -28.98
C THR B 127 14.05 -53.35 -28.00
N LEU B 128 13.03 -52.94 -27.23
CA LEU B 128 13.26 -52.00 -26.14
C LEU B 128 14.08 -52.67 -25.05
N LEU B 129 15.16 -52.03 -24.63
CA LEU B 129 16.05 -52.60 -23.61
C LEU B 129 15.97 -51.91 -22.27
N ASN B 130 16.36 -52.63 -21.20
CA ASN B 130 16.24 -52.07 -19.86
C ASN B 130 17.42 -51.17 -19.58
N GLU B 131 17.64 -50.17 -20.41
CA GLU B 131 18.76 -49.28 -20.27
C GLU B 131 18.28 -48.00 -19.62
N ALA B 132 19.02 -47.56 -18.61
CA ALA B 132 18.67 -46.37 -17.84
C ALA B 132 19.07 -45.10 -18.56
N ASN B 133 18.88 -43.98 -17.92
CA ASN B 133 19.39 -42.72 -18.46
C ASN B 133 19.73 -41.81 -17.29
N ILE B 134 20.49 -40.75 -17.52
CA ILE B 134 20.94 -39.95 -16.39
C ILE B 134 19.97 -38.89 -15.97
N ILE B 135 18.84 -38.77 -16.67
CA ILE B 135 17.82 -37.81 -16.26
C ILE B 135 17.12 -38.43 -15.04
N LEU B 136 16.62 -39.67 -15.17
CA LEU B 136 15.85 -40.29 -14.10
C LEU B 136 16.67 -41.22 -13.23
N GLY B 137 17.71 -41.81 -13.79
CA GLY B 137 18.44 -42.87 -13.14
C GLY B 137 17.92 -44.28 -13.34
N PHE B 138 16.83 -44.45 -14.10
CA PHE B 138 16.27 -45.77 -14.38
C PHE B 138 15.52 -45.66 -15.70
N ALA B 139 15.21 -46.79 -16.31
CA ALA B 139 14.43 -46.82 -17.54
C ALA B 139 12.94 -46.64 -17.13
N PRO B 140 12.32 -45.52 -17.50
CA PRO B 140 10.94 -45.27 -17.06
C PRO B 140 10.00 -46.27 -17.74
N PRO B 141 8.93 -46.71 -17.08
CA PRO B 141 7.97 -47.65 -17.70
C PRO B 141 7.07 -46.82 -18.67
N LEU B 142 7.09 -47.15 -19.96
CA LEU B 142 6.41 -46.27 -20.93
C LEU B 142 5.50 -47.03 -21.90
N HIS B 143 4.57 -46.28 -22.49
CA HIS B 143 3.87 -46.75 -23.70
C HIS B 143 3.67 -45.58 -24.64
N TYR B 144 3.32 -45.87 -25.89
CA TYR B 144 3.47 -44.91 -26.92
C TYR B 144 2.20 -44.79 -27.76
N THR B 145 1.92 -43.58 -28.19
CA THR B 145 0.77 -43.37 -29.07
C THR B 145 1.20 -42.59 -30.26
N PHE B 146 0.63 -42.89 -31.45
CA PHE B 146 0.96 -42.13 -32.65
C PHE B 146 -0.33 -41.84 -33.43
N THR B 147 -0.33 -40.70 -34.09
CA THR B 147 -1.43 -40.31 -34.97
C THR B 147 -0.81 -39.75 -36.22
N ASP B 148 -1.14 -40.31 -37.38
CA ASP B 148 -0.59 -39.78 -38.64
C ASP B 148 -1.46 -38.68 -39.26
N ALA B 149 -1.07 -38.18 -40.44
CA ALA B 149 -1.79 -37.01 -40.96
C ALA B 149 -3.22 -37.39 -41.43
N SER B 150 -3.45 -38.69 -41.67
CA SER B 150 -4.77 -39.16 -42.03
C SER B 150 -5.72 -39.19 -40.83
N GLY B 151 -5.17 -39.07 -39.62
CA GLY B 151 -5.91 -39.13 -38.38
C GLY B 151 -6.04 -40.50 -37.77
N GLU B 152 -5.42 -41.52 -38.35
CA GLU B 152 -5.46 -42.86 -37.75
C GLU B 152 -4.52 -42.84 -36.52
N SER B 153 -4.90 -43.46 -35.41
CA SER B 153 -4.08 -43.53 -34.18
C SER B 153 -3.77 -44.98 -33.86
N ILE B 154 -2.60 -45.20 -33.24
CA ILE B 154 -2.20 -46.52 -32.77
C ILE B 154 -1.65 -46.39 -31.37
N VAL B 155 -1.67 -47.49 -30.64
CA VAL B 155 -1.05 -47.56 -29.34
C VAL B 155 -0.04 -48.73 -29.40
N ILE B 156 1.12 -48.49 -28.81
CA ILE B 156 2.15 -49.50 -28.79
C ILE B 156 2.57 -49.70 -27.32
N GLU B 157 2.42 -50.92 -26.83
CA GLU B 157 2.60 -51.18 -25.43
C GLU B 157 3.58 -52.30 -25.23
N PRO B 158 4.69 -52.02 -24.53
CA PRO B 158 5.71 -53.05 -24.23
C PRO B 158 5.26 -53.95 -23.10
N ASP B 159 4.50 -54.96 -23.43
CA ASP B 159 3.94 -55.82 -22.38
C ASP B 159 4.91 -56.96 -21.99
N LYS B 160 4.55 -57.66 -20.93
CA LYS B 160 5.36 -58.79 -20.48
C LYS B 160 5.48 -59.89 -21.54
N THR B 161 4.44 -60.04 -22.36
CA THR B 161 4.41 -61.03 -23.43
C THR B 161 5.16 -60.55 -24.67
N GLY B 162 5.45 -59.26 -24.74
CA GLY B 162 6.04 -58.66 -25.93
C GLY B 162 5.32 -57.37 -26.26
N ILE B 163 5.75 -56.71 -27.34
CA ILE B 163 5.06 -55.52 -27.85
C ILE B 163 3.63 -55.86 -28.27
N THR B 164 2.67 -55.09 -27.75
CA THR B 164 1.27 -55.19 -28.19
C THR B 164 0.87 -53.95 -29.00
N ILE B 165 0.31 -54.14 -30.18
CA ILE B 165 -0.03 -53.05 -31.07
C ILE B 165 -1.55 -53.00 -31.17
N HIS B 166 -2.15 -51.82 -31.00
CA HIS B 166 -3.58 -51.66 -31.24
C HIS B 166 -3.73 -50.67 -32.33
N ARG B 167 -4.40 -51.09 -33.40
CA ARG B 167 -4.57 -50.32 -34.62
C ARG B 167 -5.93 -49.59 -34.62
N LYS B 168 -6.01 -48.47 -35.34
CA LYS B 168 -7.24 -47.65 -35.48
C LYS B 168 -8.01 -47.53 -34.16
N THR B 169 -7.35 -47.04 -33.12
CA THR B 169 -7.97 -46.92 -31.78
C THR B 169 -8.89 -45.68 -31.73
N ILE B 170 -9.51 -45.45 -30.57
CA ILE B 170 -10.36 -44.24 -30.39
C ILE B 170 -9.61 -42.94 -30.25
N GLY B 171 -8.29 -42.97 -30.26
CA GLY B 171 -7.49 -41.77 -30.15
C GLY B 171 -7.47 -41.14 -28.76
N VAL B 172 -7.34 -41.98 -27.74
CA VAL B 172 -7.22 -41.56 -26.34
C VAL B 172 -6.19 -42.49 -25.71
N MET B 173 -5.32 -41.93 -24.85
CA MET B 173 -4.41 -42.80 -24.09
C MET B 173 -3.97 -42.11 -22.83
N THR B 174 -3.90 -42.85 -21.75
CA THR B 174 -3.41 -42.24 -20.50
C THR B 174 -2.25 -43.08 -20.04
N ALA B 175 -2.39 -43.74 -18.89
CA ALA B 175 -1.38 -44.65 -18.41
C ALA B 175 -1.97 -46.05 -18.20
N SER B 176 -1.39 -46.85 -17.29
CA SER B 176 -1.80 -48.26 -17.11
C SER B 176 -3.26 -48.39 -16.73
N PRO B 177 -3.93 -49.51 -16.96
CA PRO B 177 -3.42 -50.69 -17.66
C PRO B 177 -3.40 -50.58 -19.19
N GLY B 178 -3.43 -51.72 -19.89
CA GLY B 178 -3.17 -51.72 -21.32
C GLY B 178 -4.41 -51.19 -22.06
N TYR B 179 -4.25 -50.92 -23.34
CA TYR B 179 -5.29 -50.19 -24.08
C TYR B 179 -6.62 -50.99 -24.15
N GLU B 180 -6.53 -52.29 -24.37
CA GLU B 180 -7.73 -53.11 -24.50
C GLU B 180 -8.52 -53.00 -23.18
N TRP B 181 -7.82 -52.92 -22.02
CA TRP B 181 -8.50 -52.84 -20.74
C TRP B 181 -9.35 -51.56 -20.69
N HIS B 182 -8.76 -50.42 -21.07
CA HIS B 182 -9.46 -49.17 -21.02
C HIS B 182 -10.59 -49.17 -22.03
N GLN B 183 -10.33 -49.72 -23.21
CA GLN B 183 -11.37 -49.72 -24.27
C GLN B 183 -12.62 -50.52 -23.81
N THR B 184 -12.40 -51.61 -23.07
CA THR B 184 -13.49 -52.39 -22.53
C THR B 184 -14.16 -51.61 -21.38
N ASN B 185 -13.33 -50.98 -20.52
CA ASN B 185 -13.89 -50.18 -19.42
C ASN B 185 -14.86 -49.10 -19.92
N LEU B 186 -14.63 -48.55 -21.12
CA LEU B 186 -15.54 -47.49 -21.66
C LEU B 186 -17.00 -48.01 -21.63
N ARG B 187 -17.18 -49.32 -21.84
CA ARG B 187 -18.55 -49.87 -21.95
C ARG B 187 -19.36 -49.72 -20.67
N ALA B 188 -18.69 -49.69 -19.50
CA ALA B 188 -19.36 -49.50 -18.20
C ALA B 188 -19.94 -48.11 -17.99
N TYR B 189 -19.56 -47.17 -18.86
CA TYR B 189 -19.93 -45.82 -18.68
C TYR B 189 -20.73 -45.22 -19.81
N ILE B 190 -21.33 -46.06 -20.64
CA ILE B 190 -22.08 -45.49 -21.79
C ILE B 190 -23.27 -44.70 -21.34
N GLY B 191 -23.70 -44.87 -20.09
CA GLY B 191 -24.75 -44.03 -19.53
C GLY B 191 -24.33 -42.60 -19.16
N VAL B 192 -23.04 -42.31 -19.26
CA VAL B 192 -22.56 -40.95 -19.03
C VAL B 192 -22.79 -40.10 -20.29
N THR B 193 -23.83 -39.24 -20.22
CA THR B 193 -24.16 -38.40 -21.38
C THR B 193 -24.36 -36.96 -20.99
N PRO B 194 -24.44 -36.09 -21.97
CA PRO B 194 -24.79 -34.68 -21.67
C PRO B 194 -26.21 -34.47 -21.19
N ASN B 195 -27.12 -35.41 -21.39
CA ASN B 195 -28.54 -35.11 -21.19
C ASN B 195 -29.06 -35.38 -19.81
N PRO B 196 -29.92 -34.51 -19.28
CA PRO B 196 -30.46 -34.75 -17.92
C PRO B 196 -31.39 -35.97 -17.86
N PRO B 197 -31.41 -36.62 -16.70
CA PRO B 197 -32.38 -37.69 -16.42
C PRO B 197 -33.75 -37.10 -16.26
N GLN B 198 -34.80 -37.89 -16.56
CA GLN B 198 -36.16 -37.47 -16.30
C GLN B 198 -36.48 -37.39 -14.81
N ASP B 199 -37.31 -36.43 -14.43
CA ASP B 199 -37.84 -36.33 -13.07
C ASP B 199 -38.60 -37.63 -12.72
N ILE B 200 -38.66 -37.93 -11.42
CA ILE B 200 -39.36 -39.11 -10.92
C ILE B 200 -40.19 -38.72 -9.73
N MET B 201 -41.13 -39.58 -9.34
CA MET B 201 -41.82 -39.45 -8.06
C MET B 201 -41.30 -40.49 -7.09
N MET B 202 -41.29 -40.15 -5.80
CA MET B 202 -41.22 -41.19 -4.76
C MET B 202 -42.37 -40.89 -3.83
N GLY B 203 -43.40 -41.75 -3.83
CA GLY B 203 -44.63 -41.42 -3.16
C GLY B 203 -45.15 -40.14 -3.77
N ASP B 204 -45.53 -39.21 -2.92
CA ASP B 204 -45.99 -37.91 -3.37
C ASP B 204 -44.87 -36.87 -3.58
N LEU B 205 -43.62 -37.29 -3.48
CA LEU B 205 -42.51 -36.36 -3.61
C LEU B 205 -42.00 -36.28 -5.08
N ASP B 206 -41.93 -35.07 -5.66
CA ASP B 206 -41.43 -34.90 -7.05
C ASP B 206 -39.91 -34.60 -6.97
N LEU B 207 -39.11 -35.44 -7.59
CA LEU B 207 -37.68 -35.28 -7.53
C LEU B 207 -37.13 -34.82 -8.85
N THR B 208 -36.42 -33.69 -8.81
CA THR B 208 -35.83 -33.15 -10.03
C THR B 208 -34.35 -32.84 -9.77
N PRO B 209 -33.49 -32.76 -10.80
CA PRO B 209 -32.06 -32.45 -10.54
C PRO B 209 -31.81 -31.12 -9.81
N PHE B 210 -30.67 -31.00 -9.13
CA PHE B 210 -30.31 -29.73 -8.50
C PHE B 210 -30.14 -28.58 -9.51
N GLY B 211 -29.65 -28.92 -10.69
CA GLY B 211 -29.30 -27.92 -11.67
C GLY B 211 -29.19 -28.57 -13.03
N GLN B 212 -27.98 -28.51 -13.59
CA GLN B 212 -27.68 -29.18 -14.84
C GLN B 212 -26.62 -30.22 -14.54
N GLY B 213 -26.20 -30.94 -15.58
CA GLY B 213 -25.11 -31.87 -15.49
C GLY B 213 -25.40 -33.29 -15.04
N ALA B 214 -26.64 -33.61 -14.67
CA ALA B 214 -26.85 -34.93 -14.04
C ALA B 214 -26.74 -36.14 -14.99
N GLY B 215 -26.70 -35.89 -16.30
CA GLY B 215 -26.41 -36.97 -17.26
C GLY B 215 -25.05 -37.64 -17.07
N GLY B 216 -24.13 -36.91 -16.41
CA GLY B 216 -22.78 -37.38 -16.14
C GLY B 216 -22.67 -38.28 -14.94
N LEU B 217 -23.76 -38.48 -14.18
CA LEU B 217 -23.75 -39.36 -12.97
C LEU B 217 -23.05 -40.70 -13.26
N GLY B 218 -22.05 -41.03 -12.41
CA GLY B 218 -21.30 -42.25 -12.62
C GLY B 218 -19.86 -42.03 -13.03
N LEU B 219 -19.58 -40.91 -13.67
CA LEU B 219 -18.22 -40.64 -14.15
C LEU B 219 -17.33 -40.26 -12.96
N PRO B 220 -16.22 -40.97 -12.74
CA PRO B 220 -15.34 -40.60 -11.62
C PRO B 220 -14.58 -39.30 -11.87
N GLY B 221 -14.28 -38.61 -10.78
CA GLY B 221 -13.52 -37.39 -10.89
C GLY B 221 -12.11 -37.45 -10.28
N ASP B 222 -11.65 -38.59 -9.80
CA ASP B 222 -10.27 -38.71 -9.28
C ASP B 222 -9.22 -38.71 -10.42
N PHE B 223 -7.95 -38.67 -10.06
CA PHE B 223 -6.91 -38.60 -11.09
C PHE B 223 -6.18 -39.92 -11.41
N THR B 224 -6.77 -41.07 -11.11
CA THR B 224 -6.15 -42.30 -11.57
C THR B 224 -6.16 -42.41 -13.09
N PRO B 225 -5.29 -43.22 -13.65
CA PRO B 225 -5.25 -43.39 -15.11
C PRO B 225 -6.55 -43.89 -15.75
N SER B 226 -7.31 -44.75 -15.08
CA SER B 226 -8.56 -45.27 -15.65
C SER B 226 -9.58 -44.11 -15.62
N ALA B 227 -9.62 -43.34 -14.50
CA ALA B 227 -10.58 -42.25 -14.43
C ALA B 227 -10.24 -41.17 -15.47
N ARG B 228 -8.93 -40.91 -15.64
CA ARG B 228 -8.52 -39.93 -16.63
C ARG B 228 -8.90 -40.42 -18.03
N PHE B 229 -8.72 -41.72 -18.32
CA PHE B 229 -9.09 -42.22 -19.66
C PHE B 229 -10.57 -41.99 -19.90
N LEU B 230 -11.42 -42.28 -18.91
CA LEU B 230 -12.90 -42.14 -19.10
C LEU B 230 -13.27 -40.70 -19.33
N ARG B 231 -12.68 -39.79 -18.57
CA ARG B 231 -13.06 -38.39 -18.77
C ARG B 231 -12.59 -37.87 -20.13
N VAL B 232 -11.36 -38.18 -20.51
CA VAL B 232 -10.87 -37.73 -21.84
C VAL B 232 -11.73 -38.37 -22.95
N ALA B 233 -11.99 -39.66 -22.83
CA ALA B 233 -12.80 -40.31 -23.88
C ALA B 233 -14.22 -39.77 -23.97
N TYR B 234 -14.92 -39.68 -22.84
CA TYR B 234 -16.31 -39.23 -22.86
C TYR B 234 -16.38 -37.74 -23.25
N TRP B 235 -15.48 -36.92 -22.73
CA TRP B 235 -15.54 -35.54 -23.20
C TRP B 235 -15.02 -35.33 -24.62
N LYS B 236 -14.12 -36.16 -25.14
CA LYS B 236 -13.78 -36.09 -26.56
C LYS B 236 -15.07 -36.41 -27.34
N LYS B 237 -15.81 -37.42 -26.90
CA LYS B 237 -17.02 -37.78 -27.65
C LYS B 237 -18.02 -36.63 -27.71
N TYR B 238 -18.29 -36.00 -26.58
CA TYR B 238 -19.40 -35.04 -26.54
C TYR B 238 -19.04 -33.56 -26.74
N THR B 239 -17.75 -33.23 -26.74
CA THR B 239 -17.35 -31.85 -26.96
C THR B 239 -17.62 -31.47 -28.44
N GLU B 240 -18.18 -30.27 -28.67
CA GLU B 240 -18.43 -29.83 -30.04
C GLU B 240 -17.20 -29.92 -30.92
N LYS B 241 -17.42 -30.31 -32.17
CA LYS B 241 -16.34 -30.41 -33.14
C LYS B 241 -15.66 -29.07 -33.34
N ALA B 242 -14.34 -29.11 -33.32
CA ALA B 242 -13.53 -27.94 -33.61
C ALA B 242 -13.60 -27.56 -35.08
N LYS B 243 -13.83 -26.30 -35.39
CA LYS B 243 -14.07 -25.97 -36.83
C LYS B 243 -12.78 -25.69 -37.63
N ASN B 244 -11.71 -25.41 -36.88
CA ASN B 244 -10.45 -25.10 -37.51
C ASN B 244 -9.31 -25.43 -36.55
N GLU B 245 -8.08 -25.23 -37.00
CA GLU B 245 -6.90 -25.58 -36.17
C GLU B 245 -6.88 -24.89 -34.79
N THR B 246 -7.19 -23.59 -34.78
CA THR B 246 -7.18 -22.81 -33.53
C THR B 246 -8.24 -23.34 -32.55
N GLU B 247 -9.45 -23.57 -33.04
CA GLU B 247 -10.51 -24.19 -32.21
C GLU B 247 -10.08 -25.55 -31.74
N GLY B 248 -9.28 -26.22 -32.59
CA GLY B 248 -8.82 -27.56 -32.26
C GLY B 248 -7.94 -27.54 -31.02
N VAL B 249 -7.04 -26.58 -31.00
CA VAL B 249 -6.15 -26.41 -29.84
C VAL B 249 -6.96 -26.06 -28.59
N THR B 250 -7.81 -25.07 -28.72
CA THR B 250 -8.67 -24.65 -27.62
C THR B 250 -9.52 -25.78 -27.05
N ASN B 251 -10.15 -26.56 -27.95
CA ASN B 251 -10.98 -27.70 -27.51
C ASN B 251 -10.16 -28.81 -26.86
N LEU B 252 -8.99 -29.12 -27.43
CA LEU B 252 -8.14 -30.16 -26.86
C LEU B 252 -7.81 -29.76 -25.43
N PHE B 253 -7.51 -28.47 -25.26
CA PHE B 253 -7.11 -27.98 -23.94
C PHE B 253 -8.26 -27.94 -22.98
N HIS B 254 -9.49 -27.66 -23.48
CA HIS B 254 -10.68 -27.80 -22.66
C HIS B 254 -10.95 -29.23 -22.21
N ILE B 255 -10.75 -30.18 -23.13
CA ILE B 255 -10.98 -31.60 -22.79
C ILE B 255 -9.97 -31.98 -21.71
N LEU B 256 -8.74 -31.54 -21.92
CA LEU B 256 -7.66 -31.89 -20.97
C LEU B 256 -7.74 -31.15 -19.62
N SER B 257 -8.46 -30.04 -19.57
CA SER B 257 -8.69 -29.37 -18.28
C SER B 257 -9.33 -30.29 -17.24
N SER B 258 -10.11 -31.27 -17.68
CA SER B 258 -10.70 -32.24 -16.77
C SER B 258 -9.70 -33.22 -16.11
N VAL B 259 -8.48 -33.28 -16.65
CA VAL B 259 -7.43 -34.13 -16.12
C VAL B 259 -6.19 -33.30 -15.82
N ASN B 260 -6.36 -32.00 -15.68
CA ASN B 260 -5.29 -31.11 -15.26
C ASN B 260 -5.09 -31.18 -13.71
N ILE B 261 -3.89 -31.53 -13.23
CA ILE B 261 -3.78 -31.82 -11.79
C ILE B 261 -3.07 -30.64 -11.12
N PRO B 262 -3.73 -29.95 -10.19
CA PRO B 262 -3.08 -28.86 -9.45
C PRO B 262 -2.01 -29.46 -8.51
N LYS B 263 -1.01 -28.67 -8.19
CA LYS B 263 0.04 -29.14 -7.26
C LYS B 263 -0.56 -29.38 -5.88
N GLY B 264 -0.25 -30.51 -5.25
CA GLY B 264 -0.71 -30.85 -3.89
C GLY B 264 -1.85 -31.89 -3.84
N VAL B 265 -2.60 -31.95 -4.96
CA VAL B 265 -3.82 -32.74 -5.03
C VAL B 265 -3.54 -34.24 -5.21
N VAL B 266 -2.38 -34.60 -5.82
CA VAL B 266 -1.96 -35.98 -5.91
C VAL B 266 -0.54 -36.11 -5.38
N LEU B 267 -0.31 -36.94 -4.37
CA LEU B 267 1.05 -37.21 -3.88
C LEU B 267 1.39 -38.67 -4.14
N THR B 268 2.66 -38.99 -4.37
CA THR B 268 3.06 -40.39 -4.49
C THR B 268 3.26 -40.97 -3.12
N ASN B 269 3.58 -42.26 -3.04
CA ASN B 269 3.84 -42.83 -1.72
C ASN B 269 5.20 -42.39 -1.14
N GLU B 270 5.92 -41.57 -1.89
CA GLU B 270 7.13 -40.95 -1.34
C GLU B 270 6.88 -39.46 -1.12
N GLY B 271 5.62 -39.11 -1.06
CA GLY B 271 5.18 -37.77 -0.72
C GLY B 271 5.51 -36.71 -1.76
N LYS B 272 5.85 -37.12 -2.98
CA LYS B 272 6.11 -36.15 -4.04
C LYS B 272 4.81 -35.70 -4.75
N THR B 273 4.72 -34.41 -5.04
CA THR B 273 3.56 -33.91 -5.76
C THR B 273 3.67 -34.28 -7.20
N ASP B 274 2.63 -34.96 -7.70
CA ASP B 274 2.52 -35.30 -9.13
C ASP B 274 1.51 -34.30 -9.73
N TYR B 275 1.95 -33.46 -10.67
CA TYR B 275 1.06 -32.37 -11.12
C TYR B 275 1.28 -32.20 -12.64
N THR B 276 0.39 -31.43 -13.24
CA THR B 276 0.46 -31.24 -14.69
C THR B 276 1.47 -30.13 -14.97
N ILE B 277 2.65 -30.54 -15.39
CA ILE B 277 3.76 -29.60 -15.66
C ILE B 277 3.53 -28.75 -16.91
N TYR B 278 3.06 -29.38 -17.99
CA TYR B 278 2.71 -28.64 -19.18
C TYR B 278 1.57 -29.34 -19.93
N THR B 279 0.98 -28.61 -20.85
CA THR B 279 -0.02 -29.21 -21.76
C THR B 279 0.36 -28.80 -23.19
N SER B 280 0.50 -29.74 -24.11
CA SER B 280 0.90 -29.40 -25.48
C SER B 280 -0.12 -29.94 -26.51
N ALA B 281 -0.15 -29.31 -27.68
CA ALA B 281 -0.96 -29.80 -28.80
C ALA B 281 -0.12 -29.63 -30.08
N MET B 282 -0.46 -30.38 -31.12
CA MET B 282 0.31 -30.26 -32.34
C MET B 282 -0.66 -30.57 -33.49
N CYS B 283 -0.33 -30.07 -34.69
CA CYS B 283 -1.27 -30.28 -35.83
C CYS B 283 -0.51 -30.91 -37.01
N ALA B 284 -1.02 -32.00 -37.59
CA ALA B 284 -0.25 -32.74 -38.61
C ALA B 284 -0.11 -31.95 -39.91
N GLN B 285 -1.14 -31.20 -40.27
CA GLN B 285 -1.15 -30.47 -41.55
C GLN B 285 -0.25 -29.23 -41.51
N SER B 286 -0.26 -28.50 -40.40
CA SER B 286 0.48 -27.26 -40.37
C SER B 286 1.85 -27.48 -39.78
N LYS B 287 2.04 -28.58 -39.04
CA LYS B 287 3.28 -28.85 -38.30
C LYS B 287 3.58 -27.76 -37.28
N ASN B 288 2.50 -27.17 -36.72
CA ASN B 288 2.60 -26.22 -35.61
C ASN B 288 2.54 -27.00 -34.29
N TYR B 289 3.33 -26.53 -33.33
CA TYR B 289 3.44 -27.13 -31.98
C TYR B 289 3.08 -26.08 -30.95
N TYR B 290 2.16 -26.40 -30.04
CA TYR B 290 1.52 -25.42 -29.16
C TYR B 290 1.71 -25.89 -27.71
N PHE B 291 1.88 -24.95 -26.78
CA PHE B 291 1.97 -25.41 -25.38
C PHE B 291 1.69 -24.35 -24.37
N LYS B 292 1.20 -24.78 -23.21
CA LYS B 292 1.07 -23.89 -22.02
C LYS B 292 1.68 -24.66 -20.82
N LEU B 293 1.90 -23.99 -19.71
CA LEU B 293 2.66 -24.52 -18.59
C LEU B 293 1.87 -24.33 -17.34
N TYR B 294 2.20 -25.08 -16.30
CA TYR B 294 1.54 -24.94 -15.01
C TYR B 294 1.41 -23.47 -14.61
N ASP B 295 2.48 -22.69 -14.80
CA ASP B 295 2.49 -21.31 -14.32
C ASP B 295 2.14 -20.27 -15.40
N ASN B 296 1.78 -20.70 -16.59
CA ASN B 296 1.49 -19.73 -17.66
C ASN B 296 0.44 -20.34 -18.58
N SER B 297 -0.77 -19.77 -18.51
CA SER B 297 -1.99 -20.20 -19.21
C SER B 297 -1.97 -19.74 -20.67
N ARG B 298 -1.07 -18.81 -21.00
CA ARG B 298 -1.03 -18.34 -22.37
C ARG B 298 -0.33 -19.38 -23.25
N ILE B 299 -0.99 -19.72 -24.37
CA ILE B 299 -0.43 -20.72 -25.27
C ILE B 299 0.62 -20.10 -26.15
N SER B 300 1.79 -20.75 -26.22
CA SER B 300 2.81 -20.38 -27.25
C SER B 300 2.79 -21.36 -28.40
N ALA B 301 3.26 -20.92 -29.59
CA ALA B 301 3.30 -21.76 -30.75
C ALA B 301 4.67 -21.68 -31.45
N VAL B 302 5.16 -22.84 -31.92
CA VAL B 302 6.36 -22.93 -32.74
C VAL B 302 5.93 -23.59 -34.06
N SER B 303 6.31 -22.97 -35.20
CA SER B 303 6.11 -23.58 -36.51
C SER B 303 7.38 -24.32 -36.96
N LEU B 304 7.30 -25.61 -37.22
CA LEU B 304 8.43 -26.38 -37.68
C LEU B 304 8.98 -25.85 -39.02
N MET B 305 8.06 -25.60 -39.94
CA MET B 305 8.42 -25.37 -41.34
C MET B 305 9.05 -23.99 -41.52
N ALA B 306 8.84 -23.09 -40.54
CA ALA B 306 9.46 -21.74 -40.54
C ALA B 306 10.97 -21.77 -40.43
N GLU B 307 11.54 -22.86 -39.95
CA GLU B 307 12.96 -22.92 -39.73
C GLU B 307 13.70 -23.61 -40.91
N ASN B 308 15.01 -23.45 -40.88
CA ASN B 308 15.91 -24.16 -41.80
C ASN B 308 16.03 -25.60 -41.33
N LEU B 309 15.30 -26.46 -42.02
CA LEU B 309 15.25 -27.88 -41.67
C LEU B 309 16.58 -28.61 -41.97
N ASN B 310 17.51 -27.93 -42.65
CA ASN B 310 18.83 -28.50 -42.87
C ASN B 310 19.90 -27.85 -42.02
N SER B 311 19.47 -27.25 -40.90
CA SER B 311 20.37 -26.60 -39.95
C SER B 311 21.29 -27.64 -39.30
N GLN B 312 22.48 -27.22 -38.91
CA GLN B 312 23.44 -28.13 -38.30
C GLN B 312 23.09 -28.44 -36.83
N ASP B 313 22.52 -27.44 -36.17
CA ASP B 313 22.26 -27.53 -34.74
C ASP B 313 20.75 -27.56 -34.42
N LEU B 314 20.44 -28.04 -33.22
CA LEU B 314 19.07 -27.96 -32.71
C LEU B 314 18.61 -26.52 -32.67
N ILE B 315 17.34 -26.30 -32.88
CA ILE B 315 16.78 -24.99 -32.61
C ILE B 315 15.86 -25.20 -31.40
N THR B 316 16.07 -24.42 -30.33
CA THR B 316 15.28 -24.61 -29.10
C THR B 316 14.57 -23.34 -28.68
N PHE B 317 13.51 -23.51 -27.88
CA PHE B 317 12.77 -22.40 -27.33
C PHE B 317 12.52 -22.71 -25.86
N GLU B 318 12.87 -21.76 -25.01
CA GLU B 318 12.76 -21.94 -23.59
C GLU B 318 11.37 -21.62 -23.07
N TRP B 319 10.97 -22.32 -22.01
CA TRP B 319 9.75 -22.01 -21.29
C TRP B 319 9.79 -20.65 -20.65
N ASP B 320 8.64 -19.98 -20.67
CA ASP B 320 8.45 -18.74 -19.91
C ASP B 320 7.47 -19.08 -18.78
N ARG B 321 7.99 -19.30 -17.58
CA ARG B 321 7.17 -19.67 -16.42
C ARG B 321 6.40 -18.51 -15.79
N LYS B 322 6.51 -17.31 -16.33
CA LYS B 322 5.77 -16.18 -15.76
C LYS B 322 4.35 -16.21 -16.35
N GLN B 323 3.33 -16.18 -15.48
CA GLN B 323 1.91 -16.07 -15.99
C GLN B 323 1.78 -14.85 -16.89
N ASP B 324 1.43 -15.04 -18.16
CA ASP B 324 1.64 -13.95 -19.15
C ASP B 324 0.34 -13.17 -19.26
N ILE B 325 0.21 -12.18 -18.37
CA ILE B 325 -1.07 -11.53 -18.18
C ILE B 325 -1.14 -10.30 -19.05
N LYS B 326 -2.16 -10.23 -19.89
CA LYS B 326 -2.41 -9.02 -20.66
C LYS B 326 -2.96 -7.89 -19.79
N GLN B 327 -2.21 -6.78 -19.72
CA GLN B 327 -2.66 -5.64 -18.94
C GLN B 327 -3.56 -4.73 -19.78
N LEU B 328 -4.84 -4.61 -19.42
CA LEU B 328 -5.78 -3.90 -20.31
C LEU B 328 -5.87 -2.38 -20.06
N ASN B 329 -5.44 -1.89 -18.89
CA ASN B 329 -5.58 -0.43 -18.67
C ASN B 329 -4.63 0.31 -19.63
N GLN B 330 -4.60 1.55 -19.87
CA GLN B 330 -4.01 2.19 -20.95
C GLN B 330 -4.06 3.67 -20.57
N CYS C 1 -25.55 -63.37 -12.80
CA CYS C 1 -25.22 -64.33 -11.72
C CYS C 1 -23.91 -63.89 -11.12
N SER C 2 -23.64 -64.43 -9.93
CA SER C 2 -22.42 -64.11 -9.22
C SER C 2 -21.99 -65.35 -8.46
N SER C 3 -20.69 -65.51 -8.24
CA SER C 3 -20.25 -66.74 -7.57
C SER C 3 -18.94 -66.52 -6.86
N LEU C 4 -18.66 -67.39 -5.90
CA LEU C 4 -17.36 -67.34 -5.21
C LEU C 4 -17.15 -68.64 -4.49
N SER C 5 -15.89 -68.87 -4.14
CA SER C 5 -15.56 -69.96 -3.20
C SER C 5 -14.86 -69.39 -1.96
N ILE C 6 -14.89 -70.13 -0.86
CA ILE C 6 -14.14 -69.82 0.34
C ILE C 6 -13.54 -71.12 0.89
N ARG C 7 -12.60 -70.93 1.81
CA ARG C 7 -12.03 -72.04 2.56
C ARG C 7 -12.33 -71.81 4.03
N THR C 8 -12.72 -72.84 4.77
CA THR C 8 -12.93 -72.70 6.22
C THR C 8 -11.62 -72.94 7.01
N THR C 9 -11.68 -72.64 8.30
CA THR C 9 -10.56 -72.93 9.19
C THR C 9 -10.44 -74.43 9.47
N ASP C 10 -11.52 -75.21 9.27
CA ASP C 10 -11.39 -76.66 9.47
C ASP C 10 -11.14 -77.40 8.14
N ASP C 11 -10.51 -76.71 7.18
CA ASP C 11 -10.02 -77.28 5.90
C ASP C 11 -11.11 -77.80 4.97
N LYS C 12 -12.18 -77.03 4.83
CA LYS C 12 -13.20 -77.39 3.85
C LYS C 12 -13.25 -76.31 2.80
N SER C 13 -13.58 -76.68 1.57
CA SER C 13 -13.79 -75.76 0.48
C SER C 13 -15.29 -75.70 0.18
N LEU C 14 -15.83 -74.48 0.09
CA LEU C 14 -17.24 -74.31 -0.35
C LEU C 14 -17.31 -73.37 -1.52
N PHE C 15 -18.33 -73.54 -2.33
CA PHE C 15 -18.53 -72.64 -3.46
C PHE C 15 -20.02 -72.28 -3.45
N ALA C 16 -20.34 -71.03 -3.84
CA ALA C 16 -21.75 -70.60 -3.93
C ALA C 16 -22.06 -69.72 -5.13
N ARG C 17 -23.33 -69.66 -5.55
CA ARG C 17 -23.69 -68.77 -6.64
C ARG C 17 -25.12 -68.27 -6.45
N THR C 18 -25.38 -67.07 -6.96
CA THR C 18 -26.76 -66.66 -7.21
C THR C 18 -27.06 -67.01 -8.63
N MET C 19 -28.32 -67.30 -8.93
CA MET C 19 -28.78 -67.47 -10.30
C MET C 19 -29.71 -66.32 -10.63
N ASP C 20 -29.27 -65.45 -11.55
CA ASP C 20 -30.04 -64.26 -11.93
C ASP C 20 -30.55 -64.47 -13.32
N PHE C 21 -31.86 -64.41 -13.51
CA PHE C 21 -32.40 -64.61 -14.85
C PHE C 21 -33.78 -63.99 -14.96
N THR C 22 -34.40 -64.09 -16.14
CA THR C 22 -35.67 -63.42 -16.43
C THR C 22 -36.86 -64.37 -16.40
N MET C 23 -36.60 -65.67 -16.26
CA MET C 23 -37.68 -66.65 -16.26
C MET C 23 -37.24 -67.83 -15.41
N GLU C 24 -38.22 -68.56 -14.90
CA GLU C 24 -37.97 -69.76 -14.12
C GLU C 24 -38.48 -70.98 -14.87
N PRO C 25 -37.63 -71.61 -15.69
CA PRO C 25 -37.98 -72.90 -16.29
C PRO C 25 -37.94 -73.95 -15.17
N ASP C 26 -38.73 -75.00 -15.28
CA ASP C 26 -38.73 -76.10 -14.33
C ASP C 26 -37.28 -76.43 -13.90
N SER C 27 -36.96 -76.12 -12.64
CA SER C 27 -35.65 -76.42 -12.05
C SER C 27 -35.83 -77.07 -10.70
N LYS C 28 -34.86 -77.88 -10.30
CA LYS C 28 -34.93 -78.66 -9.08
C LYS C 28 -33.52 -79.08 -8.71
N VAL C 29 -33.36 -79.70 -7.54
CA VAL C 29 -32.08 -80.32 -7.19
C VAL C 29 -32.07 -81.70 -7.85
N ILE C 30 -30.98 -82.01 -8.56
CA ILE C 30 -30.86 -83.32 -9.27
C ILE C 30 -29.63 -84.02 -8.72
N ILE C 31 -29.78 -85.30 -8.34
CA ILE C 31 -28.62 -86.16 -8.21
C ILE C 31 -28.59 -87.04 -9.46
N VAL C 32 -27.43 -87.00 -10.13
CA VAL C 32 -27.16 -87.87 -11.26
C VAL C 32 -26.30 -89.02 -10.75
N PRO C 33 -26.74 -90.24 -10.88
CA PRO C 33 -25.92 -91.34 -10.33
C PRO C 33 -24.78 -91.72 -11.30
N ARG C 34 -23.80 -92.50 -10.82
CA ARG C 34 -22.72 -93.04 -11.64
C ARG C 34 -23.34 -93.82 -12.80
N ASN C 35 -22.69 -93.78 -13.96
CA ASN C 35 -23.08 -94.59 -15.14
C ASN C 35 -24.48 -94.30 -15.65
N TYR C 36 -24.94 -93.06 -15.47
CA TYR C 36 -26.22 -92.60 -16.03
C TYR C 36 -26.13 -92.32 -17.51
N GLY C 37 -25.07 -91.60 -17.90
CA GLY C 37 -24.82 -91.30 -19.30
C GLY C 37 -25.29 -89.89 -19.59
N ILE C 38 -24.40 -89.07 -20.16
CA ILE C 38 -24.72 -87.69 -20.49
C ILE C 38 -24.39 -87.44 -21.96
N ARG C 39 -25.37 -86.92 -22.72
CA ARG C 39 -25.15 -86.58 -24.13
C ARG C 39 -24.09 -85.47 -24.24
N LEU C 40 -23.42 -85.41 -25.40
CA LEU C 40 -22.54 -84.32 -25.71
C LEU C 40 -23.31 -83.26 -26.48
N LEU C 41 -24.10 -83.70 -27.44
CA LEU C 41 -24.95 -82.80 -28.22
C LEU C 41 -26.38 -83.31 -28.15
N GLU C 42 -27.31 -82.35 -28.07
CA GLU C 42 -28.71 -82.71 -27.91
C GLU C 42 -29.29 -83.39 -29.15
N LYS C 43 -28.74 -83.08 -30.32
CA LYS C 43 -29.26 -83.64 -31.57
C LYS C 43 -28.65 -84.98 -31.99
N GLU C 44 -27.59 -85.43 -31.29
CA GLU C 44 -26.90 -86.67 -31.63
C GLU C 44 -27.02 -87.65 -30.45
N ASN C 45 -27.04 -88.97 -30.71
CA ASN C 45 -27.23 -89.92 -29.56
C ASN C 45 -25.93 -90.57 -29.05
N VAL C 46 -24.88 -89.77 -29.01
CA VAL C 46 -23.59 -90.13 -28.43
C VAL C 46 -23.63 -89.73 -26.96
N VAL C 47 -23.30 -90.64 -26.07
CA VAL C 47 -23.26 -90.29 -24.67
C VAL C 47 -21.90 -90.66 -24.12
N ILE C 48 -21.52 -89.95 -23.06
CA ILE C 48 -20.36 -90.33 -22.27
C ILE C 48 -20.85 -90.93 -20.98
N ASN C 49 -20.36 -92.11 -20.64
CA ASN C 49 -20.76 -92.71 -19.39
C ASN C 49 -20.05 -91.95 -18.28
N ASN C 50 -20.77 -91.45 -17.27
CA ASN C 50 -20.12 -90.68 -16.23
C ASN C 50 -19.60 -91.55 -15.09
N SER C 51 -18.34 -91.36 -14.74
CA SER C 51 -17.69 -92.18 -13.70
C SER C 51 -18.26 -91.83 -12.33
N TYR C 52 -18.62 -90.55 -12.16
CA TYR C 52 -18.94 -90.02 -10.84
C TYR C 52 -20.36 -89.52 -10.72
N ALA C 53 -20.98 -89.78 -9.57
CA ALA C 53 -22.24 -89.19 -9.18
C ALA C 53 -22.04 -87.72 -8.79
N PHE C 54 -23.06 -86.90 -9.03
CA PHE C 54 -23.02 -85.50 -8.57
C PHE C 54 -24.42 -84.97 -8.28
N VAL C 55 -24.45 -83.86 -7.54
CA VAL C 55 -25.72 -83.21 -7.15
C VAL C 55 -25.62 -81.73 -7.45
N GLY C 56 -26.71 -81.15 -7.90
CA GLY C 56 -26.75 -79.69 -7.99
C GLY C 56 -28.09 -79.22 -8.46
N MET C 57 -28.15 -77.94 -8.85
CA MET C 57 -29.40 -77.45 -9.44
C MET C 57 -29.44 -77.58 -10.92
N GLY C 58 -30.59 -77.95 -11.48
CA GLY C 58 -30.61 -78.01 -12.91
C GLY C 58 -31.98 -78.28 -13.49
N SER C 59 -31.99 -78.70 -14.74
CA SER C 59 -33.22 -78.99 -15.48
C SER C 59 -33.22 -80.43 -15.99
N THR C 60 -34.38 -81.06 -15.98
CA THR C 60 -34.56 -82.37 -16.62
C THR C 60 -35.41 -82.27 -17.89
N ASP C 61 -35.55 -81.07 -18.45
CA ASP C 61 -36.39 -80.87 -19.63
C ASP C 61 -35.87 -81.34 -20.99
N ILE C 62 -34.57 -81.61 -21.11
CA ILE C 62 -34.05 -82.20 -22.34
C ILE C 62 -33.47 -83.62 -22.08
N THR C 63 -32.76 -84.17 -23.06
CA THR C 63 -32.45 -85.61 -22.98
C THR C 63 -31.60 -86.00 -21.80
N SER C 64 -30.53 -85.24 -21.52
CA SER C 64 -29.69 -85.55 -20.37
C SER C 64 -29.85 -84.44 -19.32
N PRO C 65 -29.60 -84.71 -18.04
CA PRO C 65 -29.71 -83.64 -17.01
C PRO C 65 -28.77 -82.48 -17.32
N VAL C 66 -29.32 -81.26 -17.21
CA VAL C 66 -28.55 -80.05 -17.47
C VAL C 66 -28.28 -79.43 -16.10
N LEU C 67 -27.02 -79.49 -15.64
CA LEU C 67 -26.77 -78.95 -14.31
C LEU C 67 -26.17 -77.55 -14.40
N TYR C 68 -26.75 -76.64 -13.59
CA TYR C 68 -26.36 -75.25 -13.60
C TYR C 68 -25.14 -75.07 -12.73
N ASP C 69 -25.08 -75.88 -11.67
CA ASP C 69 -23.90 -75.91 -10.80
C ASP C 69 -24.00 -77.21 -10.03
N GLY C 70 -22.98 -77.56 -9.23
CA GLY C 70 -23.11 -78.74 -8.41
C GLY C 70 -21.75 -79.17 -7.82
N VAL C 71 -21.75 -80.28 -7.08
CA VAL C 71 -20.54 -80.90 -6.52
C VAL C 71 -20.63 -82.41 -6.80
N ASN C 72 -19.49 -83.05 -7.11
CA ASN C 72 -19.49 -84.49 -7.38
C ASN C 72 -18.92 -85.26 -6.21
N GLU C 73 -18.94 -86.59 -6.32
CA GLU C 73 -18.57 -87.43 -5.18
C GLU C 73 -17.10 -87.34 -4.85
N LYS C 74 -16.32 -86.66 -5.68
CA LYS C 74 -14.88 -86.53 -5.48
C LYS C 74 -14.50 -85.11 -5.10
N GLY C 75 -15.49 -84.29 -4.77
CA GLY C 75 -15.18 -82.97 -4.22
C GLY C 75 -15.05 -81.87 -5.28
N LEU C 76 -15.25 -82.16 -6.55
CA LEU C 76 -15.19 -81.11 -7.57
C LEU C 76 -16.49 -80.31 -7.59
N MET C 77 -16.36 -78.97 -7.58
CA MET C 77 -17.53 -78.08 -7.63
C MET C 77 -17.44 -77.17 -8.83
N GLY C 78 -18.57 -76.77 -9.38
CA GLY C 78 -18.49 -75.77 -10.44
C GLY C 78 -19.82 -75.18 -10.83
N ALA C 79 -19.79 -74.23 -11.76
CA ALA C 79 -21.03 -73.61 -12.27
C ALA C 79 -20.86 -72.99 -13.63
N MET C 80 -21.97 -72.88 -14.37
CA MET C 80 -22.05 -72.10 -15.60
C MET C 80 -22.78 -70.81 -15.26
N LEU C 81 -22.18 -69.71 -15.66
CA LEU C 81 -22.78 -68.37 -15.49
C LEU C 81 -22.78 -67.65 -16.80
N TYR C 82 -23.62 -66.61 -16.90
CA TYR C 82 -23.72 -65.87 -18.16
C TYR C 82 -22.44 -65.13 -18.59
N TYR C 83 -22.28 -64.90 -19.89
CA TYR C 83 -21.06 -64.30 -20.48
C TYR C 83 -21.43 -63.54 -21.77
N ALA C 84 -22.42 -62.65 -21.68
CA ALA C 84 -23.00 -62.02 -22.88
C ALA C 84 -21.98 -61.19 -23.62
N THR C 85 -22.07 -61.19 -24.95
CA THR C 85 -21.17 -60.48 -25.89
C THR C 85 -19.72 -60.97 -25.97
N PHE C 86 -19.35 -61.91 -25.09
CA PHE C 86 -18.03 -62.51 -25.16
C PHE C 86 -18.03 -63.96 -25.63
N ALA C 87 -18.99 -64.76 -25.16
CA ALA C 87 -18.98 -66.20 -25.43
C ALA C 87 -19.05 -66.38 -26.93
N THR C 88 -18.16 -67.23 -27.42
CA THR C 88 -18.08 -67.52 -28.86
C THR C 88 -17.99 -69.02 -29.07
N TYR C 89 -18.83 -69.56 -29.94
CA TYR C 89 -18.88 -71.02 -30.15
C TYR C 89 -18.69 -71.30 -31.61
N ALA C 90 -18.43 -72.55 -31.95
CA ALA C 90 -18.15 -72.88 -33.35
C ALA C 90 -19.38 -73.54 -34.00
N ASP C 91 -19.40 -73.58 -35.34
CA ASP C 91 -20.45 -74.33 -36.01
C ASP C 91 -20.04 -75.79 -36.12
N GLU C 92 -18.74 -76.04 -36.25
CA GLU C 92 -18.27 -77.44 -36.35
C GLU C 92 -17.08 -77.67 -35.44
N PRO C 93 -16.90 -78.90 -34.96
CA PRO C 93 -15.77 -79.22 -34.09
C PRO C 93 -14.41 -78.96 -34.73
N LYS C 94 -13.43 -78.49 -33.97
CA LYS C 94 -12.05 -78.48 -34.41
C LYS C 94 -11.61 -79.93 -34.62
N LYS C 95 -10.69 -80.14 -35.58
CA LYS C 95 -10.26 -81.51 -35.88
C LYS C 95 -9.65 -82.17 -34.63
N GLY C 96 -9.92 -83.45 -34.40
CA GLY C 96 -9.37 -84.08 -33.22
C GLY C 96 -10.32 -83.97 -32.05
N THR C 97 -11.39 -83.18 -32.18
CA THR C 97 -12.34 -83.01 -31.06
C THR C 97 -13.76 -83.41 -31.41
N ARG C 98 -14.57 -83.60 -30.36
CA ARG C 98 -16.00 -83.74 -30.49
C ARG C 98 -16.66 -82.43 -30.09
N GLY C 99 -17.79 -82.16 -30.68
CA GLY C 99 -18.60 -81.02 -30.27
C GLY C 99 -19.31 -81.29 -28.96
N ILE C 100 -19.60 -80.21 -28.22
CA ILE C 100 -20.35 -80.31 -26.97
C ILE C 100 -21.27 -79.09 -26.89
N ASN C 101 -22.52 -79.29 -26.46
CA ASN C 101 -23.48 -78.20 -26.26
C ASN C 101 -23.04 -77.43 -25.03
N PRO C 102 -22.99 -76.10 -25.08
CA PRO C 102 -22.56 -75.33 -23.88
C PRO C 102 -23.33 -75.64 -22.62
N VAL C 103 -24.59 -76.08 -22.73
CA VAL C 103 -25.32 -76.35 -21.50
C VAL C 103 -24.98 -77.71 -20.85
N TYR C 104 -24.23 -78.56 -21.57
CA TYR C 104 -23.91 -79.86 -21.00
C TYR C 104 -22.53 -79.90 -20.33
N VAL C 105 -21.84 -78.77 -20.30
CA VAL C 105 -20.44 -78.73 -19.83
C VAL C 105 -20.29 -79.09 -18.34
N ILE C 106 -21.14 -78.49 -17.49
CA ILE C 106 -21.06 -78.79 -16.06
C ILE C 106 -21.40 -80.27 -15.76
N SER C 107 -22.47 -80.76 -16.39
CA SER C 107 -22.81 -82.19 -16.26
C SER C 107 -21.66 -83.10 -16.65
N GLN C 108 -21.03 -82.81 -17.80
CA GLN C 108 -19.93 -83.66 -18.29
C GLN C 108 -18.74 -83.56 -17.33
N VAL C 109 -18.42 -82.33 -16.90
CA VAL C 109 -17.24 -82.15 -16.04
C VAL C 109 -17.38 -82.74 -14.64
N LEU C 110 -18.50 -82.45 -13.96
CA LEU C 110 -18.82 -83.09 -12.68
C LEU C 110 -18.91 -84.64 -12.80
N GLY C 111 -19.38 -85.13 -13.94
CA GLY C 111 -19.49 -86.58 -14.10
C GLY C 111 -18.15 -87.30 -14.26
N ASN C 112 -17.06 -86.57 -14.54
CA ASN C 112 -15.82 -87.25 -15.00
C ASN C 112 -14.46 -86.74 -14.50
N CYS C 113 -14.50 -85.65 -13.75
CA CYS C 113 -13.29 -84.97 -13.32
C CYS C 113 -13.20 -84.86 -11.82
N VAL C 114 -11.97 -84.83 -11.32
CA VAL C 114 -11.75 -84.71 -9.89
C VAL C 114 -11.14 -83.37 -9.58
N THR C 115 -10.10 -83.06 -10.32
CA THR C 115 -9.18 -81.90 -10.03
C THR C 115 -9.35 -80.85 -11.01
N VAL C 116 -8.96 -79.63 -10.68
CA VAL C 116 -9.01 -78.59 -11.73
C VAL C 116 -8.09 -78.86 -12.95
N ASP C 117 -6.92 -79.47 -12.71
CA ASP C 117 -6.08 -79.94 -13.83
C ASP C 117 -6.79 -80.94 -14.73
N ASP C 118 -7.53 -81.91 -14.13
CA ASP C 118 -8.37 -82.84 -14.88
C ASP C 118 -9.32 -82.08 -15.82
N VAL C 119 -9.97 -81.05 -15.32
CA VAL C 119 -10.91 -80.29 -16.13
C VAL C 119 -10.21 -79.65 -17.35
N ILE C 120 -9.07 -79.02 -17.12
CA ILE C 120 -8.30 -78.36 -18.16
C ILE C 120 -7.90 -79.40 -19.21
N GLU C 121 -7.41 -80.56 -18.75
CA GLU C 121 -6.98 -81.62 -19.65
C GLU C 121 -8.19 -82.14 -20.43
N LYS C 122 -9.35 -82.19 -19.77
CA LYS C 122 -10.57 -82.78 -20.31
C LYS C 122 -11.16 -81.92 -21.41
N LEU C 123 -11.27 -80.62 -21.16
CA LEU C 123 -11.81 -79.70 -22.17
C LEU C 123 -11.02 -79.62 -23.52
N THR C 124 -9.78 -80.09 -23.59
CA THR C 124 -9.03 -80.09 -24.88
C THR C 124 -9.59 -81.07 -25.96
N SER C 125 -10.37 -82.05 -25.57
CA SER C 125 -10.89 -82.97 -26.59
C SER C 125 -12.30 -82.53 -27.08
N TYR C 126 -12.70 -81.31 -26.71
CA TYR C 126 -14.03 -80.81 -27.10
C TYR C 126 -13.96 -79.44 -27.72
N THR C 127 -14.92 -79.19 -28.61
CA THR C 127 -15.21 -77.84 -29.14
C THR C 127 -16.64 -77.49 -28.76
N LEU C 128 -16.83 -76.36 -28.08
CA LEU C 128 -18.21 -75.91 -27.83
C LEU C 128 -18.89 -75.50 -29.14
N LEU C 129 -20.09 -76.03 -29.42
CA LEU C 129 -20.79 -75.68 -30.63
C LEU C 129 -22.00 -74.80 -30.39
N ASN C 130 -22.36 -74.06 -31.42
CA ASN C 130 -23.56 -73.27 -31.38
C ASN C 130 -24.81 -74.09 -31.52
N GLU C 131 -25.00 -75.09 -30.67
CA GLU C 131 -26.26 -75.86 -30.75
C GLU C 131 -27.32 -75.27 -29.80
N ALA C 132 -28.53 -75.07 -30.30
CA ALA C 132 -29.58 -74.52 -29.46
C ALA C 132 -30.09 -75.58 -28.46
N ASN C 133 -31.04 -75.19 -27.65
CA ASN C 133 -31.75 -76.10 -26.76
C ASN C 133 -33.19 -75.62 -26.61
N ILE C 134 -34.09 -76.54 -26.29
CA ILE C 134 -35.52 -76.25 -26.23
C ILE C 134 -35.90 -75.37 -25.01
N ILE C 135 -35.11 -75.42 -23.92
CA ILE C 135 -35.38 -74.63 -22.71
C ILE C 135 -35.35 -73.12 -23.04
N LEU C 136 -34.34 -72.65 -23.78
CA LEU C 136 -34.21 -71.22 -24.12
C LEU C 136 -34.49 -70.86 -25.58
N GLY C 137 -34.24 -71.79 -26.51
CA GLY C 137 -34.40 -71.53 -27.94
C GLY C 137 -33.12 -71.13 -28.65
N PHE C 138 -32.03 -71.05 -27.90
CA PHE C 138 -30.73 -70.62 -28.44
C PHE C 138 -29.67 -71.11 -27.46
N ALA C 139 -28.42 -71.18 -27.90
CA ALA C 139 -27.31 -71.50 -26.98
C ALA C 139 -26.98 -70.23 -26.20
N PRO C 140 -27.11 -70.25 -24.87
CA PRO C 140 -26.83 -69.05 -24.06
C PRO C 140 -25.32 -68.82 -24.05
N PRO C 141 -24.89 -67.55 -24.00
CA PRO C 141 -23.46 -67.22 -23.85
C PRO C 141 -22.99 -67.50 -22.40
N LEU C 142 -21.97 -68.37 -22.23
CA LEU C 142 -21.64 -68.90 -20.90
C LEU C 142 -20.14 -68.85 -20.65
N HIS C 143 -19.72 -68.70 -19.39
CA HIS C 143 -18.37 -69.17 -19.01
C HIS C 143 -18.47 -69.99 -17.76
N TYR C 144 -17.35 -70.59 -17.32
CA TYR C 144 -17.48 -71.67 -16.37
C TYR C 144 -16.45 -71.48 -15.29
N THR C 145 -16.84 -71.84 -14.08
CA THR C 145 -15.90 -71.84 -12.97
C THR C 145 -15.89 -73.21 -12.31
N PHE C 146 -14.72 -73.62 -11.79
CA PHE C 146 -14.62 -74.89 -11.06
C PHE C 146 -13.72 -74.68 -9.86
N THR C 147 -14.03 -75.34 -8.75
CA THR C 147 -13.18 -75.32 -7.56
C THR C 147 -13.11 -76.77 -7.10
N ASP C 148 -11.88 -77.25 -6.89
CA ASP C 148 -11.77 -78.64 -6.48
C ASP C 148 -11.63 -78.75 -4.97
N ALA C 149 -11.40 -79.96 -4.46
CA ALA C 149 -11.45 -80.16 -3.02
C ALA C 149 -10.36 -79.38 -2.29
N SER C 150 -9.29 -79.05 -3.00
CA SER C 150 -8.14 -78.39 -2.40
C SER C 150 -8.38 -76.89 -2.27
N GLY C 151 -9.41 -76.40 -2.93
CA GLY C 151 -9.69 -74.98 -2.89
C GLY C 151 -9.14 -74.26 -4.10
N GLU C 152 -8.44 -74.95 -5.02
CA GLU C 152 -7.94 -74.25 -6.21
C GLU C 152 -9.15 -73.99 -7.13
N SER C 153 -9.21 -72.79 -7.70
CA SER C 153 -10.27 -72.37 -8.65
C SER C 153 -9.71 -72.08 -10.04
N ILE C 154 -10.52 -72.34 -11.09
CA ILE C 154 -10.16 -71.99 -12.45
C ILE C 154 -11.39 -71.34 -13.10
N VAL C 155 -11.13 -70.52 -14.09
CA VAL C 155 -12.16 -69.95 -14.97
C VAL C 155 -11.86 -70.34 -16.41
N ILE C 156 -12.90 -70.77 -17.14
CA ILE C 156 -12.77 -71.25 -18.50
C ILE C 156 -13.75 -70.39 -19.29
N GLU C 157 -13.20 -69.66 -20.24
CA GLU C 157 -13.96 -68.70 -21.05
C GLU C 157 -13.86 -68.97 -22.56
N PRO C 158 -15.01 -69.16 -23.21
CA PRO C 158 -15.01 -69.40 -24.66
C PRO C 158 -14.90 -68.10 -25.41
N ASP C 159 -13.70 -67.56 -25.59
CA ASP C 159 -13.52 -66.25 -26.22
C ASP C 159 -13.47 -66.34 -27.73
N LYS C 160 -13.59 -65.17 -28.39
CA LYS C 160 -13.41 -65.10 -29.84
C LYS C 160 -12.11 -65.76 -30.33
N THR C 161 -11.03 -65.61 -29.58
CA THR C 161 -9.76 -66.22 -29.97
C THR C 161 -9.64 -67.73 -29.68
N GLY C 162 -10.60 -68.32 -28.97
CA GLY C 162 -10.42 -69.67 -28.44
C GLY C 162 -10.69 -69.72 -26.95
N ILE C 163 -10.63 -70.92 -26.37
CA ILE C 163 -10.83 -71.12 -24.95
C ILE C 163 -9.71 -70.46 -24.17
N THR C 164 -10.08 -69.55 -23.25
CA THR C 164 -9.09 -68.92 -22.38
C THR C 164 -9.22 -69.54 -21.01
N ILE C 165 -8.10 -69.96 -20.44
CA ILE C 165 -8.11 -70.65 -19.16
C ILE C 165 -7.37 -69.75 -18.20
N HIS C 166 -7.98 -69.46 -17.07
CA HIS C 166 -7.26 -68.85 -15.97
C HIS C 166 -7.20 -69.79 -14.83
N ARG C 167 -5.97 -70.05 -14.40
CA ARG C 167 -5.64 -70.98 -13.32
C ARG C 167 -5.38 -70.25 -11.98
N LYS C 168 -5.59 -70.96 -10.87
CA LYS C 168 -5.34 -70.44 -9.52
C LYS C 168 -5.89 -69.00 -9.33
N THR C 169 -7.16 -68.79 -9.63
CA THR C 169 -7.77 -67.45 -9.62
C THR C 169 -8.12 -67.06 -8.20
N ILE C 170 -8.74 -65.88 -8.02
CA ILE C 170 -9.16 -65.45 -6.68
C ILE C 170 -10.44 -66.09 -6.18
N GLY C 171 -11.06 -66.97 -6.96
CA GLY C 171 -12.26 -67.68 -6.57
C GLY C 171 -13.47 -66.78 -6.46
N VAL C 172 -13.64 -65.95 -7.51
CA VAL C 172 -14.80 -65.06 -7.69
C VAL C 172 -15.09 -65.04 -9.18
N MET C 173 -16.36 -65.09 -9.57
CA MET C 173 -16.70 -64.92 -11.00
C MET C 173 -18.10 -64.42 -11.13
N THR C 174 -18.34 -63.48 -12.05
CA THR C 174 -19.71 -63.04 -12.28
C THR C 174 -19.97 -63.27 -13.75
N ALA C 175 -20.18 -62.19 -14.52
CA ALA C 175 -20.42 -62.30 -15.95
C ALA C 175 -19.33 -61.52 -16.68
N SER C 176 -19.65 -60.95 -17.84
CA SER C 176 -18.68 -60.33 -18.76
C SER C 176 -18.13 -59.05 -18.08
N PRO C 177 -16.94 -58.58 -18.44
CA PRO C 177 -15.99 -59.14 -19.41
C PRO C 177 -15.17 -60.32 -18.87
N GLY C 178 -14.04 -60.64 -19.53
CA GLY C 178 -13.33 -61.83 -19.18
C GLY C 178 -12.60 -61.65 -17.86
N TYR C 179 -12.04 -62.74 -17.36
CA TYR C 179 -11.62 -62.80 -16.03
C TYR C 179 -10.42 -61.85 -15.83
N GLU C 180 -9.50 -61.76 -16.78
CA GLU C 180 -8.31 -60.93 -16.59
C GLU C 180 -8.73 -59.50 -16.44
N TRP C 181 -9.80 -59.11 -17.14
CA TRP C 181 -10.28 -57.73 -17.08
C TRP C 181 -10.76 -57.42 -15.64
N HIS C 182 -11.51 -58.33 -15.03
CA HIS C 182 -12.07 -58.11 -13.71
C HIS C 182 -10.90 -58.14 -12.71
N GLN C 183 -9.95 -59.05 -12.91
CA GLN C 183 -8.89 -59.15 -11.93
C GLN C 183 -8.06 -57.88 -11.93
N THR C 184 -7.88 -57.29 -13.10
CA THR C 184 -7.22 -55.98 -13.23
C THR C 184 -8.06 -54.86 -12.63
N ASN C 185 -9.36 -54.88 -12.85
CA ASN C 185 -10.27 -53.88 -12.25
C ASN C 185 -10.17 -53.86 -10.70
N LEU C 186 -9.93 -55.00 -10.05
CA LEU C 186 -9.76 -55.03 -8.61
C LEU C 186 -8.76 -53.97 -8.14
N ARG C 187 -7.76 -53.70 -8.94
CA ARG C 187 -6.66 -52.85 -8.47
C ARG C 187 -7.16 -51.39 -8.29
N ALA C 188 -8.18 -50.99 -9.05
CA ALA C 188 -8.70 -49.64 -8.95
C ALA C 188 -9.45 -49.41 -7.61
N TYR C 189 -9.72 -50.46 -6.85
CA TYR C 189 -10.59 -50.38 -5.70
C TYR C 189 -9.89 -50.84 -4.40
N ILE C 190 -8.55 -50.88 -4.41
CA ILE C 190 -7.87 -51.39 -3.22
C ILE C 190 -8.03 -50.47 -2.03
N GLY C 191 -8.47 -49.22 -2.27
CA GLY C 191 -8.81 -48.35 -1.17
C GLY C 191 -10.19 -48.60 -0.53
N VAL C 192 -10.96 -49.56 -1.03
CA VAL C 192 -12.20 -49.96 -0.39
C VAL C 192 -11.89 -50.91 0.76
N THR C 193 -12.06 -50.44 1.98
CA THR C 193 -11.62 -51.24 3.17
C THR C 193 -12.65 -51.10 4.28
N PRO C 194 -12.56 -51.92 5.33
CA PRO C 194 -13.51 -51.76 6.45
C PRO C 194 -13.26 -50.53 7.29
N ASN C 195 -12.10 -49.88 7.14
CA ASN C 195 -11.66 -48.90 8.15
C ASN C 195 -12.11 -47.49 7.77
N PRO C 196 -12.55 -46.70 8.74
CA PRO C 196 -12.99 -45.31 8.49
C PRO C 196 -11.85 -44.37 8.13
N PRO C 197 -12.10 -43.39 7.30
CA PRO C 197 -11.08 -42.35 7.01
C PRO C 197 -10.89 -41.48 8.24
N GLN C 198 -9.71 -40.87 8.39
CA GLN C 198 -9.47 -39.94 9.49
C GLN C 198 -10.25 -38.65 9.29
N ASP C 199 -10.64 -38.03 10.39
CA ASP C 199 -11.26 -36.69 10.33
C ASP C 199 -10.34 -35.68 9.69
N ILE C 200 -10.93 -34.66 9.09
CA ILE C 200 -10.10 -33.60 8.53
C ILE C 200 -10.69 -32.28 8.95
N MET C 201 -9.97 -31.21 8.63
CA MET C 201 -10.55 -29.90 8.78
C MET C 201 -10.57 -29.19 7.46
N MET C 202 -11.56 -28.33 7.25
CA MET C 202 -11.51 -27.33 6.16
C MET C 202 -11.66 -25.95 6.79
N GLY C 203 -10.58 -25.17 6.78
CA GLY C 203 -10.56 -23.97 7.60
C GLY C 203 -10.76 -24.39 9.05
N ASP C 204 -11.73 -23.77 9.70
CA ASP C 204 -12.11 -24.06 11.09
C ASP C 204 -13.22 -25.09 11.24
N LEU C 205 -13.63 -25.70 10.13
CA LEU C 205 -14.68 -26.71 10.17
C LEU C 205 -14.06 -28.11 10.31
N ASP C 206 -14.46 -28.83 11.36
CA ASP C 206 -14.03 -30.21 11.53
C ASP C 206 -15.03 -31.00 10.73
N LEU C 207 -14.53 -32.01 10.07
CA LEU C 207 -15.35 -32.91 9.24
C LEU C 207 -15.10 -34.33 9.67
N THR C 208 -16.17 -34.99 10.12
CA THR C 208 -16.11 -36.40 10.54
C THR C 208 -17.19 -37.20 9.75
N PRO C 209 -17.05 -38.52 9.60
CA PRO C 209 -18.11 -39.28 8.87
C PRO C 209 -19.50 -39.17 9.53
N PHE C 210 -20.53 -39.50 8.77
CA PHE C 210 -21.90 -39.50 9.29
C PHE C 210 -22.13 -40.59 10.33
N GLY C 211 -21.41 -41.70 10.22
CA GLY C 211 -21.62 -42.85 11.08
C GLY C 211 -20.46 -43.82 10.90
N GLN C 212 -20.75 -45.01 10.40
CA GLN C 212 -19.76 -45.99 10.03
C GLN C 212 -19.71 -46.24 8.50
N GLY C 213 -18.81 -47.14 8.06
CA GLY C 213 -18.82 -47.64 6.70
C GLY C 213 -18.10 -46.79 5.66
N ALA C 214 -17.53 -45.64 6.05
CA ALA C 214 -16.92 -44.78 5.03
C ALA C 214 -15.65 -45.34 4.37
N GLY C 215 -15.04 -46.39 4.96
CA GLY C 215 -13.91 -47.01 4.30
C GLY C 215 -14.30 -47.60 2.93
N GLY C 216 -15.59 -47.85 2.71
CA GLY C 216 -16.10 -48.45 1.46
C GLY C 216 -16.29 -47.43 0.35
N LEU C 217 -16.01 -46.15 0.63
CA LEU C 217 -16.24 -45.10 -0.38
C LEU C 217 -15.53 -45.44 -1.69
N GLY C 218 -16.31 -45.36 -2.79
CA GLY C 218 -15.82 -45.70 -4.12
C GLY C 218 -16.42 -47.00 -4.67
N LEU C 219 -16.83 -47.92 -3.78
CA LEU C 219 -17.39 -49.19 -4.26
C LEU C 219 -18.76 -48.92 -4.91
N PRO C 220 -18.99 -49.41 -6.13
CA PRO C 220 -20.30 -49.16 -6.78
C PRO C 220 -21.39 -50.10 -6.21
N GLY C 221 -22.65 -49.62 -6.25
CA GLY C 221 -23.82 -50.30 -5.71
C GLY C 221 -24.79 -50.83 -6.76
N ASP C 222 -24.47 -50.62 -8.05
CA ASP C 222 -25.37 -51.13 -9.11
C ASP C 222 -25.17 -52.63 -9.33
N PHE C 223 -26.05 -53.22 -10.15
CA PHE C 223 -25.98 -54.65 -10.45
C PHE C 223 -25.33 -55.08 -11.75
N THR C 224 -24.49 -54.21 -12.35
CA THR C 224 -23.66 -54.65 -13.48
C THR C 224 -22.70 -55.75 -13.07
N PRO C 225 -22.25 -56.58 -14.04
CA PRO C 225 -21.35 -57.70 -13.70
C PRO C 225 -20.04 -57.23 -13.11
N SER C 226 -19.56 -56.08 -13.57
CA SER C 226 -18.31 -55.53 -13.04
C SER C 226 -18.51 -55.07 -11.60
N ALA C 227 -19.63 -54.40 -11.30
CA ALA C 227 -19.90 -53.96 -9.91
C ALA C 227 -20.13 -55.19 -9.02
N ARG C 228 -20.85 -56.20 -9.55
CA ARG C 228 -21.06 -57.42 -8.73
C ARG C 228 -19.72 -58.10 -8.40
N PHE C 229 -18.81 -58.16 -9.38
CA PHE C 229 -17.51 -58.80 -9.16
C PHE C 229 -16.77 -58.06 -8.05
N LEU C 230 -16.80 -56.73 -8.13
CA LEU C 230 -16.10 -55.97 -7.09
C LEU C 230 -16.63 -56.23 -5.68
N ARG C 231 -17.95 -56.23 -5.54
CA ARG C 231 -18.57 -56.38 -4.23
C ARG C 231 -18.29 -57.78 -3.67
N VAL C 232 -18.46 -58.81 -4.51
CA VAL C 232 -18.19 -60.18 -4.06
C VAL C 232 -16.71 -60.32 -3.67
N ALA C 233 -15.80 -59.76 -4.48
CA ALA C 233 -14.40 -59.93 -4.23
C ALA C 233 -13.97 -59.22 -2.98
N TYR C 234 -14.40 -57.95 -2.83
CA TYR C 234 -13.99 -57.19 -1.66
C TYR C 234 -14.67 -57.73 -0.40
N TRP C 235 -15.94 -58.12 -0.50
CA TRP C 235 -16.55 -58.61 0.73
C TRP C 235 -16.06 -60.03 1.03
N LYS C 236 -15.62 -60.78 0.00
CA LYS C 236 -14.96 -62.08 0.27
C LYS C 236 -13.67 -61.80 1.08
N LYS C 237 -12.92 -60.77 0.66
CA LYS C 237 -11.64 -60.47 1.34
C LYS C 237 -11.88 -60.13 2.82
N TYR C 238 -12.89 -59.29 3.09
CA TYR C 238 -13.02 -58.78 4.47
C TYR C 238 -14.00 -59.43 5.39
N THR C 239 -14.93 -60.24 4.88
CA THR C 239 -15.78 -61.03 5.76
C THR C 239 -14.97 -62.05 6.59
N GLU C 240 -15.32 -62.19 7.87
CA GLU C 240 -14.57 -63.10 8.78
C GLU C 240 -14.49 -64.48 8.20
N LYS C 241 -13.35 -65.13 8.35
CA LYS C 241 -13.20 -66.52 7.91
C LYS C 241 -14.21 -67.46 8.60
N ALA C 242 -14.80 -68.36 7.83
CA ALA C 242 -15.69 -69.37 8.37
C ALA C 242 -14.91 -70.43 9.15
N LYS C 243 -15.44 -70.81 10.30
CA LYS C 243 -14.76 -71.80 11.17
C LYS C 243 -15.15 -73.23 10.83
N ASN C 244 -16.24 -73.39 10.08
CA ASN C 244 -16.81 -74.71 9.81
C ASN C 244 -17.79 -74.59 8.63
N GLU C 245 -18.34 -75.71 8.23
CA GLU C 245 -19.17 -75.78 7.03
C GLU C 245 -20.42 -74.92 7.13
N THR C 246 -21.07 -74.95 8.29
CA THR C 246 -22.26 -74.16 8.49
C THR C 246 -21.93 -72.66 8.44
N GLU C 247 -20.85 -72.22 9.10
CA GLU C 247 -20.45 -70.81 8.94
C GLU C 247 -20.14 -70.48 7.50
N GLY C 248 -19.60 -71.46 6.76
CA GLY C 248 -19.30 -71.29 5.35
C GLY C 248 -20.52 -70.94 4.54
N VAL C 249 -21.58 -71.75 4.70
CA VAL C 249 -22.81 -71.49 3.97
C VAL C 249 -23.37 -70.12 4.35
N THR C 250 -23.43 -69.86 5.65
CA THR C 250 -23.95 -68.60 6.15
C THR C 250 -23.16 -67.39 5.60
N ASN C 251 -21.84 -67.47 5.66
CA ASN C 251 -20.99 -66.38 5.15
C ASN C 251 -21.12 -66.21 3.64
N LEU C 252 -21.12 -67.30 2.88
CA LEU C 252 -21.31 -67.22 1.44
C LEU C 252 -22.61 -66.45 1.13
N PHE C 253 -23.68 -66.79 1.84
CA PHE C 253 -24.98 -66.16 1.57
C PHE C 253 -25.00 -64.69 1.99
N HIS C 254 -24.29 -64.35 3.06
CA HIS C 254 -24.11 -62.92 3.46
C HIS C 254 -23.32 -62.14 2.41
N ILE C 255 -22.28 -62.73 1.84
CA ILE C 255 -21.48 -62.00 0.84
C ILE C 255 -22.38 -61.85 -0.41
N LEU C 256 -23.11 -62.89 -0.76
CA LEU C 256 -23.96 -62.80 -1.93
C LEU C 256 -25.20 -61.92 -1.71
N SER C 257 -25.56 -61.63 -0.45
CA SER C 257 -26.66 -60.69 -0.18
C SER C 257 -26.40 -59.36 -0.88
N SER C 258 -25.13 -58.98 -0.99
CA SER C 258 -24.79 -57.72 -1.65
C SER C 258 -25.08 -57.71 -3.16
N VAL C 259 -25.31 -58.88 -3.77
CA VAL C 259 -25.59 -58.95 -5.21
C VAL C 259 -26.89 -59.68 -5.47
N ASN C 260 -27.74 -59.71 -4.45
CA ASN C 260 -29.09 -60.32 -4.58
C ASN C 260 -30.01 -59.29 -5.20
N ILE C 261 -30.65 -59.63 -6.31
CA ILE C 261 -31.41 -58.61 -7.06
C ILE C 261 -32.90 -58.78 -6.82
N PRO C 262 -33.57 -57.78 -6.21
CA PRO C 262 -35.02 -57.85 -6.01
C PRO C 262 -35.76 -57.70 -7.34
N LYS C 263 -36.92 -58.32 -7.46
CA LYS C 263 -37.66 -58.22 -8.68
C LYS C 263 -38.05 -56.77 -8.92
N GLY C 264 -37.74 -56.25 -10.10
CA GLY C 264 -38.14 -54.93 -10.53
C GLY C 264 -36.97 -53.96 -10.57
N VAL C 265 -35.89 -54.28 -9.86
CA VAL C 265 -34.75 -53.38 -9.74
C VAL C 265 -33.87 -53.37 -11.01
N VAL C 266 -33.93 -54.47 -11.79
CA VAL C 266 -33.15 -54.54 -13.04
C VAL C 266 -34.09 -55.06 -14.14
N LEU C 267 -34.25 -54.23 -15.14
CA LEU C 267 -35.04 -54.63 -16.34
C LEU C 267 -34.13 -54.80 -17.57
N THR C 268 -34.42 -55.74 -18.45
CA THR C 268 -33.56 -55.89 -19.63
C THR C 268 -34.10 -54.89 -20.66
N ASN C 269 -33.46 -54.78 -21.82
CA ASN C 269 -34.00 -53.90 -22.87
C ASN C 269 -35.31 -54.42 -23.52
N GLU C 270 -35.73 -55.64 -23.18
CA GLU C 270 -37.02 -56.17 -23.60
C GLU C 270 -38.05 -55.94 -22.51
N GLY C 271 -37.67 -55.22 -21.43
CA GLY C 271 -38.59 -54.99 -20.33
C GLY C 271 -38.80 -56.12 -19.31
N LYS C 272 -38.00 -57.18 -19.42
CA LYS C 272 -38.15 -58.34 -18.56
C LYS C 272 -37.41 -58.10 -17.26
N THR C 273 -37.91 -58.66 -16.18
CA THR C 273 -37.29 -58.53 -14.87
C THR C 273 -36.21 -59.56 -14.68
N ASP C 274 -35.01 -59.09 -14.36
CA ASP C 274 -33.85 -59.96 -14.10
C ASP C 274 -33.64 -59.95 -12.61
N TYR C 275 -33.79 -61.08 -11.94
CA TYR C 275 -33.79 -61.13 -10.47
C TYR C 275 -33.12 -62.41 -10.01
N THR C 276 -32.71 -62.42 -8.73
CA THR C 276 -32.04 -63.57 -8.14
C THR C 276 -33.04 -64.69 -7.83
N ILE C 277 -33.10 -65.71 -8.71
CA ILE C 277 -34.08 -66.79 -8.57
C ILE C 277 -33.80 -67.72 -7.39
N TYR C 278 -32.51 -68.02 -7.20
CA TYR C 278 -32.05 -68.91 -6.08
C TYR C 278 -30.63 -68.56 -5.76
N THR C 279 -30.14 -69.01 -4.60
CA THR C 279 -28.77 -68.86 -4.20
C THR C 279 -28.39 -70.25 -3.68
N SER C 280 -27.29 -70.79 -4.15
CA SER C 280 -26.92 -72.13 -3.67
C SER C 280 -25.49 -72.13 -3.15
N ALA C 281 -25.17 -73.12 -2.35
CA ALA C 281 -23.82 -73.34 -1.87
C ALA C 281 -23.60 -74.85 -1.80
N MET C 282 -22.34 -75.26 -1.84
CA MET C 282 -22.04 -76.70 -1.85
C MET C 282 -20.68 -76.88 -1.23
N CYS C 283 -20.36 -78.06 -0.70
CA CYS C 283 -19.12 -78.23 0.06
C CYS C 283 -18.41 -79.46 -0.49
N ALA C 284 -17.12 -79.28 -0.80
CA ALA C 284 -16.35 -80.31 -1.52
C ALA C 284 -16.23 -81.57 -0.63
N GLN C 285 -15.97 -81.33 0.65
CA GLN C 285 -15.66 -82.44 1.57
C GLN C 285 -16.89 -83.28 1.96
N SER C 286 -17.99 -82.60 2.29
CA SER C 286 -19.23 -83.30 2.66
C SER C 286 -20.11 -83.71 1.51
N LYS C 287 -19.94 -83.06 0.34
CA LYS C 287 -20.83 -83.24 -0.81
C LYS C 287 -22.28 -82.93 -0.46
N ASN C 288 -22.46 -82.00 0.49
CA ASN C 288 -23.75 -81.40 0.75
C ASN C 288 -24.02 -80.23 -0.19
N TYR C 289 -25.26 -80.14 -0.61
CA TYR C 289 -25.73 -79.07 -1.51
C TYR C 289 -26.82 -78.29 -0.79
N TYR C 290 -26.73 -76.95 -0.80
CA TYR C 290 -27.63 -76.10 0.02
C TYR C 290 -28.27 -75.06 -0.91
N PHE C 291 -29.52 -74.69 -0.69
CA PHE C 291 -30.10 -73.58 -1.49
C PHE C 291 -31.22 -72.87 -0.79
N LYS C 292 -31.38 -71.60 -1.15
CA LYS C 292 -32.59 -70.87 -0.77
C LYS C 292 -33.14 -70.24 -2.04
N LEU C 293 -34.36 -69.69 -2.00
CA LEU C 293 -35.05 -69.25 -3.20
C LEU C 293 -35.46 -67.80 -3.04
N TYR C 294 -35.77 -67.14 -4.15
CA TYR C 294 -36.34 -65.81 -4.04
C TYR C 294 -37.47 -65.73 -3.00
N ASP C 295 -38.41 -66.67 -3.02
CA ASP C 295 -39.59 -66.59 -2.16
C ASP C 295 -39.42 -67.37 -0.86
N ASN C 296 -38.22 -67.91 -0.62
CA ASN C 296 -38.02 -68.76 0.55
C ASN C 296 -36.56 -68.67 1.10
N SER C 297 -36.49 -67.94 2.20
CA SER C 297 -35.26 -67.55 2.87
C SER C 297 -34.66 -68.73 3.65
N ARG C 298 -35.47 -69.76 3.90
CA ARG C 298 -34.92 -70.88 4.66
C ARG C 298 -34.08 -71.74 3.73
N ILE C 299 -32.88 -72.09 4.22
CA ILE C 299 -31.94 -72.91 3.44
C ILE C 299 -32.36 -74.39 3.57
N SER C 300 -32.39 -75.08 2.43
CA SER C 300 -32.55 -76.56 2.40
C SER C 300 -31.23 -77.21 2.03
N ALA C 301 -31.05 -78.47 2.40
CA ALA C 301 -29.81 -79.18 2.08
C ALA C 301 -30.13 -80.58 1.56
N VAL C 302 -29.34 -81.01 0.58
CA VAL C 302 -29.35 -82.39 0.07
C VAL C 302 -27.93 -82.94 0.22
N SER C 303 -27.81 -84.14 0.81
CA SER C 303 -26.54 -84.85 0.88
C SER C 303 -26.45 -85.86 -0.27
N LEU C 304 -25.40 -85.72 -1.07
CA LEU C 304 -25.16 -86.61 -2.20
C LEU C 304 -24.88 -88.05 -1.70
N MET C 305 -24.05 -88.15 -0.69
CA MET C 305 -23.56 -89.47 -0.27
C MET C 305 -24.67 -90.27 0.48
N ALA C 306 -25.73 -89.59 0.90
CA ALA C 306 -26.85 -90.29 1.55
C ALA C 306 -27.65 -91.15 0.59
N GLU C 307 -27.47 -90.94 -0.72
CA GLU C 307 -28.23 -91.71 -1.69
C GLU C 307 -27.47 -92.90 -2.29
N ASN C 308 -28.20 -93.71 -3.04
CA ASN C 308 -27.62 -94.87 -3.73
C ASN C 308 -26.95 -94.34 -5.00
N LEU C 309 -25.63 -94.24 -5.00
CA LEU C 309 -24.93 -93.62 -6.14
C LEU C 309 -24.90 -94.48 -7.40
N ASN C 310 -25.39 -95.73 -7.28
CA ASN C 310 -25.55 -96.65 -8.41
C ASN C 310 -26.99 -96.84 -8.84
N SER C 311 -27.83 -95.95 -8.33
CA SER C 311 -29.24 -95.87 -8.72
C SER C 311 -29.39 -95.80 -10.24
N GLN C 312 -30.47 -96.36 -10.79
CA GLN C 312 -30.72 -96.30 -12.23
C GLN C 312 -31.24 -94.92 -12.65
N ASP C 313 -32.08 -94.33 -11.81
CA ASP C 313 -32.71 -93.08 -12.20
C ASP C 313 -32.17 -91.87 -11.44
N LEU C 314 -32.39 -90.71 -12.03
CA LEU C 314 -32.15 -89.45 -11.31
C LEU C 314 -32.96 -89.44 -10.01
N ILE C 315 -32.38 -88.83 -8.98
CA ILE C 315 -33.07 -88.54 -7.75
C ILE C 315 -33.26 -87.00 -7.70
N THR C 316 -34.50 -86.51 -7.60
CA THR C 316 -34.73 -85.07 -7.61
C THR C 316 -35.45 -84.56 -6.36
N PHE C 317 -35.32 -83.25 -6.13
CA PHE C 317 -36.01 -82.62 -5.01
C PHE C 317 -36.59 -81.32 -5.51
N GLU C 318 -37.89 -81.11 -5.29
CA GLU C 318 -38.56 -79.95 -5.86
C GLU C 318 -38.42 -78.72 -4.97
N TRP C 319 -38.44 -77.55 -5.60
CA TRP C 319 -38.43 -76.29 -4.89
C TRP C 319 -39.71 -76.12 -4.05
N ASP C 320 -39.55 -75.53 -2.87
CA ASP C 320 -40.68 -75.09 -2.07
C ASP C 320 -40.71 -73.58 -2.09
N ARG C 321 -41.59 -73.01 -2.91
CA ARG C 321 -41.59 -71.56 -3.08
C ARG C 321 -42.42 -70.84 -2.03
N LYS C 322 -42.85 -71.51 -0.96
CA LYS C 322 -43.52 -70.80 0.13
C LYS C 322 -42.50 -70.33 1.18
N GLN C 323 -42.61 -69.07 1.61
CA GLN C 323 -41.69 -68.55 2.65
C GLN C 323 -41.86 -69.41 3.90
N ASP C 324 -40.78 -70.07 4.31
CA ASP C 324 -40.94 -71.10 5.33
C ASP C 324 -40.79 -70.47 6.69
N ILE C 325 -41.87 -69.85 7.16
CA ILE C 325 -41.84 -69.06 8.39
C ILE C 325 -42.10 -69.93 9.60
N LYS C 326 -41.17 -69.95 10.55
CA LYS C 326 -41.35 -70.69 11.80
C LYS C 326 -42.34 -69.90 12.69
N GLN C 327 -43.45 -70.54 13.09
CA GLN C 327 -44.48 -69.88 13.92
C GLN C 327 -44.14 -70.15 15.37
N LEU C 328 -43.80 -69.09 16.09
CA LEU C 328 -43.35 -69.25 17.47
C LEU C 328 -44.48 -69.30 18.50
N ASN C 329 -45.66 -69.12 18.02
CA ASN C 329 -46.76 -69.04 18.96
C ASN C 329 -48.09 -69.22 18.23
N GLN C 330 -49.16 -69.17 19.02
CA GLN C 330 -50.53 -69.57 18.78
C GLN C 330 -51.34 -69.40 20.08
N CYS D 1 -27.96 -48.91 11.08
CA CYS D 1 -29.31 -49.48 10.84
C CYS D 1 -29.95 -48.83 9.64
N SER D 2 -30.92 -49.56 9.09
CA SER D 2 -31.67 -49.12 7.94
C SER D 2 -33.10 -49.58 8.15
N SER D 3 -34.04 -48.84 7.57
CA SER D 3 -35.46 -49.15 7.78
C SER D 3 -36.28 -48.60 6.65
N LEU D 4 -37.47 -49.21 6.43
CA LEU D 4 -38.45 -48.70 5.48
C LEU D 4 -39.81 -49.29 5.79
N SER D 5 -40.82 -48.67 5.20
CA SER D 5 -42.18 -49.25 5.19
C SER D 5 -42.65 -49.40 3.76
N ILE D 6 -43.60 -50.30 3.54
CA ILE D 6 -44.26 -50.48 2.24
C ILE D 6 -45.73 -50.70 2.51
N ARG D 7 -46.54 -50.48 1.47
CA ARG D 7 -47.96 -50.86 1.50
C ARG D 7 -48.18 -51.98 0.51
N THR D 8 -49.01 -52.96 0.87
CA THR D 8 -49.32 -54.06 -0.05
C THR D 8 -50.53 -53.68 -0.90
N THR D 9 -50.81 -54.52 -1.89
CA THR D 9 -52.00 -54.39 -2.76
C THR D 9 -53.27 -54.71 -1.98
N ASP D 10 -53.16 -55.53 -0.92
CA ASP D 10 -54.35 -55.87 -0.11
C ASP D 10 -54.48 -54.99 1.17
N ASP D 11 -53.98 -53.76 1.06
CA ASP D 11 -54.18 -52.65 2.02
C ASP D 11 -53.58 -52.90 3.39
N LYS D 12 -52.35 -53.38 3.40
CA LYS D 12 -51.67 -53.66 4.64
C LYS D 12 -50.41 -52.85 4.64
N SER D 13 -50.09 -52.30 5.81
CA SER D 13 -48.84 -51.58 5.98
C SER D 13 -47.82 -52.45 6.74
N LEU D 14 -46.57 -52.47 6.27
CA LEU D 14 -45.53 -53.27 6.92
C LEU D 14 -44.34 -52.37 7.11
N PHE D 15 -43.56 -52.62 8.15
CA PHE D 15 -42.35 -51.83 8.38
C PHE D 15 -41.25 -52.83 8.71
N ALA D 16 -40.02 -52.53 8.26
CA ALA D 16 -38.89 -53.43 8.53
C ALA D 16 -37.61 -52.68 8.84
N ARG D 17 -36.68 -53.32 9.55
CA ARG D 17 -35.39 -52.69 9.83
C ARG D 17 -34.28 -53.73 10.02
N THR D 18 -33.05 -53.29 9.70
CA THR D 18 -31.86 -54.01 10.06
C THR D 18 -31.35 -53.37 11.34
N MET D 19 -30.77 -54.17 12.21
CA MET D 19 -30.14 -53.66 13.42
C MET D 19 -28.68 -53.96 13.24
N ASP D 20 -27.90 -52.89 13.08
CA ASP D 20 -26.48 -53.02 12.85
C ASP D 20 -25.78 -52.51 14.08
N PHE D 21 -24.87 -53.30 14.64
CA PHE D 21 -24.18 -52.88 15.85
C PHE D 21 -22.90 -53.72 16.07
N THR D 22 -22.17 -53.41 17.12
CA THR D 22 -20.85 -54.01 17.36
C THR D 22 -20.87 -55.13 18.40
N MET D 23 -21.94 -55.22 19.16
CA MET D 23 -22.08 -56.32 20.12
C MET D 23 -23.53 -56.71 20.17
N GLU D 24 -23.76 -57.92 20.65
CA GLU D 24 -25.10 -58.47 20.82
C GLU D 24 -25.34 -58.45 22.32
N PRO D 25 -25.99 -57.41 22.85
CA PRO D 25 -26.49 -57.48 24.23
C PRO D 25 -27.62 -58.51 24.20
N ASP D 26 -27.95 -59.09 25.34
CA ASP D 26 -28.98 -60.09 25.37
C ASP D 26 -30.28 -59.47 24.87
N SER D 27 -30.72 -59.91 23.68
CA SER D 27 -31.90 -59.39 23.00
C SER D 27 -32.84 -60.54 22.63
N LYS D 28 -34.13 -60.26 22.62
CA LYS D 28 -35.14 -61.29 22.36
C LYS D 28 -36.39 -60.59 21.86
N VAL D 29 -37.39 -61.35 21.45
CA VAL D 29 -38.70 -60.81 21.14
C VAL D 29 -39.45 -60.66 22.48
N ILE D 30 -39.96 -59.46 22.70
CA ILE D 30 -40.68 -59.12 23.95
C ILE D 30 -42.09 -58.69 23.61
N ILE D 31 -43.09 -59.34 24.22
CA ILE D 31 -44.46 -58.84 24.25
C ILE D 31 -44.70 -58.20 25.61
N VAL D 32 -44.99 -56.89 25.57
CA VAL D 32 -45.36 -56.14 26.78
C VAL D 32 -46.89 -56.08 26.83
N PRO D 33 -47.50 -56.60 27.89
CA PRO D 33 -48.97 -56.60 27.97
C PRO D 33 -49.48 -55.22 28.41
N ARG D 34 -50.79 -55.02 28.33
CA ARG D 34 -51.39 -53.78 28.84
C ARG D 34 -51.10 -53.59 30.31
N ASN D 35 -50.95 -52.34 30.71
CA ASN D 35 -50.85 -51.93 32.11
C ASN D 35 -49.64 -52.56 32.79
N TYR D 36 -48.61 -52.87 32.01
CA TYR D 36 -47.38 -53.38 32.59
C TYR D 36 -46.65 -52.28 33.37
N GLY D 37 -46.59 -51.08 32.79
CA GLY D 37 -45.94 -49.95 33.43
C GLY D 37 -44.54 -49.82 32.85
N ILE D 38 -44.21 -48.64 32.36
CA ILE D 38 -42.90 -48.42 31.77
C ILE D 38 -42.30 -47.17 32.35
N ARG D 39 -41.06 -47.24 32.85
CA ARG D 39 -40.36 -46.05 33.36
C ARG D 39 -40.12 -44.99 32.27
N LEU D 40 -40.03 -43.74 32.73
CA LEU D 40 -39.55 -42.64 31.90
C LEU D 40 -38.02 -42.48 31.96
N LEU D 41 -37.48 -42.54 33.17
CA LEU D 41 -36.06 -42.40 33.42
C LEU D 41 -35.57 -43.57 34.24
N GLU D 42 -34.39 -44.06 33.91
CA GLU D 42 -33.83 -45.18 34.66
C GLU D 42 -33.41 -44.79 36.10
N LYS D 43 -33.07 -43.52 36.35
CA LYS D 43 -32.63 -43.13 37.69
C LYS D 43 -33.76 -42.55 38.58
N GLU D 44 -35.00 -42.70 38.11
CA GLU D 44 -36.18 -42.22 38.83
C GLU D 44 -37.21 -43.36 38.74
N ASN D 45 -38.06 -43.54 39.74
CA ASN D 45 -39.05 -44.61 39.62
C ASN D 45 -40.46 -44.08 39.30
N VAL D 46 -40.57 -43.13 38.36
CA VAL D 46 -41.87 -42.76 37.79
C VAL D 46 -42.22 -43.70 36.62
N VAL D 47 -43.45 -44.22 36.63
CA VAL D 47 -43.90 -45.26 35.73
C VAL D 47 -45.16 -44.75 35.02
N ILE D 48 -45.27 -44.97 33.72
CA ILE D 48 -46.52 -44.68 32.99
C ILE D 48 -47.17 -46.02 32.73
N ASN D 49 -48.42 -46.20 33.19
CA ASN D 49 -49.16 -47.39 32.83
C ASN D 49 -49.56 -47.37 31.36
N ASN D 50 -49.10 -48.35 30.58
CA ASN D 50 -49.35 -48.30 29.15
C ASN D 50 -50.74 -48.80 28.80
N SER D 51 -51.47 -48.03 28.02
CA SER D 51 -52.77 -48.45 27.48
C SER D 51 -52.74 -49.73 26.65
N TYR D 52 -51.67 -49.89 25.87
CA TYR D 52 -51.65 -50.85 24.75
C TYR D 52 -50.56 -51.87 24.93
N ALA D 53 -50.87 -53.12 24.54
CA ALA D 53 -49.82 -54.17 24.43
C ALA D 53 -49.07 -54.01 23.12
N PHE D 54 -47.82 -54.47 23.10
CA PHE D 54 -47.06 -54.38 21.84
C PHE D 54 -46.02 -55.49 21.80
N VAL D 55 -45.46 -55.76 20.61
CA VAL D 55 -44.47 -56.81 20.44
C VAL D 55 -43.33 -56.21 19.64
N GLY D 56 -42.10 -56.56 20.00
CA GLY D 56 -40.95 -56.19 19.20
C GLY D 56 -39.66 -56.80 19.68
N MET D 57 -38.56 -56.34 19.09
CA MET D 57 -37.24 -56.81 19.58
C MET D 57 -36.77 -55.88 20.64
N GLY D 58 -36.17 -56.42 21.69
CA GLY D 58 -35.59 -55.54 22.69
C GLY D 58 -34.83 -56.26 23.76
N SER D 59 -34.63 -55.53 24.88
CA SER D 59 -33.80 -55.97 25.99
C SER D 59 -34.56 -55.88 27.30
N THR D 60 -34.34 -56.84 28.20
CA THR D 60 -34.95 -56.79 29.54
C THR D 60 -33.89 -56.51 30.59
N ASP D 61 -32.76 -55.96 30.14
CA ASP D 61 -31.59 -55.77 30.99
C ASP D 61 -31.67 -54.61 31.98
N ILE D 62 -32.55 -53.65 31.70
CA ILE D 62 -32.80 -52.57 32.66
C ILE D 62 -34.23 -52.61 33.24
N THR D 63 -34.63 -51.59 34.01
CA THR D 63 -35.84 -51.71 34.83
C THR D 63 -37.10 -52.04 34.08
N SER D 64 -37.31 -51.31 32.99
CA SER D 64 -38.44 -51.57 32.09
C SER D 64 -37.91 -52.13 30.78
N PRO D 65 -38.76 -52.82 29.98
CA PRO D 65 -38.35 -53.34 28.67
C PRO D 65 -37.98 -52.21 27.72
N VAL D 66 -36.87 -52.39 27.03
CA VAL D 66 -36.42 -51.45 26.02
C VAL D 66 -36.71 -52.10 24.68
N LEU D 67 -37.63 -51.51 23.93
CA LEU D 67 -37.96 -52.08 22.61
C LEU D 67 -37.16 -51.32 21.59
N TYR D 68 -36.54 -52.04 20.66
CA TYR D 68 -35.77 -51.41 19.58
C TYR D 68 -36.72 -51.03 18.43
N ASP D 69 -37.80 -51.79 18.28
CA ASP D 69 -38.79 -51.58 17.20
C ASP D 69 -39.96 -52.44 17.62
N GLY D 70 -41.10 -52.27 16.95
CA GLY D 70 -42.21 -53.16 17.29
C GLY D 70 -43.49 -52.65 16.73
N VAL D 71 -44.58 -53.37 17.01
CA VAL D 71 -45.92 -52.98 16.57
C VAL D 71 -46.85 -53.21 17.76
N ASN D 72 -47.81 -52.29 17.93
CA ASN D 72 -48.74 -52.45 19.06
C ASN D 72 -50.06 -52.99 18.60
N GLU D 73 -50.95 -53.25 19.56
CA GLU D 73 -52.25 -53.86 19.25
C GLU D 73 -53.17 -52.95 18.44
N LYS D 74 -52.79 -51.68 18.29
CA LYS D 74 -53.55 -50.75 17.44
C LYS D 74 -52.89 -50.45 16.08
N GLY D 75 -51.86 -51.20 15.72
CA GLY D 75 -51.31 -51.10 14.39
C GLY D 75 -50.21 -50.06 14.22
N LEU D 76 -49.80 -49.41 15.32
CA LEU D 76 -48.70 -48.43 15.25
C LEU D 76 -47.37 -49.20 15.26
N MET D 77 -46.46 -48.80 14.36
CA MET D 77 -45.17 -49.47 14.18
C MET D 77 -44.05 -48.46 14.36
N GLY D 78 -42.91 -48.87 14.88
CA GLY D 78 -41.87 -47.85 14.96
C GLY D 78 -40.53 -48.43 15.29
N ALA D 79 -39.50 -47.58 15.25
CA ALA D 79 -38.16 -48.03 15.63
C ALA D 79 -37.27 -46.89 16.04
N MET D 80 -36.27 -47.19 16.90
CA MET D 80 -35.18 -46.25 17.12
C MET D 80 -33.96 -46.74 16.31
N LEU D 81 -33.31 -45.80 15.63
CA LEU D 81 -32.09 -46.08 14.83
C LEU D 81 -30.97 -45.10 15.29
N TYR D 82 -29.73 -45.39 14.98
CA TYR D 82 -28.62 -44.46 15.35
C TYR D 82 -28.68 -43.13 14.62
N TYR D 83 -28.13 -42.11 15.23
CA TYR D 83 -28.16 -40.77 14.72
C TYR D 83 -26.90 -40.06 15.22
N ALA D 84 -25.74 -40.64 14.97
CA ALA D 84 -24.49 -40.14 15.55
C ALA D 84 -24.14 -38.74 15.06
N THR D 85 -23.58 -37.95 15.99
CA THR D 85 -23.12 -36.57 15.83
C THR D 85 -24.25 -35.57 15.63
N PHE D 86 -25.49 -36.05 15.49
CA PHE D 86 -26.63 -35.15 15.35
C PHE D 86 -27.54 -35.18 16.59
N ALA D 87 -27.71 -36.35 17.23
CA ALA D 87 -28.67 -36.40 18.33
C ALA D 87 -28.19 -35.48 19.46
N THR D 88 -29.11 -34.69 20.00
CA THR D 88 -28.79 -33.74 21.08
C THR D 88 -29.89 -33.82 22.14
N TYR D 89 -29.47 -34.04 23.38
CA TYR D 89 -30.40 -34.21 24.52
C TYR D 89 -30.14 -33.16 25.60
N ALA D 90 -31.12 -32.93 26.46
CA ALA D 90 -31.02 -31.83 27.43
C ALA D 90 -30.54 -32.41 28.75
N ASP D 91 -30.03 -31.54 29.62
CA ASP D 91 -29.76 -31.97 31.01
C ASP D 91 -30.99 -31.99 31.89
N GLU D 92 -31.89 -31.02 31.70
CA GLU D 92 -33.14 -30.90 32.47
C GLU D 92 -34.32 -30.78 31.49
N PRO D 93 -35.52 -31.20 31.91
CA PRO D 93 -36.73 -31.06 31.07
C PRO D 93 -37.13 -29.61 30.82
N LYS D 94 -37.67 -29.30 29.64
CA LYS D 94 -38.25 -27.98 29.43
C LYS D 94 -39.49 -27.85 30.29
N LYS D 95 -39.82 -26.59 30.63
CA LYS D 95 -41.09 -26.23 31.28
C LYS D 95 -42.29 -26.96 30.72
N GLY D 96 -43.06 -27.62 31.60
CA GLY D 96 -44.29 -28.26 31.19
C GLY D 96 -44.12 -29.70 30.70
N THR D 97 -42.90 -30.23 30.78
CA THR D 97 -42.61 -31.61 30.34
C THR D 97 -41.92 -32.45 31.40
N ARG D 98 -41.85 -33.76 31.18
CA ARG D 98 -41.06 -34.65 32.02
C ARG D 98 -39.89 -35.14 31.17
N GLY D 99 -38.76 -35.42 31.82
CA GLY D 99 -37.65 -36.05 31.13
C GLY D 99 -37.97 -37.49 30.73
N ILE D 100 -37.34 -37.95 29.65
CA ILE D 100 -37.44 -39.34 29.21
C ILE D 100 -36.06 -39.79 28.75
N ASN D 101 -35.66 -41.02 29.08
CA ASN D 101 -34.42 -41.56 28.55
C ASN D 101 -34.66 -41.95 27.07
N PRO D 102 -33.77 -41.54 26.16
CA PRO D 102 -33.94 -41.86 24.73
C PRO D 102 -34.19 -43.32 24.44
N VAL D 103 -33.72 -44.26 25.27
CA VAL D 103 -33.99 -45.65 24.99
C VAL D 103 -35.36 -46.18 25.40
N TYR D 104 -36.15 -45.36 26.11
CA TYR D 104 -37.53 -45.74 26.44
C TYR D 104 -38.57 -45.11 25.51
N VAL D 105 -38.15 -44.40 24.49
CA VAL D 105 -39.09 -43.70 23.63
C VAL D 105 -40.02 -44.70 22.87
N ILE D 106 -39.46 -45.76 22.27
CA ILE D 106 -40.29 -46.70 21.51
C ILE D 106 -41.27 -47.43 22.43
N SER D 107 -40.78 -47.92 23.56
CA SER D 107 -41.67 -48.59 24.52
C SER D 107 -42.81 -47.66 24.94
N GLN D 108 -42.48 -46.41 25.27
CA GLN D 108 -43.53 -45.45 25.66
C GLN D 108 -44.52 -45.13 24.55
N VAL D 109 -44.04 -44.94 23.33
CA VAL D 109 -44.95 -44.62 22.24
C VAL D 109 -45.84 -45.80 21.82
N LEU D 110 -45.26 -46.99 21.60
CA LEU D 110 -46.04 -48.16 21.27
C LEU D 110 -47.02 -48.51 22.39
N GLY D 111 -46.66 -48.18 23.62
CA GLY D 111 -47.57 -48.44 24.74
C GLY D 111 -48.79 -47.51 24.78
N ASN D 112 -48.70 -46.37 24.11
CA ASN D 112 -49.68 -45.30 24.39
C ASN D 112 -50.30 -44.51 23.20
N CYS D 113 -49.92 -44.80 21.97
CA CYS D 113 -50.31 -44.02 20.80
C CYS D 113 -50.89 -44.93 19.73
N VAL D 114 -51.77 -44.39 18.89
CA VAL D 114 -52.33 -45.17 17.78
C VAL D 114 -51.88 -44.64 16.40
N THR D 115 -52.03 -43.33 16.18
CA THR D 115 -51.67 -42.71 14.91
C THR D 115 -50.38 -41.91 14.99
N VAL D 116 -49.81 -41.58 13.86
CA VAL D 116 -48.60 -40.77 13.86
C VAL D 116 -48.85 -39.36 14.48
N ASP D 117 -50.05 -38.81 14.30
CA ASP D 117 -50.44 -37.59 15.03
C ASP D 117 -50.46 -37.73 16.56
N ASP D 118 -50.95 -38.87 17.06
CA ASP D 118 -50.87 -39.19 18.48
C ASP D 118 -49.43 -39.10 18.92
N VAL D 119 -48.52 -39.66 18.12
CA VAL D 119 -47.08 -39.69 18.48
C VAL D 119 -46.54 -38.29 18.60
N ILE D 120 -46.92 -37.44 17.65
CA ILE D 120 -46.38 -36.09 17.68
C ILE D 120 -46.90 -35.35 18.92
N GLU D 121 -48.18 -35.52 19.21
CA GLU D 121 -48.78 -34.93 20.42
C GLU D 121 -48.12 -35.47 21.69
N LYS D 122 -47.92 -36.78 21.77
CA LYS D 122 -47.32 -37.43 22.95
C LYS D 122 -45.96 -36.83 23.26
N LEU D 123 -45.08 -36.74 22.25
CA LEU D 123 -43.70 -36.30 22.51
C LEU D 123 -43.54 -34.84 22.95
N THR D 124 -44.55 -33.99 22.69
CA THR D 124 -44.55 -32.63 23.29
C THR D 124 -44.63 -32.59 24.85
N SER D 125 -45.04 -33.70 25.45
CA SER D 125 -45.07 -33.77 26.92
C SER D 125 -43.72 -34.22 27.52
N TYR D 126 -42.72 -34.48 26.65
CA TYR D 126 -41.42 -34.96 27.13
C TYR D 126 -40.23 -34.18 26.61
N THR D 127 -39.13 -34.23 27.36
CA THR D 127 -37.85 -33.73 26.89
C THR D 127 -36.86 -34.89 26.99
N LEU D 128 -36.18 -35.22 25.89
CA LEU D 128 -35.21 -36.30 25.94
C LEU D 128 -34.03 -35.84 26.77
N LEU D 129 -33.66 -36.60 27.79
CA LEU D 129 -32.51 -36.21 28.62
C LEU D 129 -31.27 -37.04 28.36
N ASN D 130 -30.11 -36.44 28.68
CA ASN D 130 -28.85 -37.13 28.55
C ASN D 130 -28.55 -38.11 29.66
N GLU D 131 -29.45 -39.09 29.81
CA GLU D 131 -29.34 -40.10 30.81
C GLU D 131 -28.77 -41.38 30.24
N ALA D 132 -27.71 -41.88 30.88
CA ALA D 132 -27.00 -43.07 30.43
C ALA D 132 -27.75 -44.36 30.76
N ASN D 133 -27.23 -45.51 30.32
CA ASN D 133 -27.84 -46.80 30.71
C ASN D 133 -26.74 -47.82 30.85
N ILE D 134 -27.00 -48.89 31.61
CA ILE D 134 -25.90 -49.83 31.93
C ILE D 134 -25.49 -50.79 30.80
N ILE D 135 -26.38 -50.99 29.82
CA ILE D 135 -26.05 -51.89 28.69
C ILE D 135 -24.93 -51.30 27.81
N LEU D 136 -24.99 -49.99 27.58
CA LEU D 136 -24.04 -49.29 26.73
C LEU D 136 -23.05 -48.45 27.53
N GLY D 137 -23.46 -47.97 28.70
CA GLY D 137 -22.65 -47.05 29.45
C GLY D 137 -22.83 -45.59 29.15
N PHE D 138 -23.66 -45.25 28.15
CA PHE D 138 -23.86 -43.84 27.77
C PHE D 138 -25.22 -43.77 27.10
N ALA D 139 -25.72 -42.54 26.88
CA ALA D 139 -26.98 -42.37 26.14
C ALA D 139 -26.68 -42.45 24.63
N PRO D 140 -27.20 -43.44 23.91
CA PRO D 140 -26.87 -43.56 22.47
C PRO D 140 -27.53 -42.41 21.72
N PRO D 141 -26.92 -41.93 20.64
CA PRO D 141 -27.50 -40.89 19.81
C PRO D 141 -28.52 -41.57 18.87
N LEU D 142 -29.77 -41.16 19.00
CA LEU D 142 -30.87 -41.86 18.32
C LEU D 142 -31.79 -40.92 17.53
N HIS D 143 -32.48 -41.47 16.51
CA HIS D 143 -33.65 -40.84 15.96
C HIS D 143 -34.71 -41.91 15.70
N TYR D 144 -35.94 -41.46 15.38
CA TYR D 144 -37.09 -42.38 15.51
C TYR D 144 -38.01 -42.30 14.33
N THR D 145 -38.54 -43.45 13.95
CA THR D 145 -39.45 -43.51 12.83
C THR D 145 -40.67 -44.25 13.34
N PHE D 146 -41.84 -43.81 12.86
CA PHE D 146 -43.12 -44.46 13.11
C PHE D 146 -43.98 -44.50 11.86
N THR D 147 -44.79 -45.56 11.77
CA THR D 147 -45.70 -45.75 10.60
C THR D 147 -46.97 -46.30 11.24
N ASP D 148 -48.12 -45.72 10.93
CA ASP D 148 -49.34 -46.24 11.56
C ASP D 148 -50.10 -47.10 10.55
N ALA D 149 -51.25 -47.58 10.96
CA ALA D 149 -52.03 -48.53 10.17
C ALA D 149 -52.38 -47.97 8.80
N SER D 150 -52.54 -46.65 8.71
CA SER D 150 -52.87 -46.02 7.43
C SER D 150 -51.69 -46.00 6.43
N GLY D 151 -50.47 -46.28 6.90
CA GLY D 151 -49.30 -46.20 6.05
C GLY D 151 -48.57 -44.86 6.10
N GLU D 152 -49.09 -43.89 6.86
CA GLU D 152 -48.37 -42.62 7.02
C GLU D 152 -47.14 -42.83 7.91
N SER D 153 -46.01 -42.23 7.52
CA SER D 153 -44.76 -42.38 8.30
C SER D 153 -44.25 -41.02 8.70
N ILE D 154 -43.59 -41.00 9.84
CA ILE D 154 -42.99 -39.78 10.33
C ILE D 154 -41.59 -40.08 10.86
N VAL D 155 -40.78 -39.03 10.91
CA VAL D 155 -39.44 -39.15 11.47
C VAL D 155 -39.36 -38.07 12.54
N ILE D 156 -38.77 -38.42 13.66
CA ILE D 156 -38.56 -37.53 14.80
C ILE D 156 -37.08 -37.49 15.14
N GLU D 157 -36.52 -36.30 15.06
CA GLU D 157 -35.06 -36.16 15.26
C GLU D 157 -34.70 -35.20 16.36
N PRO D 158 -33.97 -35.65 17.38
CA PRO D 158 -33.55 -34.71 18.45
C PRO D 158 -32.31 -33.95 18.00
N ASP D 159 -32.54 -32.83 17.32
CA ASP D 159 -31.47 -32.01 16.75
C ASP D 159 -30.98 -30.96 17.72
N LYS D 160 -29.91 -30.27 17.35
CA LYS D 160 -29.36 -29.24 18.25
C LYS D 160 -30.38 -28.15 18.56
N THR D 161 -31.16 -27.75 17.56
CA THR D 161 -32.21 -26.72 17.69
C THR D 161 -33.45 -27.17 18.46
N GLY D 162 -33.57 -28.47 18.74
CA GLY D 162 -34.78 -29.02 19.31
C GLY D 162 -35.27 -30.22 18.51
N ILE D 163 -36.45 -30.72 18.88
CA ILE D 163 -37.10 -31.81 18.10
C ILE D 163 -37.54 -31.32 16.72
N THR D 164 -37.10 -32.04 15.69
CA THR D 164 -37.49 -31.78 14.31
C THR D 164 -38.43 -32.90 13.92
N ILE D 165 -39.65 -32.54 13.53
CA ILE D 165 -40.62 -33.52 13.05
C ILE D 165 -40.71 -33.45 11.55
N HIS D 166 -40.73 -34.59 10.88
CA HIS D 166 -41.00 -34.67 9.46
C HIS D 166 -42.23 -35.55 9.25
N ARG D 167 -43.24 -34.95 8.62
CA ARG D 167 -44.51 -35.60 8.37
C ARG D 167 -44.62 -36.16 6.98
N LYS D 168 -45.49 -37.16 6.81
CA LYS D 168 -45.72 -37.82 5.50
C LYS D 168 -44.43 -38.03 4.68
N THR D 169 -43.47 -38.73 5.27
CA THR D 169 -42.16 -38.92 4.61
C THR D 169 -42.24 -40.06 3.59
N ILE D 170 -41.13 -40.32 2.90
CA ILE D 170 -41.10 -41.41 1.92
C ILE D 170 -41.07 -42.80 2.55
N GLY D 171 -41.06 -42.87 3.89
CA GLY D 171 -41.00 -44.16 4.59
C GLY D 171 -39.67 -44.91 4.42
N VAL D 172 -38.55 -44.20 4.61
CA VAL D 172 -37.19 -44.78 4.60
C VAL D 172 -36.43 -44.01 5.65
N MET D 173 -35.63 -44.69 6.43
CA MET D 173 -34.80 -43.98 7.40
C MET D 173 -33.55 -44.82 7.73
N THR D 174 -32.38 -44.18 7.80
CA THR D 174 -31.16 -44.93 8.17
C THR D 174 -30.56 -44.24 9.40
N ALA D 175 -29.40 -43.63 9.25
CA ALA D 175 -28.77 -42.90 10.33
C ALA D 175 -28.49 -41.46 9.88
N SER D 176 -27.49 -40.82 10.47
CA SER D 176 -27.21 -39.42 10.14
C SER D 176 -26.83 -39.18 8.65
N PRO D 177 -27.01 -37.98 8.10
CA PRO D 177 -27.57 -36.79 8.77
C PRO D 177 -29.09 -36.77 8.85
N GLY D 178 -29.69 -35.58 8.97
CA GLY D 178 -31.13 -35.43 9.24
C GLY D 178 -31.94 -35.80 8.02
N TYR D 179 -33.24 -35.99 8.23
CA TYR D 179 -34.09 -36.57 7.18
C TYR D 179 -34.16 -35.64 5.97
N GLU D 180 -34.16 -34.32 6.20
CA GLU D 180 -34.25 -33.38 5.09
C GLU D 180 -33.02 -33.50 4.20
N TRP D 181 -31.84 -33.71 4.80
CA TRP D 181 -30.64 -33.82 4.02
C TRP D 181 -30.74 -35.02 3.08
N HIS D 182 -31.15 -36.19 3.60
CA HIS D 182 -31.23 -37.37 2.74
C HIS D 182 -32.33 -37.18 1.69
N GLN D 183 -33.43 -36.56 2.10
CA GLN D 183 -34.53 -36.35 1.14
C GLN D 183 -34.07 -35.52 -0.05
N THR D 184 -33.26 -34.52 0.24
CA THR D 184 -32.66 -33.71 -0.83
C THR D 184 -31.62 -34.51 -1.65
N ASN D 185 -30.76 -35.27 -0.94
CA ASN D 185 -29.80 -36.14 -1.58
C ASN D 185 -30.46 -37.06 -2.63
N LEU D 186 -31.66 -37.54 -2.36
CA LEU D 186 -32.38 -38.37 -3.37
C LEU D 186 -32.31 -37.77 -4.77
N ARG D 187 -32.39 -36.43 -4.87
CA ARG D 187 -32.52 -35.78 -6.18
C ARG D 187 -31.28 -35.98 -7.06
N ALA D 188 -30.12 -36.17 -6.43
CA ALA D 188 -28.89 -36.35 -7.17
C ALA D 188 -28.81 -37.72 -7.87
N TYR D 189 -29.69 -38.65 -7.48
CA TYR D 189 -29.66 -40.02 -7.99
C TYR D 189 -30.88 -40.43 -8.79
N ILE D 190 -31.68 -39.47 -9.28
CA ILE D 190 -32.90 -39.86 -9.98
C ILE D 190 -32.66 -40.59 -11.28
N GLY D 191 -31.42 -40.46 -11.80
CA GLY D 191 -30.99 -41.24 -12.97
C GLY D 191 -30.72 -42.72 -12.69
N VAL D 192 -30.81 -43.12 -11.42
CA VAL D 192 -30.59 -44.54 -11.06
C VAL D 192 -31.91 -45.25 -11.31
N THR D 193 -31.95 -46.08 -12.37
CA THR D 193 -33.22 -46.77 -12.68
C THR D 193 -32.93 -48.20 -13.06
N PRO D 194 -34.01 -48.98 -13.25
CA PRO D 194 -33.82 -50.35 -13.74
C PRO D 194 -33.42 -50.51 -15.20
N ASN D 195 -33.57 -49.44 -15.99
CA ASN D 195 -33.46 -49.59 -17.43
C ASN D 195 -32.07 -49.36 -17.99
N PRO D 196 -31.62 -50.18 -18.94
CA PRO D 196 -30.29 -50.04 -19.49
C PRO D 196 -30.14 -48.78 -20.34
N PRO D 197 -28.93 -48.21 -20.32
CA PRO D 197 -28.64 -47.08 -21.18
C PRO D 197 -28.55 -47.52 -22.64
N GLN D 198 -28.85 -46.61 -23.58
CA GLN D 198 -28.69 -46.91 -25.01
C GLN D 198 -27.23 -47.11 -25.43
N ASP D 199 -27.00 -48.02 -26.38
CA ASP D 199 -25.67 -48.21 -26.97
C ASP D 199 -25.18 -46.90 -27.56
N ILE D 200 -23.87 -46.69 -27.52
CA ILE D 200 -23.25 -45.54 -28.21
C ILE D 200 -22.12 -46.02 -29.15
N MET D 201 -21.63 -45.09 -29.96
CA MET D 201 -20.42 -45.27 -30.74
C MET D 201 -19.37 -44.29 -30.30
N MET D 202 -18.11 -44.73 -30.33
CA MET D 202 -16.99 -43.79 -30.29
C MET D 202 -16.14 -44.09 -31.49
N GLY D 203 -16.16 -43.19 -32.48
CA GLY D 203 -15.53 -43.50 -33.76
C GLY D 203 -16.28 -44.67 -34.37
N ASP D 204 -15.52 -45.66 -34.81
CA ASP D 204 -16.04 -46.85 -35.45
C ASP D 204 -16.31 -47.97 -34.42
N LEU D 205 -16.14 -47.64 -33.13
CA LEU D 205 -16.35 -48.61 -32.05
C LEU D 205 -17.78 -48.60 -31.48
N ASP D 206 -18.50 -49.72 -31.52
CA ASP D 206 -19.82 -49.81 -30.89
C ASP D 206 -19.59 -50.18 -29.42
N LEU D 207 -20.28 -49.50 -28.52
CA LEU D 207 -20.15 -49.77 -27.09
C LEU D 207 -21.50 -50.14 -26.50
N THR D 208 -21.59 -51.31 -25.87
CA THR D 208 -22.83 -51.83 -25.29
C THR D 208 -22.51 -52.27 -23.84
N PRO D 209 -23.50 -52.39 -22.95
CA PRO D 209 -23.21 -52.86 -21.58
C PRO D 209 -22.59 -54.25 -21.53
N PHE D 210 -21.93 -54.55 -20.40
CA PHE D 210 -21.37 -55.88 -20.19
C PHE D 210 -22.43 -56.97 -20.06
N GLY D 211 -23.57 -56.59 -19.49
CA GLY D 211 -24.67 -57.51 -19.28
C GLY D 211 -25.96 -56.77 -19.01
N GLN D 212 -26.42 -56.84 -17.76
CA GLN D 212 -27.60 -56.14 -17.32
C GLN D 212 -27.20 -55.19 -16.19
N GLY D 213 -28.18 -54.41 -15.73
CA GLY D 213 -28.03 -53.60 -14.53
C GLY D 213 -27.39 -52.22 -14.66
N ALA D 214 -27.00 -51.84 -15.87
CA ALA D 214 -26.27 -50.57 -16.08
C ALA D 214 -27.13 -49.32 -15.82
N GLY D 215 -28.46 -49.47 -15.79
CA GLY D 215 -29.29 -48.35 -15.34
C GLY D 215 -28.98 -47.86 -13.93
N GLY D 216 -28.39 -48.71 -13.08
CA GLY D 216 -28.08 -48.25 -11.75
C GLY D 216 -26.78 -47.50 -11.56
N LEU D 217 -26.01 -47.32 -12.64
CA LEU D 217 -24.74 -46.58 -12.58
C LEU D 217 -24.87 -45.29 -11.77
N GLY D 218 -23.99 -45.13 -10.79
CA GLY D 218 -23.99 -43.92 -9.95
C GLY D 218 -24.46 -44.20 -8.53
N LEU D 219 -25.20 -45.28 -8.31
CA LEU D 219 -25.63 -45.61 -6.97
C LEU D 219 -24.39 -46.17 -6.21
N PRO D 220 -24.09 -45.66 -5.03
CA PRO D 220 -22.95 -46.20 -4.22
C PRO D 220 -23.26 -47.54 -3.53
N GLY D 221 -22.21 -48.36 -3.31
CA GLY D 221 -22.34 -49.67 -2.70
C GLY D 221 -21.76 -49.79 -1.31
N ASP D 222 -21.25 -48.67 -0.78
CA ASP D 222 -20.63 -48.72 0.56
C ASP D 222 -21.74 -48.73 1.63
N PHE D 223 -21.35 -48.89 2.91
CA PHE D 223 -22.34 -49.01 4.00
C PHE D 223 -22.55 -47.75 4.86
N THR D 224 -22.17 -46.60 4.31
CA THR D 224 -22.46 -45.31 5.01
C THR D 224 -23.97 -45.08 5.07
N PRO D 225 -24.43 -44.33 6.07
CA PRO D 225 -25.87 -44.09 6.23
C PRO D 225 -26.46 -43.41 5.02
N SER D 226 -25.69 -42.51 4.38
CA SER D 226 -26.21 -41.83 3.18
C SER D 226 -26.34 -42.85 2.00
N ALA D 227 -25.36 -43.76 1.86
CA ALA D 227 -25.43 -44.73 0.77
C ALA D 227 -26.57 -45.73 1.06
N ARG D 228 -26.65 -46.16 2.34
CA ARG D 228 -27.72 -47.10 2.75
C ARG D 228 -29.11 -46.49 2.44
N PHE D 229 -29.28 -45.21 2.74
CA PHE D 229 -30.56 -44.50 2.50
C PHE D 229 -30.89 -44.54 1.01
N LEU D 230 -29.91 -44.21 0.18
CA LEU D 230 -30.12 -44.27 -1.28
C LEU D 230 -30.56 -45.63 -1.81
N ARG D 231 -29.83 -46.68 -1.39
CA ARG D 231 -30.16 -48.03 -1.84
C ARG D 231 -31.57 -48.42 -1.35
N VAL D 232 -31.86 -48.16 -0.08
CA VAL D 232 -33.19 -48.58 0.44
C VAL D 232 -34.29 -47.79 -0.29
N ALA D 233 -34.07 -46.47 -0.47
CA ALA D 233 -35.07 -45.63 -1.19
C ALA D 233 -35.28 -46.00 -2.69
N TYR D 234 -34.20 -46.17 -3.43
CA TYR D 234 -34.30 -46.53 -4.84
C TYR D 234 -34.86 -47.92 -5.02
N TRP D 235 -34.41 -48.86 -4.19
CA TRP D 235 -34.93 -50.22 -4.39
C TRP D 235 -36.35 -50.35 -3.86
N LYS D 236 -36.74 -49.56 -2.84
CA LYS D 236 -38.17 -49.49 -2.49
C LYS D 236 -39.02 -48.98 -3.69
N LYS D 237 -38.51 -47.97 -4.36
CA LYS D 237 -39.25 -47.42 -5.50
C LYS D 237 -39.45 -48.48 -6.59
N TYR D 238 -38.40 -49.24 -6.90
CA TYR D 238 -38.46 -50.12 -8.07
C TYR D 238 -38.81 -51.59 -7.84
N THR D 239 -38.70 -52.06 -6.59
CA THR D 239 -39.08 -53.46 -6.30
C THR D 239 -40.61 -53.58 -6.52
N GLU D 240 -41.04 -54.67 -7.16
CA GLU D 240 -42.47 -54.96 -7.41
C GLU D 240 -43.26 -54.83 -6.12
N LYS D 241 -44.44 -54.24 -6.24
CA LYS D 241 -45.39 -54.16 -5.13
C LYS D 241 -45.76 -55.51 -4.54
N ALA D 242 -45.84 -55.57 -3.20
CA ALA D 242 -46.17 -56.84 -2.53
C ALA D 242 -47.68 -57.01 -2.63
N LYS D 243 -48.14 -58.21 -2.97
CA LYS D 243 -49.58 -58.48 -3.17
C LYS D 243 -50.28 -58.85 -1.86
N ASN D 244 -49.52 -59.21 -0.82
CA ASN D 244 -50.09 -59.68 0.41
C ASN D 244 -49.01 -59.62 1.49
N GLU D 245 -49.38 -60.00 2.69
CA GLU D 245 -48.52 -59.82 3.84
C GLU D 245 -47.21 -60.61 3.69
N THR D 246 -47.27 -61.86 3.22
CA THR D 246 -46.05 -62.65 3.06
C THR D 246 -45.09 -62.03 2.04
N GLU D 247 -45.61 -61.64 0.88
CA GLU D 247 -44.79 -61.00 -0.12
C GLU D 247 -44.24 -59.71 0.45
N GLY D 248 -45.00 -59.02 1.32
CA GLY D 248 -44.48 -57.83 1.98
C GLY D 248 -43.23 -58.11 2.83
N VAL D 249 -43.27 -59.15 3.62
CA VAL D 249 -42.09 -59.52 4.42
C VAL D 249 -40.95 -59.92 3.47
N THR D 250 -41.24 -60.82 2.55
CA THR D 250 -40.21 -61.23 1.60
C THR D 250 -39.54 -60.02 0.89
N ASN D 251 -40.36 -59.12 0.38
CA ASN D 251 -39.83 -57.98 -0.36
C ASN D 251 -39.00 -57.07 0.53
N LEU D 252 -39.51 -56.75 1.70
CA LEU D 252 -38.75 -55.94 2.69
C LEU D 252 -37.38 -56.53 2.91
N PHE D 253 -37.32 -57.84 3.11
CA PHE D 253 -36.03 -58.44 3.37
C PHE D 253 -35.11 -58.43 2.14
N HIS D 254 -35.70 -58.49 0.93
CA HIS D 254 -34.89 -58.40 -0.28
C HIS D 254 -34.32 -56.97 -0.42
N ILE D 255 -35.16 -55.98 -0.11
CA ILE D 255 -34.69 -54.61 -0.25
C ILE D 255 -33.58 -54.40 0.80
N LEU D 256 -33.78 -54.94 1.99
CA LEU D 256 -32.75 -54.74 3.02
C LEU D 256 -31.52 -55.61 2.82
N SER D 257 -31.57 -56.60 1.92
CA SER D 257 -30.31 -57.38 1.68
C SER D 257 -29.21 -56.49 1.10
N SER D 258 -29.60 -55.42 0.40
CA SER D 258 -28.62 -54.52 -0.19
C SER D 258 -27.94 -53.70 0.89
N VAL D 259 -28.47 -53.70 2.10
CA VAL D 259 -27.80 -53.04 3.20
C VAL D 259 -27.51 -54.00 4.37
N ASN D 260 -27.41 -55.29 4.09
CA ASN D 260 -27.07 -56.27 5.12
C ASN D 260 -25.54 -56.34 5.23
N ILE D 261 -24.96 -56.18 6.42
CA ILE D 261 -23.52 -55.97 6.53
C ILE D 261 -22.88 -57.24 7.06
N PRO D 262 -22.09 -57.95 6.27
CA PRO D 262 -21.34 -59.14 6.77
C PRO D 262 -20.34 -58.77 7.86
N LYS D 263 -20.08 -59.68 8.80
CA LYS D 263 -19.05 -59.45 9.81
C LYS D 263 -17.71 -59.29 9.15
N GLY D 264 -17.07 -58.18 9.49
CA GLY D 264 -15.71 -57.89 9.07
C GLY D 264 -15.63 -56.78 8.03
N VAL D 265 -16.74 -56.55 7.33
CA VAL D 265 -16.75 -55.65 6.20
C VAL D 265 -16.80 -54.20 6.67
N VAL D 266 -17.37 -53.93 7.85
CA VAL D 266 -17.29 -52.54 8.37
C VAL D 266 -16.68 -52.57 9.81
N LEU D 267 -15.59 -51.83 10.00
CA LEU D 267 -14.99 -51.69 11.35
C LEU D 267 -15.10 -50.27 11.86
N THR D 268 -15.32 -50.13 13.15
CA THR D 268 -15.30 -48.80 13.74
C THR D 268 -13.86 -48.32 13.87
N ASN D 269 -13.69 -47.09 14.30
CA ASN D 269 -12.35 -46.50 14.43
C ASN D 269 -11.55 -47.14 15.56
N GLU D 270 -12.20 -47.97 16.38
CA GLU D 270 -11.53 -48.83 17.38
C GLU D 270 -11.35 -50.27 16.94
N GLY D 271 -11.76 -50.58 15.71
CA GLY D 271 -11.60 -51.92 15.17
C GLY D 271 -12.66 -52.91 15.59
N LYS D 272 -13.80 -52.43 16.08
CA LYS D 272 -14.97 -53.26 16.41
C LYS D 272 -15.79 -53.55 15.15
N THR D 273 -16.30 -54.76 15.01
CA THR D 273 -16.97 -55.05 13.78
C THR D 273 -18.45 -54.71 13.93
N ASP D 274 -18.90 -53.93 12.96
CA ASP D 274 -20.24 -53.42 12.99
C ASP D 274 -20.98 -54.23 11.90
N TYR D 275 -22.01 -54.97 12.31
CA TYR D 275 -22.63 -55.95 11.41
C TYR D 275 -24.12 -56.04 11.60
N THR D 276 -24.83 -56.63 10.63
CA THR D 276 -26.26 -56.79 10.78
C THR D 276 -26.63 -57.99 11.66
N ILE D 277 -26.92 -57.65 12.92
CA ILE D 277 -27.25 -58.64 13.97
C ILE D 277 -28.59 -59.34 13.69
N TYR D 278 -29.58 -58.55 13.23
CA TYR D 278 -30.89 -59.09 12.84
C TYR D 278 -31.64 -58.20 11.88
N THR D 279 -32.67 -58.77 11.28
CA THR D 279 -33.54 -58.04 10.38
C THR D 279 -34.94 -58.42 10.81
N SER D 280 -35.78 -57.42 11.02
CA SER D 280 -37.16 -57.67 11.46
C SER D 280 -38.17 -56.94 10.54
N ALA D 281 -39.40 -57.45 10.52
CA ALA D 281 -40.49 -56.80 9.79
C ALA D 281 -41.72 -56.94 10.69
N MET D 282 -42.70 -56.10 10.48
CA MET D 282 -43.93 -56.19 11.30
C MET D 282 -45.09 -55.63 10.46
N CYS D 283 -46.30 -56.07 10.75
CA CYS D 283 -47.47 -55.69 9.92
C CYS D 283 -48.54 -55.05 10.82
N ALA D 284 -49.02 -53.89 10.43
CA ALA D 284 -49.92 -53.12 11.29
C ALA D 284 -51.28 -53.81 11.46
N GLN D 285 -51.79 -54.37 10.37
CA GLN D 285 -53.14 -54.99 10.37
C GLN D 285 -53.20 -56.32 11.12
N SER D 286 -52.21 -57.19 10.93
CA SER D 286 -52.17 -58.49 11.63
C SER D 286 -51.55 -58.47 13.00
N LYS D 287 -50.66 -57.50 13.21
CA LYS D 287 -49.84 -57.38 14.42
C LYS D 287 -48.91 -58.57 14.58
N ASN D 288 -48.43 -59.08 13.44
CA ASN D 288 -47.41 -60.13 13.42
C ASN D 288 -46.04 -59.50 13.38
N TYR D 289 -45.08 -60.10 14.07
CA TYR D 289 -43.69 -59.62 14.10
C TYR D 289 -42.86 -60.73 13.54
N TYR D 290 -41.95 -60.38 12.61
CA TYR D 290 -41.14 -61.38 11.93
C TYR D 290 -39.69 -61.02 12.11
N PHE D 291 -38.80 -62.00 12.24
CA PHE D 291 -37.36 -61.71 12.27
C PHE D 291 -36.50 -62.87 11.75
N LYS D 292 -35.33 -62.48 11.22
CA LYS D 292 -34.23 -63.45 10.95
C LYS D 292 -33.00 -62.88 11.55
N LEU D 293 -31.97 -63.70 11.67
CA LEU D 293 -30.78 -63.34 12.45
C LEU D 293 -29.53 -63.51 11.57
N TYR D 294 -28.43 -62.87 11.99
CA TYR D 294 -27.16 -63.04 11.27
C TYR D 294 -26.86 -64.54 11.02
N ASP D 295 -27.07 -65.38 12.04
CA ASP D 295 -26.69 -66.82 11.96
C ASP D 295 -27.83 -67.73 11.51
N ASN D 296 -29.00 -67.14 11.25
CA ASN D 296 -30.17 -67.95 10.85
C ASN D 296 -31.10 -67.18 9.88
N SER D 297 -31.13 -67.69 8.67
CA SER D 297 -31.83 -67.10 7.56
C SER D 297 -33.34 -67.39 7.58
N ARG D 298 -33.76 -68.34 8.43
CA ARG D 298 -35.13 -68.74 8.49
C ARG D 298 -35.89 -67.68 9.31
N ILE D 299 -36.93 -67.15 8.71
CA ILE D 299 -37.76 -66.15 9.34
C ILE D 299 -38.63 -66.83 10.42
N SER D 300 -38.61 -66.26 11.62
CA SER D 300 -39.55 -66.66 12.69
C SER D 300 -40.63 -65.61 12.84
N ALA D 301 -41.79 -66.02 13.36
CA ALA D 301 -42.90 -65.07 13.50
C ALA D 301 -43.61 -65.23 14.85
N VAL D 302 -43.94 -64.08 15.43
CA VAL D 302 -44.71 -64.03 16.67
C VAL D 302 -45.95 -63.22 16.43
N SER D 303 -47.11 -63.77 16.82
CA SER D 303 -48.36 -63.00 16.71
C SER D 303 -48.70 -62.36 18.06
N LEU D 304 -48.84 -61.05 18.09
CA LEU D 304 -49.22 -60.32 19.29
C LEU D 304 -50.57 -60.75 19.84
N MET D 305 -51.57 -60.77 18.96
CA MET D 305 -52.96 -61.02 19.34
C MET D 305 -53.19 -62.47 19.82
N ALA D 306 -52.25 -63.36 19.52
CA ALA D 306 -52.38 -64.74 19.99
C ALA D 306 -52.26 -64.85 21.50
N GLU D 307 -51.68 -63.85 22.13
CA GLU D 307 -51.40 -63.91 23.56
C GLU D 307 -52.45 -63.20 24.44
N ASN D 308 -52.36 -63.43 25.74
CA ASN D 308 -53.24 -62.77 26.70
C ASN D 308 -52.65 -61.41 26.96
N LEU D 309 -53.26 -60.41 26.33
CA LEU D 309 -52.74 -59.07 26.39
C LEU D 309 -52.94 -58.43 27.77
N ASN D 310 -53.63 -59.14 28.67
CA ASN D 310 -53.70 -58.70 30.07
C ASN D 310 -52.81 -59.49 30.97
N SER D 311 -51.85 -60.23 30.39
CA SER D 311 -50.90 -60.96 31.21
C SER D 311 -50.25 -60.08 32.22
N GLN D 312 -49.89 -60.68 33.35
CA GLN D 312 -49.14 -59.98 34.38
C GLN D 312 -47.66 -59.79 33.97
N ASP D 313 -47.07 -60.80 33.32
CA ASP D 313 -45.64 -60.79 33.00
C ASP D 313 -45.42 -60.53 31.50
N LEU D 314 -44.21 -60.07 31.15
CA LEU D 314 -43.73 -60.13 29.77
C LEU D 314 -43.78 -61.56 29.23
N ILE D 315 -44.09 -61.69 27.94
CA ILE D 315 -43.96 -62.94 27.19
C ILE D 315 -42.77 -62.77 26.24
N THR D 316 -41.75 -63.64 26.36
CA THR D 316 -40.54 -63.51 25.53
C THR D 316 -40.26 -64.74 24.68
N PHE D 317 -39.59 -64.47 23.56
CA PHE D 317 -39.18 -65.54 22.66
C PHE D 317 -37.71 -65.38 22.39
N GLU D 318 -36.92 -66.42 22.64
CA GLU D 318 -35.47 -66.33 22.51
C GLU D 318 -35.02 -66.59 21.08
N TRP D 319 -33.92 -65.95 20.71
CA TRP D 319 -33.27 -66.18 19.41
C TRP D 319 -32.77 -67.60 19.27
N ASP D 320 -32.86 -68.14 18.07
CA ASP D 320 -32.24 -69.42 17.75
C ASP D 320 -31.13 -69.08 16.78
N ARG D 321 -29.89 -69.09 17.26
CA ARG D 321 -28.76 -68.71 16.41
C ARG D 321 -28.19 -69.85 15.58
N LYS D 322 -28.87 -70.98 15.53
CA LYS D 322 -28.45 -72.08 14.68
C LYS D 322 -29.09 -71.85 13.32
N GLN D 323 -28.29 -71.82 12.25
CA GLN D 323 -28.84 -71.83 10.88
C GLN D 323 -29.85 -72.97 10.71
N ASP D 324 -31.10 -72.61 10.41
CA ASP D 324 -32.19 -73.58 10.48
C ASP D 324 -32.38 -74.24 9.13
N ILE D 325 -31.58 -75.26 8.88
CA ILE D 325 -31.48 -75.86 7.57
C ILE D 325 -32.46 -77.02 7.49
N LYS D 326 -33.30 -77.00 6.47
CA LYS D 326 -34.23 -78.10 6.24
C LYS D 326 -33.48 -79.20 5.51
N GLN D 327 -33.34 -80.35 6.17
CA GLN D 327 -32.71 -81.52 5.55
C GLN D 327 -33.69 -82.21 4.61
N LEU D 328 -33.41 -82.23 3.30
CA LEU D 328 -34.32 -82.88 2.34
C LEU D 328 -34.11 -84.41 2.22
N ASN D 329 -33.12 -84.85 2.97
CA ASN D 329 -32.82 -86.27 2.90
C ASN D 329 -31.76 -86.41 4.01
N GLN D 330 -31.38 -87.56 4.32
CA GLN D 330 -30.70 -87.66 5.60
C GLN D 330 -29.69 -86.52 5.74
N CYS E 1 3.32 51.05 20.78
CA CYS E 1 3.84 51.04 22.17
C CYS E 1 4.81 49.89 22.41
N SER E 2 5.60 50.03 23.46
CA SER E 2 6.57 49.00 23.83
C SER E 2 6.65 48.94 25.35
N SER E 3 6.94 47.77 25.89
CA SER E 3 6.87 47.63 27.36
C SER E 3 7.78 46.50 27.80
N LEU E 4 8.25 46.57 29.06
CA LEU E 4 9.02 45.49 29.65
C LEU E 4 8.91 45.59 31.18
N SER E 5 9.27 44.49 31.85
CA SER E 5 9.53 44.55 33.31
C SER E 5 10.95 44.11 33.55
N ILE E 6 11.50 44.49 34.69
CA ILE E 6 12.79 43.97 35.13
C ILE E 6 12.63 43.63 36.58
N ARG E 7 13.64 42.96 37.10
CA ARG E 7 13.71 42.66 38.52
C ARG E 7 15.06 43.17 38.99
N THR E 8 15.10 43.98 40.05
CA THR E 8 16.36 44.51 40.56
C THR E 8 17.06 43.45 41.41
N THR E 9 18.33 43.68 41.73
CA THR E 9 19.09 42.74 42.55
C THR E 9 18.56 42.77 43.97
N ASP E 10 17.88 43.86 44.37
CA ASP E 10 17.27 43.94 45.71
C ASP E 10 15.78 43.52 45.70
N ASP E 11 15.42 42.75 44.66
CA ASP E 11 14.15 42.06 44.59
C ASP E 11 12.95 42.98 44.51
N LYS E 12 13.08 44.04 43.71
CA LYS E 12 11.96 44.91 43.44
C LYS E 12 11.58 44.60 42.00
N SER E 13 10.28 44.61 41.72
CA SER E 13 9.81 44.43 40.32
C SER E 13 9.38 45.79 39.81
N LEU E 14 9.85 46.17 38.61
CA LEU E 14 9.43 47.43 37.98
C LEU E 14 8.91 47.10 36.60
N PHE E 15 8.04 47.94 36.10
CA PHE E 15 7.47 47.76 34.76
C PHE E 15 7.47 49.14 34.10
N ALA E 16 7.75 49.14 32.80
CA ALA E 16 7.78 50.41 32.04
C ALA E 16 7.19 50.31 30.63
N ARG E 17 6.70 51.41 30.10
CA ARG E 17 6.17 51.39 28.74
C ARG E 17 6.37 52.75 28.08
N THR E 18 6.48 52.69 26.75
CA THR E 18 6.27 53.90 25.93
C THR E 18 4.84 53.89 25.49
N MET E 19 4.28 55.06 25.28
CA MET E 19 2.95 55.20 24.71
C MET E 19 3.20 55.87 23.39
N ASP E 20 2.93 55.14 22.30
CA ASP E 20 3.12 55.71 20.97
C ASP E 20 1.77 55.90 20.38
N PHE E 21 1.48 57.10 19.92
CA PHE E 21 0.20 57.37 19.28
C PHE E 21 0.30 58.60 18.42
N THR E 22 -0.83 58.94 17.77
CA THR E 22 -0.91 60.02 16.80
C THR E 22 -1.55 61.30 17.34
N MET E 23 -2.14 61.24 18.51
CA MET E 23 -2.78 62.44 19.12
C MET E 23 -2.63 62.31 20.62
N GLU E 24 -2.73 63.45 21.31
CA GLU E 24 -2.63 63.49 22.77
C GLU E 24 -3.96 63.98 23.34
N PRO E 25 -4.95 63.09 23.48
CA PRO E 25 -6.20 63.50 24.14
C PRO E 25 -5.77 63.81 25.59
N ASP E 26 -6.50 64.68 26.28
CA ASP E 26 -6.11 65.09 27.63
C ASP E 26 -5.75 63.86 28.46
N SER E 27 -4.49 63.77 28.92
CA SER E 27 -4.02 62.66 29.79
C SER E 27 -3.23 63.21 30.95
N LYS E 28 -3.17 62.45 32.05
CA LYS E 28 -2.60 62.96 33.30
C LYS E 28 -2.35 61.76 34.21
N VAL E 29 -1.58 61.92 35.27
CA VAL E 29 -1.44 60.84 36.25
C VAL E 29 -2.70 60.88 37.10
N ILE E 30 -3.32 59.68 37.27
CA ILE E 30 -4.54 59.57 38.05
C ILE E 30 -4.33 58.63 39.23
N ILE E 31 -4.68 59.09 40.44
CA ILE E 31 -4.85 58.16 41.56
C ILE E 31 -6.34 57.89 41.75
N VAL E 32 -6.71 56.61 41.62
CA VAL E 32 -8.10 56.17 41.89
C VAL E 32 -8.18 55.60 43.29
N PRO E 33 -8.99 56.20 44.16
CA PRO E 33 -9.05 55.73 45.55
C PRO E 33 -9.92 54.47 45.64
N ARG E 34 -9.84 53.80 46.80
CA ARG E 34 -10.66 52.65 47.13
C ARG E 34 -12.12 53.04 47.04
N ASN E 35 -12.93 52.09 46.56
CA ASN E 35 -14.39 52.24 46.56
C ASN E 35 -14.88 53.42 45.72
N TYR E 36 -14.15 53.77 44.66
CA TYR E 36 -14.55 54.88 43.79
C TYR E 36 -15.67 54.43 42.83
N GLY E 37 -15.53 53.22 42.33
CA GLY E 37 -16.49 52.60 41.45
C GLY E 37 -16.07 52.83 40.00
N ILE E 38 -16.03 51.74 39.25
CA ILE E 38 -15.58 51.81 37.84
C ILE E 38 -16.62 51.11 36.98
N ARG E 39 -17.07 51.78 35.91
CA ARG E 39 -18.01 51.14 34.98
C ARG E 39 -17.39 49.96 34.25
N LEU E 40 -18.24 49.04 33.77
CA LEU E 40 -17.77 48.02 32.84
C LEU E 40 -17.96 48.48 31.42
N LEU E 41 -19.11 49.10 31.14
CA LEU E 41 -19.41 49.55 29.81
C LEU E 41 -19.82 50.99 29.89
N GLU E 42 -19.45 51.76 28.87
CA GLU E 42 -19.68 53.19 28.94
C GLU E 42 -21.15 53.43 28.72
N LYS E 43 -21.79 52.58 27.94
CA LYS E 43 -23.20 52.75 27.61
C LYS E 43 -24.18 52.15 28.66
N GLU E 44 -23.64 51.60 29.74
CA GLU E 44 -24.49 51.04 30.80
C GLU E 44 -24.00 51.54 32.15
N ASN E 45 -24.91 51.69 33.11
CA ASN E 45 -24.55 52.28 34.37
C ASN E 45 -24.35 51.20 35.49
N VAL E 46 -23.71 50.09 35.13
CA VAL E 46 -23.28 49.08 36.09
C VAL E 46 -21.86 49.40 36.53
N VAL E 47 -21.65 49.42 37.84
CA VAL E 47 -20.41 49.87 38.44
C VAL E 47 -19.89 48.77 39.34
N ILE E 48 -18.58 48.50 39.29
CA ILE E 48 -17.94 47.60 40.26
C ILE E 48 -17.19 48.49 41.22
N ASN E 49 -17.52 48.35 42.49
CA ASN E 49 -16.77 49.03 43.53
C ASN E 49 -15.40 48.42 43.60
N ASN E 50 -14.35 49.20 43.38
CA ASN E 50 -12.99 48.66 43.38
C ASN E 50 -12.43 48.47 44.80
N SER E 51 -11.84 47.31 45.06
CA SER E 51 -11.23 47.05 46.38
C SER E 51 -10.00 47.90 46.67
N TYR E 52 -9.21 48.17 45.63
CA TYR E 52 -7.84 48.68 45.77
C TYR E 52 -7.68 50.01 45.08
N ALA E 53 -6.89 50.91 45.68
CA ALA E 53 -6.46 52.15 45.06
C ALA E 53 -5.32 51.83 44.10
N PHE E 54 -5.08 52.73 43.16
CA PHE E 54 -4.08 52.51 42.11
C PHE E 54 -3.73 53.84 41.49
N VAL E 55 -2.54 53.87 40.88
CA VAL E 55 -2.04 55.09 40.25
C VAL E 55 -1.53 54.73 38.87
N GLY E 56 -1.79 55.60 37.91
CA GLY E 56 -1.16 55.42 36.61
C GLY E 56 -1.52 56.56 35.67
N MET E 57 -1.13 56.38 34.40
CA MET E 57 -1.46 57.43 33.43
C MET E 57 -2.80 57.14 32.86
N GLY E 58 -3.61 58.17 32.63
CA GLY E 58 -4.86 57.90 31.96
C GLY E 58 -5.65 59.13 31.60
N SER E 59 -6.94 58.90 31.35
CA SER E 59 -7.89 59.92 30.89
C SER E 59 -9.10 60.01 31.84
N THR E 60 -9.58 61.22 32.13
CA THR E 60 -10.82 61.40 32.87
C THR E 60 -11.95 61.88 31.93
N ASP E 61 -11.77 61.70 30.63
CA ASP E 61 -12.73 62.23 29.63
C ASP E 61 -14.05 61.48 29.56
N ILE E 62 -14.06 60.22 30.02
CA ILE E 62 -15.31 59.46 29.99
C ILE E 62 -15.80 59.17 31.41
N THR E 63 -16.81 58.34 31.57
CA THR E 63 -17.55 58.28 32.83
C THR E 63 -16.69 57.78 34.01
N SER E 64 -15.94 56.71 33.79
CA SER E 64 -14.96 56.26 34.80
C SER E 64 -13.56 56.50 34.32
N PRO E 65 -12.58 56.57 35.23
CA PRO E 65 -11.19 56.77 34.81
C PRO E 65 -10.71 55.63 33.88
N VAL E 66 -9.99 55.99 32.83
CA VAL E 66 -9.38 55.07 31.87
C VAL E 66 -7.91 55.10 32.11
N LEU E 67 -7.37 54.01 32.65
CA LEU E 67 -5.95 53.96 32.96
C LEU E 67 -5.26 53.21 31.83
N TYR E 68 -4.18 53.79 31.30
CA TYR E 68 -3.42 53.16 30.24
C TYR E 68 -2.40 52.18 30.81
N ASP E 69 -1.97 52.43 32.06
CA ASP E 69 -1.01 51.57 32.77
C ASP E 69 -1.06 52.04 34.22
N GLY E 70 -0.59 51.22 35.14
CA GLY E 70 -0.45 51.68 36.49
C GLY E 70 -0.08 50.58 37.42
N VAL E 71 -0.05 50.92 38.72
CA VAL E 71 0.31 50.00 39.79
C VAL E 71 -0.71 50.23 40.90
N ASN E 72 -1.14 49.15 41.53
CA ASN E 72 -2.10 49.26 42.64
C ASN E 72 -1.42 49.08 44.00
N GLU E 73 -2.18 49.28 45.08
CA GLU E 73 -1.60 49.34 46.42
C GLU E 73 -1.10 47.99 46.88
N LYS E 74 -1.45 46.95 46.11
CA LYS E 74 -0.95 45.61 46.37
C LYS E 74 0.19 45.13 45.44
N GLY E 75 0.76 46.04 44.65
CA GLY E 75 1.94 45.70 43.83
C GLY E 75 1.66 45.11 42.46
N LEU E 76 0.39 45.03 42.08
CA LEU E 76 0.06 44.60 40.70
C LEU E 76 0.25 45.77 39.74
N MET E 77 0.95 45.48 38.64
CA MET E 77 1.27 46.47 37.61
C MET E 77 0.72 45.98 36.29
N GLY E 78 0.30 46.90 35.43
CA GLY E 78 -0.11 46.44 34.11
C GLY E 78 -0.31 47.56 33.09
N ALA E 79 -0.54 47.17 31.83
CA ALA E 79 -0.76 48.17 30.76
C ALA E 79 -1.60 47.60 29.66
N MET E 80 -2.28 48.48 28.94
CA MET E 80 -2.89 48.10 27.66
C MET E 80 -2.00 48.70 26.55
N LEU E 81 -1.71 47.89 25.54
CA LEU E 81 -0.94 48.35 24.38
C LEU E 81 -1.71 47.93 23.12
N TYR E 82 -1.36 48.53 22.00
CA TYR E 82 -2.02 48.22 20.73
C TYR E 82 -1.80 46.79 20.25
N TYR E 83 -2.79 46.28 19.50
CA TYR E 83 -2.76 44.94 18.96
C TYR E 83 -3.50 44.89 17.65
N ALA E 84 -3.06 45.71 16.69
CA ALA E 84 -3.84 45.94 15.46
C ALA E 84 -3.93 44.67 14.64
N THR E 85 -5.07 44.46 13.98
CA THR E 85 -5.35 43.27 13.17
C THR E 85 -5.49 41.90 13.88
N PHE E 86 -5.18 41.81 15.17
CA PHE E 86 -5.36 40.58 15.93
C PHE E 86 -6.50 40.67 16.94
N ALA E 87 -6.61 41.80 17.65
CA ALA E 87 -7.67 42.00 18.67
C ALA E 87 -9.05 41.77 18.07
N THR E 88 -9.81 40.91 18.75
CA THR E 88 -11.14 40.52 18.29
C THR E 88 -12.10 40.61 19.50
N TYR E 89 -13.19 41.34 19.33
CA TYR E 89 -14.12 41.54 20.42
C TYR E 89 -15.48 41.02 19.96
N ALA E 90 -16.40 40.83 20.90
CA ALA E 90 -17.74 40.31 20.59
C ALA E 90 -18.79 41.42 20.62
N ASP E 91 -19.94 41.16 20.01
CA ASP E 91 -21.06 42.10 20.13
C ASP E 91 -21.86 41.94 21.42
N GLU E 92 -21.93 40.70 21.91
CA GLU E 92 -22.69 40.36 23.13
C GLU E 92 -21.84 39.48 24.04
N PRO E 93 -22.04 39.57 25.34
CA PRO E 93 -21.23 38.76 26.26
C PRO E 93 -21.59 37.29 26.15
N LYS E 94 -20.63 36.42 26.41
CA LYS E 94 -20.85 34.98 26.52
C LYS E 94 -21.70 34.67 27.74
N LYS E 95 -22.30 33.48 27.74
CA LYS E 95 -23.12 33.06 28.87
C LYS E 95 -22.30 33.01 30.15
N GLY E 96 -22.86 33.58 31.21
CA GLY E 96 -22.18 33.52 32.49
C GLY E 96 -21.16 34.62 32.74
N THR E 97 -20.99 35.54 31.77
CA THR E 97 -20.08 36.69 31.86
C THR E 97 -20.81 38.03 31.70
N ARG E 98 -20.14 39.12 32.03
CA ARG E 98 -20.64 40.48 31.77
C ARG E 98 -19.76 41.11 30.67
N GLY E 99 -20.34 41.97 29.84
CA GLY E 99 -19.52 42.64 28.83
C GLY E 99 -18.61 43.70 29.48
N ILE E 100 -17.47 43.97 28.86
CA ILE E 100 -16.57 45.03 29.37
C ILE E 100 -15.97 45.76 28.19
N ASN E 101 -15.80 47.05 28.33
CA ASN E 101 -15.19 47.84 27.27
C ASN E 101 -13.69 47.58 27.36
N PRO E 102 -13.03 47.30 26.24
CA PRO E 102 -11.58 47.07 26.23
C PRO E 102 -10.80 48.18 26.94
N VAL E 103 -11.27 49.43 26.94
CA VAL E 103 -10.49 50.50 27.59
C VAL E 103 -10.65 50.58 29.12
N TYR E 104 -11.56 49.76 29.66
CA TYR E 104 -11.75 49.72 31.10
C TYR E 104 -11.06 48.51 31.78
N VAL E 105 -10.36 47.69 30.98
CA VAL E 105 -9.70 46.50 31.53
C VAL E 105 -8.64 46.83 32.59
N ILE E 106 -7.71 47.74 32.28
CA ILE E 106 -6.68 48.08 33.26
C ILE E 106 -7.26 48.66 34.56
N SER E 107 -8.22 49.57 34.45
CA SER E 107 -8.81 50.18 35.64
C SER E 107 -9.51 49.09 36.45
N GLN E 108 -10.28 48.22 35.79
CA GLN E 108 -10.96 47.15 36.54
C GLN E 108 -9.97 46.17 37.22
N VAL E 109 -8.91 45.79 36.51
CA VAL E 109 -7.97 44.77 37.05
C VAL E 109 -7.14 45.39 38.16
N LEU E 110 -6.60 46.59 37.94
CA LEU E 110 -5.79 47.23 38.98
C LEU E 110 -6.66 47.49 40.22
N GLY E 111 -7.94 47.77 39.99
CA GLY E 111 -8.86 48.00 41.12
C GLY E 111 -9.20 46.79 42.00
N ASN E 112 -8.97 45.56 41.49
CA ASN E 112 -9.58 44.38 42.10
C ASN E 112 -8.75 43.09 42.17
N CYS E 113 -7.51 43.13 41.70
CA CYS E 113 -6.65 41.95 41.66
C CYS E 113 -5.32 42.20 42.33
N VAL E 114 -4.69 41.12 42.79
CA VAL E 114 -3.38 41.21 43.46
C VAL E 114 -2.29 40.52 42.64
N THR E 115 -2.54 39.27 42.24
CA THR E 115 -1.53 38.43 41.58
C THR E 115 -1.94 38.18 40.14
N VAL E 116 -1.02 37.66 39.36
CA VAL E 116 -1.35 37.43 37.95
C VAL E 116 -2.35 36.30 37.84
N ASP E 117 -2.25 35.31 38.73
CA ASP E 117 -3.34 34.34 38.79
C ASP E 117 -4.70 34.97 39.09
N ASP E 118 -4.78 35.95 40.01
CA ASP E 118 -6.05 36.70 40.21
C ASP E 118 -6.58 37.31 38.90
N VAL E 119 -5.66 37.86 38.08
CA VAL E 119 -6.07 38.55 36.84
C VAL E 119 -6.70 37.54 35.90
N ILE E 120 -6.06 36.38 35.79
CA ILE E 120 -6.54 35.35 34.91
C ILE E 120 -7.95 34.87 35.36
N GLU E 121 -8.07 34.58 36.65
CA GLU E 121 -9.38 34.31 37.29
C GLU E 121 -10.44 35.39 36.99
N LYS E 122 -10.10 36.66 37.20
CA LYS E 122 -11.03 37.78 37.02
C LYS E 122 -11.53 37.91 35.59
N LEU E 123 -10.66 37.73 34.59
CA LEU E 123 -11.09 37.93 33.22
C LEU E 123 -12.07 36.86 32.68
N THR E 124 -12.07 35.67 33.27
CA THR E 124 -13.14 34.68 32.93
C THR E 124 -14.56 35.18 33.27
N SER E 125 -14.66 36.23 34.09
CA SER E 125 -15.94 36.87 34.44
C SER E 125 -16.51 37.75 33.33
N TYR E 126 -15.70 38.03 32.30
CA TYR E 126 -16.07 39.08 31.32
C TYR E 126 -15.84 38.64 29.90
N THR E 127 -16.60 39.25 28.97
CA THR E 127 -16.35 39.19 27.55
C THR E 127 -16.04 40.61 27.11
N LEU E 128 -14.92 40.79 26.41
CA LEU E 128 -14.64 42.10 25.84
C LEU E 128 -15.61 42.32 24.73
N LEU E 129 -16.27 43.49 24.73
CA LEU E 129 -17.22 43.84 23.69
C LEU E 129 -16.67 44.91 22.76
N ASN E 130 -17.26 44.94 21.56
CA ASN E 130 -16.90 45.95 20.56
C ASN E 130 -17.57 47.30 20.82
N GLU E 131 -17.40 47.82 22.04
CA GLU E 131 -18.00 49.11 22.38
C GLU E 131 -17.00 50.24 22.17
N ALA E 132 -17.45 51.32 21.53
CA ALA E 132 -16.58 52.45 21.23
C ALA E 132 -16.41 53.36 22.46
N ASN E 133 -15.66 54.44 22.28
CA ASN E 133 -15.54 55.46 23.31
C ASN E 133 -15.35 56.77 22.54
N ILE E 134 -15.71 57.90 23.15
CA ILE E 134 -15.64 59.18 22.44
C ILE E 134 -14.22 59.75 22.38
N ILE E 135 -13.24 59.19 23.10
CA ILE E 135 -11.88 59.70 23.02
C ILE E 135 -11.31 59.40 21.63
N LEU E 136 -11.45 58.15 21.18
CA LEU E 136 -10.91 57.75 19.90
C LEU E 136 -11.98 57.66 18.84
N GLY E 137 -13.24 57.51 19.26
CA GLY E 137 -14.32 57.24 18.33
C GLY E 137 -14.51 55.77 17.94
N PHE E 138 -13.74 54.86 18.51
CA PHE E 138 -13.85 53.44 18.16
C PHE E 138 -13.22 52.63 19.27
N ALA E 139 -13.48 51.33 19.28
CA ALA E 139 -12.83 50.45 20.25
C ALA E 139 -11.41 50.17 19.77
N PRO E 140 -10.36 50.56 20.48
CA PRO E 140 -9.01 50.31 19.94
C PRO E 140 -8.70 48.82 20.00
N PRO E 141 -7.94 48.29 19.06
CA PRO E 141 -7.48 46.89 19.15
C PRO E 141 -6.36 46.81 20.23
N LEU E 142 -6.57 46.00 21.26
CA LEU E 142 -5.60 45.99 22.39
C LEU E 142 -5.13 44.61 22.84
N HIS E 143 -3.97 44.54 23.50
CA HIS E 143 -3.64 43.42 24.35
C HIS E 143 -3.06 43.93 25.63
N TYR E 144 -2.93 43.03 26.61
CA TYR E 144 -2.67 43.48 27.96
C TYR E 144 -1.54 42.72 28.54
N THR E 145 -0.76 43.42 29.35
CA THR E 145 0.34 42.79 30.11
C THR E 145 0.18 43.12 31.60
N PHE E 146 0.51 42.17 32.48
CA PHE E 146 0.48 42.39 33.93
C PHE E 146 1.72 41.76 34.53
N THR E 147 2.23 42.41 35.54
CA THR E 147 3.35 41.89 36.33
C THR E 147 3.03 42.16 37.78
N ASP E 148 3.14 41.11 38.60
CA ASP E 148 2.81 41.26 40.01
C ASP E 148 4.09 41.43 40.86
N ALA E 149 3.92 41.59 42.18
CA ALA E 149 5.04 41.94 43.08
C ALA E 149 6.13 40.89 43.07
N SER E 150 5.71 39.64 42.83
CA SER E 150 6.63 38.51 42.72
C SER E 150 7.53 38.56 41.47
N GLY E 151 7.14 39.34 40.46
CA GLY E 151 7.94 39.42 39.25
C GLY E 151 7.40 38.53 38.14
N GLU E 152 6.34 37.77 38.40
CA GLU E 152 5.74 37.01 37.31
C GLU E 152 4.98 37.95 36.35
N SER E 153 5.17 37.76 35.04
CA SER E 153 4.44 38.56 34.03
C SER E 153 3.56 37.67 33.22
N ILE E 154 2.42 38.17 32.81
CA ILE E 154 1.55 37.47 31.88
C ILE E 154 1.17 38.39 30.75
N VAL E 155 0.69 37.78 29.68
CA VAL E 155 0.18 38.53 28.54
C VAL E 155 -1.20 37.98 28.25
N ILE E 156 -2.18 38.84 27.98
CA ILE E 156 -3.52 38.36 27.71
C ILE E 156 -3.92 38.98 26.41
N GLU E 157 -4.27 38.12 25.45
CA GLU E 157 -4.57 38.61 24.08
C GLU E 157 -5.94 38.21 23.56
N PRO E 158 -6.79 39.16 23.22
CA PRO E 158 -8.12 38.83 22.70
C PRO E 158 -8.10 38.43 21.22
N ASP E 159 -7.80 37.16 20.98
CA ASP E 159 -7.63 36.66 19.61
C ASP E 159 -8.95 36.19 18.99
N LYS E 160 -8.91 35.92 17.70
CA LYS E 160 -10.12 35.53 17.00
C LYS E 160 -10.72 34.26 17.60
N THR E 161 -9.87 33.39 18.15
CA THR E 161 -10.29 32.13 18.75
C THR E 161 -10.74 32.26 20.18
N GLY E 162 -10.64 33.46 20.75
CA GLY E 162 -10.89 33.65 22.17
C GLY E 162 -9.69 34.28 22.89
N ILE E 163 -9.84 34.47 24.20
CA ILE E 163 -8.75 35.02 25.01
C ILE E 163 -7.62 34.00 25.06
N THR E 164 -6.42 34.42 24.67
CA THR E 164 -5.21 33.62 24.85
C THR E 164 -4.38 34.18 25.99
N ILE E 165 -3.98 33.29 26.88
CA ILE E 165 -3.15 33.66 28.03
C ILE E 165 -1.78 33.05 27.90
N HIS E 166 -0.75 33.85 28.13
CA HIS E 166 0.62 33.36 28.21
C HIS E 166 1.17 33.69 29.59
N ARG E 167 1.61 32.62 30.26
CA ARG E 167 2.04 32.71 31.68
C ARG E 167 3.53 32.66 31.76
N LYS E 168 4.09 33.28 32.79
CA LYS E 168 5.54 33.31 33.04
C LYS E 168 6.34 33.69 31.78
N THR E 169 6.01 34.80 31.15
CA THR E 169 6.63 35.22 29.89
C THR E 169 8.02 35.85 30.16
N ILE E 170 8.70 36.28 29.10
CA ILE E 170 9.97 36.97 29.30
C ILE E 170 9.86 38.41 29.80
N GLY E 171 8.64 38.95 29.97
CA GLY E 171 8.47 40.29 30.52
C GLY E 171 8.79 41.39 29.51
N VAL E 172 8.36 41.17 28.26
CA VAL E 172 8.46 42.16 27.16
C VAL E 172 7.14 42.04 26.37
N MET E 173 6.60 43.15 25.89
CA MET E 173 5.43 43.08 25.03
C MET E 173 5.39 44.39 24.23
N THR E 174 5.08 44.28 22.95
CA THR E 174 4.92 45.48 22.13
C THR E 174 3.52 45.44 21.52
N ALA E 175 3.44 45.29 20.21
CA ALA E 175 2.14 45.17 19.52
C ALA E 175 2.06 43.85 18.78
N SER E 176 1.28 43.80 17.72
CA SER E 176 1.09 42.54 16.99
C SER E 176 2.40 42.03 16.32
N PRO E 177 2.49 40.74 15.99
CA PRO E 177 1.48 39.68 16.22
C PRO E 177 1.42 39.18 17.67
N GLY E 178 0.92 37.96 17.87
CA GLY E 178 0.64 37.48 19.20
C GLY E 178 1.96 37.13 19.93
N TYR E 179 1.89 37.00 21.25
CA TYR E 179 3.11 36.76 22.06
C TYR E 179 3.95 35.54 21.64
N GLU E 180 3.32 34.39 21.35
CA GLU E 180 4.11 33.23 20.97
C GLU E 180 4.95 33.46 19.67
N TRP E 181 4.39 34.28 18.76
CA TRP E 181 5.07 34.57 17.51
C TRP E 181 6.37 35.32 17.83
N HIS E 182 6.28 36.34 18.67
CA HIS E 182 7.49 37.13 19.01
C HIS E 182 8.48 36.25 19.77
N GLN E 183 7.95 35.42 20.67
CA GLN E 183 8.80 34.58 21.50
C GLN E 183 9.63 33.62 20.66
N THR E 184 9.02 33.12 19.60
CA THR E 184 9.71 32.26 18.62
C THR E 184 10.68 33.12 17.79
N ASN E 185 10.23 34.31 17.39
CA ASN E 185 11.07 35.21 16.59
C ASN E 185 12.40 35.49 17.27
N LEU E 186 12.39 35.54 18.61
CA LEU E 186 13.64 35.79 19.39
C LEU E 186 14.74 34.84 18.94
N ARG E 187 14.34 33.61 18.60
CA ARG E 187 15.33 32.57 18.29
C ARG E 187 16.15 32.90 17.05
N ALA E 188 15.61 33.69 16.13
CA ALA E 188 16.32 34.04 14.92
C ALA E 188 17.44 35.05 15.21
N TYR E 189 17.47 35.60 16.42
CA TYR E 189 18.39 36.68 16.74
C TYR E 189 19.34 36.38 17.85
N ILE E 190 19.52 35.09 18.18
CA ILE E 190 20.39 34.83 19.33
C ILE E 190 21.87 35.22 19.15
N GLY E 191 22.27 35.36 17.89
CA GLY E 191 23.58 35.89 17.51
C GLY E 191 23.80 37.39 17.76
N VAL E 192 22.73 38.10 18.13
CA VAL E 192 22.86 39.54 18.47
C VAL E 192 23.40 39.61 19.88
N THR E 193 24.67 40.00 20.04
CA THR E 193 25.29 40.01 21.36
C THR E 193 26.14 41.28 21.51
N PRO E 194 26.60 41.56 22.73
CA PRO E 194 27.51 42.70 22.94
C PRO E 194 28.89 42.52 22.35
N ASN E 195 29.27 41.28 22.08
CA ASN E 195 30.69 40.97 21.78
C ASN E 195 31.02 41.08 20.31
N PRO E 196 32.13 41.73 19.99
CA PRO E 196 32.49 41.90 18.57
C PRO E 196 32.92 40.59 17.90
N PRO E 197 32.66 40.48 16.61
CA PRO E 197 33.15 39.33 15.83
C PRO E 197 34.67 39.41 15.71
N GLN E 198 35.32 38.25 15.66
CA GLN E 198 36.75 38.12 15.33
C GLN E 198 37.09 38.67 13.95
N ASP E 199 38.26 39.29 13.83
CA ASP E 199 38.81 39.69 12.54
C ASP E 199 38.95 38.51 11.59
N ILE E 200 38.81 38.76 10.30
CA ILE E 200 39.07 37.73 9.30
C ILE E 200 40.07 38.24 8.27
N MET E 201 40.54 37.34 7.39
CA MET E 201 41.34 37.70 6.22
C MET E 201 40.54 37.37 4.97
N MET E 202 40.65 38.20 3.94
CA MET E 202 40.28 37.79 2.58
C MET E 202 41.47 38.03 1.66
N GLY E 203 42.05 36.94 1.20
CA GLY E 203 43.39 36.96 0.61
C GLY E 203 44.37 37.63 1.55
N ASP E 204 44.94 38.73 1.08
CA ASP E 204 45.98 39.48 1.81
C ASP E 204 45.40 40.57 2.71
N LEU E 205 44.07 40.72 2.65
CA LEU E 205 43.36 41.78 3.35
C LEU E 205 42.92 41.40 4.75
N ASP E 206 43.39 42.12 5.77
CA ASP E 206 42.86 41.92 7.11
C ASP E 206 41.62 42.80 7.22
N LEU E 207 40.52 42.19 7.66
CA LEU E 207 39.26 42.91 7.88
C LEU E 207 38.91 42.93 9.34
N THR E 208 38.76 44.14 9.90
CA THR E 208 38.45 44.36 11.31
C THR E 208 37.22 45.31 11.37
N PRO E 209 36.46 45.34 12.45
CA PRO E 209 35.29 46.25 12.49
C PRO E 209 35.68 47.72 12.38
N PHE E 210 34.69 48.55 12.02
CA PHE E 210 34.90 50.00 11.97
C PHE E 210 35.22 50.63 13.36
N GLY E 211 34.65 50.04 14.42
CA GLY E 211 34.71 50.64 15.74
C GLY E 211 34.21 49.58 16.70
N GLN E 212 33.08 49.85 17.36
CA GLN E 212 32.54 48.92 18.35
C GLN E 212 31.16 48.56 17.86
N GLY E 213 30.51 47.66 18.61
CA GLY E 213 29.11 47.35 18.38
C GLY E 213 28.78 46.29 17.34
N ALA E 214 29.76 45.72 16.65
CA ALA E 214 29.44 44.78 15.59
C ALA E 214 28.81 43.52 16.06
N GLY E 215 28.85 43.23 17.37
CA GLY E 215 28.14 42.05 17.84
C GLY E 215 26.64 42.12 17.57
N GLY E 216 26.08 43.31 17.40
CA GLY E 216 24.66 43.47 17.21
C GLY E 216 24.20 43.30 15.77
N LEU E 217 25.09 42.95 14.84
CA LEU E 217 24.72 42.83 13.42
C LEU E 217 23.53 41.89 13.22
N GLY E 218 22.52 42.35 12.47
CA GLY E 218 21.32 41.55 12.31
C GLY E 218 20.13 42.11 13.05
N LEU E 219 20.35 42.87 14.12
CA LEU E 219 19.20 43.46 14.83
C LEU E 219 18.62 44.61 13.96
N PRO E 220 17.30 44.57 13.68
CA PRO E 220 16.72 45.65 12.88
C PRO E 220 16.53 46.96 13.68
N GLY E 221 16.59 48.09 12.97
CA GLY E 221 16.44 49.37 13.63
C GLY E 221 15.15 50.09 13.35
N ASP E 222 14.22 49.51 12.60
CA ASP E 222 12.96 50.22 12.31
C ASP E 222 12.03 50.16 13.51
N PHE E 223 10.87 50.81 13.42
CA PHE E 223 9.94 50.88 14.55
C PHE E 223 8.69 49.98 14.41
N THR E 224 8.77 48.94 13.58
CA THR E 224 7.68 47.96 13.56
C THR E 224 7.60 47.24 14.93
N PRO E 225 6.44 46.68 15.20
CA PRO E 225 6.22 46.05 16.50
C PRO E 225 7.15 44.85 16.71
N SER E 226 7.42 44.12 15.64
CA SER E 226 8.36 42.98 15.73
C SER E 226 9.82 43.44 15.99
N ALA E 227 10.27 44.50 15.31
CA ALA E 227 11.62 45.02 15.56
C ALA E 227 11.69 45.62 16.97
N ARG E 228 10.65 46.34 17.41
CA ARG E 228 10.70 46.93 18.75
C ARG E 228 10.79 45.79 19.81
N PHE E 229 10.05 44.71 19.56
CA PHE E 229 10.09 43.62 20.53
C PHE E 229 11.52 43.06 20.62
N LEU E 230 12.18 42.83 19.46
CA LEU E 230 13.58 42.36 19.47
C LEU E 230 14.50 43.30 20.25
N ARG E 231 14.43 44.60 19.99
CA ARG E 231 15.35 45.54 20.66
C ARG E 231 15.13 45.58 22.18
N VAL E 232 13.86 45.60 22.60
CA VAL E 232 13.52 45.64 24.02
C VAL E 232 14.01 44.33 24.65
N ALA E 233 13.72 43.22 24.00
CA ALA E 233 14.14 41.93 24.58
C ALA E 233 15.65 41.73 24.69
N TYR E 234 16.35 41.98 23.58
CA TYR E 234 17.81 41.82 23.57
C TYR E 234 18.48 42.83 24.48
N TRP E 235 17.99 44.07 24.51
CA TRP E 235 18.66 45.05 25.37
C TRP E 235 18.28 44.83 26.84
N LYS E 236 17.10 44.26 27.10
CA LYS E 236 16.77 43.84 28.46
C LYS E 236 17.75 42.74 28.92
N LYS E 237 18.00 41.79 28.02
CA LYS E 237 18.95 40.68 28.33
C LYS E 237 20.32 41.23 28.70
N TYR E 238 20.84 42.17 27.89
CA TYR E 238 22.23 42.64 28.10
C TYR E 238 22.53 43.87 28.93
N THR E 239 21.53 44.70 29.21
CA THR E 239 21.75 45.85 30.06
C THR E 239 22.08 45.35 31.49
N GLU E 240 23.07 45.98 32.12
CA GLU E 240 23.38 45.61 33.49
C GLU E 240 22.15 45.61 34.40
N LYS E 241 22.15 44.71 35.36
CA LYS E 241 21.05 44.63 36.32
C LYS E 241 21.00 45.83 37.23
N ALA E 242 19.80 46.28 37.56
CA ALA E 242 19.69 47.44 38.42
C ALA E 242 19.86 46.98 39.86
N LYS E 243 20.57 47.76 40.68
CA LYS E 243 20.81 47.41 42.08
C LYS E 243 19.85 48.07 43.08
N ASN E 244 18.93 48.89 42.59
CA ASN E 244 17.97 49.57 43.44
C ASN E 244 16.89 50.09 42.51
N GLU E 245 15.84 50.61 43.12
CA GLU E 245 14.67 51.09 42.37
C GLU E 245 15.03 52.22 41.39
N THR E 246 15.88 53.15 41.80
CA THR E 246 16.17 54.32 40.95
C THR E 246 16.93 53.88 39.70
N GLU E 247 17.90 52.99 39.90
CA GLU E 247 18.66 52.38 38.79
C GLU E 247 17.72 51.62 37.88
N GLY E 248 16.71 51.02 38.50
CA GLY E 248 15.66 50.35 37.78
C GLY E 248 14.97 51.27 36.77
N VAL E 249 14.52 52.42 37.24
CA VAL E 249 13.86 53.40 36.40
C VAL E 249 14.82 53.86 35.28
N THR E 250 16.02 54.25 35.68
CA THR E 250 17.03 54.72 34.76
C THR E 250 17.30 53.67 33.69
N ASN E 251 17.46 52.41 34.11
CA ASN E 251 17.73 51.36 33.12
C ASN E 251 16.53 51.15 32.18
N LEU E 252 15.34 51.10 32.74
CA LEU E 252 14.12 50.89 31.93
C LEU E 252 14.05 51.98 30.88
N PHE E 253 14.41 53.21 31.19
CA PHE E 253 14.23 54.26 30.20
C PHE E 253 15.37 54.21 29.19
N HIS E 254 16.58 53.77 29.61
CA HIS E 254 17.64 53.51 28.62
C HIS E 254 17.26 52.40 27.64
N ILE E 255 16.66 51.33 28.14
CA ILE E 255 16.28 50.25 27.23
C ILE E 255 15.22 50.75 26.27
N LEU E 256 14.30 51.53 26.79
CA LEU E 256 13.20 52.04 25.95
C LEU E 256 13.64 53.15 24.96
N SER E 257 14.78 53.79 25.23
CA SER E 257 15.30 54.82 24.31
C SER E 257 15.49 54.24 22.90
N SER E 258 15.77 52.93 22.80
CA SER E 258 15.94 52.25 21.52
C SER E 258 14.63 52.17 20.74
N VAL E 259 13.51 52.42 21.42
CA VAL E 259 12.21 52.34 20.79
C VAL E 259 11.44 53.65 20.93
N ASN E 260 12.16 54.70 21.28
CA ASN E 260 11.53 56.00 21.40
C ASN E 260 11.38 56.67 20.02
N ILE E 261 10.16 57.07 19.60
CA ILE E 261 9.98 57.47 18.21
C ILE E 261 9.87 59.00 18.12
N PRO E 262 10.79 59.68 17.44
CA PRO E 262 10.70 61.14 17.27
C PRO E 262 9.50 61.47 16.33
N LYS E 263 8.90 62.65 16.47
CA LYS E 263 7.79 63.06 15.58
C LYS E 263 8.33 63.18 14.19
N GLY E 264 7.64 62.52 13.26
CA GLY E 264 7.91 62.63 11.82
C GLY E 264 8.51 61.35 11.24
N VAL E 265 9.10 60.53 12.09
CA VAL E 265 9.82 59.38 11.54
C VAL E 265 8.92 58.20 11.25
N VAL E 266 7.71 58.15 11.84
CA VAL E 266 6.69 57.16 11.46
C VAL E 266 5.36 57.88 11.17
N LEU E 267 4.84 57.66 9.96
CA LEU E 267 3.54 58.18 9.52
C LEU E 267 2.57 57.02 9.33
N THR E 268 1.33 57.20 9.72
CA THR E 268 0.29 56.20 9.42
C THR E 268 -0.14 56.29 7.98
N ASN E 269 -0.98 55.34 7.58
CA ASN E 269 -1.66 55.47 6.27
C ASN E 269 -2.40 56.76 6.02
N GLU E 270 -2.87 57.38 7.11
CA GLU E 270 -3.58 58.68 7.05
C GLU E 270 -2.62 59.87 6.99
N GLY E 271 -1.31 59.61 7.06
CA GLY E 271 -0.31 60.65 7.13
C GLY E 271 -0.15 61.32 8.49
N LYS E 272 -0.64 60.67 9.55
CA LYS E 272 -0.54 61.21 10.91
C LYS E 272 0.75 60.75 11.56
N THR E 273 1.41 61.61 12.31
CA THR E 273 2.65 61.22 12.97
C THR E 273 2.40 60.38 14.19
N ASP E 274 3.00 59.20 14.21
CA ASP E 274 2.88 58.29 15.35
C ASP E 274 4.19 58.41 16.13
N TYR E 275 4.14 58.87 17.38
CA TYR E 275 5.37 59.22 18.13
C TYR E 275 5.25 58.82 19.56
N THR E 276 6.39 58.83 20.27
CA THR E 276 6.40 58.51 21.69
C THR E 276 5.97 59.69 22.58
N ILE E 277 4.68 59.64 22.94
CA ILE E 277 4.03 60.71 23.72
C ILE E 277 4.57 60.81 25.13
N TYR E 278 4.73 59.65 25.79
CA TYR E 278 5.36 59.62 27.12
C TYR E 278 5.94 58.26 27.35
N THR E 279 6.78 58.20 28.37
CA THR E 279 7.44 56.97 28.81
C THR E 279 7.25 56.91 30.33
N SER E 280 6.74 55.78 30.83
CA SER E 280 6.47 55.67 32.26
C SER E 280 7.07 54.41 32.86
N ALA E 281 7.29 54.43 34.16
CA ALA E 281 7.80 53.26 34.91
C ALA E 281 7.03 53.24 36.21
N MET E 282 6.96 52.05 36.80
CA MET E 282 6.33 51.92 38.09
C MET E 282 6.98 50.76 38.87
N CYS E 283 6.83 50.79 40.17
CA CYS E 283 7.47 49.80 41.03
C CYS E 283 6.46 49.16 41.97
N ALA E 284 6.44 47.82 42.00
CA ALA E 284 5.44 47.06 42.73
C ALA E 284 5.63 47.22 44.25
N GLN E 285 6.88 47.15 44.73
CA GLN E 285 7.15 47.26 46.16
C GLN E 285 6.85 48.64 46.75
N SER E 286 7.23 49.71 46.05
CA SER E 286 7.09 51.07 46.57
C SER E 286 5.78 51.78 46.18
N LYS E 287 5.13 51.26 45.14
CA LYS E 287 3.94 51.90 44.52
C LYS E 287 4.20 53.33 44.05
N ASN E 288 5.43 53.57 43.58
CA ASN E 288 5.77 54.83 42.94
C ASN E 288 5.55 54.70 41.44
N TYR E 289 5.05 55.78 40.82
CA TYR E 289 4.80 55.90 39.40
C TYR E 289 5.71 57.04 38.89
N TYR E 290 6.44 56.76 37.81
CA TYR E 290 7.41 57.73 37.26
C TYR E 290 7.07 57.98 35.81
N PHE E 291 7.28 59.19 35.30
CA PHE E 291 7.07 59.39 33.87
C PHE E 291 7.91 60.55 33.32
N LYS E 292 8.17 60.46 32.01
CA LYS E 292 8.76 61.58 31.29
C LYS E 292 7.96 61.75 30.00
N LEU E 293 8.10 62.88 29.32
CA LEU E 293 7.21 63.23 28.21
C LEU E 293 8.04 63.53 26.97
N TYR E 294 7.41 63.53 25.80
CA TYR E 294 8.14 63.85 24.59
C TYR E 294 8.88 65.19 24.77
N ASP E 295 8.22 66.21 25.37
CA ASP E 295 8.81 67.55 25.51
C ASP E 295 9.56 67.78 26.81
N ASN E 296 9.59 66.78 27.67
CA ASN E 296 10.24 66.97 28.94
C ASN E 296 10.95 65.70 29.39
N SER E 297 12.27 65.75 29.32
CA SER E 297 13.17 64.67 29.64
C SER E 297 13.29 64.37 31.14
N ARG E 298 12.86 65.31 31.98
CA ARG E 298 13.02 65.15 33.43
C ARG E 298 11.91 64.23 33.93
N ILE E 299 12.32 63.23 34.66
CA ILE E 299 11.37 62.29 35.26
C ILE E 299 10.68 62.88 36.45
N SER E 300 9.35 62.76 36.44
CA SER E 300 8.53 63.11 37.62
C SER E 300 8.02 61.86 38.28
N ALA E 301 7.75 61.94 39.59
CA ALA E 301 7.29 60.78 40.35
C ALA E 301 6.12 61.12 41.26
N VAL E 302 5.21 60.14 41.33
CA VAL E 302 4.00 60.19 42.17
C VAL E 302 4.00 58.96 43.05
N SER E 303 3.81 59.19 44.34
CA SER E 303 3.76 58.09 45.29
C SER E 303 2.28 57.78 45.63
N LEU E 304 1.87 56.55 45.36
CA LEU E 304 0.46 56.19 45.62
C LEU E 304 0.18 56.26 47.12
N MET E 305 1.06 55.64 47.90
CA MET E 305 0.83 55.46 49.33
C MET E 305 0.90 56.77 50.13
N ALA E 306 1.45 57.84 49.54
CA ALA E 306 1.48 59.15 50.21
C ALA E 306 0.11 59.80 50.34
N GLU E 307 -0.86 59.28 49.59
CA GLU E 307 -2.18 59.86 49.52
C GLU E 307 -3.20 59.13 50.40
N ASN E 308 -4.34 59.79 50.60
CA ASN E 308 -5.48 59.24 51.32
C ASN E 308 -6.17 58.25 50.37
N LEU E 309 -5.93 56.98 50.62
CA LEU E 309 -6.47 55.95 49.73
C LEU E 309 -7.97 55.77 49.92
N ASN E 310 -8.53 56.43 50.93
CA ASN E 310 -9.99 56.45 51.09
C ASN E 310 -10.64 57.75 50.64
N SER E 311 -9.90 58.56 49.90
CA SER E 311 -10.38 59.83 49.34
C SER E 311 -11.69 59.67 48.55
N GLN E 312 -12.54 60.67 48.58
CA GLN E 312 -13.75 60.58 47.78
C GLN E 312 -13.49 60.83 46.30
N ASP E 313 -12.52 61.71 46.00
CA ASP E 313 -12.29 62.16 44.63
C ASP E 313 -10.99 61.56 44.05
N LEU E 314 -10.92 61.45 42.73
CA LEU E 314 -9.63 61.19 42.06
C LEU E 314 -8.62 62.24 42.49
N ILE E 315 -7.37 61.83 42.59
CA ILE E 315 -6.31 62.80 42.76
C ILE E 315 -5.52 62.75 41.46
N THR E 316 -5.30 63.90 40.83
CA THR E 316 -4.61 63.95 39.52
C THR E 316 -3.44 64.91 39.54
N PHE E 317 -2.51 64.67 38.61
CA PHE E 317 -1.30 65.46 38.51
C PHE E 317 -1.06 65.74 37.05
N GLU E 318 -0.99 67.01 36.66
CA GLU E 318 -0.96 67.36 35.23
C GLU E 318 0.47 67.28 34.67
N TRP E 319 0.54 67.00 33.37
CA TRP E 319 1.80 67.02 32.64
C TRP E 319 2.42 68.43 32.63
N ASP E 320 3.73 68.47 32.63
CA ASP E 320 4.41 69.73 32.40
C ASP E 320 5.14 69.54 31.09
N ARG E 321 4.58 70.05 30.00
CA ARG E 321 5.19 69.87 28.69
C ARG E 321 6.33 70.83 28.40
N LYS E 322 6.80 71.58 29.40
CA LYS E 322 7.95 72.48 29.17
C LYS E 322 9.21 71.63 29.45
N GLN E 323 10.24 71.64 28.60
CA GLN E 323 11.47 70.93 28.90
C GLN E 323 12.09 71.50 30.19
N ASP E 324 12.23 70.66 31.22
CA ASP E 324 12.55 71.20 32.52
C ASP E 324 14.06 71.30 32.68
N ILE E 325 14.63 72.38 32.14
CA ILE E 325 16.08 72.53 32.10
C ILE E 325 16.56 73.18 33.40
N LYS E 326 17.57 72.58 34.01
CA LYS E 326 18.16 73.18 35.18
C LYS E 326 19.20 74.22 34.75
N GLN E 327 19.08 75.48 35.22
CA GLN E 327 20.02 76.55 34.89
C GLN E 327 21.17 76.54 35.88
N LEU E 328 22.39 76.24 35.43
CA LEU E 328 23.54 76.18 36.33
C LEU E 328 24.17 77.55 36.59
N ASN E 329 23.85 78.51 35.73
CA ASN E 329 24.24 79.92 35.88
C ASN E 329 23.08 80.69 35.22
N GLN E 330 23.14 82.01 35.10
CA GLN E 330 21.97 82.74 34.51
C GLN E 330 21.78 82.58 32.96
N CYS F 1 30.78 57.39 19.46
CA CYS F 1 30.04 58.67 19.59
C CYS F 1 29.25 58.92 18.31
N SER F 2 28.28 59.82 18.41
CA SER F 2 27.46 60.20 17.26
C SER F 2 27.16 61.68 17.39
N SER F 3 26.98 62.36 16.28
CA SER F 3 26.76 63.81 16.34
C SER F 3 25.93 64.28 15.17
N LEU F 4 25.28 65.41 15.36
CA LEU F 4 24.61 66.07 14.24
C LEU F 4 24.33 67.51 14.58
N SER F 5 24.05 68.28 13.52
CA SER F 5 23.56 69.63 13.72
C SER F 5 22.16 69.73 13.13
N ILE F 6 21.38 70.73 13.56
CA ILE F 6 20.10 71.08 12.87
C ILE F 6 19.99 72.59 12.78
N ARG F 7 19.02 73.05 11.98
CA ARG F 7 18.71 74.48 11.89
C ARG F 7 17.26 74.64 12.30
N THR F 8 16.93 75.62 13.15
CA THR F 8 15.55 75.82 13.58
C THR F 8 14.85 76.72 12.57
N THR F 9 13.52 76.84 12.69
CA THR F 9 12.81 77.79 11.83
C THR F 9 12.92 79.23 12.30
N ASP F 10 13.52 79.47 13.47
CA ASP F 10 13.84 80.85 13.93
C ASP F 10 15.34 81.17 13.75
N ASP F 11 15.96 80.51 12.77
CA ASP F 11 17.31 80.83 12.26
C ASP F 11 18.41 80.65 13.27
N LYS F 12 18.30 79.53 13.98
CA LYS F 12 19.35 79.17 14.95
C LYS F 12 19.97 77.86 14.51
N SER F 13 21.24 77.71 14.81
CA SER F 13 21.98 76.52 14.48
C SER F 13 22.35 75.89 15.82
N LEU F 14 22.06 74.59 15.91
CA LEU F 14 22.41 73.82 17.10
C LEU F 14 23.14 72.55 16.69
N PHE F 15 23.98 72.09 17.58
CA PHE F 15 24.77 70.90 17.33
C PHE F 15 24.77 70.07 18.61
N ALA F 16 24.74 68.73 18.43
CA ALA F 16 24.68 67.80 19.58
C ALA F 16 25.50 66.54 19.36
N ARG F 17 25.94 65.90 20.46
CA ARG F 17 26.66 64.65 20.35
C ARG F 17 26.42 63.78 21.58
N THR F 18 26.47 62.49 21.34
CA THR F 18 26.67 61.55 22.41
C THR F 18 28.16 61.31 22.58
N MET F 19 28.58 61.00 23.81
CA MET F 19 29.94 60.65 24.07
C MET F 19 29.85 59.20 24.58
N ASP F 20 30.37 58.29 23.77
CA ASP F 20 30.35 56.87 24.12
C ASP F 20 31.79 56.45 24.44
N PHE F 21 31.99 55.92 25.64
CA PHE F 21 33.30 55.48 26.06
C PHE F 21 33.28 54.38 27.11
N THR F 22 34.45 53.92 27.52
CA THR F 22 34.49 52.77 28.42
C THR F 22 34.86 53.16 29.82
N MET F 23 35.06 54.46 30.03
CA MET F 23 35.41 54.98 31.36
C MET F 23 35.11 56.48 31.38
N GLU F 24 34.92 57.00 32.58
CA GLU F 24 34.73 58.46 32.75
C GLU F 24 35.89 59.02 33.58
N PRO F 25 36.99 59.45 32.93
CA PRO F 25 38.00 60.27 33.61
C PRO F 25 37.25 61.54 34.02
N ASP F 26 37.72 62.19 35.08
CA ASP F 26 37.06 63.39 35.56
C ASP F 26 36.80 64.37 34.39
N SER F 27 35.51 64.59 34.11
CA SER F 27 34.99 65.51 33.08
C SER F 27 33.92 66.43 33.70
N LYS F 28 33.77 67.61 33.12
CA LYS F 28 32.87 68.63 33.66
C LYS F 28 32.63 69.67 32.57
N VAL F 29 31.73 70.61 32.79
CA VAL F 29 31.54 71.67 31.81
C VAL F 29 32.60 72.70 32.13
N ILE F 30 33.35 73.10 31.09
CA ILE F 30 34.41 74.10 31.26
C ILE F 30 34.12 75.33 30.44
N ILE F 31 34.23 76.53 31.06
CA ILE F 31 34.33 77.79 30.33
C ILE F 31 35.78 78.24 30.40
N VAL F 32 36.41 78.31 29.20
CA VAL F 32 37.74 78.89 29.03
C VAL F 32 37.53 80.36 28.63
N PRO F 33 38.00 81.29 29.45
CA PRO F 33 37.86 82.71 29.11
C PRO F 33 38.85 83.12 28.01
N ARG F 34 38.62 84.30 27.45
CA ARG F 34 39.61 84.89 26.55
C ARG F 34 41.02 84.98 27.19
N ASN F 35 42.02 84.81 26.33
CA ASN F 35 43.43 85.06 26.69
C ASN F 35 43.87 84.15 27.83
N TYR F 36 43.21 82.99 27.94
CA TYR F 36 43.58 82.01 28.95
C TYR F 36 44.87 81.30 28.58
N GLY F 37 44.94 80.91 27.31
CA GLY F 37 46.14 80.31 26.76
C GLY F 37 46.01 78.81 26.71
N ILE F 38 46.31 78.25 25.54
CA ILE F 38 46.19 76.80 25.35
C ILE F 38 47.47 76.25 24.76
N ARG F 39 48.00 75.17 25.35
CA ARG F 39 49.17 74.48 24.80
C ARG F 39 48.87 73.87 23.42
N LEU F 40 49.89 73.76 22.57
CA LEU F 40 49.78 72.95 21.35
C LEU F 40 50.21 71.52 21.67
N LEU F 41 51.30 71.37 22.44
CA LEU F 41 51.82 70.04 22.75
C LEU F 41 52.13 69.95 24.22
N GLU F 42 51.88 68.77 24.81
CA GLU F 42 52.20 68.57 26.22
C GLU F 42 53.71 68.64 26.49
N LYS F 43 54.50 68.27 25.49
CA LYS F 43 55.96 68.14 25.69
C LYS F 43 56.74 69.39 25.27
N GLU F 44 56.03 70.48 25.00
CA GLU F 44 56.73 71.72 24.66
C GLU F 44 56.01 72.89 25.30
N ASN F 45 56.77 73.95 25.58
CA ASN F 45 56.32 74.99 26.49
C ASN F 45 55.32 75.99 25.90
N VAL F 46 55.21 76.03 24.59
CA VAL F 46 54.55 77.13 23.93
C VAL F 46 53.07 77.13 24.30
N VAL F 47 52.52 78.30 24.61
CA VAL F 47 51.11 78.41 24.89
C VAL F 47 50.58 79.46 23.94
N ILE F 48 49.53 79.10 23.19
CA ILE F 48 48.90 80.03 22.27
C ILE F 48 47.74 80.77 22.96
N ASN F 49 47.79 82.10 22.97
CA ASN F 49 46.71 82.90 23.54
C ASN F 49 45.47 82.67 22.67
N ASN F 50 44.36 82.40 23.31
CA ASN F 50 43.10 82.23 22.59
C ASN F 50 42.36 83.56 22.55
N SER F 51 41.99 83.98 21.34
CA SER F 51 41.19 85.22 21.15
C SER F 51 39.82 85.15 21.81
N TYR F 52 39.20 83.96 21.72
CA TYR F 52 37.78 83.82 22.09
C TYR F 52 37.52 82.91 23.28
N ALA F 53 36.53 83.28 24.08
CA ALA F 53 36.05 82.41 25.15
C ALA F 53 35.18 81.33 24.53
N PHE F 54 35.03 80.23 25.25
CA PHE F 54 34.20 79.11 24.78
C PHE F 54 33.77 78.21 25.93
N VAL F 55 32.67 77.48 25.70
CA VAL F 55 32.16 76.61 26.76
C VAL F 55 31.94 75.23 26.17
N GLY F 56 32.24 74.20 26.95
CA GLY F 56 31.95 72.84 26.48
C GLY F 56 32.27 71.81 27.54
N MET F 57 32.19 70.54 27.17
CA MET F 57 32.53 69.49 28.11
C MET F 57 33.98 69.15 27.95
N GLY F 58 34.68 68.94 29.06
CA GLY F 58 36.09 68.58 28.88
C GLY F 58 36.78 68.14 30.15
N SER F 59 38.08 68.10 30.09
CA SER F 59 38.91 67.64 31.19
C SER F 59 39.93 68.75 31.54
N THR F 60 40.26 68.86 32.83
CA THR F 60 41.32 69.76 33.31
C THR F 60 42.53 68.97 33.79
N ASP F 61 42.62 67.69 33.45
CA ASP F 61 43.69 66.85 34.03
C ASP F 61 45.09 66.97 33.42
N ILE F 62 45.20 67.59 32.26
CA ILE F 62 46.52 67.94 31.68
C ILE F 62 46.75 69.46 31.66
N THR F 63 47.77 69.93 30.97
CA THR F 63 48.26 71.30 31.23
C THR F 63 47.24 72.37 30.86
N SER F 64 46.59 72.16 29.72
CA SER F 64 45.60 73.09 29.21
C SER F 64 44.26 72.35 29.16
N PRO F 65 43.15 73.07 29.27
CA PRO F 65 41.81 72.44 29.16
C PRO F 65 41.63 71.72 27.80
N VAL F 66 41.15 70.47 27.91
CA VAL F 66 40.90 69.63 26.75
C VAL F 66 39.40 69.61 26.57
N LEU F 67 38.91 70.20 25.50
CA LEU F 67 37.45 70.25 25.31
C LEU F 67 37.09 69.16 24.33
N TYR F 68 36.08 68.38 24.69
CA TYR F 68 35.59 67.31 23.83
C TYR F 68 34.64 67.89 22.78
N ASP F 69 33.97 68.99 23.08
CA ASP F 69 33.03 69.67 22.18
C ASP F 69 32.71 70.99 22.83
N GLY F 70 32.07 71.91 22.12
CA GLY F 70 31.71 73.18 22.76
C GLY F 70 31.29 74.20 21.71
N VAL F 71 30.99 75.41 22.17
CA VAL F 71 30.59 76.55 21.33
C VAL F 71 31.40 77.76 21.87
N ASN F 72 31.90 78.62 20.97
CA ASN F 72 32.64 79.82 21.38
C ASN F 72 31.78 81.08 21.27
N GLU F 73 32.29 82.22 21.69
CA GLU F 73 31.47 83.40 21.82
C GLU F 73 31.09 83.98 20.45
N LYS F 74 31.66 83.41 19.38
CA LYS F 74 31.39 83.85 18.01
C LYS F 74 30.49 82.85 17.27
N GLY F 75 29.99 81.87 18.01
CA GLY F 75 29.01 80.96 17.45
C GLY F 75 29.59 79.77 16.73
N LEU F 76 30.91 79.55 16.83
CA LEU F 76 31.48 78.32 16.30
C LEU F 76 31.28 77.15 17.26
N MET F 77 30.83 76.01 16.69
CA MET F 77 30.59 74.78 17.45
C MET F 77 31.36 73.64 16.87
N GLY F 78 31.76 72.70 17.73
CA GLY F 78 32.48 71.56 17.19
C GLY F 78 32.67 70.45 18.19
N ALA F 79 33.22 69.33 17.69
CA ALA F 79 33.52 68.16 18.57
C ALA F 79 34.61 67.29 18.00
N MET F 80 35.29 66.58 18.90
CA MET F 80 36.19 65.52 18.45
C MET F 80 35.47 64.20 18.79
N LEU F 81 35.44 63.32 17.79
CA LEU F 81 34.85 61.97 17.92
C LEU F 81 35.86 60.88 17.53
N TYR F 82 35.58 59.65 17.94
CA TYR F 82 36.49 58.56 17.63
C TYR F 82 36.52 58.24 16.13
N TYR F 83 37.67 57.74 15.68
CA TYR F 83 37.94 57.45 14.28
C TYR F 83 38.99 56.31 14.23
N ALA F 84 38.65 55.20 14.89
CA ALA F 84 39.54 54.04 15.00
C ALA F 84 39.90 53.44 13.68
N THR F 85 41.19 53.06 13.58
CA THR F 85 41.83 52.44 12.40
C THR F 85 42.02 53.34 11.21
N PHE F 86 41.49 54.57 11.25
CA PHE F 86 41.69 55.51 10.16
C PHE F 86 42.61 56.66 10.56
N ALA F 87 42.48 57.16 11.79
CA ALA F 87 43.28 58.34 12.20
C ALA F 87 44.78 58.04 12.18
N THR F 88 45.55 58.99 11.66
CA THR F 88 46.96 58.82 11.34
C THR F 88 47.61 60.15 11.62
N TYR F 89 48.63 60.11 12.46
CA TYR F 89 49.31 61.33 12.91
C TYR F 89 50.74 61.18 12.49
N ALA F 90 51.51 62.25 12.58
CA ALA F 90 52.91 62.25 12.13
C ALA F 90 53.84 62.23 13.38
N ASP F 91 55.10 61.86 13.20
CA ASP F 91 56.07 61.96 14.30
C ASP F 91 56.63 63.37 14.53
N GLU F 92 56.78 64.13 13.46
CA GLU F 92 57.26 65.50 13.56
C GLU F 92 56.46 66.36 12.59
N PRO F 93 56.41 67.68 12.79
CA PRO F 93 55.63 68.56 11.92
C PRO F 93 56.13 68.59 10.48
N LYS F 94 55.20 68.68 9.56
CA LYS F 94 55.52 69.15 8.21
C LYS F 94 56.06 70.59 8.25
N LYS F 95 57.05 70.86 7.40
CA LYS F 95 57.65 72.17 7.25
C LYS F 95 56.56 73.21 6.97
N GLY F 96 56.65 74.36 7.64
CA GLY F 96 55.62 75.38 7.50
C GLY F 96 54.57 75.29 8.58
N THR F 97 54.58 74.19 9.35
CA THR F 97 53.55 73.98 10.40
C THR F 97 54.10 73.75 11.80
N ARG F 98 53.27 73.99 12.82
CA ARG F 98 53.57 73.70 14.23
C ARG F 98 52.91 72.32 14.47
N GLY F 99 53.51 71.52 15.34
CA GLY F 99 52.85 70.28 15.75
C GLY F 99 51.72 70.58 16.74
N ILE F 100 50.69 69.72 16.76
CA ILE F 100 49.61 69.84 17.75
C ILE F 100 49.21 68.47 18.22
N ASN F 101 49.01 68.32 19.53
CA ASN F 101 48.42 67.10 20.08
C ASN F 101 46.93 66.97 19.59
N PRO F 102 46.55 65.84 19.02
CA PRO F 102 45.15 65.63 18.60
C PRO F 102 44.07 66.01 19.65
N VAL F 103 44.36 65.90 20.94
CA VAL F 103 43.32 66.24 21.93
C VAL F 103 43.17 67.75 22.19
N TYR F 104 44.07 68.56 21.61
CA TYR F 104 43.99 70.03 21.81
C TYR F 104 43.37 70.77 20.63
N VAL F 105 42.97 70.01 19.62
CA VAL F 105 42.43 70.60 18.37
C VAL F 105 41.13 71.39 18.65
N ILE F 106 40.17 70.79 19.38
CA ILE F 106 38.93 71.52 19.68
C ILE F 106 39.19 72.82 20.51
N SER F 107 39.97 72.72 21.59
CA SER F 107 40.29 73.92 22.39
C SER F 107 40.95 75.01 21.54
N GLN F 108 41.89 74.61 20.68
CA GLN F 108 42.59 75.61 19.82
C GLN F 108 41.66 76.26 18.80
N VAL F 109 40.81 75.42 18.20
CA VAL F 109 39.92 75.92 17.17
C VAL F 109 38.81 76.81 17.76
N LEU F 110 38.14 76.30 18.82
CA LEU F 110 37.14 77.13 19.51
C LEU F 110 37.73 78.44 20.05
N GLY F 111 38.98 78.39 20.50
CA GLY F 111 39.61 79.59 21.04
C GLY F 111 39.99 80.64 20.02
N ASN F 112 40.05 80.27 18.74
CA ASN F 112 40.64 81.15 17.71
C ASN F 112 39.92 81.35 16.36
N CYS F 113 38.80 80.64 16.15
CA CYS F 113 38.20 80.66 14.82
C CYS F 113 36.73 81.04 14.89
N VAL F 114 36.22 81.62 13.83
CA VAL F 114 34.81 82.00 13.77
C VAL F 114 34.02 81.14 12.76
N THR F 115 34.49 81.06 11.52
CA THR F 115 33.75 80.34 10.51
C THR F 115 34.42 79.03 10.16
N VAL F 116 33.68 78.18 9.44
CA VAL F 116 34.27 76.93 8.98
C VAL F 116 35.47 77.17 8.03
N ASP F 117 35.41 78.21 7.20
CA ASP F 117 36.60 78.58 6.44
C ASP F 117 37.80 78.91 7.35
N ASP F 118 37.58 79.63 8.46
CA ASP F 118 38.68 79.92 9.41
C ASP F 118 39.29 78.62 9.95
N VAL F 119 38.41 77.65 10.24
CA VAL F 119 38.84 76.39 10.84
C VAL F 119 39.77 75.68 9.86
N ILE F 120 39.35 75.61 8.59
CA ILE F 120 40.16 74.96 7.53
C ILE F 120 41.50 75.65 7.36
N GLU F 121 41.50 76.98 7.34
CA GLU F 121 42.75 77.74 7.26
C GLU F 121 43.61 77.48 8.52
N LYS F 122 42.99 77.49 9.69
CA LYS F 122 43.72 77.20 10.94
C LYS F 122 44.49 75.87 10.87
N LEU F 123 43.81 74.81 10.46
CA LEU F 123 44.43 73.48 10.46
C LEU F 123 45.60 73.37 9.50
N THR F 124 45.61 74.20 8.44
CA THR F 124 46.75 74.23 7.52
C THR F 124 48.06 74.64 8.20
N SER F 125 47.95 75.37 9.31
CA SER F 125 49.11 75.82 10.04
C SER F 125 49.63 74.73 11.00
N TYR F 126 48.93 73.58 11.05
CA TYR F 126 49.25 72.53 12.02
C TYR F 126 49.53 71.17 11.40
N THR F 127 50.34 70.36 12.09
CA THR F 127 50.42 68.93 11.83
C THR F 127 50.06 68.20 13.14
N LEU F 128 49.08 67.31 13.06
CA LEU F 128 48.70 66.50 14.23
C LEU F 128 49.81 65.47 14.52
N LEU F 129 50.31 65.41 15.74
CA LEU F 129 51.44 64.51 16.05
C LEU F 129 51.02 63.36 16.92
N ASN F 130 51.79 62.29 16.79
CA ASN F 130 51.63 61.15 17.66
C ASN F 130 52.09 61.40 19.09
N GLU F 131 51.59 62.42 19.78
CA GLU F 131 52.03 62.69 21.14
C GLU F 131 51.07 62.03 22.12
N ALA F 132 51.61 61.32 23.11
CA ALA F 132 50.80 60.65 24.11
C ALA F 132 50.24 61.66 25.15
N ASN F 133 49.34 61.19 26.01
CA ASN F 133 48.85 61.99 27.15
C ASN F 133 48.64 61.14 28.40
N ILE F 134 48.70 61.73 29.59
CA ILE F 134 48.53 60.90 30.79
C ILE F 134 47.12 60.34 31.00
N ILE F 135 46.09 60.90 30.38
CA ILE F 135 44.76 60.36 30.66
C ILE F 135 44.55 59.05 29.88
N LEU F 136 44.91 59.03 28.61
CA LEU F 136 44.66 57.83 27.81
C LEU F 136 45.90 57.00 27.48
N GLY F 137 47.10 57.56 27.60
CA GLY F 137 48.28 56.94 27.01
C GLY F 137 48.46 57.45 25.56
N PHE F 138 48.33 56.56 24.59
CA PHE F 138 48.55 56.92 23.19
C PHE F 138 47.53 57.95 22.76
N ALA F 139 47.86 58.74 21.74
CA ALA F 139 46.91 59.76 21.29
C ALA F 139 45.73 58.97 20.77
N PRO F 140 44.52 59.36 21.11
CA PRO F 140 43.36 58.63 20.66
C PRO F 140 43.21 58.91 19.14
N PRO F 141 42.68 57.96 18.38
CA PRO F 141 42.37 58.18 16.97
C PRO F 141 41.08 59.04 16.85
N LEU F 142 41.15 60.20 16.21
CA LEU F 142 40.06 61.17 16.25
C LEU F 142 39.73 61.70 14.86
N HIS F 143 38.50 62.16 14.68
CA HIS F 143 38.23 63.09 13.62
C HIS F 143 37.29 64.18 14.15
N TYR F 144 37.04 65.22 13.36
CA TYR F 144 36.50 66.42 13.95
C TYR F 144 35.42 66.95 13.10
N THR F 145 34.43 67.50 13.76
CA THR F 145 33.35 68.21 13.07
C THR F 145 33.14 69.61 13.64
N PHE F 146 32.74 70.56 12.76
CA PHE F 146 32.49 71.94 13.17
C PHE F 146 31.25 72.43 12.43
N THR F 147 30.51 73.30 13.06
CA THR F 147 29.34 73.95 12.47
C THR F 147 29.42 75.38 13.00
N ASP F 148 29.38 76.34 12.08
CA ASP F 148 29.45 77.75 12.45
C ASP F 148 28.05 78.37 12.52
N ALA F 149 27.94 79.65 12.90
CA ALA F 149 26.62 80.25 13.20
C ALA F 149 25.69 80.22 11.99
N SER F 150 26.27 80.11 10.79
CA SER F 150 25.46 80.14 9.58
C SER F 150 24.84 78.79 9.36
N GLY F 151 25.35 77.78 10.07
CA GLY F 151 24.87 76.43 9.89
C GLY F 151 25.64 75.59 8.90
N GLU F 152 26.68 76.14 8.27
CA GLU F 152 27.53 75.31 7.46
C GLU F 152 28.32 74.33 8.36
N SER F 153 28.40 73.09 7.91
CA SER F 153 29.19 72.06 8.63
C SER F 153 30.35 71.53 7.81
N ILE F 154 31.42 71.15 8.50
CA ILE F 154 32.55 70.54 7.84
C ILE F 154 33.01 69.34 8.67
N VAL F 155 33.75 68.44 8.04
CA VAL F 155 34.35 67.30 8.70
C VAL F 155 35.84 67.28 8.37
N ILE F 156 36.70 67.06 9.37
CA ILE F 156 38.13 67.09 9.14
C ILE F 156 38.64 65.76 9.61
N GLU F 157 39.26 65.02 8.70
CA GLU F 157 39.71 63.66 9.00
C GLU F 157 41.19 63.48 8.72
N PRO F 158 41.94 63.12 9.76
CA PRO F 158 43.38 62.87 9.64
C PRO F 158 43.64 61.47 9.08
N ASP F 159 43.70 61.39 7.77
CA ASP F 159 43.74 60.11 7.07
C ASP F 159 45.16 59.76 6.77
N LYS F 160 45.34 58.53 6.29
CA LYS F 160 46.68 58.06 5.97
C LYS F 160 47.41 58.90 4.92
N THR F 161 46.64 59.43 3.96
CA THR F 161 47.14 60.33 2.92
C THR F 161 47.24 61.82 3.30
N GLY F 162 46.95 62.19 4.55
CA GLY F 162 46.92 63.62 4.91
C GLY F 162 45.55 64.05 5.39
N ILE F 163 45.44 65.27 5.87
CA ILE F 163 44.16 65.79 6.32
C ILE F 163 43.15 65.78 5.16
N THR F 164 42.00 65.15 5.34
CA THR F 164 40.92 65.20 4.36
C THR F 164 39.82 66.15 4.82
N ILE F 165 39.44 67.14 4.00
CA ILE F 165 38.42 68.13 4.41
C ILE F 165 37.20 67.82 3.58
N HIS F 166 36.06 67.73 4.24
CA HIS F 166 34.79 67.71 3.55
C HIS F 166 33.99 68.96 3.95
N ARG F 167 33.58 69.72 2.92
CA ARG F 167 32.91 71.00 3.07
C ARG F 167 31.40 70.85 2.88
N LYS F 168 30.62 71.72 3.51
CA LYS F 168 29.17 71.78 3.25
C LYS F 168 28.55 70.38 3.36
N THR F 169 28.86 69.68 4.46
CA THR F 169 28.34 68.31 4.66
C THR F 169 26.88 68.26 5.08
N ILE F 170 26.34 67.05 5.26
CA ILE F 170 24.95 66.91 5.76
C ILE F 170 24.78 67.17 7.27
N GLY F 171 25.86 67.50 7.98
CA GLY F 171 25.78 67.76 9.40
C GLY F 171 25.38 66.54 10.22
N VAL F 172 26.03 65.41 9.89
CA VAL F 172 26.01 64.17 10.67
C VAL F 172 27.41 63.64 10.70
N MET F 173 27.86 63.12 11.85
CA MET F 173 29.19 62.45 11.95
C MET F 173 29.21 61.46 13.10
N THR F 174 29.75 60.26 12.85
CA THR F 174 29.86 59.30 13.94
C THR F 174 31.32 58.92 14.05
N ALA F 175 31.65 57.68 13.72
CA ALA F 175 33.05 57.32 13.75
C ALA F 175 33.44 56.74 12.40
N SER F 176 34.33 55.74 12.38
CA SER F 176 34.93 55.27 11.11
C SER F 176 33.87 54.54 10.26
N PRO F 177 34.05 54.44 8.95
CA PRO F 177 35.14 55.00 8.13
C PRO F 177 34.97 56.46 7.79
N GLY F 178 35.62 56.90 6.70
CA GLY F 178 35.66 58.33 6.35
C GLY F 178 34.31 58.87 5.93
N TYR F 179 34.19 60.20 5.85
CA TYR F 179 32.88 60.82 5.62
C TYR F 179 32.36 60.41 4.27
N GLU F 180 33.22 60.38 3.25
CA GLU F 180 32.73 60.10 1.88
C GLU F 180 32.14 58.70 1.86
N TRP F 181 32.67 57.78 2.66
CA TRP F 181 32.13 56.41 2.66
C TRP F 181 30.71 56.40 3.25
N HIS F 182 30.50 57.12 4.35
CA HIS F 182 29.18 57.16 4.95
C HIS F 182 28.21 57.86 4.03
N GLN F 183 28.65 58.94 3.41
CA GLN F 183 27.76 59.73 2.56
C GLN F 183 27.26 58.87 1.41
N THR F 184 28.14 58.03 0.88
CA THR F 184 27.79 57.13 -0.20
C THR F 184 26.89 56.02 0.35
N ASN F 185 27.20 55.54 1.55
CA ASN F 185 26.34 54.50 2.19
C ASN F 185 24.87 54.96 2.34
N LEU F 186 24.64 56.26 2.57
CA LEU F 186 23.28 56.79 2.66
C LEU F 186 22.40 56.29 1.48
N ARG F 187 23.01 56.19 0.29
CA ARG F 187 22.22 55.88 -0.92
C ARG F 187 21.57 54.51 -0.89
N ALA F 188 22.20 53.57 -0.19
CA ALA F 188 21.67 52.20 -0.07
C ALA F 188 20.38 52.15 0.77
N TYR F 189 20.02 53.26 1.40
CA TYR F 189 18.91 53.25 2.37
C TYR F 189 17.83 54.27 2.05
N ILE F 190 17.83 54.79 0.82
CA ILE F 190 16.82 55.84 0.52
C ILE F 190 15.41 55.35 0.65
N GLY F 191 15.27 54.01 0.66
CA GLY F 191 13.97 53.37 0.84
C GLY F 191 13.47 53.31 2.31
N VAL F 192 14.31 53.73 3.25
CA VAL F 192 13.88 53.89 4.62
C VAL F 192 13.08 55.20 4.75
N THR F 193 11.77 55.05 4.90
CA THR F 193 10.92 56.28 4.99
C THR F 193 9.91 56.16 6.11
N PRO F 194 9.21 57.25 6.44
CA PRO F 194 8.15 57.18 7.47
C PRO F 194 6.93 56.41 7.05
N ASN F 195 6.75 56.24 5.74
CA ASN F 195 5.46 55.79 5.20
C ASN F 195 5.36 54.30 5.07
N PRO F 196 4.22 53.72 5.44
CA PRO F 196 4.11 52.25 5.37
C PRO F 196 4.06 51.67 3.92
N PRO F 197 4.49 50.43 3.74
CA PRO F 197 4.41 49.77 2.42
C PRO F 197 2.96 49.36 2.16
N GLN F 198 2.56 49.29 0.88
CA GLN F 198 1.22 48.79 0.58
C GLN F 198 1.00 47.28 0.81
N ASP F 199 -0.23 46.94 1.19
CA ASP F 199 -0.65 45.55 1.28
C ASP F 199 -0.39 44.80 -0.03
N ILE F 200 -0.07 43.50 0.09
CA ILE F 200 0.01 42.64 -1.07
C ILE F 200 -0.84 41.40 -0.88
N MET F 201 -1.01 40.66 -1.97
CA MET F 201 -1.58 39.32 -1.84
C MET F 201 -0.53 38.25 -2.19
N MET F 202 -0.63 37.07 -1.58
CA MET F 202 0.08 35.89 -2.09
C MET F 202 -0.95 34.79 -2.24
N GLY F 203 -1.30 34.46 -3.49
CA GLY F 203 -2.49 33.67 -3.74
C GLY F 203 -3.69 34.39 -3.15
N ASP F 204 -4.42 33.68 -2.30
CA ASP F 204 -5.65 34.17 -1.68
C ASP F 204 -5.35 34.92 -0.39
N LEU F 205 -4.06 35.00 -0.05
CA LEU F 205 -3.71 35.53 1.24
C LEU F 205 -3.36 37.01 1.20
N ASP F 206 -4.14 37.82 1.93
CA ASP F 206 -3.90 39.26 2.01
C ASP F 206 -2.86 39.50 3.08
N LEU F 207 -1.81 40.23 2.76
CA LEU F 207 -0.77 40.50 3.76
C LEU F 207 -0.66 41.99 4.04
N THR F 208 -0.72 42.34 5.32
CA THR F 208 -0.71 43.77 5.72
C THR F 208 0.33 43.88 6.85
N PRO F 209 0.87 45.07 7.13
CA PRO F 209 1.84 45.20 8.24
C PRO F 209 1.23 44.82 9.59
N PHE F 210 2.12 44.50 10.53
CA PHE F 210 1.71 44.22 11.90
C PHE F 210 1.10 45.44 12.60
N GLY F 211 1.59 46.64 12.32
CA GLY F 211 1.07 47.85 12.91
C GLY F 211 1.56 49.06 12.12
N GLN F 212 2.44 49.83 12.74
CA GLN F 212 3.08 50.97 12.05
C GLN F 212 4.58 50.72 11.83
N GLY F 213 5.25 51.67 11.19
CA GLY F 213 6.71 51.64 11.15
C GLY F 213 7.36 50.83 10.07
N ALA F 214 6.59 50.13 9.23
CA ALA F 214 7.24 49.28 8.26
C ALA F 214 8.00 49.98 7.13
N GLY F 215 7.80 51.28 6.95
CA GLY F 215 8.59 52.03 5.97
C GLY F 215 10.09 52.05 6.33
N GLY F 216 10.39 51.75 7.58
CA GLY F 216 11.80 51.76 8.04
C GLY F 216 12.55 50.49 7.72
N LEU F 217 11.86 49.49 7.14
CA LEU F 217 12.48 48.18 6.86
C LEU F 217 13.81 48.32 6.11
N GLY F 218 14.87 47.70 6.67
CA GLY F 218 16.19 47.77 6.09
C GLY F 218 17.15 48.55 6.98
N LEU F 219 16.65 49.46 7.80
CA LEU F 219 17.52 50.26 8.66
C LEU F 219 18.08 49.34 9.75
N PRO F 220 19.39 49.33 9.92
CA PRO F 220 19.99 48.49 10.97
C PRO F 220 19.82 49.13 12.37
N GLY F 221 19.74 48.24 13.37
CA GLY F 221 19.52 48.64 14.76
C GLY F 221 20.76 48.41 15.65
N ASP F 222 21.86 47.96 15.08
CA ASP F 222 23.06 47.76 15.92
C ASP F 222 23.77 49.09 16.19
N PHE F 223 24.79 49.03 17.06
CA PHE F 223 25.51 50.26 17.41
C PHE F 223 26.85 50.48 16.74
N THR F 224 27.08 49.84 15.60
CA THR F 224 28.29 50.11 14.83
C THR F 224 28.21 51.56 14.28
N PRO F 225 29.38 52.15 14.01
CA PRO F 225 29.42 53.54 13.53
C PRO F 225 28.67 53.73 12.23
N SER F 226 28.66 52.72 11.37
CA SER F 226 27.93 52.89 10.10
C SER F 226 26.43 52.88 10.35
N ALA F 227 25.97 51.98 11.21
CA ALA F 227 24.55 51.95 11.55
C ALA F 227 24.13 53.22 12.31
N ARG F 228 24.99 53.66 13.22
CA ARG F 228 24.67 54.94 13.93
C ARG F 228 24.49 56.09 12.95
N PHE F 229 25.37 56.19 11.94
CA PHE F 229 25.37 57.31 11.02
C PHE F 229 24.03 57.25 10.27
N LEU F 230 23.66 56.05 9.84
CA LEU F 230 22.42 55.94 9.08
C LEU F 230 21.20 56.37 9.94
N ARG F 231 21.12 55.85 11.17
CA ARG F 231 19.99 56.27 12.01
C ARG F 231 19.94 57.77 12.29
N VAL F 232 21.09 58.36 12.64
CA VAL F 232 21.11 59.82 12.85
C VAL F 232 20.71 60.56 11.57
N ALA F 233 21.24 60.15 10.43
CA ALA F 233 20.99 60.90 9.19
C ALA F 233 19.52 60.81 8.73
N TYR F 234 19.01 59.57 8.69
CA TYR F 234 17.61 59.36 8.34
C TYR F 234 16.61 59.95 9.35
N TRP F 235 16.90 59.81 10.65
CA TRP F 235 16.01 60.43 11.62
C TRP F 235 16.17 61.96 11.66
N LYS F 236 17.38 62.47 11.37
CA LYS F 236 17.50 63.93 11.15
C LYS F 236 16.57 64.39 10.00
N LYS F 237 16.59 63.63 8.91
CA LYS F 237 15.86 64.02 7.72
C LYS F 237 14.36 64.10 8.02
N TYR F 238 13.88 63.09 8.73
CA TYR F 238 12.43 62.96 8.88
C TYR F 238 11.83 63.49 10.16
N THR F 239 12.65 63.79 11.18
CA THR F 239 12.10 64.42 12.38
C THR F 239 11.60 65.85 12.05
N GLU F 240 10.45 66.21 12.62
CA GLU F 240 9.89 67.55 12.44
C GLU F 240 10.91 68.63 12.76
N LYS F 241 10.94 69.67 11.93
CA LYS F 241 11.83 70.80 12.16
C LYS F 241 11.54 71.48 13.51
N ALA F 242 12.59 71.86 14.23
CA ALA F 242 12.44 72.55 15.50
C ALA F 242 12.05 74.00 15.21
N LYS F 243 11.12 74.53 15.97
CA LYS F 243 10.66 75.92 15.76
C LYS F 243 11.37 76.97 16.61
N ASN F 244 12.16 76.50 17.57
CA ASN F 244 12.92 77.39 18.47
C ASN F 244 14.08 76.62 19.09
N GLU F 245 14.88 77.29 19.92
CA GLU F 245 16.07 76.64 20.49
C GLU F 245 15.67 75.48 21.39
N THR F 246 14.62 75.62 22.20
CA THR F 246 14.28 74.56 23.15
C THR F 246 13.84 73.31 22.38
N GLU F 247 12.99 73.51 21.38
CA GLU F 247 12.61 72.43 20.50
C GLU F 247 13.87 71.81 19.85
N GLY F 248 14.84 72.64 19.49
CA GLY F 248 16.05 72.12 18.86
C GLY F 248 16.76 71.16 19.81
N VAL F 249 16.94 71.55 21.06
CA VAL F 249 17.61 70.65 22.05
C VAL F 249 16.80 69.33 22.17
N THR F 250 15.50 69.52 22.34
CA THR F 250 14.61 68.39 22.53
C THR F 250 14.68 67.43 21.35
N ASN F 251 14.59 67.95 20.15
CA ASN F 251 14.66 67.14 18.93
C ASN F 251 16.02 66.46 18.77
N LEU F 252 17.11 67.18 19.07
CA LEU F 252 18.43 66.62 18.89
C LEU F 252 18.56 65.41 19.81
N PHE F 253 18.07 65.51 21.02
CA PHE F 253 18.18 64.41 21.97
C PHE F 253 17.23 63.26 21.61
N HIS F 254 16.07 63.52 21.00
CA HIS F 254 15.25 62.45 20.49
C HIS F 254 15.96 61.74 19.36
N ILE F 255 16.62 62.46 18.50
CA ILE F 255 17.31 61.77 17.40
C ILE F 255 18.41 60.96 17.96
N LEU F 256 19.15 61.49 18.93
CA LEU F 256 20.27 60.72 19.48
C LEU F 256 19.81 59.59 20.38
N SER F 257 18.56 59.56 20.78
CA SER F 257 18.10 58.43 21.58
C SER F 257 18.23 57.13 20.78
N SER F 258 18.13 57.21 19.45
CA SER F 258 18.30 56.03 18.61
C SER F 258 19.73 55.47 18.67
N VAL F 259 20.70 56.24 19.17
CA VAL F 259 22.09 55.81 19.23
C VAL F 259 22.64 55.89 20.67
N ASN F 260 21.73 55.89 21.63
CA ASN F 260 22.03 55.90 23.04
C ASN F 260 22.32 54.48 23.56
N ILE F 261 23.54 54.25 24.06
CA ILE F 261 23.94 52.87 24.37
C ILE F 261 23.83 52.57 25.87
N PRO F 262 22.96 51.63 26.27
CA PRO F 262 22.82 51.24 27.68
C PRO F 262 24.07 50.49 28.09
N LYS F 263 24.46 50.57 29.35
CA LYS F 263 25.59 49.76 29.82
C LYS F 263 25.34 48.27 29.71
N GLY F 264 26.29 47.57 29.10
CA GLY F 264 26.27 46.13 28.95
C GLY F 264 25.90 45.69 27.52
N VAL F 265 25.33 46.61 26.72
CA VAL F 265 24.86 46.22 25.42
C VAL F 265 25.98 46.16 24.37
N VAL F 266 27.07 46.89 24.61
CA VAL F 266 28.19 46.81 23.71
C VAL F 266 29.43 46.61 24.56
N LEU F 267 30.18 45.56 24.27
CA LEU F 267 31.51 45.42 24.90
C LEU F 267 32.59 45.50 23.87
N THR F 268 33.76 45.96 24.25
CA THR F 268 34.90 46.02 23.33
C THR F 268 35.57 44.64 23.23
N ASN F 269 36.55 44.50 22.35
CA ASN F 269 37.19 43.18 22.23
C ASN F 269 38.13 42.88 23.42
N GLU F 270 38.25 43.78 24.37
CA GLU F 270 38.90 43.40 25.62
C GLU F 270 37.87 43.29 26.75
N GLY F 271 36.60 43.42 26.42
CA GLY F 271 35.58 43.10 27.39
C GLY F 271 35.12 44.27 28.23
N LYS F 272 35.54 45.48 27.83
CA LYS F 272 35.13 46.70 28.55
C LYS F 272 33.76 47.15 28.07
N THR F 273 32.97 47.72 28.98
CA THR F 273 31.64 48.22 28.64
C THR F 273 31.69 49.62 28.00
N ASP F 274 31.19 49.72 26.77
CA ASP F 274 31.16 51.00 26.05
C ASP F 274 29.73 51.51 26.08
N TYR F 275 29.51 52.70 26.66
CA TYR F 275 28.15 53.19 26.91
C TYR F 275 28.09 54.68 26.66
N THR F 276 26.88 55.20 26.49
CA THR F 276 26.73 56.66 26.37
C THR F 276 26.83 57.38 27.68
N ILE F 277 28.01 57.93 27.95
CA ILE F 277 28.33 58.63 29.19
C ILE F 277 27.53 59.92 29.34
N TYR F 278 27.41 60.70 28.24
CA TYR F 278 26.62 61.93 28.28
C TYR F 278 26.13 62.30 26.89
N THR F 279 25.18 63.19 26.85
CA THR F 279 24.63 63.70 25.58
C THR F 279 24.60 65.22 25.75
N SER F 280 25.20 65.95 24.82
CA SER F 280 25.21 67.42 24.91
C SER F 280 24.61 68.06 23.65
N ALA F 281 24.20 69.31 23.79
CA ALA F 281 23.77 70.15 22.69
C ALA F 281 24.29 71.57 22.98
N MET F 282 24.45 72.35 21.93
CA MET F 282 24.89 73.75 22.09
C MET F 282 24.25 74.53 20.95
N CYS F 283 24.10 75.84 21.11
CA CYS F 283 23.42 76.71 20.17
C CYS F 283 24.36 77.86 19.80
N ALA F 284 24.58 78.03 18.49
CA ALA F 284 25.52 79.04 18.00
C ALA F 284 25.12 80.49 18.38
N GLN F 285 23.82 80.78 18.26
CA GLN F 285 23.33 82.15 18.47
C GLN F 285 23.26 82.59 19.94
N SER F 286 22.92 81.64 20.81
CA SER F 286 22.70 81.92 22.21
C SER F 286 23.97 81.62 23.03
N LYS F 287 24.85 80.80 22.46
CA LYS F 287 26.05 80.32 23.20
C LYS F 287 25.70 79.58 24.48
N ASN F 288 24.54 78.92 24.47
CA ASN F 288 24.14 78.05 25.58
C ASN F 288 24.61 76.64 25.32
N TYR F 289 25.12 76.01 26.37
CA TYR F 289 25.54 74.60 26.35
C TYR F 289 24.58 73.75 27.24
N TYR F 290 24.14 72.59 26.72
CA TYR F 290 23.13 71.78 27.40
C TYR F 290 23.66 70.37 27.55
N PHE F 291 23.36 69.72 28.66
CA PHE F 291 23.74 68.31 28.76
C PHE F 291 22.90 67.47 29.70
N LYS F 292 22.88 66.19 29.37
CA LYS F 292 22.31 65.19 30.26
C LYS F 292 23.29 64.04 30.35
N LEU F 293 23.05 63.16 31.32
CA LEU F 293 24.07 62.17 31.65
C LEU F 293 23.46 60.81 31.68
N TYR F 294 24.32 59.77 31.65
CA TYR F 294 23.79 58.41 31.69
C TYR F 294 22.84 58.25 32.89
N ASP F 295 23.23 58.78 34.03
CA ASP F 295 22.44 58.56 35.23
C ASP F 295 21.43 59.67 35.53
N ASN F 296 21.30 60.66 34.66
CA ASN F 296 20.43 61.81 34.98
C ASN F 296 19.91 62.36 33.68
N SER F 297 18.64 62.09 33.44
CA SER F 297 17.88 62.45 32.23
C SER F 297 17.50 63.95 32.18
N ARG F 298 17.63 64.67 33.31
CA ARG F 298 17.24 66.08 33.33
C ARG F 298 18.35 66.90 32.66
N ILE F 299 17.98 67.71 31.68
CA ILE F 299 18.98 68.53 30.98
C ILE F 299 19.43 69.74 31.85
N SER F 300 20.75 69.98 31.95
CA SER F 300 21.32 71.16 32.66
C SER F 300 21.82 72.09 31.59
N ALA F 301 21.82 73.40 31.82
CA ALA F 301 22.33 74.34 30.84
C ALA F 301 23.30 75.33 31.51
N VAL F 302 24.30 75.74 30.71
CA VAL F 302 25.26 76.79 31.09
C VAL F 302 25.24 77.83 29.98
N SER F 303 25.15 79.12 30.35
CA SER F 303 25.24 80.18 29.38
C SER F 303 26.69 80.73 29.40
N LEU F 304 27.32 80.70 28.24
CA LEU F 304 28.64 81.29 28.10
C LEU F 304 28.66 82.80 28.43
N MET F 305 27.72 83.52 27.81
CA MET F 305 27.74 84.98 27.84
C MET F 305 27.30 85.55 29.20
N ALA F 306 26.76 84.69 30.08
CA ALA F 306 26.47 85.05 31.49
C ALA F 306 27.72 85.34 32.33
N GLU F 307 28.87 84.84 31.90
CA GLU F 307 30.09 84.93 32.72
C GLU F 307 30.99 86.06 32.25
N ASN F 308 31.98 86.37 33.09
CA ASN F 308 33.02 87.32 32.77
C ASN F 308 34.00 86.60 31.86
N LEU F 309 33.92 86.95 30.58
CA LEU F 309 34.77 86.33 29.57
C LEU F 309 36.23 86.75 29.63
N ASN F 310 36.55 87.76 30.44
CA ASN F 310 37.96 88.07 30.69
C ASN F 310 38.40 87.67 32.08
N SER F 311 37.70 86.68 32.64
CA SER F 311 38.12 86.03 33.89
C SER F 311 39.55 85.47 33.79
N GLN F 312 40.28 85.54 34.89
CA GLN F 312 41.61 84.95 34.96
C GLN F 312 41.57 83.41 34.95
N ASP F 313 40.53 82.86 35.57
CA ASP F 313 40.52 81.41 35.79
C ASP F 313 39.40 80.74 35.04
N LEU F 314 39.57 79.45 34.84
CA LEU F 314 38.48 78.64 34.30
C LEU F 314 37.24 78.73 35.17
N ILE F 315 36.07 78.64 34.53
CA ILE F 315 34.82 78.56 35.29
C ILE F 315 34.25 77.17 35.01
N THR F 316 33.98 76.37 36.04
CA THR F 316 33.58 74.97 35.79
C THR F 316 32.32 74.60 36.54
N PHE F 317 31.62 73.61 35.99
CA PHE F 317 30.35 73.13 36.55
C PHE F 317 30.43 71.60 36.59
N GLU F 318 30.18 71.02 37.77
CA GLU F 318 30.35 69.59 37.95
C GLU F 318 29.09 68.80 37.57
N TRP F 319 29.31 67.55 37.16
CA TRP F 319 28.21 66.63 36.85
C TRP F 319 27.40 66.32 38.10
N ASP F 320 26.10 66.16 37.91
CA ASP F 320 25.26 65.63 38.97
C ASP F 320 24.73 64.29 38.52
N ARG F 321 25.35 63.21 38.97
CA ARG F 321 25.01 61.91 38.43
C ARG F 321 23.76 61.33 39.10
N LYS F 322 23.15 62.04 40.04
CA LYS F 322 21.92 61.53 40.63
C LYS F 322 20.71 61.77 39.71
N GLN F 323 19.88 60.74 39.46
CA GLN F 323 18.69 60.94 38.62
C GLN F 323 17.80 62.03 39.22
N ASP F 324 17.61 63.15 38.53
CA ASP F 324 16.98 64.32 39.17
C ASP F 324 15.49 64.19 38.99
N ILE F 325 14.87 63.45 39.89
CA ILE F 325 13.45 63.17 39.77
C ILE F 325 12.61 64.24 40.49
N LYS F 326 11.61 64.81 39.81
CA LYS F 326 10.76 65.81 40.45
C LYS F 326 9.67 65.06 41.24
N GLN F 327 9.57 65.33 42.54
CA GLN F 327 8.55 64.70 43.39
C GLN F 327 7.28 65.52 43.36
N LEU F 328 6.20 64.94 42.81
CA LEU F 328 4.94 65.71 42.66
C LEU F 328 4.03 65.61 43.90
N ASN F 329 4.36 64.68 44.77
CA ASN F 329 3.72 64.56 46.07
C ASN F 329 4.73 63.90 47.05
N CYS G 1 25.25 43.08 -12.82
CA CYS G 1 26.23 41.99 -13.08
C CYS G 1 27.05 41.77 -11.83
N SER G 2 27.70 40.61 -11.75
CA SER G 2 28.52 40.25 -10.58
C SER G 2 29.65 39.40 -11.10
N SER G 3 30.81 39.42 -10.45
CA SER G 3 31.92 38.67 -11.00
C SER G 3 32.89 38.30 -9.90
N LEU G 4 33.72 37.29 -10.16
CA LEU G 4 34.77 36.91 -9.22
C LEU G 4 35.78 35.99 -9.91
N SER G 5 36.96 35.88 -9.29
CA SER G 5 37.98 34.92 -9.71
C SER G 5 38.29 34.02 -8.54
N ILE G 6 38.75 32.81 -8.85
CA ILE G 6 39.25 31.86 -7.85
C ILE G 6 40.52 31.21 -8.37
N ARG G 7 41.26 30.59 -7.43
CA ARG G 7 42.46 29.79 -7.74
C ARG G 7 42.17 28.35 -7.34
N THR G 8 42.50 27.37 -8.19
CA THR G 8 42.38 25.96 -7.79
C THR G 8 43.63 25.46 -7.06
N THR G 9 43.51 24.30 -6.44
CA THR G 9 44.68 23.73 -5.77
C THR G 9 45.67 23.15 -6.79
N ASP G 10 45.24 22.98 -8.04
CA ASP G 10 46.17 22.58 -9.11
C ASP G 10 46.68 23.78 -9.96
N ASP G 11 46.73 24.97 -9.33
CA ASP G 11 47.41 26.14 -9.86
C ASP G 11 46.78 26.73 -11.16
N LYS G 12 45.46 26.71 -11.20
CA LYS G 12 44.73 27.34 -12.29
C LYS G 12 43.94 28.52 -11.76
N SER G 13 43.81 29.54 -12.61
CA SER G 13 43.00 30.71 -12.28
C SER G 13 41.79 30.68 -13.20
N LEU G 14 40.62 30.91 -12.59
CA LEU G 14 39.36 31.02 -13.31
C LEU G 14 38.67 32.29 -12.89
N PHE G 15 37.89 32.84 -13.81
CA PHE G 15 37.11 34.05 -13.56
C PHE G 15 35.70 33.77 -14.11
N ALA G 16 34.65 34.27 -13.44
CA ALA G 16 33.27 34.07 -13.89
C ALA G 16 32.46 35.33 -13.66
N ARG G 17 31.38 35.47 -14.41
CA ARG G 17 30.51 36.62 -14.23
C ARG G 17 29.08 36.26 -14.58
N THR G 18 28.14 36.94 -13.95
CA THR G 18 26.76 36.96 -14.46
C THR G 18 26.58 38.18 -15.33
N MET G 19 25.71 38.07 -16.34
CA MET G 19 25.36 39.22 -17.13
C MET G 19 23.91 39.51 -16.82
N ASP G 20 23.67 40.66 -16.18
CA ASP G 20 22.32 41.06 -15.81
C ASP G 20 21.93 42.27 -16.62
N PHE G 21 20.84 42.17 -17.35
CA PHE G 21 20.41 43.28 -18.21
C PHE G 21 18.95 43.11 -18.53
N THR G 22 18.43 44.03 -19.33
CA THR G 22 17.00 44.13 -19.57
C THR G 22 16.62 43.67 -20.97
N MET G 23 17.61 43.36 -21.79
CA MET G 23 17.35 42.97 -23.18
C MET G 23 18.47 42.05 -23.59
N GLU G 24 18.17 41.15 -24.52
CA GLU G 24 19.22 40.33 -25.13
C GLU G 24 19.39 40.75 -26.61
N PRO G 25 20.29 41.70 -26.91
CA PRO G 25 20.70 41.93 -28.30
C PRO G 25 21.37 40.65 -28.74
N ASP G 26 21.39 40.40 -30.05
CA ASP G 26 22.03 39.24 -30.62
C ASP G 26 23.44 39.13 -30.01
N SER G 27 23.65 38.09 -29.19
CA SER G 27 24.90 37.79 -28.47
C SER G 27 25.28 36.34 -28.69
N LYS G 28 26.58 36.05 -28.60
CA LYS G 28 27.07 34.73 -28.94
C LYS G 28 28.50 34.61 -28.46
N VAL G 29 29.06 33.40 -28.54
CA VAL G 29 30.44 33.21 -28.15
C VAL G 29 31.25 33.57 -29.39
N ILE G 30 32.25 34.42 -29.19
CA ILE G 30 33.04 34.94 -30.33
C ILE G 30 34.49 34.57 -30.09
N ILE G 31 35.15 33.99 -31.10
CA ILE G 31 36.61 33.84 -31.08
C ILE G 31 37.14 34.83 -32.10
N VAL G 32 37.97 35.76 -31.64
CA VAL G 32 38.57 36.76 -32.52
C VAL G 32 39.95 36.23 -32.85
N PRO G 33 40.26 35.98 -34.12
CA PRO G 33 41.60 35.48 -34.46
C PRO G 33 42.67 36.59 -34.31
N ARG G 34 43.95 36.20 -34.25
CA ARG G 34 45.06 37.14 -34.29
C ARG G 34 44.91 38.02 -35.52
N ASN G 35 45.30 39.30 -35.42
CA ASN G 35 45.44 40.17 -36.58
C ASN G 35 44.09 40.50 -37.25
N TYR G 36 42.98 40.28 -36.55
CA TYR G 36 41.68 40.58 -37.11
C TYR G 36 41.52 42.10 -37.16
N GLY G 37 42.02 42.80 -36.14
CA GLY G 37 41.85 44.24 -36.02
C GLY G 37 40.59 44.66 -35.27
N ILE G 38 40.70 45.66 -34.39
CA ILE G 38 39.56 46.15 -33.61
C ILE G 38 39.58 47.70 -33.65
N ARG G 39 38.48 48.31 -34.08
CA ARG G 39 38.28 49.77 -33.96
C ARG G 39 38.55 50.28 -32.54
N LEU G 40 39.03 51.52 -32.44
CA LEU G 40 39.01 52.24 -31.17
C LEU G 40 37.67 52.96 -31.00
N LEU G 41 37.15 53.55 -32.08
CA LEU G 41 35.95 54.38 -31.98
C LEU G 41 35.04 54.03 -33.14
N GLU G 42 33.75 54.12 -32.91
CA GLU G 42 32.80 53.84 -33.98
C GLU G 42 32.79 54.97 -35.01
N LYS G 43 33.08 56.20 -34.62
CA LYS G 43 32.99 57.31 -35.59
C LYS G 43 34.34 57.80 -36.18
N GLU G 44 35.42 57.04 -35.94
CA GLU G 44 36.74 57.29 -36.53
C GLU G 44 37.20 55.95 -37.09
N ASN G 45 38.05 55.94 -38.11
CA ASN G 45 38.30 54.65 -38.70
C ASN G 45 39.60 53.93 -38.35
N VAL G 46 40.33 54.40 -37.35
CA VAL G 46 41.57 53.73 -37.00
C VAL G 46 41.20 52.34 -36.50
N VAL G 47 41.91 51.33 -36.99
CA VAL G 47 41.81 49.94 -36.53
C VAL G 47 43.16 49.49 -35.92
N ILE G 48 43.12 48.92 -34.72
CA ILE G 48 44.34 48.47 -34.07
C ILE G 48 44.45 46.99 -34.31
N ASN G 49 45.54 46.56 -34.90
CA ASN G 49 45.80 45.13 -35.07
C ASN G 49 45.99 44.45 -33.71
N ASN G 50 45.21 43.39 -33.44
CA ASN G 50 45.36 42.68 -32.19
C ASN G 50 46.38 41.60 -32.33
N SER G 51 47.38 41.60 -31.44
CA SER G 51 48.40 40.55 -31.47
C SER G 51 47.86 39.18 -31.10
N TYR G 52 46.92 39.15 -30.15
CA TYR G 52 46.42 37.88 -29.60
C TYR G 52 44.99 37.50 -29.98
N ALA G 53 44.78 36.19 -30.15
CA ALA G 53 43.43 35.66 -30.30
C ALA G 53 42.75 35.60 -28.92
N PHE G 54 41.42 35.73 -28.93
CA PHE G 54 40.68 35.62 -27.67
C PHE G 54 39.28 35.08 -27.91
N VAL G 55 38.67 34.56 -26.84
CA VAL G 55 37.31 34.00 -26.89
C VAL G 55 36.51 34.61 -25.73
N GLY G 56 35.24 34.89 -26.01
CA GLY G 56 34.32 35.18 -24.91
C GLY G 56 32.95 35.51 -25.45
N MET G 57 32.07 36.08 -24.61
CA MET G 57 30.74 36.41 -25.07
C MET G 57 30.74 37.82 -25.60
N GLY G 58 30.02 38.06 -26.69
CA GLY G 58 29.97 39.40 -27.21
C GLY G 58 28.95 39.57 -28.33
N SER G 59 29.02 40.72 -29.00
CA SER G 59 28.11 41.07 -30.08
C SER G 59 28.94 41.35 -31.35
N THR G 60 28.39 40.99 -32.51
CA THR G 60 28.96 41.39 -33.80
C THR G 60 28.09 42.49 -34.47
N ASP G 61 27.26 43.19 -33.70
CA ASP G 61 26.34 44.14 -34.32
C ASP G 61 26.98 45.45 -34.78
N ILE G 62 28.17 45.78 -34.31
CA ILE G 62 28.75 47.03 -34.76
C ILE G 62 30.07 46.73 -35.48
N THR G 63 30.90 47.73 -35.76
CA THR G 63 32.01 47.53 -36.71
C THR G 63 33.02 46.45 -36.29
N SER G 64 33.48 46.48 -35.06
CA SER G 64 34.32 45.38 -34.54
C SER G 64 33.56 44.62 -33.47
N PRO G 65 33.99 43.38 -33.24
CA PRO G 65 33.42 42.56 -32.16
C PRO G 65 33.56 43.23 -30.82
N VAL G 66 32.44 43.30 -30.10
CA VAL G 66 32.53 43.82 -28.75
C VAL G 66 32.39 42.66 -27.81
N LEU G 67 33.44 42.46 -27.02
CA LEU G 67 33.47 41.35 -26.06
C LEU G 67 33.05 41.88 -24.69
N TYR G 68 32.10 41.16 -24.08
CA TYR G 68 31.62 41.54 -22.75
C TYR G 68 32.55 41.00 -21.68
N ASP G 69 33.20 39.87 -21.99
CA ASP G 69 34.17 39.19 -21.15
C ASP G 69 34.89 38.17 -22.01
N GLY G 70 35.99 37.63 -21.52
CA GLY G 70 36.66 36.60 -22.31
C GLY G 70 38.04 36.28 -21.74
N VAL G 71 38.71 35.38 -22.45
CA VAL G 71 40.08 34.96 -22.10
C VAL G 71 40.92 34.94 -23.39
N ASN G 72 42.16 35.43 -23.31
CA ASN G 72 43.01 35.41 -24.51
C ASN G 72 43.98 34.24 -24.54
N GLU G 73 44.71 34.10 -25.65
CA GLU G 73 45.62 32.99 -25.82
C GLU G 73 46.81 33.04 -24.85
N LYS G 74 46.99 34.17 -24.14
CA LYS G 74 48.04 34.29 -23.14
C LYS G 74 47.56 34.21 -21.67
N GLY G 75 46.31 33.80 -21.50
CA GLY G 75 45.75 33.57 -20.18
C GLY G 75 45.19 34.81 -19.50
N LEU G 76 45.18 35.96 -20.19
CA LEU G 76 44.52 37.14 -19.61
C LEU G 76 43.00 37.01 -19.66
N MET G 77 42.33 37.29 -18.56
CA MET G 77 40.86 37.21 -18.50
C MET G 77 40.31 38.58 -18.06
N GLY G 78 39.12 38.94 -18.52
CA GLY G 78 38.53 40.16 -17.99
C GLY G 78 37.07 40.36 -18.36
N ALA G 79 36.47 41.47 -17.91
CA ALA G 79 35.04 41.70 -18.23
C ALA G 79 34.69 43.16 -18.02
N MET G 80 33.70 43.65 -18.78
CA MET G 80 33.09 44.96 -18.49
C MET G 80 31.75 44.73 -17.77
N LEU G 81 31.51 45.48 -16.70
CA LEU G 81 30.29 45.40 -15.91
C LEU G 81 29.78 46.83 -15.74
N TYR G 82 28.50 46.95 -15.43
CA TYR G 82 27.89 48.27 -15.19
C TYR G 82 28.46 49.02 -14.00
N TYR G 83 28.30 50.34 -14.04
CA TYR G 83 28.96 51.27 -13.10
C TYR G 83 28.15 52.57 -13.14
N ALA G 84 26.84 52.41 -12.94
CA ALA G 84 25.88 53.52 -13.15
C ALA G 84 26.16 54.64 -12.13
N THR G 85 26.02 55.90 -12.58
CA THR G 85 26.22 57.13 -11.74
C THR G 85 27.63 57.47 -11.31
N PHE G 86 28.59 56.58 -11.61
CA PHE G 86 30.01 56.83 -11.32
C PHE G 86 30.84 56.96 -12.60
N ALA G 87 30.55 56.12 -13.60
CA ALA G 87 31.33 56.17 -14.84
C ALA G 87 31.33 57.54 -15.47
N THR G 88 32.53 58.04 -15.76
CA THR G 88 32.69 59.37 -16.34
C THR G 88 33.62 59.29 -17.55
N TYR G 89 33.18 59.85 -18.67
CA TYR G 89 33.98 59.84 -19.91
C TYR G 89 34.18 61.25 -20.40
N ALA G 90 35.18 61.41 -21.25
CA ALA G 90 35.58 62.73 -21.74
C ALA G 90 34.97 62.95 -23.13
N ASP G 91 34.92 64.20 -23.57
CA ASP G 91 34.47 64.51 -24.92
C ASP G 91 35.60 64.35 -25.97
N GLU G 92 36.81 64.70 -25.57
CA GLU G 92 37.99 64.64 -26.43
C GLU G 92 39.07 63.89 -25.67
N PRO G 93 39.98 63.21 -26.38
CA PRO G 93 41.09 62.50 -25.71
C PRO G 93 42.08 63.45 -25.04
N LYS G 94 42.65 63.06 -23.90
CA LYS G 94 43.76 63.78 -23.29
C LYS G 94 45.00 63.74 -24.19
N LYS G 95 45.83 64.77 -24.09
CA LYS G 95 47.03 64.87 -24.93
C LYS G 95 47.88 63.62 -24.76
N GLY G 96 48.32 63.04 -25.87
CA GLY G 96 49.18 61.87 -25.81
C GLY G 96 48.44 60.56 -25.65
N THR G 97 47.12 60.58 -25.75
CA THR G 97 46.32 59.37 -25.72
C THR G 97 45.47 59.27 -26.96
N ARG G 98 45.01 58.06 -27.24
CA ARG G 98 44.03 57.85 -28.27
C ARG G 98 42.63 57.68 -27.61
N GLY G 99 41.59 58.23 -28.23
CA GLY G 99 40.25 57.99 -27.75
C GLY G 99 39.83 56.53 -27.91
N ILE G 100 39.01 56.05 -26.99
CA ILE G 100 38.39 54.74 -27.15
C ILE G 100 36.92 54.76 -26.67
N ASN G 101 36.09 54.02 -27.40
CA ASN G 101 34.70 53.76 -27.00
C ASN G 101 34.71 52.80 -25.82
N PRO G 102 34.01 53.11 -24.75
CA PRO G 102 33.99 52.25 -23.57
C PRO G 102 33.67 50.80 -23.90
N VAL G 103 32.85 50.56 -24.90
CA VAL G 103 32.51 49.17 -25.21
C VAL G 103 33.60 48.39 -25.95
N TYR G 104 34.68 49.06 -26.39
CA TYR G 104 35.78 48.33 -27.08
C TYR G 104 36.94 47.98 -26.17
N VAL G 105 36.83 48.34 -24.89
CA VAL G 105 37.96 48.20 -23.97
C VAL G 105 38.37 46.73 -23.77
N ILE G 106 37.39 45.85 -23.56
CA ILE G 106 37.73 44.44 -23.36
C ILE G 106 38.33 43.86 -24.63
N SER G 107 37.70 44.12 -25.78
CA SER G 107 38.27 43.65 -27.05
C SER G 107 39.71 44.13 -27.23
N GLN G 108 40.00 45.41 -26.98
CA GLN G 108 41.37 45.93 -27.16
C GLN G 108 42.35 45.32 -26.15
N VAL G 109 41.92 45.19 -24.90
CA VAL G 109 42.82 44.68 -23.88
C VAL G 109 43.12 43.19 -24.10
N LEU G 110 42.09 42.37 -24.24
CA LEU G 110 42.36 40.95 -24.50
C LEU G 110 43.15 40.73 -25.80
N GLY G 111 42.95 41.61 -26.76
CA GLY G 111 43.69 41.55 -28.03
C GLY G 111 45.19 41.82 -27.93
N ASN G 112 45.67 42.47 -26.85
CA ASN G 112 47.01 43.01 -26.88
C ASN G 112 47.83 42.97 -25.59
N CYS G 113 47.27 42.41 -24.52
CA CYS G 113 47.90 42.43 -23.18
C CYS G 113 48.09 41.03 -22.58
N VAL G 114 49.09 40.84 -21.73
CA VAL G 114 49.27 39.52 -21.11
C VAL G 114 49.02 39.61 -19.61
N THR G 115 49.64 40.59 -18.97
CA THR G 115 49.60 40.69 -17.53
C THR G 115 48.73 41.87 -17.13
N VAL G 116 48.37 41.89 -15.84
CA VAL G 116 47.68 43.04 -15.28
C VAL G 116 48.52 44.31 -15.39
N ASP G 117 49.85 44.19 -15.26
CA ASP G 117 50.74 45.36 -15.51
C ASP G 117 50.62 45.87 -16.95
N ASP G 118 50.54 44.94 -17.92
CA ASP G 118 50.34 45.35 -19.32
C ASP G 118 49.03 46.09 -19.51
N VAL G 119 48.00 45.61 -18.82
CA VAL G 119 46.68 46.24 -18.92
C VAL G 119 46.73 47.69 -18.41
N ILE G 120 47.41 47.90 -17.28
CA ILE G 120 47.46 49.25 -16.70
C ILE G 120 48.17 50.22 -17.69
N GLU G 121 49.27 49.75 -18.27
CA GLU G 121 50.02 50.54 -19.25
C GLU G 121 49.21 50.74 -20.49
N LYS G 122 48.46 49.72 -20.92
CA LYS G 122 47.62 49.90 -22.10
C LYS G 122 46.57 50.99 -21.86
N LEU G 123 45.91 50.96 -20.69
CA LEU G 123 44.89 51.93 -20.31
C LEU G 123 45.43 53.38 -20.21
N THR G 124 46.66 53.54 -19.73
CA THR G 124 47.35 54.84 -19.79
C THR G 124 47.35 55.47 -21.20
N SER G 125 47.28 54.58 -22.17
CA SER G 125 47.41 54.92 -23.56
C SER G 125 46.15 55.56 -24.13
N TYR G 126 45.00 55.36 -23.48
CA TYR G 126 43.73 55.88 -23.97
C TYR G 126 43.01 56.86 -23.06
N THR G 127 41.99 57.50 -23.65
CA THR G 127 40.99 58.27 -22.93
C THR G 127 39.66 57.65 -23.34
N LEU G 128 38.84 57.20 -22.38
CA LEU G 128 37.52 56.74 -22.73
C LEU G 128 36.65 57.95 -23.08
N LEU G 129 36.02 57.90 -24.23
CA LEU G 129 35.18 59.01 -24.71
C LEU G 129 33.69 58.74 -24.59
N ASN G 130 32.89 59.80 -24.53
CA ASN G 130 31.45 59.64 -24.40
C ASN G 130 30.83 59.38 -25.78
N GLU G 131 31.29 58.30 -26.40
CA GLU G 131 30.81 57.91 -27.71
C GLU G 131 29.76 56.85 -27.56
N ALA G 132 28.65 57.06 -28.25
CA ALA G 132 27.52 56.15 -28.20
C ALA G 132 27.73 54.90 -29.06
N ASN G 133 26.73 54.03 -29.06
CA ASN G 133 26.66 52.92 -30.01
C ASN G 133 25.22 52.60 -30.38
N ILE G 134 25.02 52.03 -31.56
CA ILE G 134 23.65 51.69 -32.00
C ILE G 134 22.98 50.53 -31.23
N ILE G 135 23.76 49.67 -30.55
CA ILE G 135 23.18 48.56 -29.76
C ILE G 135 22.31 49.15 -28.65
N LEU G 136 22.85 50.11 -27.89
CA LEU G 136 22.11 50.68 -26.77
C LEU G 136 21.55 52.08 -27.03
N GLY G 137 22.11 52.79 -28.01
CA GLY G 137 21.77 54.18 -28.25
C GLY G 137 22.51 55.22 -27.42
N PHE G 138 23.38 54.79 -26.52
CA PHE G 138 24.18 55.72 -25.67
C PHE G 138 25.42 54.97 -25.19
N ALA G 139 26.39 55.69 -24.65
CA ALA G 139 27.58 55.06 -24.03
C ALA G 139 27.20 54.53 -22.64
N PRO G 140 27.25 53.23 -22.40
CA PRO G 140 26.90 52.71 -21.07
C PRO G 140 27.97 53.00 -20.03
N PRO G 141 27.56 53.19 -18.76
CA PRO G 141 28.54 53.47 -17.70
C PRO G 141 29.17 52.17 -17.30
N LEU G 142 30.49 52.05 -17.41
CA LEU G 142 31.14 50.76 -17.26
C LEU G 142 32.29 50.85 -16.29
N HIS G 143 32.64 49.72 -15.70
CA HIS G 143 33.98 49.57 -15.09
C HIS G 143 34.51 48.16 -15.45
N TYR G 144 35.78 47.88 -15.15
CA TYR G 144 36.45 46.78 -15.79
C TYR G 144 37.25 46.00 -14.77
N THR G 145 37.23 44.68 -14.91
CA THR G 145 38.04 43.79 -14.10
C THR G 145 38.88 42.90 -15.00
N PHE G 146 40.11 42.64 -14.57
CA PHE G 146 40.99 41.75 -15.30
C PHE G 146 41.70 40.87 -14.27
N THR G 147 41.99 39.63 -14.70
CA THR G 147 42.73 38.68 -13.90
C THR G 147 43.71 37.96 -14.83
N ASP G 148 44.98 37.94 -14.50
CA ASP G 148 45.93 37.30 -15.39
C ASP G 148 46.20 35.86 -14.98
N ALA G 149 47.01 35.17 -15.75
CA ALA G 149 47.23 33.76 -15.47
C ALA G 149 47.85 33.47 -14.08
N SER G 150 48.51 34.46 -13.50
CA SER G 150 49.13 34.27 -12.16
C SER G 150 48.09 34.34 -11.05
N GLY G 151 46.87 34.79 -11.39
CA GLY G 151 45.83 35.00 -10.39
C GLY G 151 45.68 36.44 -9.89
N GLU G 152 46.57 37.34 -10.29
CA GLU G 152 46.41 38.71 -9.85
C GLU G 152 45.18 39.34 -10.54
N SER G 153 44.35 40.02 -9.76
CA SER G 153 43.25 40.78 -10.31
C SER G 153 43.41 42.27 -10.09
N ILE G 154 42.79 43.04 -10.99
CA ILE G 154 42.73 44.49 -10.92
C ILE G 154 41.34 44.96 -11.29
N VAL G 155 41.00 46.17 -10.81
CA VAL G 155 39.77 46.85 -11.17
C VAL G 155 40.17 48.21 -11.76
N ILE G 156 39.52 48.59 -12.85
CA ILE G 156 39.77 49.87 -13.47
C ILE G 156 38.44 50.58 -13.57
N GLU G 157 38.38 51.76 -12.94
CA GLU G 157 37.15 52.54 -12.85
C GLU G 157 37.30 53.95 -13.41
N PRO G 158 36.51 54.29 -14.44
CA PRO G 158 36.54 55.63 -15.03
C PRO G 158 35.74 56.59 -14.12
N ASP G 159 36.42 57.10 -13.08
CA ASP G 159 35.78 58.00 -12.11
C ASP G 159 35.80 59.45 -12.59
N LYS G 160 35.07 60.30 -11.88
CA LYS G 160 35.00 61.73 -12.19
C LYS G 160 36.40 62.37 -12.16
N THR G 161 37.22 61.92 -11.22
CA THR G 161 38.58 62.42 -11.05
C THR G 161 39.61 61.82 -12.03
N GLY G 162 39.19 60.89 -12.90
CA GLY G 162 40.08 60.25 -13.85
C GLY G 162 39.99 58.75 -13.65
N ILE G 163 40.78 57.97 -14.38
CA ILE G 163 40.68 56.53 -14.17
C ILE G 163 41.37 56.12 -12.86
N THR G 164 40.66 55.33 -12.04
CA THR G 164 41.18 54.83 -10.77
C THR G 164 41.50 53.37 -10.95
N ILE G 165 42.73 53.01 -10.60
CA ILE G 165 43.19 51.65 -10.69
C ILE G 165 43.34 51.04 -9.31
N HIS G 166 42.76 49.86 -9.12
CA HIS G 166 43.01 49.09 -7.92
C HIS G 166 43.75 47.81 -8.23
N ARG G 167 44.88 47.64 -7.59
CA ARG G 167 45.76 46.51 -7.88
C ARG G 167 45.63 45.46 -6.80
N LYS G 168 45.86 44.21 -7.19
CA LYS G 168 45.90 43.12 -6.20
C LYS G 168 44.62 43.06 -5.31
N THR G 169 43.45 43.11 -5.93
CA THR G 169 42.16 43.25 -5.22
C THR G 169 41.73 41.88 -4.68
N ILE G 170 40.55 41.82 -4.06
CA ILE G 170 40.06 40.52 -3.56
C ILE G 170 39.47 39.60 -4.67
N GLY G 171 39.53 40.02 -5.93
CA GLY G 171 38.97 39.28 -7.04
C GLY G 171 37.44 39.12 -6.99
N VAL G 172 36.74 40.22 -6.69
CA VAL G 172 35.28 40.31 -6.74
C VAL G 172 34.97 41.69 -7.27
N MET G 173 33.95 41.79 -8.13
CA MET G 173 33.50 43.10 -8.60
C MET G 173 32.06 42.97 -9.01
N THR G 174 31.24 43.95 -8.65
CA THR G 174 29.85 43.96 -9.19
C THR G 174 29.66 45.29 -9.93
N ALA G 175 28.80 46.17 -9.42
CA ALA G 175 28.53 47.46 -10.04
C ALA G 175 28.86 48.57 -9.03
N SER G 176 28.25 49.76 -9.17
CA SER G 176 28.61 50.89 -8.30
C SER G 176 28.33 50.55 -6.82
N PRO G 177 28.95 51.26 -5.86
CA PRO G 177 29.89 52.35 -6.12
C PRO G 177 31.31 51.86 -6.39
N GLY G 178 32.33 52.68 -6.17
CA GLY G 178 33.68 52.26 -6.56
C GLY G 178 34.28 51.12 -5.69
N TYR G 179 35.42 50.59 -6.13
CA TYR G 179 35.97 49.38 -5.51
C TYR G 179 36.33 49.60 -4.05
N GLU G 180 36.95 50.74 -3.75
CA GLU G 180 37.39 51.04 -2.38
C GLU G 180 36.17 51.04 -1.45
N TRP G 181 35.02 51.57 -1.92
CA TRP G 181 33.82 51.60 -1.07
C TRP G 181 33.38 50.18 -0.71
N HIS G 182 33.30 49.31 -1.71
CA HIS G 182 32.88 47.92 -1.44
C HIS G 182 33.90 47.23 -0.54
N GLN G 183 35.17 47.47 -0.80
CA GLN G 183 36.19 46.81 0.01
C GLN G 183 36.11 47.20 1.52
N THR G 184 35.85 48.48 1.78
CA THR G 184 35.57 48.94 3.11
C THR G 184 34.25 48.35 3.64
N ASN G 185 33.21 48.29 2.81
CA ASN G 185 31.93 47.73 3.27
C ASN G 185 32.11 46.28 3.79
N LEU G 186 33.03 45.53 3.19
CA LEU G 186 33.24 44.15 3.71
C LEU G 186 33.40 44.10 5.23
N ARG G 187 33.98 45.17 5.80
CA ARG G 187 34.34 45.13 7.20
C ARG G 187 33.12 45.11 8.07
N ALA G 188 32.01 45.63 7.54
CA ALA G 188 30.81 45.70 8.33
C ALA G 188 30.18 44.30 8.52
N TYR G 189 30.74 43.31 7.79
CA TYR G 189 30.10 41.99 7.70
C TYR G 189 30.99 40.82 8.10
N ILE G 190 32.08 41.10 8.82
CA ILE G 190 33.03 40.02 9.15
C ILE G 190 32.37 39.01 10.07
N GLY G 191 31.27 39.40 10.70
CA GLY G 191 30.50 38.48 11.54
C GLY G 191 29.63 37.50 10.75
N VAL G 192 29.53 37.66 9.44
CA VAL G 192 28.82 36.68 8.62
C VAL G 192 29.76 35.47 8.40
N THR G 193 29.38 34.34 8.98
CA THR G 193 30.27 33.14 8.92
C THR G 193 29.43 31.90 8.78
N PRO G 194 30.06 30.78 8.46
CA PRO G 194 29.33 29.53 8.37
C PRO G 194 28.89 28.98 9.72
N ASN G 195 29.38 29.52 10.83
CA ASN G 195 29.22 28.88 12.15
C ASN G 195 28.02 29.38 12.93
N PRO G 196 27.28 28.48 13.56
CA PRO G 196 26.08 28.84 14.33
C PRO G 196 26.41 29.60 15.58
N PRO G 197 25.53 30.52 15.98
CA PRO G 197 25.71 31.22 17.26
C PRO G 197 25.40 30.27 18.41
N GLN G 198 25.99 30.52 19.57
CA GLN G 198 25.73 29.73 20.75
C GLN G 198 24.29 29.97 21.24
N ASP G 199 23.67 28.94 21.80
CA ASP G 199 22.40 29.08 22.49
C ASP G 199 22.48 30.09 23.62
N ILE G 200 21.38 30.76 23.90
CA ILE G 200 21.37 31.68 25.03
C ILE G 200 20.10 31.35 25.84
N MET G 201 19.92 32.04 26.95
CA MET G 201 18.67 31.98 27.68
C MET G 201 18.13 33.41 27.84
N MET G 202 16.83 33.52 27.95
CA MET G 202 16.21 34.74 28.46
C MET G 202 15.34 34.37 29.64
N GLY G 203 15.81 34.67 30.85
CA GLY G 203 15.10 34.21 32.04
C GLY G 203 15.26 32.69 32.02
N ASP G 204 14.17 31.96 32.18
CA ASP G 204 14.32 30.50 32.09
C ASP G 204 13.94 29.94 30.70
N LEU G 205 13.87 30.82 29.72
CA LEU G 205 13.60 30.38 28.36
C LEU G 205 14.90 30.07 27.62
N ASP G 206 15.09 28.82 27.15
CA ASP G 206 16.27 28.49 26.35
C ASP G 206 15.96 28.87 24.91
N LEU G 207 16.94 29.45 24.23
CA LEU G 207 16.73 29.85 22.84
C LEU G 207 17.84 29.29 21.99
N THR G 208 17.43 28.54 20.98
CA THR G 208 18.34 27.91 20.04
C THR G 208 17.90 28.23 18.57
N PRO G 209 18.78 28.14 17.57
CA PRO G 209 18.38 28.46 16.17
C PRO G 209 17.26 27.56 15.64
N PHE G 210 16.55 28.00 14.59
CA PHE G 210 15.49 27.20 14.04
C PHE G 210 16.04 25.94 13.35
N GLY G 211 17.29 25.98 12.91
CA GLY G 211 17.85 24.91 12.08
C GLY G 211 19.33 25.14 11.95
N GLN G 212 19.75 25.37 10.72
CA GLN G 212 21.12 25.74 10.39
C GLN G 212 21.20 27.12 9.77
N GLY G 213 22.42 27.59 9.52
CA GLY G 213 22.64 28.81 8.72
C GLY G 213 22.66 30.14 9.49
N ALA G 214 22.49 30.13 10.81
CA ALA G 214 22.32 31.39 11.52
C ALA G 214 23.64 32.22 11.66
N GLY G 215 24.77 31.60 11.32
CA GLY G 215 26.05 32.33 11.27
C GLY G 215 26.00 33.46 10.28
N GLY G 216 25.11 33.35 9.28
CA GLY G 216 25.09 34.34 8.24
C GLY G 216 24.22 35.55 8.56
N LEU G 217 23.59 35.57 9.74
CA LEU G 217 22.70 36.71 10.08
C LEU G 217 23.36 38.05 9.82
N GLY G 218 22.67 38.92 9.07
CA GLY G 218 23.19 40.25 8.80
C GLY G 218 23.52 40.41 7.34
N LEU G 219 23.70 39.29 6.67
CA LEU G 219 23.99 39.37 5.21
C LEU G 219 22.68 39.69 4.48
N PRO G 220 22.68 40.71 3.64
CA PRO G 220 21.44 41.07 2.91
C PRO G 220 21.18 40.14 1.74
N GLY G 221 19.90 40.02 1.37
CA GLY G 221 19.46 39.14 0.31
C GLY G 221 18.96 39.85 -0.94
N ASP G 222 18.96 41.16 -0.95
CA ASP G 222 18.48 41.91 -2.11
C ASP G 222 19.48 41.87 -3.25
N PHE G 223 19.04 42.37 -4.41
CA PHE G 223 19.91 42.35 -5.58
C PHE G 223 20.66 43.64 -5.90
N THR G 224 20.76 44.55 -4.93
CA THR G 224 21.58 45.74 -5.15
C THR G 224 23.05 45.41 -5.36
N PRO G 225 23.80 46.28 -6.03
CA PRO G 225 25.23 45.95 -6.25
C PRO G 225 26.05 45.80 -5.01
N SER G 226 25.75 46.56 -3.95
CA SER G 226 26.49 46.39 -2.67
C SER G 226 26.16 45.02 -2.03
N ALA G 227 24.88 44.62 -2.07
CA ALA G 227 24.51 43.32 -1.48
C ALA G 227 25.08 42.18 -2.32
N ARG G 228 25.10 42.34 -3.64
CA ARG G 228 25.70 41.30 -4.49
C ARG G 228 27.18 41.16 -4.18
N PHE G 229 27.86 42.29 -3.93
CA PHE G 229 29.31 42.26 -3.70
C PHE G 229 29.55 41.50 -2.41
N LEU G 230 28.76 41.78 -1.37
CA LEU G 230 28.92 41.08 -0.11
C LEU G 230 28.69 39.59 -0.26
N ARG G 231 27.62 39.20 -0.95
CA ARG G 231 27.37 37.78 -1.07
C ARG G 231 28.47 37.05 -1.85
N VAL G 232 28.92 37.63 -2.94
CA VAL G 232 29.93 36.97 -3.78
C VAL G 232 31.23 36.90 -2.95
N ALA G 233 31.56 37.99 -2.28
CA ALA G 233 32.84 38.00 -1.51
C ALA G 233 32.80 37.01 -0.35
N TYR G 234 31.72 37.00 0.44
CA TYR G 234 31.66 36.14 1.60
C TYR G 234 31.55 34.68 1.20
N TRP G 235 30.79 34.43 0.14
CA TRP G 235 30.70 33.05 -0.27
C TRP G 235 31.93 32.58 -1.04
N LYS G 236 32.70 33.50 -1.64
CA LYS G 236 33.97 33.11 -2.24
C LYS G 236 34.89 32.72 -1.07
N LYS G 237 34.83 33.46 0.02
CA LYS G 237 35.70 33.17 1.14
C LYS G 237 35.44 31.78 1.72
N TYR G 238 34.16 31.41 1.89
CA TYR G 238 33.85 30.19 2.64
C TYR G 238 33.52 28.98 1.79
N THR G 239 33.31 29.14 0.49
CA THR G 239 33.11 27.95 -0.33
C THR G 239 34.42 27.16 -0.42
N GLU G 240 34.29 25.85 -0.33
CA GLU G 240 35.43 24.96 -0.45
C GLU G 240 36.33 25.27 -1.67
N LYS G 241 37.64 25.23 -1.44
CA LYS G 241 38.58 25.44 -2.55
C LYS G 241 38.38 24.37 -3.70
N ALA G 242 38.41 24.84 -4.94
CA ALA G 242 38.31 23.96 -6.12
C ALA G 242 39.62 23.21 -6.34
N LYS G 243 39.51 21.91 -6.52
CA LYS G 243 40.68 21.05 -6.66
C LYS G 243 41.17 20.98 -8.10
N ASN G 244 40.31 21.33 -9.05
CA ASN G 244 40.68 21.27 -10.44
C ASN G 244 39.83 22.25 -11.23
N GLU G 245 40.05 22.30 -12.54
CA GLU G 245 39.32 23.24 -13.39
C GLU G 245 37.82 23.02 -13.37
N THR G 246 37.37 21.76 -13.48
CA THR G 246 35.95 21.46 -13.51
C THR G 246 35.28 21.89 -12.22
N GLU G 247 35.91 21.60 -11.07
CA GLU G 247 35.40 22.04 -9.78
C GLU G 247 35.39 23.55 -9.70
N GLY G 248 36.32 24.19 -10.39
CA GLY G 248 36.40 25.64 -10.44
C GLY G 248 35.14 26.23 -11.08
N VAL G 249 34.77 25.67 -12.22
CA VAL G 249 33.58 26.17 -12.93
C VAL G 249 32.31 25.93 -12.06
N THR G 250 32.18 24.72 -11.55
CA THR G 250 31.03 24.36 -10.72
C THR G 250 30.89 25.28 -9.52
N ASN G 251 32.00 25.49 -8.83
CA ASN G 251 32.01 26.34 -7.65
C ASN G 251 31.70 27.79 -7.97
N LEU G 252 32.33 28.32 -9.03
CA LEU G 252 32.07 29.70 -9.42
C LEU G 252 30.56 29.84 -9.65
N PHE G 253 29.96 28.85 -10.33
CA PHE G 253 28.52 29.01 -10.67
C PHE G 253 27.65 28.82 -9.40
N HIS G 254 28.11 28.02 -8.43
CA HIS G 254 27.40 27.93 -7.14
C HIS G 254 27.47 29.26 -6.40
N ILE G 255 28.66 29.87 -6.40
CA ILE G 255 28.78 31.16 -5.70
C ILE G 255 27.90 32.20 -6.37
N LEU G 256 27.88 32.21 -7.69
CA LEU G 256 27.06 33.18 -8.43
C LEU G 256 25.58 32.87 -8.38
N SER G 257 25.22 31.65 -8.00
CA SER G 257 23.79 31.34 -7.85
C SER G 257 23.15 32.28 -6.82
N SER G 258 23.94 32.76 -5.84
CA SER G 258 23.44 33.69 -4.81
C SER G 258 23.09 35.08 -5.36
N VAL G 259 23.50 35.35 -6.59
CA VAL G 259 23.23 36.64 -7.24
C VAL G 259 22.57 36.43 -8.63
N ASN G 260 21.93 35.28 -8.79
CA ASN G 260 21.25 34.97 -10.02
C ASN G 260 19.82 35.56 -10.00
N ILE G 261 19.47 36.38 -10.97
CA ILE G 261 18.22 37.13 -10.77
C ILE G 261 17.14 36.55 -11.68
N PRO G 262 16.07 35.99 -11.10
CA PRO G 262 14.96 35.48 -11.92
C PRO G 262 14.22 36.62 -12.59
N LYS G 263 13.59 36.36 -13.74
CA LYS G 263 12.83 37.41 -14.42
C LYS G 263 11.65 37.84 -13.60
N GLY G 264 11.51 39.16 -13.39
CA GLY G 264 10.41 39.72 -12.66
C GLY G 264 10.75 40.22 -11.28
N VAL G 265 11.81 39.70 -10.67
CA VAL G 265 12.07 40.08 -9.29
C VAL G 265 12.78 41.41 -9.14
N VAL G 266 13.39 41.90 -10.23
CA VAL G 266 13.95 43.28 -10.28
C VAL G 266 13.42 44.02 -11.51
N LEU G 267 12.76 45.15 -11.29
CA LEU G 267 12.29 46.02 -12.35
C LEU G 267 13.04 47.34 -12.30
N THR G 268 13.31 47.92 -13.48
CA THR G 268 13.95 49.22 -13.50
C THR G 268 12.87 50.31 -13.43
N ASN G 269 13.32 51.56 -13.41
CA ASN G 269 12.48 52.73 -13.51
C ASN G 269 11.53 52.73 -14.67
N GLU G 270 11.93 52.04 -15.74
CA GLU G 270 11.17 51.90 -16.98
C GLU G 270 10.19 50.72 -16.91
N GLY G 271 10.29 49.92 -15.86
CA GLY G 271 9.43 48.77 -15.70
C GLY G 271 9.95 47.60 -16.50
N LYS G 272 11.16 47.75 -17.06
CA LYS G 272 11.87 46.63 -17.69
C LYS G 272 12.40 45.69 -16.62
N THR G 273 12.40 44.41 -16.94
CA THR G 273 12.92 43.35 -16.10
C THR G 273 14.41 43.20 -16.26
N ASP G 274 15.14 43.31 -15.14
CA ASP G 274 16.60 43.17 -15.12
C ASP G 274 16.90 41.78 -14.55
N TYR G 275 17.45 40.90 -15.37
CA TYR G 275 17.56 39.47 -14.98
C TYR G 275 18.89 38.92 -15.44
N THR G 276 19.27 37.75 -14.91
CA THR G 276 20.52 37.14 -15.30
C THR G 276 20.46 36.40 -16.65
N ILE G 277 20.97 37.03 -17.69
CA ILE G 277 20.85 36.54 -19.06
C ILE G 277 21.74 35.32 -19.30
N TYR G 278 22.94 35.38 -18.80
CA TYR G 278 23.84 34.25 -18.89
C TYR G 278 24.84 34.34 -17.77
N THR G 279 25.51 33.23 -17.53
CA THR G 279 26.60 33.17 -16.57
C THR G 279 27.73 32.49 -17.33
N SER G 280 28.91 33.09 -17.30
CA SER G 280 30.09 32.52 -17.95
C SER G 280 31.24 32.31 -16.95
N ALA G 281 32.14 31.41 -17.31
CA ALA G 281 33.42 31.24 -16.59
C ALA G 281 34.51 31.02 -17.62
N MET G 282 35.74 31.32 -17.26
CA MET G 282 36.84 31.09 -18.20
C MET G 282 38.06 30.65 -17.39
N CYS G 283 38.98 29.94 -18.02
CA CYS G 283 40.19 29.47 -17.36
C CYS G 283 41.46 29.98 -18.09
N ALA G 284 42.36 30.60 -17.33
CA ALA G 284 43.57 31.21 -17.89
C ALA G 284 44.50 30.16 -18.55
N GLN G 285 44.73 29.07 -17.84
CA GLN G 285 45.71 28.02 -18.25
C GLN G 285 45.18 27.20 -19.44
N SER G 286 43.89 26.91 -19.48
CA SER G 286 43.36 26.09 -20.53
C SER G 286 42.81 26.89 -21.70
N LYS G 287 42.51 28.16 -21.46
CA LYS G 287 41.82 29.01 -22.45
C LYS G 287 40.50 28.45 -22.87
N ASN G 288 39.87 27.69 -21.97
CA ASN G 288 38.47 27.26 -22.18
C ASN G 288 37.48 28.31 -21.68
N TYR G 289 36.41 28.49 -22.44
CA TYR G 289 35.33 29.41 -22.07
C TYR G 289 34.06 28.59 -21.81
N TYR G 290 33.35 28.87 -20.70
CA TYR G 290 32.17 28.07 -20.32
C TYR G 290 30.99 28.98 -20.12
N PHE G 291 29.79 28.48 -20.42
CA PHE G 291 28.62 29.32 -20.17
C PHE G 291 27.34 28.55 -20.04
N LYS G 292 26.44 29.11 -19.24
CA LYS G 292 25.05 28.66 -19.21
C LYS G 292 24.14 29.87 -19.37
N LEU G 293 22.86 29.63 -19.63
CA LEU G 293 21.94 30.70 -19.98
C LEU G 293 20.73 30.68 -19.04
N TYR G 294 20.01 31.80 -18.97
CA TYR G 294 18.77 31.82 -18.23
C TYR G 294 17.90 30.57 -18.59
N ASP G 295 17.77 30.24 -19.88
CA ASP G 295 16.86 29.15 -20.27
C ASP G 295 17.50 27.77 -20.39
N ASN G 296 18.78 27.67 -20.08
CA ASN G 296 19.48 26.41 -20.24
C ASN G 296 20.60 26.26 -19.21
N SER G 297 20.34 25.39 -18.26
CA SER G 297 21.22 25.15 -17.07
C SER G 297 22.46 24.32 -17.41
N ARG G 298 22.46 23.68 -18.57
CA ARG G 298 23.59 22.86 -18.97
C ARG G 298 24.73 23.76 -19.48
N ILE G 299 25.92 23.55 -18.92
CA ILE G 299 27.11 24.33 -19.31
C ILE G 299 27.67 23.87 -20.65
N SER G 300 27.86 24.84 -21.56
CA SER G 300 28.57 24.61 -22.86
C SER G 300 29.99 25.10 -22.71
N ALA G 301 30.92 24.44 -23.42
CA ALA G 301 32.34 24.86 -23.37
C ALA G 301 32.91 25.08 -24.77
N VAL G 302 33.75 26.11 -24.91
CA VAL G 302 34.51 26.42 -26.15
C VAL G 302 35.98 26.49 -25.81
N SER G 303 36.79 25.77 -26.59
CA SER G 303 38.24 25.83 -26.38
C SER G 303 38.87 26.78 -27.41
N LEU G 304 39.57 27.82 -26.95
CA LEU G 304 40.19 28.78 -27.85
C LEU G 304 41.24 28.11 -28.76
N MET G 305 42.07 27.28 -28.14
CA MET G 305 43.29 26.74 -28.74
C MET G 305 42.98 25.61 -29.70
N ALA G 306 41.73 25.12 -29.70
CA ALA G 306 41.38 24.09 -30.66
C ALA G 306 41.10 24.71 -32.04
N GLU G 307 41.07 26.03 -32.15
CA GLU G 307 40.79 26.64 -33.44
C GLU G 307 42.04 27.16 -34.14
N ASN G 308 41.87 27.56 -35.39
CA ASN G 308 42.93 28.17 -36.17
C ASN G 308 43.01 29.65 -35.79
N LEU G 309 44.01 29.99 -34.98
CA LEU G 309 44.16 31.38 -34.48
C LEU G 309 44.60 32.41 -35.54
N ASN G 310 44.95 31.93 -36.74
CA ASN G 310 45.21 32.83 -37.87
C ASN G 310 44.10 32.80 -38.91
N SER G 311 42.94 32.29 -38.50
CA SER G 311 41.74 32.37 -39.29
C SER G 311 41.48 33.81 -39.79
N GLN G 312 40.98 33.95 -41.02
CA GLN G 312 40.60 35.24 -41.56
C GLN G 312 39.34 35.80 -40.88
N ASP G 313 38.41 34.92 -40.51
CA ASP G 313 37.14 35.37 -39.96
C ASP G 313 36.91 34.97 -38.50
N LEU G 314 35.92 35.61 -37.91
CA LEU G 314 35.49 35.28 -36.55
C LEU G 314 34.95 33.86 -36.57
N ILE G 315 35.18 33.12 -35.48
CA ILE G 315 34.49 31.85 -35.31
C ILE G 315 33.48 32.10 -34.20
N THR G 316 32.21 31.74 -34.44
CA THR G 316 31.15 32.03 -33.47
C THR G 316 30.35 30.79 -33.13
N PHE G 317 29.68 30.83 -31.99
CA PHE G 317 28.87 29.72 -31.50
C PHE G 317 27.64 30.37 -30.91
N GLU G 318 26.47 29.94 -31.42
CA GLU G 318 25.20 30.56 -31.05
C GLU G 318 24.64 29.94 -29.78
N TRP G 319 23.85 30.74 -29.05
CA TRP G 319 23.21 30.25 -27.85
C TRP G 319 22.17 29.19 -28.19
N ASP G 320 22.06 28.17 -27.34
CA ASP G 320 20.94 27.23 -27.41
C ASP G 320 20.00 27.49 -26.22
N ARG G 321 18.89 28.18 -26.46
CA ARG G 321 17.98 28.60 -25.42
C ARG G 321 17.00 27.53 -24.98
N LYS G 322 17.17 26.30 -25.45
CA LYS G 322 16.30 25.22 -25.04
C LYS G 322 16.92 24.55 -23.83
N GLN G 323 16.16 24.41 -22.74
CA GLN G 323 16.64 23.74 -21.54
C GLN G 323 17.11 22.35 -21.93
N ASP G 324 18.39 22.08 -21.77
CA ASP G 324 18.98 20.84 -22.34
C ASP G 324 18.87 19.67 -21.37
N ILE G 325 17.73 19.00 -21.41
CA ILE G 325 17.37 18.04 -20.40
C ILE G 325 17.72 16.64 -20.89
N LYS G 326 18.51 15.91 -20.12
CA LYS G 326 18.91 14.57 -20.48
C LYS G 326 17.77 13.62 -20.13
N GLN G 327 17.25 12.87 -21.11
CA GLN G 327 16.13 11.95 -20.84
C GLN G 327 16.68 10.59 -20.44
N LEU G 328 16.38 10.16 -19.23
CA LEU G 328 16.96 8.92 -18.73
C LEU G 328 16.12 7.71 -19.15
N ASN G 329 14.95 7.98 -19.72
CA ASN G 329 14.02 6.96 -20.26
C ASN G 329 13.07 7.50 -21.35
N CYS H 1 16.46 22.32 3.85
CA CYS H 1 15.71 22.15 2.58
C CYS H 1 14.73 23.25 2.38
N SER H 2 14.38 23.44 1.12
CA SER H 2 13.44 24.49 0.71
C SER H 2 12.54 23.94 -0.41
N SER H 3 11.32 24.45 -0.48
CA SER H 3 10.36 23.91 -1.47
C SER H 3 9.29 24.87 -1.83
N LEU H 4 8.69 24.62 -2.97
CA LEU H 4 7.55 25.45 -3.45
C LEU H 4 6.83 24.72 -4.56
N SER H 5 5.60 25.19 -4.85
CA SER H 5 4.89 24.74 -6.03
C SER H 5 4.58 25.98 -6.84
N ILE H 6 4.36 25.76 -8.15
CA ILE H 6 3.84 26.81 -9.00
C ILE H 6 2.79 26.22 -9.93
N ARG H 7 1.99 27.12 -10.52
CA ARG H 7 1.00 26.75 -11.54
C ARG H 7 1.36 27.47 -12.84
N THR H 8 1.33 26.76 -13.97
CA THR H 8 1.64 27.39 -15.28
C THR H 8 0.33 27.95 -15.82
N THR H 9 0.44 28.66 -16.93
CA THR H 9 -0.73 29.22 -17.60
C THR H 9 -1.26 28.21 -18.61
N ASP H 10 -0.69 27.00 -18.62
CA ASP H 10 -1.23 25.92 -19.44
C ASP H 10 -1.75 24.74 -18.60
N ASP H 11 -2.33 25.09 -17.44
CA ASP H 11 -3.06 24.14 -16.59
C ASP H 11 -2.18 23.05 -15.96
N LYS H 12 -0.92 23.39 -15.67
CA LYS H 12 -0.06 22.38 -15.04
C LYS H 12 0.42 22.86 -13.68
N SER H 13 0.49 21.92 -12.74
CA SER H 13 1.05 22.19 -11.42
C SER H 13 2.40 21.51 -11.35
N LEU H 14 3.38 22.23 -10.78
CA LEU H 14 4.71 21.68 -10.55
C LEU H 14 5.13 21.97 -9.13
N PHE H 15 6.03 21.12 -8.62
CA PHE H 15 6.52 21.23 -7.25
C PHE H 15 8.04 20.99 -7.30
N ALA H 16 8.81 21.78 -6.54
CA ALA H 16 10.26 21.55 -6.51
C ALA H 16 10.82 21.65 -5.09
N ARG H 17 11.99 21.06 -4.88
CA ARG H 17 12.67 21.21 -3.61
C ARG H 17 14.20 21.13 -3.77
N THR H 18 14.90 21.79 -2.84
CA THR H 18 16.32 21.48 -2.63
C THR H 18 16.40 20.47 -1.51
N MET H 19 17.41 19.61 -1.55
CA MET H 19 17.71 18.71 -0.45
C MET H 19 19.03 19.22 0.12
N ASP H 20 18.98 19.72 1.34
CA ASP H 20 20.17 20.19 2.04
C ASP H 20 20.52 19.26 3.16
N PHE H 21 21.72 18.74 3.13
CA PHE H 21 22.08 17.86 4.22
C PHE H 21 23.60 17.81 4.36
N THR H 22 24.07 17.09 5.36
CA THR H 22 25.51 17.01 5.66
C THR H 22 26.17 15.72 5.19
N MET H 23 25.39 14.77 4.73
CA MET H 23 26.02 13.64 4.02
C MET H 23 25.09 13.14 2.95
N GLU H 24 25.63 12.28 2.10
CA GLU H 24 24.87 11.72 0.99
C GLU H 24 24.75 10.21 1.16
N PRO H 25 23.74 9.71 1.88
CA PRO H 25 23.50 8.26 1.85
C PRO H 25 23.16 7.93 0.40
N ASP H 26 23.39 6.69 -0.01
CA ASP H 26 23.13 6.23 -1.35
C ASP H 26 21.70 6.60 -1.72
N SER H 27 21.56 7.46 -2.73
CA SER H 27 20.25 7.97 -3.17
C SER H 27 20.19 7.87 -4.66
N LYS H 28 18.98 7.69 -5.19
CA LYS H 28 18.80 7.57 -6.63
C LYS H 28 17.37 7.94 -6.93
N VAL H 29 17.02 7.95 -8.22
CA VAL H 29 15.63 8.11 -8.63
C VAL H 29 15.00 6.72 -8.56
N ILE H 30 13.89 6.62 -7.83
CA ILE H 30 13.19 5.32 -7.72
C ILE H 30 11.82 5.43 -8.35
N ILE H 31 11.45 4.44 -9.19
CA ILE H 31 10.04 4.22 -9.56
C ILE H 31 9.53 3.03 -8.78
N VAL H 32 8.52 3.29 -7.95
CA VAL H 32 7.86 2.24 -7.22
C VAL H 32 6.62 1.86 -8.06
N PRO H 33 6.54 0.62 -8.50
CA PRO H 33 5.34 0.22 -9.24
C PRO H 33 4.11 -0.03 -8.34
N ARG H 34 2.94 -0.07 -8.96
CA ARG H 34 1.71 -0.50 -8.27
C ARG H 34 1.94 -1.86 -7.60
N ASN H 35 1.29 -2.06 -6.44
CA ASN H 35 1.22 -3.38 -5.80
C ASN H 35 2.56 -3.90 -5.42
N TYR H 36 3.45 -2.99 -5.07
CA TYR H 36 4.78 -3.37 -4.70
C TYR H 36 4.80 -3.75 -3.22
N GLY H 37 4.05 -2.95 -2.42
CA GLY H 37 3.90 -3.16 -1.00
C GLY H 37 4.93 -2.33 -0.24
N ILE H 38 4.47 -1.61 0.77
CA ILE H 38 5.37 -0.70 1.53
C ILE H 38 5.12 -0.89 3.01
N ARG H 39 6.20 -1.07 3.79
CA ARG H 39 6.03 -1.16 5.23
C ARG H 39 5.57 0.15 5.87
N LEU H 40 4.94 0.02 7.03
CA LEU H 40 4.55 1.19 7.83
C LEU H 40 5.67 1.45 8.85
N LEU H 41 6.08 0.36 9.50
CA LEU H 41 7.10 0.37 10.54
C LEU H 41 8.18 -0.55 10.05
N GLU H 42 9.43 -0.08 10.07
CA GLU H 42 10.51 -0.85 9.53
C GLU H 42 10.78 -2.09 10.36
N LYS H 43 10.41 -2.07 11.63
CA LYS H 43 10.69 -3.18 12.56
C LYS H 43 9.54 -4.16 12.67
N GLU H 44 8.61 -4.09 11.72
CA GLU H 44 7.46 -5.01 11.70
C GLU H 44 7.27 -5.47 10.26
N ASN H 45 7.25 -6.78 10.06
CA ASN H 45 7.03 -7.31 8.73
C ASN H 45 5.52 -7.27 8.39
N VAL H 46 5.01 -6.06 8.17
CA VAL H 46 3.60 -5.83 7.81
C VAL H 46 3.65 -4.90 6.61
N VAL H 47 3.08 -5.30 5.48
CA VAL H 47 3.25 -4.45 4.30
C VAL H 47 1.90 -4.02 3.73
N ILE H 48 1.78 -2.76 3.36
CA ILE H 48 0.55 -2.20 2.83
C ILE H 48 0.63 -2.16 1.33
N ASN H 49 -0.40 -2.65 0.64
CA ASN H 49 -0.30 -2.76 -0.80
C ASN H 49 -0.58 -1.35 -1.33
N ASN H 50 0.33 -0.78 -2.11
CA ASN H 50 0.08 0.55 -2.70
C ASN H 50 -0.75 0.51 -3.99
N SER H 51 -1.79 1.32 -4.05
CA SER H 51 -2.64 1.48 -5.23
C SER H 51 -1.89 2.04 -6.43
N TYR H 52 -0.94 2.94 -6.14
CA TYR H 52 -0.38 3.81 -7.18
C TYR H 52 1.11 3.65 -7.30
N ALA H 53 1.57 3.68 -8.54
CA ALA H 53 2.98 3.86 -8.87
C ALA H 53 3.43 5.30 -8.67
N PHE H 54 4.73 5.47 -8.39
CA PHE H 54 5.25 6.83 -8.19
C PHE H 54 6.72 6.88 -8.43
N VAL H 55 7.27 8.09 -8.64
CA VAL H 55 8.68 8.27 -9.01
C VAL H 55 9.18 9.42 -8.15
N GLY H 56 10.37 9.26 -7.57
CA GLY H 56 10.99 10.40 -6.90
C GLY H 56 12.39 10.08 -6.49
N MET H 57 12.97 10.97 -5.71
CA MET H 57 14.28 10.66 -5.13
C MET H 57 14.16 9.89 -3.83
N GLY H 58 15.04 8.91 -3.65
CA GLY H 58 15.03 8.25 -2.35
C GLY H 58 16.13 7.21 -2.18
N SER H 59 15.93 6.39 -1.18
CA SER H 59 16.92 5.38 -0.77
C SER H 59 16.26 3.99 -0.88
N THR H 60 17.06 2.98 -1.25
CA THR H 60 16.66 1.56 -1.24
C THR H 60 17.39 0.78 -0.12
N ASP H 61 17.96 1.47 0.86
CA ASP H 61 18.77 0.77 1.86
C ASP H 61 17.95 0.06 2.93
N ILE H 62 16.65 0.33 3.04
CA ILE H 62 15.86 -0.42 3.99
C ILE H 62 14.83 -1.27 3.25
N THR H 63 13.95 -1.95 3.98
CA THR H 63 13.11 -3.01 3.36
C THR H 63 12.19 -2.49 2.27
N SER H 64 11.57 -1.34 2.52
CA SER H 64 10.70 -0.69 1.51
C SER H 64 11.37 0.62 1.08
N PRO H 65 11.09 1.06 -0.13
CA PRO H 65 11.73 2.27 -0.66
C PRO H 65 11.32 3.50 0.15
N VAL H 66 12.28 4.38 0.43
CA VAL H 66 12.08 5.56 1.26
C VAL H 66 12.16 6.70 0.27
N LEU H 67 11.02 7.34 -0.02
CA LEU H 67 11.05 8.46 -0.93
C LEU H 67 11.14 9.80 -0.21
N TYR H 68 12.05 10.64 -0.68
CA TYR H 68 12.26 11.97 -0.09
C TYR H 68 11.22 12.95 -0.66
N ASP H 69 10.87 12.74 -1.93
CA ASP H 69 9.85 13.59 -2.61
C ASP H 69 9.43 12.78 -3.84
N GLY H 70 8.37 13.19 -4.52
CA GLY H 70 8.03 12.49 -5.74
C GLY H 70 6.64 12.82 -6.21
N VAL H 71 6.26 12.23 -7.34
CA VAL H 71 4.92 12.43 -7.90
C VAL H 71 4.36 11.04 -8.22
N ASN H 72 3.05 10.82 -7.96
CA ASN H 72 2.45 9.51 -8.32
C ASN H 72 1.68 9.59 -9.63
N GLU H 73 1.08 8.47 -10.04
CA GLU H 73 0.50 8.38 -11.39
C GLU H 73 -0.80 9.13 -11.47
N LYS H 74 -1.29 9.62 -10.35
CA LYS H 74 -2.46 10.46 -10.35
C LYS H 74 -2.14 11.96 -10.01
N GLY H 75 -0.87 12.30 -10.09
CA GLY H 75 -0.49 13.72 -10.05
C GLY H 75 -0.32 14.27 -8.65
N LEU H 76 -0.44 13.43 -7.63
CA LEU H 76 -0.14 13.90 -6.28
C LEU H 76 1.37 14.07 -6.10
N MET H 77 1.79 15.24 -5.62
CA MET H 77 3.22 15.50 -5.40
C MET H 77 3.50 15.75 -3.92
N GLY H 78 4.71 15.42 -3.45
CA GLY H 78 5.00 15.79 -2.06
C GLY H 78 6.42 15.61 -1.63
N ALA H 79 6.75 16.04 -0.41
CA ALA H 79 8.16 15.90 0.05
C ALA H 79 8.20 15.93 1.57
N MET H 80 9.24 15.30 2.12
CA MET H 80 9.48 15.44 3.53
C MET H 80 10.71 16.35 3.60
N LEU H 81 10.67 17.27 4.55
CA LEU H 81 11.76 18.26 4.79
C LEU H 81 12.02 18.30 6.26
N TYR H 82 13.18 18.85 6.65
CA TYR H 82 13.53 18.89 8.08
C TYR H 82 12.66 19.83 8.90
N TYR H 83 12.55 19.57 10.21
CA TYR H 83 11.66 20.33 11.10
C TYR H 83 12.26 20.24 12.48
N ALA H 84 13.53 20.63 12.60
CA ALA H 84 14.30 20.42 13.83
C ALA H 84 13.76 21.19 15.02
N THR H 85 13.74 20.56 16.21
CA THR H 85 13.24 21.10 17.48
C THR H 85 11.70 21.23 17.59
N PHE H 86 10.99 20.94 16.49
CA PHE H 86 9.54 20.97 16.51
C PHE H 86 8.91 19.59 16.36
N ALA H 87 9.45 18.78 15.48
CA ALA H 87 8.84 17.49 15.21
C ALA H 87 8.77 16.67 16.48
N THR H 88 7.59 16.12 16.75
CA THR H 88 7.48 15.19 17.87
C THR H 88 6.64 13.99 17.55
N TYR H 89 7.15 12.83 17.96
CA TYR H 89 6.52 11.55 17.61
C TYR H 89 6.12 10.83 18.89
N ALA H 90 5.38 9.73 18.75
CA ALA H 90 4.84 9.03 19.93
C ALA H 90 5.55 7.72 20.08
N ASP H 91 5.51 7.13 21.26
CA ASP H 91 6.15 5.83 21.42
C ASP H 91 5.23 4.68 20.97
N GLU H 92 3.91 4.91 21.06
CA GLU H 92 2.88 3.92 20.67
C GLU H 92 1.75 4.65 19.94
N PRO H 93 1.07 3.96 19.02
CA PRO H 93 -0.05 4.56 18.29
C PRO H 93 -1.18 4.93 19.21
N LYS H 94 -1.88 6.01 18.89
CA LYS H 94 -3.17 6.31 19.50
C LYS H 94 -4.15 5.19 19.18
N LYS H 95 -5.05 4.93 20.13
CA LYS H 95 -6.21 4.05 19.90
C LYS H 95 -6.94 4.36 18.58
N GLY H 96 -7.21 3.30 17.82
CA GLY H 96 -7.87 3.42 16.54
C GLY H 96 -6.90 3.78 15.40
N THR H 97 -5.59 3.71 15.66
CA THR H 97 -4.61 3.98 14.60
C THR H 97 -3.52 2.96 14.60
N ARG H 98 -2.74 2.95 13.53
CA ARG H 98 -1.50 2.24 13.65
C ARG H 98 -0.27 3.09 13.38
N GLY H 99 0.87 2.58 13.84
CA GLY H 99 2.08 3.37 13.79
C GLY H 99 2.68 3.45 12.42
N ILE H 100 3.35 4.56 12.14
CA ILE H 100 4.09 4.68 10.90
C ILE H 100 5.44 5.33 11.21
N ASN H 101 6.46 4.90 10.48
CA ASN H 101 7.79 5.49 10.64
C ASN H 101 7.74 6.82 9.87
N PRO H 102 8.24 7.90 10.46
CA PRO H 102 8.24 9.17 9.71
C PRO H 102 8.87 9.15 8.33
N VAL H 103 9.81 8.26 8.05
CA VAL H 103 10.45 8.29 6.75
C VAL H 103 9.70 7.52 5.68
N TYR H 104 8.61 6.87 6.08
CA TYR H 104 7.79 6.13 5.14
C TYR H 104 6.52 6.88 4.81
N VAL H 105 6.37 8.08 5.35
CA VAL H 105 5.14 8.87 5.10
C VAL H 105 4.96 9.21 3.62
N ILE H 106 6.00 9.72 2.96
CA ILE H 106 5.91 10.08 1.55
C ILE H 106 5.61 8.82 0.69
N SER H 107 6.32 7.73 0.98
CA SER H 107 6.09 6.49 0.22
C SER H 107 4.64 6.04 0.37
N GLN H 108 4.14 6.06 1.61
CA GLN H 108 2.76 5.57 1.86
C GLN H 108 1.73 6.49 1.19
N VAL H 109 1.93 7.80 1.30
CA VAL H 109 0.93 8.76 0.81
C VAL H 109 0.93 8.78 -0.71
N LEU H 110 2.10 8.90 -1.34
CA LEU H 110 2.17 8.81 -2.79
C LEU H 110 1.64 7.47 -3.30
N GLY H 111 1.81 6.41 -2.50
CA GLY H 111 1.35 5.10 -2.99
C GLY H 111 -0.18 4.90 -2.95
N ASN H 112 -0.89 5.76 -2.22
CA ASN H 112 -2.31 5.49 -1.88
C ASN H 112 -3.30 6.68 -1.88
N CYS H 113 -2.82 7.87 -2.19
CA CYS H 113 -3.70 9.08 -2.16
C CYS H 113 -3.68 9.81 -3.50
N VAL H 114 -4.76 10.54 -3.80
CA VAL H 114 -4.84 11.34 -5.05
C VAL H 114 -4.88 12.86 -4.74
N THR H 115 -5.81 13.28 -3.87
CA THR H 115 -6.01 14.69 -3.54
C THR H 115 -5.44 15.07 -2.20
N VAL H 116 -5.34 16.37 -1.92
CA VAL H 116 -4.86 16.73 -0.59
C VAL H 116 -5.85 16.32 0.49
N ASP H 117 -7.16 16.32 0.19
CA ASP H 117 -8.12 15.82 1.15
C ASP H 117 -7.92 14.34 1.42
N ASP H 118 -7.51 13.56 0.42
CA ASP H 118 -7.21 12.14 0.63
C ASP H 118 -6.05 11.97 1.60
N VAL H 119 -5.04 12.80 1.43
CA VAL H 119 -3.86 12.80 2.31
C VAL H 119 -4.29 13.04 3.75
N ILE H 120 -5.13 14.05 3.96
CA ILE H 120 -5.51 14.40 5.32
C ILE H 120 -6.29 13.22 5.91
N GLU H 121 -7.21 12.66 5.14
CA GLU H 121 -7.93 11.45 5.57
C GLU H 121 -6.98 10.24 5.84
N LYS H 122 -6.05 9.97 4.94
CA LYS H 122 -5.11 8.85 5.09
C LYS H 122 -4.35 8.96 6.41
N LEU H 123 -3.83 10.15 6.70
CA LEU H 123 -3.03 10.32 7.95
C LEU H 123 -3.80 10.14 9.29
N THR H 124 -5.12 10.25 9.26
CA THR H 124 -5.95 9.96 10.44
C THR H 124 -5.91 8.48 10.83
N SER H 125 -5.55 7.61 9.90
CA SER H 125 -5.40 6.18 10.20
C SER H 125 -4.07 5.87 10.92
N TYR H 126 -3.18 6.87 11.03
CA TYR H 126 -1.84 6.64 11.57
C TYR H 126 -1.40 7.52 12.73
N THR H 127 -0.47 6.98 13.51
CA THR H 127 0.29 7.79 14.46
C THR H 127 1.74 7.73 14.04
N LEU H 128 2.42 8.86 13.84
CA LEU H 128 3.86 8.79 13.59
C LEU H 128 4.60 8.38 14.89
N LEU H 129 5.46 7.37 14.81
CA LEU H 129 6.19 6.87 15.97
C LEU H 129 7.66 7.23 15.95
N ASN H 130 8.24 7.25 17.14
CA ASN H 130 9.68 7.47 17.31
C ASN H 130 10.51 6.26 16.93
N GLU H 131 10.27 5.73 15.75
CA GLU H 131 11.05 4.63 15.21
C GLU H 131 12.20 5.13 14.35
N ALA H 132 13.43 4.78 14.74
CA ALA H 132 14.61 5.21 13.99
C ALA H 132 14.84 4.30 12.80
N ASN H 133 15.95 4.49 12.09
CA ASN H 133 16.23 3.75 10.86
C ASN H 133 17.73 3.64 10.73
N ILE H 134 18.21 2.70 9.91
CA ILE H 134 19.66 2.50 9.77
C ILE H 134 20.37 3.54 8.90
N ILE H 135 19.62 4.34 8.14
CA ILE H 135 20.24 5.27 7.23
C ILE H 135 20.89 6.40 8.04
N LEU H 136 20.15 6.89 9.03
CA LEU H 136 20.64 7.98 9.87
C LEU H 136 21.00 7.56 11.27
N GLY H 137 20.39 6.48 11.77
CA GLY H 137 20.63 6.06 13.15
C GLY H 137 19.67 6.65 14.19
N PHE H 138 18.74 7.49 13.75
CA PHE H 138 17.78 8.18 14.63
C PHE H 138 16.56 8.48 13.74
N ALA H 139 15.42 8.80 14.35
CA ALA H 139 14.25 9.23 13.57
C ALA H 139 14.38 10.76 13.30
N PRO H 140 14.54 11.18 12.06
CA PRO H 140 14.78 12.61 11.78
C PRO H 140 13.52 13.42 12.04
N PRO H 141 13.68 14.66 12.52
CA PRO H 141 12.57 15.57 12.75
C PRO H 141 12.08 16.08 11.41
N LEU H 142 10.82 15.79 11.05
CA LEU H 142 10.31 16.09 9.70
C LEU H 142 8.99 16.79 9.69
N HIS H 143 8.71 17.51 8.61
CA HIS H 143 7.34 17.89 8.30
C HIS H 143 7.14 17.67 6.82
N TYR H 144 5.89 17.81 6.34
CA TYR H 144 5.58 17.25 5.03
C TYR H 144 4.73 18.24 4.24
N THR H 145 5.00 18.35 2.96
CA THR H 145 4.22 19.21 2.07
C THR H 145 3.64 18.35 0.98
N PHE H 146 2.38 18.61 0.56
CA PHE H 146 1.83 17.91 -0.60
C PHE H 146 1.10 18.89 -1.48
N THR H 147 1.12 18.61 -2.77
CA THR H 147 0.40 19.41 -3.74
C THR H 147 -0.24 18.47 -4.73
N ASP H 148 -1.55 18.63 -4.91
CA ASP H 148 -2.21 17.69 -5.85
C ASP H 148 -2.34 18.28 -7.26
N ALA H 149 -2.98 17.53 -8.15
CA ALA H 149 -2.92 17.93 -9.56
C ALA H 149 -3.63 19.25 -9.78
N SER H 150 -4.52 19.60 -8.85
CA SER H 150 -5.28 20.86 -8.94
C SER H 150 -4.50 22.09 -8.54
N GLY H 151 -3.35 21.87 -7.87
CA GLY H 151 -2.46 22.94 -7.45
C GLY H 151 -2.74 23.31 -6.00
N GLU H 152 -3.71 22.64 -5.38
CA GLU H 152 -3.91 22.83 -3.95
C GLU H 152 -2.73 22.26 -3.16
N SER H 153 -2.23 23.02 -2.19
CA SER H 153 -1.12 22.56 -1.33
C SER H 153 -1.53 22.50 0.13
N ILE H 154 -0.96 21.55 0.87
CA ILE H 154 -1.13 21.46 2.31
C ILE H 154 0.24 21.26 2.98
N VAL H 155 0.28 21.59 4.26
CA VAL H 155 1.45 21.31 5.07
C VAL H 155 0.94 20.52 6.28
N ILE H 156 1.67 19.48 6.66
CA ILE H 156 1.28 18.61 7.76
C ILE H 156 2.47 18.61 8.71
N GLU H 157 2.26 19.00 9.95
CA GLU H 157 3.38 19.19 10.91
C GLU H 157 3.16 18.39 12.19
N PRO H 158 4.07 17.48 12.54
CA PRO H 158 3.93 16.67 13.76
C PRO H 158 4.43 17.48 14.94
N ASP H 159 3.53 18.27 15.52
CA ASP H 159 3.86 19.20 16.59
C ASP H 159 3.70 18.55 17.95
N LYS H 160 4.16 19.22 19.00
CA LYS H 160 4.06 18.70 20.37
C LYS H 160 2.62 18.37 20.76
N THR H 161 1.68 19.20 20.29
CA THR H 161 0.25 19.06 20.60
C THR H 161 -0.44 18.05 19.70
N GLY H 162 0.28 17.43 18.78
CA GLY H 162 -0.37 16.61 17.77
C GLY H 162 -0.15 17.11 16.35
N ILE H 163 -0.73 16.40 15.38
CA ILE H 163 -0.62 16.74 13.95
C ILE H 163 -1.36 18.04 13.69
N THR H 164 -0.67 19.00 13.08
CA THR H 164 -1.25 20.29 12.71
C THR H 164 -1.34 20.32 11.20
N ILE H 165 -2.55 20.48 10.67
CA ILE H 165 -2.71 20.51 9.22
C ILE H 165 -2.97 21.95 8.82
N HIS H 166 -2.37 22.39 7.72
CA HIS H 166 -2.67 23.70 7.18
C HIS H 166 -3.11 23.48 5.77
N ARG H 167 -4.31 23.93 5.46
CA ARG H 167 -4.90 23.73 4.16
C ARG H 167 -4.78 24.99 3.28
N LYS H 168 -4.82 24.78 1.98
CA LYS H 168 -4.77 25.87 0.98
C LYS H 168 -3.63 26.83 1.28
N THR H 169 -2.40 26.33 1.39
CA THR H 169 -1.31 27.23 1.79
C THR H 169 -0.79 28.05 0.60
N ILE H 170 0.25 28.87 0.85
CA ILE H 170 0.92 29.62 -0.23
C ILE H 170 1.83 28.77 -1.10
N GLY H 171 2.01 27.50 -0.74
CA GLY H 171 2.78 26.56 -1.56
C GLY H 171 4.27 26.84 -1.46
N VAL H 172 4.70 27.10 -0.24
CA VAL H 172 6.12 27.28 0.11
C VAL H 172 6.31 26.57 1.44
N MET H 173 7.42 25.87 1.60
CA MET H 173 7.79 25.27 2.89
C MET H 173 9.30 25.13 2.95
N THR H 174 9.88 25.39 4.12
CA THR H 174 11.33 25.16 4.31
C THR H 174 11.43 24.30 5.56
N ALA H 175 12.00 24.81 6.63
CA ALA H 175 12.12 24.03 7.83
C ALA H 175 11.43 24.78 8.97
N SER H 176 11.86 24.57 10.22
CA SER H 176 11.21 25.18 11.37
C SER H 176 11.31 26.75 11.32
N PRO H 177 10.44 27.44 12.04
CA PRO H 177 9.39 26.86 12.87
C PRO H 177 8.13 26.51 12.07
N GLY H 178 6.99 26.43 12.73
CA GLY H 178 5.77 25.98 12.05
C GLY H 178 5.24 26.89 10.97
N TYR H 179 4.31 26.36 10.18
CA TYR H 179 3.91 27.04 8.96
C TYR H 179 3.24 28.38 9.29
N GLU H 180 2.43 28.40 10.36
CA GLU H 180 1.67 29.63 10.66
C GLU H 180 2.68 30.75 11.03
N TRP H 181 3.77 30.36 11.70
CA TRP H 181 4.81 31.33 12.09
C TRP H 181 5.42 31.97 10.84
N HIS H 182 5.79 31.13 9.84
CA HIS H 182 6.37 31.65 8.59
C HIS H 182 5.35 32.53 7.86
N GLN H 183 4.10 32.06 7.82
CA GLN H 183 3.04 32.77 7.06
C GLN H 183 2.79 34.17 7.65
N THR H 184 2.87 34.27 8.98
CA THR H 184 2.80 35.54 9.68
C THR H 184 4.05 36.40 9.41
N ASN H 185 5.23 35.75 9.46
CA ASN H 185 6.50 36.44 9.17
C ASN H 185 6.49 37.11 7.79
N LEU H 186 5.74 36.55 6.84
CA LEU H 186 5.67 37.17 5.50
C LEU H 186 5.27 38.63 5.59
N ARG H 187 4.43 38.94 6.57
CA ARG H 187 3.83 40.28 6.70
C ARG H 187 4.87 41.34 6.93
N ALA H 188 5.96 40.97 7.63
CA ALA H 188 7.00 41.92 7.99
C ALA H 188 7.80 42.40 6.74
N TYR H 189 7.60 41.71 5.61
CA TYR H 189 8.45 41.89 4.43
C TYR H 189 7.68 42.30 3.21
N ILE H 190 6.43 42.74 3.38
CA ILE H 190 5.64 43.12 2.17
C ILE H 190 6.26 44.31 1.40
N GLY H 191 7.11 45.08 2.08
CA GLY H 191 7.89 46.11 1.39
C GLY H 191 9.02 45.64 0.47
N VAL H 192 9.29 44.34 0.46
CA VAL H 192 10.25 43.73 -0.47
C VAL H 192 9.64 43.56 -1.83
N THR H 193 9.99 44.42 -2.78
CA THR H 193 9.36 44.39 -4.12
C THR H 193 10.40 44.53 -5.22
N PRO H 194 10.02 44.28 -6.45
CA PRO H 194 10.91 44.48 -7.59
C PRO H 194 11.23 45.95 -7.85
N ASN H 195 10.44 46.88 -7.31
CA ASN H 195 10.47 48.27 -7.80
C ASN H 195 11.43 49.15 -7.02
N PRO H 196 12.17 50.02 -7.70
CA PRO H 196 13.14 50.88 -7.00
C PRO H 196 12.45 51.92 -6.13
N PRO H 197 13.10 52.29 -5.03
CA PRO H 197 12.62 53.36 -4.16
C PRO H 197 12.84 54.67 -4.94
N GLN H 198 12.01 55.67 -4.69
CA GLN H 198 12.17 57.01 -5.27
C GLN H 198 13.45 57.66 -4.73
N ASP H 199 14.13 58.44 -5.57
CA ASP H 199 15.23 59.30 -5.09
C ASP H 199 14.72 60.22 -3.98
N ILE H 200 15.64 60.63 -3.11
CA ILE H 200 15.35 61.64 -2.07
C ILE H 200 16.42 62.72 -2.07
N MET H 201 16.07 63.88 -1.52
CA MET H 201 17.03 64.91 -1.20
C MET H 201 17.41 64.70 0.26
N MET H 202 18.67 64.82 0.59
CA MET H 202 19.04 64.88 1.98
C MET H 202 19.97 66.07 2.10
N GLY H 203 19.43 67.15 2.67
CA GLY H 203 20.05 68.46 2.58
C GLY H 203 20.18 68.81 1.12
N ASP H 204 21.41 69.06 0.70
CA ASP H 204 21.67 69.45 -0.66
C ASP H 204 21.99 68.26 -1.53
N LEU H 205 22.02 67.06 -0.95
CA LEU H 205 22.39 65.88 -1.73
C LEU H 205 21.20 65.22 -2.42
N ASP H 206 21.37 64.88 -3.69
CA ASP H 206 20.40 64.11 -4.43
C ASP H 206 20.79 62.62 -4.39
N LEU H 207 20.17 61.85 -3.50
CA LEU H 207 20.51 60.44 -3.29
C LEU H 207 19.69 59.53 -4.15
N THR H 208 20.39 58.73 -4.94
CA THR H 208 19.82 57.77 -5.85
C THR H 208 20.42 56.37 -5.57
N PRO H 209 19.72 55.29 -5.93
CA PRO H 209 20.31 53.97 -5.74
C PRO H 209 21.61 53.79 -6.53
N PHE H 210 22.43 52.84 -6.06
CA PHE H 210 23.68 52.48 -6.70
C PHE H 210 23.49 51.90 -8.10
N GLY H 211 22.38 51.21 -8.33
CA GLY H 211 22.12 50.56 -9.62
C GLY H 211 20.66 50.16 -9.64
N GLN H 212 20.43 48.86 -9.60
CA GLN H 212 19.08 48.31 -9.55
C GLN H 212 18.87 47.46 -8.30
N GLY H 213 17.65 46.98 -8.09
CA GLY H 213 17.41 45.97 -7.05
C GLY H 213 17.07 46.54 -5.66
N ALA H 214 17.08 47.86 -5.48
CA ALA H 214 16.86 48.42 -4.13
C ALA H 214 15.48 48.18 -3.54
N GLY H 215 14.52 47.80 -4.39
CA GLY H 215 13.22 47.47 -3.85
C GLY H 215 13.27 46.28 -2.90
N GLY H 216 14.32 45.49 -3.00
CA GLY H 216 14.44 44.31 -2.16
C GLY H 216 15.01 44.57 -0.78
N LEU H 217 15.34 45.82 -0.47
CA LEU H 217 15.96 46.18 0.79
C LEU H 217 15.15 45.60 1.97
N GLY H 218 15.86 44.91 2.88
CA GLY H 218 15.15 44.33 4.03
C GLY H 218 15.13 42.79 3.93
N LEU H 219 15.16 42.26 2.72
CA LEU H 219 15.17 40.77 2.58
C LEU H 219 16.52 40.21 3.07
N PRO H 220 16.52 39.18 3.94
CA PRO H 220 17.77 38.63 4.45
C PRO H 220 18.36 37.65 3.46
N GLY H 221 19.69 37.53 3.51
CA GLY H 221 20.41 36.73 2.55
C GLY H 221 20.99 35.49 3.18
N ASP H 222 20.80 35.28 4.48
CA ASP H 222 21.41 34.12 5.15
C ASP H 222 20.60 32.85 4.81
N PHE H 223 21.14 31.71 5.20
CA PHE H 223 20.52 30.40 4.91
C PHE H 223 19.70 29.79 6.03
N THR H 224 19.29 30.58 7.01
CA THR H 224 18.35 30.07 8.04
C THR H 224 17.02 29.67 7.42
N PRO H 225 16.28 28.75 8.08
CA PRO H 225 14.99 28.35 7.46
C PRO H 225 13.99 29.51 7.30
N SER H 226 13.95 30.49 8.20
CA SER H 226 13.06 31.65 8.05
C SER H 226 13.45 32.52 6.84
N ALA H 227 14.77 32.73 6.64
CA ALA H 227 15.26 33.56 5.54
C ALA H 227 15.01 32.83 4.23
N ARG H 228 15.21 31.50 4.25
CA ARG H 228 14.94 30.73 3.04
C ARG H 228 13.46 30.82 2.69
N PHE H 229 12.58 30.75 3.71
CA PHE H 229 11.15 30.80 3.45
C PHE H 229 10.80 32.15 2.79
N LEU H 230 11.33 33.22 3.34
CA LEU H 230 11.00 34.53 2.76
C LEU H 230 11.49 34.69 1.30
N ARG H 231 12.70 34.25 1.01
CA ARG H 231 13.22 34.43 -0.36
C ARG H 231 12.41 33.57 -1.37
N VAL H 232 12.14 32.32 -1.00
CA VAL H 232 11.33 31.47 -1.84
C VAL H 232 9.93 32.08 -2.06
N ALA H 233 9.28 32.54 -0.98
CA ALA H 233 7.94 33.06 -1.09
C ALA H 233 7.96 34.35 -1.90
N TYR H 234 8.89 35.27 -1.61
CA TYR H 234 8.87 36.57 -2.33
C TYR H 234 9.28 36.41 -3.78
N TRP H 235 10.23 35.52 -4.06
CA TRP H 235 10.61 35.37 -5.48
C TRP H 235 9.61 34.50 -6.20
N LYS H 236 8.86 33.68 -5.46
CA LYS H 236 7.75 32.98 -6.10
C LYS H 236 6.71 34.02 -6.55
N LYS H 237 6.41 34.98 -5.68
CA LYS H 237 5.41 35.99 -5.99
C LYS H 237 5.80 36.75 -7.26
N TYR H 238 7.06 37.17 -7.35
CA TYR H 238 7.40 38.14 -8.38
C TYR H 238 8.02 37.58 -9.65
N THR H 239 8.48 36.33 -9.62
CA THR H 239 8.99 35.69 -10.85
C THR H 239 7.85 35.53 -11.87
N GLU H 240 8.15 35.83 -13.13
CA GLU H 240 7.19 35.69 -14.22
C GLU H 240 6.55 34.31 -14.22
N LYS H 241 5.27 34.29 -14.56
CA LYS H 241 4.53 33.03 -14.58
C LYS H 241 5.11 32.14 -15.66
N ALA H 242 5.09 30.84 -15.41
CA ALA H 242 5.58 29.87 -16.38
C ALA H 242 4.45 29.60 -17.38
N LYS H 243 4.77 29.59 -18.68
CA LYS H 243 3.77 29.40 -19.77
C LYS H 243 3.65 27.92 -20.16
N ASN H 244 4.62 27.11 -19.73
CA ASN H 244 4.58 25.66 -20.03
C ASN H 244 5.41 24.88 -19.03
N GLU H 245 5.45 23.56 -19.19
CA GLU H 245 6.12 22.70 -18.24
C GLU H 245 7.64 22.96 -18.13
N THR H 246 8.29 23.14 -19.27
CA THR H 246 9.72 23.42 -19.28
C THR H 246 10.06 24.74 -18.55
N GLU H 247 9.32 25.78 -18.86
CA GLU H 247 9.49 27.08 -18.15
C GLU H 247 9.25 26.92 -16.65
N GLY H 248 8.33 26.04 -16.30
CA GLY H 248 7.99 25.75 -14.91
C GLY H 248 9.21 25.21 -14.21
N VAL H 249 9.82 24.19 -14.81
CA VAL H 249 11.04 23.63 -14.23
C VAL H 249 12.14 24.69 -14.10
N THR H 250 12.37 25.38 -15.21
CA THR H 250 13.40 26.40 -15.30
C THR H 250 13.13 27.46 -14.23
N ASN H 251 11.90 27.97 -14.15
CA ASN H 251 11.62 28.98 -13.11
C ASN H 251 11.75 28.48 -11.67
N LEU H 252 11.27 27.25 -11.41
CA LEU H 252 11.42 26.70 -10.06
C LEU H 252 12.89 26.67 -9.65
N PHE H 253 13.76 26.27 -10.58
CA PHE H 253 15.19 26.16 -10.27
C PHE H 253 15.84 27.52 -10.09
N HIS H 254 15.36 28.52 -10.83
CA HIS H 254 15.79 29.90 -10.61
C HIS H 254 15.37 30.43 -9.25
N ILE H 255 14.13 30.15 -8.85
CA ILE H 255 13.69 30.65 -7.54
C ILE H 255 14.55 29.99 -6.47
N LEU H 256 14.76 28.68 -6.63
CA LEU H 256 15.53 27.91 -5.65
C LEU H 256 17.02 28.28 -5.64
N SER H 257 17.49 28.90 -6.70
CA SER H 257 18.90 29.28 -6.78
C SER H 257 19.22 30.26 -5.63
N SER H 258 18.21 31.02 -5.19
CA SER H 258 18.39 31.97 -4.08
C SER H 258 18.61 31.21 -2.74
N VAL H 259 18.29 29.91 -2.71
CA VAL H 259 18.46 29.11 -1.50
C VAL H 259 19.37 27.88 -1.73
N ASN H 260 20.23 27.98 -2.74
CA ASN H 260 21.13 26.90 -3.08
C ASN H 260 22.39 27.13 -2.24
N ILE H 261 22.77 26.16 -1.43
CA ILE H 261 23.89 26.38 -0.49
C ILE H 261 25.20 25.76 -0.98
N PRO H 262 26.24 26.56 -1.26
CA PRO H 262 27.55 26.00 -1.62
C PRO H 262 28.22 25.28 -0.45
N LYS H 263 29.00 24.23 -0.72
CA LYS H 263 29.77 23.58 0.32
C LYS H 263 30.72 24.54 0.98
N GLY H 264 30.60 24.61 2.30
CA GLY H 264 31.50 25.34 3.19
C GLY H 264 30.84 26.60 3.77
N VAL H 265 29.76 27.04 3.11
CA VAL H 265 29.05 28.28 3.49
C VAL H 265 28.21 28.14 4.79
N VAL H 266 27.73 26.92 5.08
CA VAL H 266 26.98 26.65 6.29
C VAL H 266 27.58 25.43 6.96
N LEU H 267 28.05 25.60 8.19
CA LEU H 267 28.55 24.45 8.97
C LEU H 267 27.62 24.23 10.14
N THR H 268 27.47 22.98 10.56
CA THR H 268 26.73 22.71 11.78
C THR H 268 27.68 22.93 12.94
N ASN H 269 27.14 22.79 14.13
CA ASN H 269 27.89 22.84 15.38
C ASN H 269 29.22 22.10 15.34
N GLU H 270 29.22 20.99 14.61
CA GLU H 270 30.31 20.01 14.63
C GLU H 270 31.27 20.17 13.45
N GLY H 271 31.08 21.25 12.67
CA GLY H 271 31.97 21.50 11.55
C GLY H 271 31.56 20.74 10.30
N LYS H 272 30.41 20.07 10.37
CA LYS H 272 29.86 19.32 9.23
C LYS H 272 29.29 20.32 8.23
N THR H 273 29.57 20.08 6.96
CA THR H 273 29.10 20.96 5.90
C THR H 273 27.68 20.64 5.49
N ASP H 274 26.80 21.65 5.55
CA ASP H 274 25.38 21.48 5.17
C ASP H 274 25.22 22.18 3.83
N TYR H 275 24.96 21.41 2.79
CA TYR H 275 24.95 22.00 1.44
C TYR H 275 23.83 21.41 0.59
N THR H 276 23.56 22.07 -0.53
CA THR H 276 22.48 21.61 -1.41
C THR H 276 22.93 20.41 -2.29
N ILE H 277 22.52 19.23 -1.84
CA ILE H 277 22.94 17.98 -2.50
C ILE H 277 22.28 17.78 -3.86
N TYR H 278 20.98 18.06 -3.96
CA TYR H 278 20.32 18.05 -5.26
C TYR H 278 19.12 18.99 -5.20
N THR H 279 18.59 19.29 -6.38
CA THR H 279 17.38 20.08 -6.55
C THR H 279 16.49 19.31 -7.49
N SER H 280 15.24 19.09 -7.12
CA SER H 280 14.36 18.33 -7.99
C SER H 280 13.10 19.12 -8.27
N ALA H 281 12.44 18.75 -9.35
CA ALA H 281 11.13 19.28 -9.70
C ALA H 281 10.30 18.16 -10.29
N MET H 282 9.01 18.37 -10.29
CA MET H 282 8.09 17.32 -10.77
C MET H 282 6.77 17.97 -11.20
N CYS H 283 6.07 17.29 -12.10
CA CYS H 283 4.90 17.88 -12.74
C CYS H 283 3.72 16.92 -12.62
N ALA H 284 2.62 17.38 -12.06
CA ALA H 284 1.49 16.52 -11.73
C ALA H 284 0.85 15.97 -13.02
N GLN H 285 0.72 16.81 -14.03
CA GLN H 285 -0.01 16.38 -15.25
C GLN H 285 0.77 15.40 -16.10
N SER H 286 2.09 15.60 -16.22
CA SER H 286 2.92 14.75 -17.08
C SER H 286 3.53 13.59 -16.33
N LYS H 287 3.56 13.71 -15.00
CA LYS H 287 4.26 12.72 -14.13
C LYS H 287 5.74 12.56 -14.49
N ASN H 288 6.33 13.64 -14.99
CA ASN H 288 7.78 13.77 -15.13
C ASN H 288 8.48 14.23 -13.84
N TYR H 289 9.66 13.66 -13.59
CA TYR H 289 10.49 13.96 -12.45
C TYR H 289 11.86 14.52 -12.99
N TYR H 290 12.30 15.68 -12.51
CA TYR H 290 13.49 16.33 -13.05
C TYR H 290 14.46 16.54 -11.88
N PHE H 291 15.75 16.44 -12.11
CA PHE H 291 16.69 16.76 -11.01
C PHE H 291 18.06 17.21 -11.53
N LYS H 292 18.72 18.09 -10.75
CA LYS H 292 20.11 18.40 -11.00
C LYS H 292 20.84 18.18 -9.70
N LEU H 293 22.17 18.14 -9.74
CA LEU H 293 22.96 17.71 -8.60
C LEU H 293 23.94 18.81 -8.29
N TYR H 294 24.50 18.79 -7.08
CA TYR H 294 25.54 19.74 -6.69
C TYR H 294 26.62 19.78 -7.78
N ASP H 295 27.08 18.59 -8.19
CA ASP H 295 28.17 18.51 -9.16
C ASP H 295 27.73 18.52 -10.62
N ASN H 296 26.45 18.62 -10.89
CA ASN H 296 26.02 18.55 -12.29
C ASN H 296 24.76 19.40 -12.52
N SER H 297 24.95 20.47 -13.29
CA SER H 297 24.01 21.56 -13.48
C SER H 297 22.99 21.11 -14.51
N ARG H 298 23.31 20.07 -15.25
CA ARG H 298 22.42 19.65 -16.33
C ARG H 298 21.25 18.87 -15.74
N ILE H 299 20.04 19.25 -16.10
CA ILE H 299 18.82 18.58 -15.61
C ILE H 299 18.59 17.28 -16.36
N SER H 300 18.35 16.21 -15.60
CA SER H 300 17.91 14.91 -16.10
C SER H 300 16.44 14.71 -15.76
N ALA H 301 15.73 13.94 -16.58
CA ALA H 301 14.31 13.71 -16.36
C ALA H 301 13.98 12.22 -16.53
N VAL H 302 13.01 11.78 -15.74
CA VAL H 302 12.47 10.42 -15.79
C VAL H 302 10.96 10.58 -15.92
N SER H 303 10.39 9.85 -16.89
CA SER H 303 8.96 9.87 -17.12
C SER H 303 8.38 8.60 -16.47
N LEU H 304 7.48 8.78 -15.48
CA LEU H 304 6.87 7.69 -14.74
C LEU H 304 6.07 6.79 -15.72
N MET H 305 5.30 7.44 -16.58
CA MET H 305 4.29 6.74 -17.39
C MET H 305 4.88 5.97 -18.54
N ALA H 306 6.17 6.22 -18.83
CA ALA H 306 6.95 5.48 -19.82
C ALA H 306 7.32 4.06 -19.37
N GLU H 307 7.11 3.75 -18.10
CA GLU H 307 7.55 2.47 -17.59
C GLU H 307 6.38 1.51 -17.39
N ASN H 308 6.72 0.24 -17.19
CA ASN H 308 5.76 -0.77 -16.81
C ASN H 308 5.36 -0.57 -15.35
N LEU H 309 4.21 0.02 -15.14
CA LEU H 309 3.76 0.35 -13.78
C LEU H 309 3.28 -0.87 -12.97
N ASN H 310 3.28 -2.02 -13.63
CA ASN H 310 2.99 -3.30 -13.00
C ASN H 310 4.21 -4.16 -12.78
N SER H 311 5.41 -3.57 -12.96
CA SER H 311 6.67 -4.29 -12.80
C SER H 311 6.75 -4.88 -11.42
N GLN H 312 7.48 -6.00 -11.32
CA GLN H 312 7.60 -6.69 -10.05
C GLN H 312 8.62 -5.96 -9.17
N ASP H 313 9.65 -5.40 -9.79
CA ASP H 313 10.74 -4.77 -9.06
C ASP H 313 10.76 -3.24 -9.21
N LEU H 314 11.44 -2.59 -8.26
CA LEU H 314 11.78 -1.16 -8.42
C LEU H 314 12.52 -0.92 -9.71
N ILE H 315 12.30 0.26 -10.29
CA ILE H 315 13.12 0.69 -11.42
C ILE H 315 13.88 1.89 -10.90
N THR H 316 15.20 1.84 -11.01
CA THR H 316 16.03 2.93 -10.49
C THR H 316 16.95 3.59 -11.52
N PHE H 317 17.37 4.82 -11.21
CA PHE H 317 18.22 5.57 -12.10
C PHE H 317 19.25 6.22 -11.24
N GLU H 318 20.52 5.91 -11.52
CA GLU H 318 21.66 6.39 -10.71
C GLU H 318 22.04 7.84 -11.04
N TRP H 319 22.59 8.51 -10.03
CA TRP H 319 23.11 9.87 -10.22
C TRP H 319 24.31 9.88 -11.14
N ASP H 320 24.42 10.94 -11.93
CA ASP H 320 25.66 11.18 -12.66
C ASP H 320 26.35 12.42 -12.09
N ARG H 321 27.34 12.21 -11.19
CA ARG H 321 27.98 13.32 -10.46
C ARG H 321 29.05 14.10 -11.25
N LYS H 322 29.24 13.79 -12.52
CA LYS H 322 30.14 14.56 -13.37
C LYS H 322 29.41 15.76 -14.01
N GLN H 323 30.03 16.94 -13.99
CA GLN H 323 29.48 18.12 -14.65
C GLN H 323 29.28 17.86 -16.13
N ASP H 324 28.04 17.81 -16.56
CA ASP H 324 27.75 17.42 -17.95
C ASP H 324 27.88 18.57 -18.95
N ILE H 325 29.13 18.85 -19.33
CA ILE H 325 29.50 20.02 -20.10
C ILE H 325 29.40 19.65 -21.58
N LYS H 326 28.61 20.39 -22.34
CA LYS H 326 28.51 20.17 -23.78
C LYS H 326 29.74 20.81 -24.45
N GLN H 327 30.55 20.02 -25.15
CA GLN H 327 31.74 20.57 -25.80
C GLN H 327 31.35 21.04 -27.18
N LEU H 328 31.50 22.35 -27.44
CA LEU H 328 31.04 22.93 -28.71
C LEU H 328 32.10 22.89 -29.83
N ASN H 329 33.19 22.28 -29.54
CA ASN H 329 34.33 22.29 -30.44
C ASN H 329 35.52 21.53 -29.86
CL CL I . -25.95 -26.19 -12.39
CL CL J . -0.85 -42.15 -13.28
CL CL K . -25.35 -59.37 -16.03
CL CL L . -23.91 -45.88 10.34
CL CL M . 2.93 49.46 15.93
CL CL N . 32.33 52.97 17.45
CL CL O . 22.86 46.89 -10.37
CL CL P . 17.76 24.56 8.23
#